data_6EYD
#
_entry.id   6EYD
#
_cell.length_a   1.0
_cell.length_b   1.0
_cell.length_c   1.0
_cell.angle_alpha   90.00
_cell.angle_beta   90.00
_cell.angle_gamma   90.00
#
_symmetry.space_group_name_H-M   'P 1'
#
loop_
_entity.id
_entity.type
_entity.pdbx_description
1 polymer 'DNA-directed RNA polymerase subunit alpha'
2 polymer 'DNA-directed RNA polymerase subunit beta'
3 polymer "DNA-directed RNA polymerase subunit beta'"
4 polymer 'DNA-directed RNA polymerase subunit omega'
5 polymer 'RNA polymerase sigma factor SigA'
6 non-polymer 'ZINC ION'
7 non-polymer 'MAGNESIUM ION'
#
loop_
_entity_poly.entity_id
_entity_poly.type
_entity_poly.pdbx_seq_one_letter_code
_entity_poly.pdbx_strand_id
1 'polypeptide(L)'
;MLISQRPTLSEETVAENRSRFVIEPLEPGFGYTLGNSLRRTLLSSIPGAAVTSIRIDGVLHEFTTVPGVKEDVTDIILNL
KGLVVSSDDDEPVTMYLRKQGPGVVTAGDIVPPAGVTVHNPDMHIATLNDKGKLEVELVVERGRGYVPAVQNKASGAEIG
RIPVDSIYSPVLKVTYKVEATRVEQRTDFDKLIIDVETKNSISPRDALASAGGTLVELFGLARELNADSEHIEIGPSPAE
ADHIASFALPIDDLDLTVRSYNCLKREGVHTVGELVARTESDLLDIRNFGQKSIDEVKIKLHQLGLSLKDSPATFDPSEV
AGYDAATGTWTSDAGYDLDDNQDYAETEQL
;
A,B
2 'polypeptide(L)'
;VLEGCILAVSSQSKSNAITNNSVPGAPNRVSFAKLREPLEVPGLLDVQTDSFEWLVGSDRWRQAAIDRGEENPVGGLEEV
LAELSPIEDFSGSMSLSFSDPRFDEVKASVDECKDKDMTYAAPLFVTAEFINNNTGEIKSQTVFMGDFPMMTEKGTFIIN
GTERVVVSQLVRSPGVYFDETIDKSTEKTLHSVKVIPGRGAWLEFDVDKRDTVGVRIDRKRRQPVTVLLKALGWTNEQIV
ERFGFSEIMMGTLEKDTTSGTDEALLDIYRKLRPGEPPTKESAQTLLENLFFKEKRYDLARVGRYKVNKKLGLNAGKPIT
SSTLTEEDVVATIEYLVRLHEGQTSMTVPGGVEVPVEVDDIDHFGNRRLRTVGELIQNQIRVGLSRMERVVRERMTTQDV
EAITPQTLINIRPVVAAIKEFFGTSQLSQFMDQNNPLSGLTHKRRLSALGPGGLSRERAGLEVRDVHPSHYGRMCPIETP
EGPNIGLIGSLSVYARVNPFGFIETPYRKVENGVVTDQIDYLTADEEDRHVVAQANSPTDENGRFTEDRVMVRKKGGEVE
FVSADQVDYMDVSPRQMVSVATAMIPFLEHDDANRALMGANMQRQAVPLVRSEAPLVGTGMELRAAIDAGDVVVADKTGV
IEEVSADYITVMADDGTRQSYRLRKFARSNHGTCANQRPIVDAGQRVEAGQVIADGPCTQNGEMALGKNLLVAIMPWEGH
NYEDAIILSNRLVEEDVLTSIHIEEHEIDARDTKLGAEEITRDIPNVSDEVLADLDERGIVRIGAEVRDGDILVGKVTPK
GETELTPEERLLRAIFGEKAREVRDTSLKVPHGESGKVIGIRVFSREDDDELPAGVNELVRVYVAQKRKISDGDKLAGRH
GNKGVIGKILPVEDMPFLPDGTPVDIILNTHGVPRRMNIGQILETHLGWVAKAGWNIDVAAGVPDWASKLPEELYSAPAD
STVATPVFDGAQEGELAGLLGSTLPNRDGEVMVDADGKSTLFDGRSGEPFPYPVTVGYMYILKLHHLVDDKIHARSTGPY
SMITQQPLGGKAQFGGQRFGEMECWAMQAYGAAYTLQELLTIKSDDTVGRVKVYEAIVKGENIPEPGIPESFKVLLKELQ
SLCLNVEVLSSDGAAIEMRDGDDEDLERAAANLGINLSRNESASVEDLALARHGGSGA
;
C
3 'polypeptide(L)'
;VLDVNFFDELRIGLATADDIRNWSYGEVKKPETINYRTLKPEKDGLFCEKIFGPTRDWECYCGKYKRVRFKGIICERCGV
EVTRAKVRRERMGHIELAAPVTHIWYFKGVPSRLGYLLDLAPKDLEKIIYFAAYVITSVDDEMRHNELSTLEAEMAVEKK
AVEDQRDADLEARAQKLEADLAELEAEGAKSDVRRKVRDSGEREMRQLRDRAQRELDRLDEIWNTFTKLAPKQLIVDEVL
YRELQDRYGEYFTGAMGAESIKKLIENFDIDAEAESLREVIRSGKGQKKLRALKRLKVVAAFQQSGNSPMGMVLDAVPVI
PPELRPMVQLDGGRFATSDLNDLYRRVINRNNRLKRLIDLGAPEIIVNNEKRMLQESVDALFDNGRRGRPVTGPGNRPLK
SLSDLLKGKQGRFRQNLLGKRVDYSGRSVIVVGPQLKLHQCGLPKLMALELFKPFVMKRLVDLNHAQNIKSAKRMVERQR
PQVWDVLEEVIAEHPVLLNRAPTLHRLGIQAFEPQLVEGKAIQLHPLVCEAFNADFDGDQMAVHLPLSAEAQAEARILML
SSNNILSPASGKPLAMPRLDMVTGLYYLTTLVEGATGEYQAATKDAPEQGVYSSPAEAIMAMDRGALSVRAKIKVRLTEL
RPPTDLEAQLFENGWKPGDAWTAETTLGRVMFNELLPKSYPFVNEQMHKKVQARIINDLAERFPMIVVAQTVDKLKDAGF
YWATRSGVTVSMADVLVPPQKQEILERHEAEADAIERKYQRGALNHTERNESLVKIWQDATEEVGKALEEFYPADNPIIT
IVKSGATGNLTQTRTLAGMKGLVTNPKGEFIPRPIKSSFREGLTVLEYFINTHGARKGLADTALRTADSGYLTRRLVDVS
QDVIVREHDCETERGINVTLAERGPDGTLIRDAHVETSAFARTLATDAVDANGNVIIERGHDLGDPAIDALLAAGITTVK
VRSVLTCTSATGVCAMCYGRSMATGKLVDIGEAVGIVAAQSIGEPGTQLTMRTFHQGGVTGGADIVGGLPRVQELFEARV
PRNKAPIADVAGRVRLEESDKFFKITIVPDDGGEEVVYDKLSKRQRLRVITHEDGTEGVLSDGDHVEVGDQLMEGAADPH
EVLRVQGPREVQIHLVKEVQEVYRAQGVSIHDKHIEVIVRQMLRRVTIIDSGSTEFLPGSLTERAEFEAENRRVVAEGGE
PAAGRPVLMGITKASLATDSWLSAASFQETTRVLTDAAINCRSDKLNGLKENVIIGKLIPAGTGISRYRNIQVQPTEEAR
AAAYTIPSYEDQYYSPDFGQATGAAVPLDDYGYSDYRHHHHHHHH
;
D
4 'polypeptide(L)'
;VSTPHADAQLNAADDLGIDSSAASAYDTPLGITNPPIDELLSRASSKYALVIYAAKRARQINDYYNQLGDGILEYVGPLV
EPGLQEKPLSIALREIHGDLLEHTEGE
;
E
5 'polypeptide(L)'
;MAATKASPATEEPVKRTATKTPAKKAPAKRAAKSAAAKAGGKAPAKKAPAKRAAKGTAAKPEDGVTDDLEVTDDLEAEPG
EDLDVEDTDLELDDLDSDDDTAVEDEEEEADAATPAVATAKAADDDIDEPSEKDKASGDFVWDEEESEALRQARKDAELT
ASADSVRAYLKQIGKVALLNAEEEVELAKRIEAGLYATQKLAELAEKGEKLPVQQRRDMQWICRDGDRAKNHLLEANLRL
VVSLAKRYTGRGMAFLDLIQEGNLGLIRAVEKFDYTKGYKFSTYATWWIRQAITRAMADQARTIRIPVHMVEVINKLGRI
QRELLQDLGREPTPEELAKEMDITPEKVLEIQQYAREPISLDQTIGDEGDSQLGDFIEDSEAVVAVDAVSFTLLQDQLQS
VLETLSEREAGVVRLRFGLTDGQPRTLDEIGQVYGVTRERIRQIESKTMSKLRHPSRSQVLRDYLD
;
F
#
# COMPACT_ATOMS: atom_id res chain seq x y z
N LEU A 2 55.08 41.72 -1.33
CA LEU A 2 54.17 41.02 -0.38
C LEU A 2 54.06 41.82 0.93
N ILE A 3 53.38 41.26 1.93
CA ILE A 3 53.35 41.75 3.35
C ILE A 3 53.80 40.62 4.26
N SER A 4 55.05 40.68 4.73
CA SER A 4 55.71 39.65 5.59
C SER A 4 55.45 39.96 7.06
N GLN A 5 54.18 40.14 7.44
CA GLN A 5 53.73 40.43 8.82
C GLN A 5 53.16 39.15 9.43
N ARG A 6 53.70 38.71 10.57
CA ARG A 6 53.19 37.57 11.37
C ARG A 6 51.77 37.89 11.82
N PRO A 7 50.81 36.94 11.78
CA PRO A 7 49.45 37.19 12.26
C PRO A 7 49.43 37.45 13.77
N THR A 8 48.56 38.36 14.23
CA THR A 8 48.41 38.73 15.66
C THR A 8 46.93 38.71 16.06
N LEU A 9 46.69 38.40 17.34
CA LEU A 9 45.35 38.19 17.96
C LEU A 9 45.34 38.83 19.35
N SER A 10 44.48 39.84 19.55
CA SER A 10 44.30 40.55 20.85
C SER A 10 43.09 39.95 21.59
N GLU A 11 43.34 39.33 22.76
CA GLU A 11 42.28 38.79 23.67
C GLU A 11 41.51 39.97 24.28
N GLU A 12 40.17 39.93 24.20
CA GLU A 12 39.26 41.02 24.63
C GLU A 12 38.17 40.45 25.54
N THR A 13 37.24 41.30 25.99
CA THR A 13 36.03 40.92 26.78
C THR A 13 34.92 41.97 26.57
N VAL A 14 33.69 41.51 26.30
CA VAL A 14 32.45 42.34 26.27
C VAL A 14 31.54 41.92 27.45
N ALA A 15 31.53 40.63 27.80
CA ALA A 15 30.93 40.09 29.06
C ALA A 15 31.85 39.04 29.66
N GLU A 16 31.46 38.46 30.80
CA GLU A 16 32.15 37.31 31.45
C GLU A 16 31.95 36.07 30.59
N ASN A 17 30.69 35.74 30.28
CA ASN A 17 30.27 34.53 29.53
C ASN A 17 30.76 34.61 28.06
N ARG A 18 30.69 35.79 27.44
CA ARG A 18 31.05 35.98 26.00
C ARG A 18 32.09 37.11 25.87
N SER A 19 33.10 36.88 25.02
CA SER A 19 34.15 37.84 24.62
C SER A 19 34.28 37.86 23.08
N ARG A 20 34.74 38.99 22.54
CA ARG A 20 35.20 39.11 21.14
C ARG A 20 36.68 38.73 21.08
N PHE A 21 37.16 38.44 19.87
CA PHE A 21 38.61 38.33 19.51
C PHE A 21 38.82 38.98 18.15
N VAL A 22 39.99 39.58 17.92
CA VAL A 22 40.38 40.20 16.62
C VAL A 22 41.71 39.57 16.17
N ILE A 23 41.69 38.84 15.04
CA ILE A 23 42.90 38.30 14.36
C ILE A 23 43.18 39.16 13.12
N GLU A 24 44.42 39.65 13.01
CA GLU A 24 44.93 40.46 11.87
C GLU A 24 46.45 40.58 11.95
N PRO A 25 47.17 40.91 10.83
CA PRO A 25 46.59 40.96 9.49
C PRO A 25 46.55 39.56 8.84
N LEU A 26 45.65 39.38 7.86
CA LEU A 26 45.41 38.07 7.17
C LEU A 26 45.43 38.28 5.65
N GLU A 27 45.62 37.19 4.92
CA GLU A 27 45.76 37.16 3.44
C GLU A 27 44.37 37.37 2.82
N PRO A 28 44.25 38.17 1.75
CA PRO A 28 42.93 38.54 1.20
C PRO A 28 42.09 37.32 0.82
N GLY A 29 40.95 37.15 1.49
CA GLY A 29 40.02 36.02 1.32
C GLY A 29 40.41 34.81 2.15
N PHE A 30 41.28 34.97 3.16
CA PHE A 30 41.77 33.88 4.05
C PHE A 30 40.93 33.81 5.33
N GLY A 31 40.33 34.92 5.77
CA GLY A 31 39.66 35.08 7.08
C GLY A 31 38.55 34.05 7.30
N TYR A 32 37.49 34.11 6.49
CA TYR A 32 36.25 33.28 6.60
C TYR A 32 36.62 31.82 6.94
N THR A 33 37.58 31.25 6.21
CA THR A 33 38.07 29.86 6.36
C THR A 33 38.73 29.67 7.75
N LEU A 34 39.61 30.58 8.15
CA LEU A 34 40.33 30.55 9.45
C LEU A 34 39.30 30.62 10.59
N GLY A 35 38.45 31.66 10.55
CA GLY A 35 37.31 31.84 11.45
C GLY A 35 36.46 30.59 11.53
N ASN A 36 36.13 29.99 10.37
CA ASN A 36 35.37 28.73 10.27
C ASN A 36 36.11 27.62 11.03
N SER A 37 37.39 27.39 10.68
CA SER A 37 38.24 26.36 11.33
C SER A 37 38.19 26.55 12.86
N LEU A 38 38.46 27.77 13.34
CA LEU A 38 38.45 28.09 14.79
C LEU A 38 37.06 27.79 15.39
N ARG A 39 36.01 28.36 14.80
CA ARG A 39 34.58 28.18 15.23
C ARG A 39 34.28 26.68 15.37
N ARG A 40 34.58 25.92 14.32
CA ARG A 40 34.32 24.46 14.22
C ARG A 40 35.12 23.71 15.29
N THR A 41 36.43 23.98 15.39
CA THR A 41 37.32 23.38 16.42
C THR A 41 36.72 23.63 17.81
N LEU A 42 36.35 24.90 18.10
CA LEU A 42 35.67 25.31 19.37
C LEU A 42 34.40 24.47 19.56
N LEU A 43 33.42 24.58 18.65
CA LEU A 43 32.07 23.97 18.80
C LEU A 43 32.18 22.44 18.91
N SER A 44 33.10 21.81 18.16
CA SER A 44 33.28 20.33 18.15
C SER A 44 34.16 19.90 19.34
N SER A 45 35.45 20.20 19.30
CA SER A 45 36.50 19.58 20.17
C SER A 45 36.98 20.60 21.23
N ILE A 46 36.26 20.67 22.35
CA ILE A 46 36.69 21.37 23.60
C ILE A 46 36.31 20.47 24.78
N PRO A 47 37.25 20.18 25.72
CA PRO A 47 36.96 19.29 26.83
C PRO A 47 36.02 19.94 27.87
N GLY A 48 34.76 19.51 27.90
CA GLY A 48 33.72 20.02 28.80
C GLY A 48 33.41 19.08 29.95
N ALA A 49 32.88 19.66 31.03
CA ALA A 49 32.37 18.97 32.22
C ALA A 49 30.84 18.96 32.15
N ALA A 50 30.27 17.80 31.84
CA ALA A 50 28.81 17.56 31.78
C ALA A 50 28.47 16.31 32.60
N VAL A 51 27.26 16.29 33.17
CA VAL A 51 26.70 15.15 33.95
C VAL A 51 26.71 13.89 33.06
N THR A 52 27.24 12.78 33.58
CA THR A 52 27.40 11.49 32.84
C THR A 52 26.28 10.52 33.24
N SER A 53 26.13 10.29 34.55
CA SER A 53 25.10 9.39 35.16
C SER A 53 24.59 10.04 36.45
N ILE A 54 23.27 10.10 36.63
CA ILE A 54 22.64 10.60 37.90
C ILE A 54 22.12 9.40 38.68
N ARG A 55 21.94 9.55 40.00
CA ARG A 55 21.40 8.49 40.89
C ARG A 55 20.51 9.15 41.95
N ILE A 56 19.20 8.91 41.84
CA ILE A 56 18.16 9.26 42.85
C ILE A 56 17.87 7.98 43.65
N ASP A 57 17.86 8.06 44.99
CA ASP A 57 17.62 6.90 45.89
C ASP A 57 16.14 6.51 45.84
N GLY A 58 15.24 7.49 45.74
CA GLY A 58 13.79 7.31 45.61
C GLY A 58 13.40 6.50 44.39
N VAL A 59 13.41 7.14 43.21
CA VAL A 59 13.03 6.51 41.90
C VAL A 59 14.10 5.49 41.49
N LEU A 60 13.69 4.47 40.74
CA LEU A 60 14.57 3.40 40.19
C LEU A 60 14.99 3.75 38.75
N HIS A 61 14.20 4.55 38.03
CA HIS A 61 14.37 4.84 36.58
C HIS A 61 13.82 6.22 36.20
N GLU A 62 13.89 6.57 34.92
CA GLU A 62 13.61 7.92 34.35
C GLU A 62 12.09 8.17 34.24
N PHE A 63 11.28 7.12 34.02
CA PHE A 63 9.84 7.24 33.63
C PHE A 63 8.93 6.89 34.83
N THR A 64 9.22 7.49 35.98
CA THR A 64 8.37 7.46 37.21
C THR A 64 8.36 8.87 37.81
N THR A 65 8.04 9.02 39.09
CA THR A 65 8.02 10.32 39.82
C THR A 65 8.48 10.12 41.27
N VAL A 66 8.93 11.21 41.91
CA VAL A 66 9.33 11.26 43.34
C VAL A 66 8.14 11.77 44.14
N PRO A 67 7.85 11.23 45.35
CA PRO A 67 6.86 11.85 46.24
C PRO A 67 7.26 13.27 46.70
N GLY A 68 6.40 14.26 46.39
CA GLY A 68 6.49 15.64 46.93
C GLY A 68 7.44 16.53 46.14
N VAL A 69 7.54 16.32 44.82
CA VAL A 69 8.24 17.22 43.86
C VAL A 69 7.18 17.72 42.85
N LYS A 70 7.34 18.92 42.31
CA LYS A 70 6.38 19.47 41.30
C LYS A 70 6.60 18.76 39.96
N GLU A 71 7.83 18.82 39.41
CA GLU A 71 8.22 18.15 38.14
C GLU A 71 8.87 16.80 38.45
N ASP A 72 8.78 15.85 37.51
CA ASP A 72 9.24 14.44 37.69
C ASP A 72 10.67 14.27 37.15
N VAL A 73 11.30 13.17 37.55
CA VAL A 73 12.74 12.80 37.32
C VAL A 73 13.13 13.03 35.86
N THR A 74 12.22 12.83 34.89
CA THR A 74 12.46 13.10 33.44
C THR A 74 12.75 14.59 33.23
N ASP A 75 11.81 15.44 33.65
CA ASP A 75 11.90 16.92 33.44
C ASP A 75 12.98 17.48 34.38
N ILE A 76 13.17 16.87 35.55
CA ILE A 76 14.34 17.10 36.46
C ILE A 76 15.62 16.87 35.66
N ILE A 77 15.76 15.70 35.03
CA ILE A 77 16.93 15.31 34.18
C ILE A 77 17.08 16.34 33.06
N LEU A 78 15.98 16.71 32.40
CA LEU A 78 15.99 17.70 31.28
C LEU A 78 16.43 19.08 31.81
N ASN A 79 16.08 19.42 33.05
CA ASN A 79 16.51 20.69 33.72
C ASN A 79 17.99 20.60 34.08
N LEU A 80 18.46 19.47 34.61
CA LEU A 80 19.87 19.24 35.03
C LEU A 80 20.83 19.48 33.86
N LYS A 81 20.41 19.22 32.61
CA LYS A 81 21.19 19.54 31.38
C LYS A 81 21.57 21.03 31.36
N GLY A 82 20.76 21.89 32.00
CA GLY A 82 21.03 23.33 32.20
C GLY A 82 22.21 23.60 33.13
N LEU A 83 22.68 22.62 33.91
CA LEU A 83 23.94 22.75 34.71
C LEU A 83 25.10 23.08 33.77
N VAL A 84 26.02 23.94 34.24
CA VAL A 84 27.28 24.31 33.52
C VAL A 84 28.46 23.90 34.42
N VAL A 85 28.31 22.77 35.12
CA VAL A 85 29.35 22.18 36.03
C VAL A 85 30.71 22.19 35.33
N SER A 86 31.77 22.58 36.05
CA SER A 86 33.18 22.61 35.59
C SER A 86 34.01 21.72 36.50
N SER A 87 34.78 20.79 35.92
CA SER A 87 35.54 19.72 36.60
C SER A 87 36.96 19.66 36.02
N ASP A 88 37.95 20.05 36.82
CA ASP A 88 39.40 19.96 36.49
C ASP A 88 39.83 18.48 36.56
N ASP A 89 39.13 17.68 37.38
CA ASP A 89 39.37 16.22 37.56
C ASP A 89 39.12 15.50 36.24
N ASP A 90 40.03 14.58 35.87
CA ASP A 90 39.97 13.75 34.64
C ASP A 90 39.10 12.50 34.89
N GLU A 91 38.96 12.09 36.15
CA GLU A 91 38.24 10.86 36.59
C GLU A 91 36.78 11.21 36.87
N PRO A 92 35.86 10.21 36.93
CA PRO A 92 34.48 10.46 37.35
C PRO A 92 34.37 10.90 38.82
N VAL A 93 33.75 12.05 39.07
CA VAL A 93 33.58 12.65 40.44
C VAL A 93 32.08 12.70 40.78
N THR A 94 31.74 12.37 42.03
CA THR A 94 30.35 12.21 42.55
C THR A 94 29.99 13.41 43.43
N MET A 95 28.96 14.18 43.05
CA MET A 95 28.38 15.28 43.86
C MET A 95 27.10 14.77 44.54
N TYR A 96 26.63 15.49 45.56
CA TYR A 96 25.43 15.17 46.37
C TYR A 96 24.54 16.41 46.52
N LEU A 97 23.22 16.17 46.59
CA LEU A 97 22.17 17.16 46.91
C LEU A 97 21.10 16.48 47.79
N ARG A 98 20.95 16.98 49.02
CA ARG A 98 19.94 16.57 50.03
C ARG A 98 19.16 17.82 50.49
N LYS A 99 18.33 18.39 49.60
CA LYS A 99 17.43 19.54 49.90
C LYS A 99 16.13 19.00 50.50
N GLN A 100 15.95 19.15 51.82
CA GLN A 100 14.79 18.65 52.61
C GLN A 100 13.80 19.80 52.83
N GLY A 101 12.49 19.48 52.87
CA GLY A 101 11.42 20.40 53.27
C GLY A 101 10.91 21.25 52.11
N PRO A 102 10.10 22.30 52.38
CA PRO A 102 9.49 23.10 51.32
C PRO A 102 10.46 24.10 50.70
N GLY A 103 10.35 24.32 49.38
CA GLY A 103 11.12 25.35 48.64
C GLY A 103 11.55 24.91 47.26
N VAL A 104 12.09 25.86 46.49
CA VAL A 104 12.65 25.64 45.12
C VAL A 104 14.12 25.19 45.27
N VAL A 105 14.51 24.14 44.56
CA VAL A 105 15.89 23.57 44.59
C VAL A 105 16.68 24.18 43.43
N THR A 106 17.78 24.87 43.75
CA THR A 106 18.66 25.60 42.78
C THR A 106 19.95 24.81 42.61
N ALA A 107 20.77 25.21 41.62
CA ALA A 107 22.03 24.51 41.22
C ALA A 107 23.17 24.84 42.19
N GLY A 108 23.00 25.85 43.07
CA GLY A 108 23.95 26.18 44.15
C GLY A 108 23.79 25.28 45.37
N ASP A 109 22.67 24.57 45.47
CA ASP A 109 22.31 23.71 46.64
C ASP A 109 23.05 22.35 46.57
N ILE A 110 23.72 22.04 45.46
CA ILE A 110 24.61 20.84 45.34
C ILE A 110 25.82 21.07 46.26
N VAL A 111 26.40 20.01 46.82
CA VAL A 111 27.68 20.09 47.62
C VAL A 111 28.78 19.41 46.81
N PRO A 112 29.54 20.16 45.97
CA PRO A 112 30.56 19.57 45.11
C PRO A 112 31.88 19.33 45.84
N PRO A 113 32.60 18.21 45.56
CA PRO A 113 33.99 18.08 46.01
C PRO A 113 34.93 19.13 45.40
N ALA A 114 36.15 19.23 45.94
CA ALA A 114 37.19 20.22 45.54
C ALA A 114 37.50 20.08 44.05
N GLY A 115 37.50 21.19 43.32
CA GLY A 115 37.76 21.25 41.87
C GLY A 115 36.55 20.85 41.04
N VAL A 116 35.34 21.25 41.48
CA VAL A 116 34.06 21.15 40.71
C VAL A 116 33.22 22.39 41.03
N THR A 117 32.85 23.18 40.01
CA THR A 117 32.19 24.51 40.21
C THR A 117 30.95 24.63 39.30
N VAL A 118 29.82 25.05 39.88
CA VAL A 118 28.52 25.30 39.17
C VAL A 118 28.31 26.83 39.12
N HIS A 119 28.15 27.39 37.91
CA HIS A 119 28.37 28.83 37.61
C HIS A 119 27.06 29.59 37.32
N ASN A 120 25.90 28.93 37.35
CA ASN A 120 24.57 29.61 37.20
C ASN A 120 23.60 29.06 38.24
N PRO A 121 23.75 29.45 39.54
CA PRO A 121 22.88 28.95 40.60
C PRO A 121 21.47 29.57 40.63
N ASP A 122 21.18 30.51 39.72
CA ASP A 122 19.86 31.19 39.59
C ASP A 122 18.83 30.26 38.93
N MET A 123 19.28 29.20 38.23
CA MET A 123 18.41 28.30 37.43
C MET A 123 17.49 27.48 38.35
N HIS A 124 16.35 27.03 37.80
CA HIS A 124 15.27 26.27 38.48
C HIS A 124 15.34 24.80 38.06
N ILE A 125 15.59 23.89 39.00
CA ILE A 125 15.59 22.40 38.77
C ILE A 125 14.19 21.87 39.09
N ALA A 126 13.80 21.87 40.37
CA ALA A 126 12.52 21.32 40.88
C ALA A 126 12.02 22.13 42.07
N THR A 127 10.70 22.13 42.29
CA THR A 127 10.00 22.74 43.45
C THR A 127 9.52 21.63 44.38
N LEU A 128 9.85 21.74 45.68
CA LEU A 128 9.48 20.77 46.75
C LEU A 128 8.42 21.39 47.66
N ASN A 129 7.38 20.62 47.98
CA ASN A 129 6.39 20.92 49.05
C ASN A 129 7.03 20.56 50.40
N ASP A 130 6.34 20.91 51.50
CA ASP A 130 6.78 20.61 52.90
C ASP A 130 6.89 19.09 53.12
N LYS A 131 6.00 18.31 52.47
CA LYS A 131 5.93 16.83 52.60
C LYS A 131 7.17 16.18 51.97
N GLY A 132 7.61 16.68 50.80
CA GLY A 132 8.62 16.02 49.94
C GLY A 132 10.05 16.24 50.40
N LYS A 133 10.93 15.29 50.05
CA LYS A 133 12.41 15.40 50.12
C LYS A 133 13.00 14.86 48.81
N LEU A 134 13.95 15.60 48.21
CA LEU A 134 14.66 15.24 46.96
C LEU A 134 16.13 14.98 47.30
N GLU A 135 16.58 13.74 47.19
CA GLU A 135 17.99 13.32 47.45
C GLU A 135 18.58 12.79 46.14
N VAL A 136 19.52 13.52 45.54
CA VAL A 136 20.16 13.10 44.24
C VAL A 136 21.68 13.13 44.41
N GLU A 137 22.38 12.13 43.84
CA GLU A 137 23.85 12.15 43.68
C GLU A 137 24.18 12.05 42.18
N LEU A 138 24.92 13.04 41.67
CA LEU A 138 25.26 13.19 40.22
C LEU A 138 26.72 12.77 40.01
N VAL A 139 27.01 12.13 38.88
CA VAL A 139 28.38 11.72 38.46
C VAL A 139 28.81 12.62 37.29
N VAL A 140 29.86 13.43 37.50
CA VAL A 140 30.48 14.30 36.45
C VAL A 140 31.77 13.62 35.98
N GLU A 141 31.88 13.39 34.66
CA GLU A 141 33.09 12.92 33.96
C GLU A 141 33.52 14.00 32.95
N ARG A 142 34.82 14.05 32.64
CA ARG A 142 35.44 15.05 31.72
C ARG A 142 35.68 14.37 30.36
N GLY A 143 34.86 14.71 29.35
CA GLY A 143 34.93 14.20 27.97
C GLY A 143 35.12 15.33 26.97
N ARG A 144 34.60 15.19 25.74
CA ARG A 144 34.53 16.28 24.73
C ARG A 144 33.42 15.99 23.72
N GLY A 145 32.81 17.04 23.17
CA GLY A 145 31.72 16.96 22.17
C GLY A 145 30.42 16.48 22.79
N TYR A 146 29.85 15.39 22.26
CA TYR A 146 28.61 14.74 22.74
C TYR A 146 28.77 13.22 22.72
N VAL A 147 28.19 12.55 23.72
CA VAL A 147 28.11 11.06 23.83
C VAL A 147 26.65 10.68 24.08
N PRO A 148 26.13 9.59 23.46
CA PRO A 148 24.80 9.10 23.79
C PRO A 148 24.77 8.46 25.18
N ALA A 149 23.62 8.54 25.86
CA ALA A 149 23.38 7.96 27.20
C ALA A 149 23.72 6.46 27.19
N VAL A 150 24.96 6.13 27.57
CA VAL A 150 25.50 4.73 27.66
C VAL A 150 24.54 3.88 28.51
N GLN A 151 24.28 2.65 28.08
CA GLN A 151 23.32 1.72 28.74
C GLN A 151 23.96 1.15 30.02
N ASN A 152 23.15 1.00 31.07
CA ASN A 152 23.58 0.44 32.39
C ASN A 152 23.29 -1.07 32.47
N LYS A 153 22.77 -1.66 31.38
CA LYS A 153 22.49 -3.12 31.26
C LYS A 153 23.73 -3.85 30.76
N ALA A 154 24.34 -3.35 29.66
CA ALA A 154 25.55 -3.90 29.02
C ALA A 154 26.75 -3.76 29.97
N SER A 155 27.00 -2.54 30.45
CA SER A 155 27.99 -2.22 31.52
C SER A 155 27.47 -2.75 32.86
N GLY A 156 28.37 -3.08 33.79
CA GLY A 156 28.05 -3.69 35.10
C GLY A 156 27.68 -2.64 36.14
N ALA A 157 26.75 -1.75 35.81
CA ALA A 157 26.19 -0.71 36.72
C ALA A 157 24.87 -1.21 37.31
N GLU A 158 24.45 -0.63 38.43
CA GLU A 158 23.27 -1.09 39.24
C GLU A 158 21.99 -0.47 38.68
N ILE A 159 20.84 -0.92 39.19
CA ILE A 159 19.47 -0.49 38.75
C ILE A 159 19.25 0.99 39.09
N GLY A 160 19.79 1.46 40.23
CA GLY A 160 19.57 2.82 40.78
C GLY A 160 20.01 3.93 39.84
N ARG A 161 21.11 3.75 39.11
CA ARG A 161 21.75 4.80 38.27
C ARG A 161 20.94 5.02 36.99
N ILE A 162 20.61 6.28 36.68
CA ILE A 162 20.02 6.75 35.39
C ILE A 162 21.12 7.41 34.58
N PRO A 163 21.44 6.88 33.37
CA PRO A 163 22.24 7.62 32.39
C PRO A 163 21.52 8.87 31.85
N VAL A 164 22.26 9.96 31.63
CA VAL A 164 21.75 11.26 31.12
C VAL A 164 22.43 11.57 29.77
N ASP A 165 21.78 12.37 28.92
CA ASP A 165 22.33 12.87 27.64
C ASP A 165 23.45 13.86 27.94
N SER A 166 24.69 13.35 28.06
CA SER A 166 25.90 14.11 28.43
C SER A 166 26.40 14.94 27.25
N ILE A 167 26.55 16.26 27.44
CA ILE A 167 27.02 17.23 26.40
C ILE A 167 28.33 17.87 26.90
N TYR A 168 29.48 17.33 26.51
CA TYR A 168 30.83 17.85 26.86
C TYR A 168 31.20 19.01 25.92
N SER A 169 30.42 20.10 25.97
CA SER A 169 30.61 21.33 25.15
C SER A 169 30.51 22.55 26.06
N PRO A 170 31.63 23.04 26.65
CA PRO A 170 31.62 24.25 27.47
C PRO A 170 31.28 25.50 26.66
N VAL A 171 31.67 25.51 25.38
CA VAL A 171 31.35 26.59 24.41
C VAL A 171 29.83 26.55 24.16
N LEU A 172 29.20 27.71 24.00
CA LEU A 172 27.73 27.85 23.81
C LEU A 172 27.44 28.38 22.41
N LYS A 173 28.00 29.54 22.05
CA LYS A 173 27.82 30.18 20.72
C LYS A 173 29.17 30.67 20.23
N VAL A 174 29.46 30.52 18.93
CA VAL A 174 30.73 30.98 18.29
C VAL A 174 30.38 31.54 16.90
N THR A 175 30.69 32.81 16.63
CA THR A 175 30.57 33.43 15.28
C THR A 175 31.82 34.23 14.95
N TYR A 176 31.88 34.77 13.73
CA TYR A 176 32.98 35.65 13.25
C TYR A 176 32.47 36.50 12.08
N LYS A 177 33.09 37.66 11.89
CA LYS A 177 32.89 38.53 10.69
C LYS A 177 34.25 39.11 10.29
N VAL A 178 34.50 39.20 8.98
CA VAL A 178 35.80 39.62 8.38
C VAL A 178 35.65 41.05 7.86
N GLU A 179 36.29 42.01 8.55
CA GLU A 179 36.28 43.46 8.16
C GLU A 179 37.21 43.63 6.95
N ALA A 180 36.85 44.56 6.04
CA ALA A 180 37.61 44.89 4.82
C ALA A 180 39.03 45.35 5.21
N THR A 181 39.14 46.48 5.92
CA THR A 181 40.38 47.00 6.57
C THR A 181 41.47 47.26 5.52
N ARG A 182 41.64 48.53 5.12
CA ARG A 182 42.61 49.00 4.09
C ARG A 182 42.06 48.69 2.70
N VAL A 183 42.14 49.66 1.78
CA VAL A 183 41.55 49.60 0.41
C VAL A 183 42.34 48.61 -0.45
N GLU A 184 41.80 48.26 -1.63
CA GLU A 184 42.32 47.24 -2.58
C GLU A 184 43.80 47.53 -2.91
N GLN A 185 44.13 48.79 -3.20
CA GLN A 185 45.51 49.23 -3.56
C GLN A 185 46.39 49.29 -2.31
N ARG A 186 47.71 49.16 -2.49
CA ARG A 186 48.75 49.22 -1.42
C ARG A 186 48.63 47.99 -0.51
N THR A 187 48.39 46.81 -1.09
CA THR A 187 48.35 45.48 -0.42
C THR A 187 47.19 45.45 0.61
N ASP A 188 46.01 45.04 0.17
CA ASP A 188 44.81 44.86 1.03
C ASP A 188 44.99 43.57 1.86
N PHE A 189 44.67 43.63 3.15
CA PHE A 189 44.71 42.50 4.11
C PHE A 189 43.32 42.35 4.74
N ASP A 190 42.98 41.13 5.16
CA ASP A 190 41.72 40.82 5.91
C ASP A 190 42.02 40.94 7.42
N LYS A 191 41.06 41.43 8.19
CA LYS A 191 41.03 41.30 9.68
C LYS A 191 39.75 40.55 10.05
N LEU A 192 39.86 39.42 10.77
CA LEU A 192 38.65 38.68 11.22
C LEU A 192 38.41 39.01 12.69
N ILE A 193 37.15 39.26 13.05
CA ILE A 193 36.71 39.43 14.47
C ILE A 193 35.74 38.29 14.79
N ILE A 194 36.13 37.45 15.74
CA ILE A 194 35.47 36.16 16.12
C ILE A 194 34.84 36.37 17.51
N ASP A 195 33.49 36.37 17.57
CA ASP A 195 32.69 36.51 18.80
C ASP A 195 32.50 35.12 19.41
N VAL A 196 32.96 34.92 20.65
CA VAL A 196 32.95 33.62 21.38
C VAL A 196 32.09 33.79 22.64
N GLU A 197 31.22 32.82 22.92
CA GLU A 197 30.25 32.80 24.04
C GLU A 197 30.24 31.41 24.67
N THR A 198 30.64 31.33 25.95
CA THR A 198 30.87 30.08 26.72
C THR A 198 29.67 29.83 27.66
N LYS A 199 29.72 28.74 28.42
CA LYS A 199 28.70 28.34 29.44
C LYS A 199 29.09 28.88 30.83
N ASN A 200 30.08 29.78 30.90
CA ASN A 200 30.73 30.28 32.15
C ASN A 200 31.52 29.16 32.83
N SER A 201 31.78 28.05 32.14
CA SER A 201 32.57 26.90 32.65
C SER A 201 34.06 27.22 32.50
N ILE A 202 34.46 27.62 31.29
CA ILE A 202 35.83 28.08 30.93
C ILE A 202 35.71 29.44 30.22
N SER A 203 36.71 30.30 30.37
CA SER A 203 36.79 31.64 29.74
C SER A 203 37.01 31.47 28.24
N PRO A 204 36.38 32.32 27.38
CA PRO A 204 36.60 32.26 25.93
C PRO A 204 38.07 32.06 25.52
N ARG A 205 38.98 32.78 26.17
CA ARG A 205 40.45 32.70 25.98
C ARG A 205 40.92 31.25 26.17
N ASP A 206 40.48 30.61 27.27
CA ASP A 206 40.86 29.22 27.66
C ASP A 206 40.35 28.24 26.60
N ALA A 207 39.11 28.40 26.16
CA ALA A 207 38.47 27.59 25.08
C ALA A 207 39.24 27.78 23.77
N LEU A 208 39.45 29.03 23.35
CA LEU A 208 40.20 29.40 22.12
C LEU A 208 41.60 28.78 22.17
N ALA A 209 42.25 28.84 23.34
CA ALA A 209 43.59 28.27 23.61
C ALA A 209 43.54 26.74 23.56
N SER A 210 42.45 26.12 24.05
CA SER A 210 42.22 24.66 24.00
C SER A 210 42.02 24.20 22.54
N ALA A 211 41.27 24.97 21.74
CA ALA A 211 41.08 24.74 20.29
C ALA A 211 42.42 24.88 19.55
N GLY A 212 43.07 26.03 19.75
CA GLY A 212 44.44 26.32 19.27
C GLY A 212 45.41 25.21 19.61
N GLY A 213 45.31 24.67 20.84
CA GLY A 213 46.08 23.51 21.32
C GLY A 213 45.71 22.25 20.59
N THR A 214 44.40 22.02 20.37
CA THR A 214 43.86 20.84 19.66
C THR A 214 44.36 20.84 18.21
N LEU A 215 43.85 21.75 17.37
CA LEU A 215 43.94 21.63 15.88
C LEU A 215 45.41 21.62 15.42
N VAL A 216 46.32 22.32 16.12
CA VAL A 216 47.78 22.34 15.85
C VAL A 216 48.31 20.90 15.89
N GLU A 217 47.84 20.08 16.85
CA GLU A 217 48.16 18.64 16.95
C GLU A 217 47.61 17.90 15.71
N LEU A 218 46.45 18.32 15.21
CA LEU A 218 45.78 17.72 14.01
C LEU A 218 46.59 18.05 12.75
N PHE A 219 47.11 19.28 12.62
CA PHE A 219 47.93 19.73 11.46
C PHE A 219 49.32 19.07 11.52
N GLY A 220 49.64 18.25 10.50
CA GLY A 220 50.96 17.60 10.31
C GLY A 220 51.74 18.26 9.18
N LEU A 221 53.06 18.31 9.31
CA LEU A 221 54.01 18.92 8.31
C LEU A 221 55.19 17.97 8.10
N MET B 1 44.71 17.19 28.97
CA MET B 1 44.84 16.85 27.52
C MET B 1 43.87 15.73 27.14
N LEU B 2 43.74 15.45 25.85
CA LEU B 2 42.89 14.36 25.27
C LEU B 2 43.66 13.63 24.18
N ILE B 3 43.33 12.35 23.94
CA ILE B 3 43.97 11.47 22.92
C ILE B 3 42.92 11.06 21.87
N SER B 4 43.36 10.91 20.62
CA SER B 4 42.56 10.43 19.46
C SER B 4 43.41 9.45 18.64
N GLN B 5 42.92 9.04 17.46
CA GLN B 5 43.66 8.17 16.50
C GLN B 5 44.57 9.04 15.63
N ARG B 6 45.89 8.83 15.69
CA ARG B 6 46.94 9.65 15.02
C ARG B 6 46.68 9.70 13.52
N PRO B 7 46.34 10.88 12.95
CA PRO B 7 46.15 11.02 11.50
C PRO B 7 47.40 10.67 10.67
N THR B 8 47.23 9.86 9.63
CA THR B 8 48.26 9.49 8.62
C THR B 8 48.27 10.55 7.52
N LEU B 9 49.40 10.73 6.84
CA LEU B 9 49.56 11.57 5.62
C LEU B 9 50.21 10.72 4.52
N SER B 10 49.50 10.43 3.43
CA SER B 10 50.07 9.67 2.28
C SER B 10 49.96 10.47 0.98
N GLU B 11 51.04 10.45 0.17
CA GLU B 11 51.24 11.30 -1.04
C GLU B 11 51.02 10.45 -2.30
N GLU B 12 49.78 10.39 -2.78
CA GLU B 12 49.37 9.77 -4.06
C GLU B 12 49.83 10.68 -5.22
N THR B 13 50.62 10.16 -6.16
CA THR B 13 51.17 10.90 -7.31
C THR B 13 50.22 10.77 -8.52
N VAL B 14 49.68 11.90 -8.99
CA VAL B 14 48.77 11.98 -10.18
C VAL B 14 49.63 12.23 -11.42
N ALA B 15 50.45 13.29 -11.39
CA ALA B 15 51.43 13.62 -12.45
C ALA B 15 52.73 14.14 -11.82
N GLU B 16 53.61 14.76 -12.63
CA GLU B 16 54.94 15.28 -12.22
C GLU B 16 54.76 16.33 -11.12
N ASN B 17 54.03 17.41 -11.43
CA ASN B 17 53.83 18.57 -10.51
C ASN B 17 52.56 18.38 -9.68
N ARG B 18 51.47 17.89 -10.28
CA ARG B 18 50.15 17.72 -9.60
C ARG B 18 50.12 16.36 -8.89
N SER B 19 49.58 16.34 -7.66
CA SER B 19 49.45 15.16 -6.78
C SER B 19 48.13 15.21 -6.01
N ARG B 20 47.79 14.13 -5.31
CA ARG B 20 46.74 14.07 -4.26
C ARG B 20 47.39 13.63 -2.95
N PHE B 21 47.06 14.30 -1.84
CA PHE B 21 47.41 13.82 -0.47
C PHE B 21 46.15 13.21 0.15
N VAL B 22 46.33 12.18 0.97
CA VAL B 22 45.26 11.61 1.84
C VAL B 22 45.71 11.78 3.30
N ILE B 23 44.84 12.45 4.07
CA ILE B 23 44.91 12.63 5.56
C ILE B 23 43.71 11.91 6.16
N GLU B 24 43.95 10.83 6.92
CA GLU B 24 42.89 9.96 7.48
C GLU B 24 43.35 9.33 8.81
N PRO B 25 42.42 8.81 9.65
CA PRO B 25 41.01 9.18 9.66
C PRO B 25 40.76 10.27 10.71
N LEU B 26 39.94 11.26 10.36
CA LEU B 26 39.70 12.50 11.12
C LEU B 26 38.35 12.38 11.85
N GLU B 27 38.27 12.87 13.11
CA GLU B 27 37.07 12.77 13.99
C GLU B 27 35.87 13.38 13.28
N PRO B 28 34.61 13.08 13.70
CA PRO B 28 33.43 13.64 13.04
C PRO B 28 33.51 15.17 12.95
N GLY B 29 34.00 15.67 11.82
CA GLY B 29 34.21 17.10 11.55
C GLY B 29 35.62 17.55 11.88
N PHE B 30 36.61 16.75 11.48
CA PHE B 30 38.04 17.16 11.36
C PHE B 30 38.43 17.21 9.88
N GLY B 31 37.58 16.74 8.97
CA GLY B 31 37.83 16.73 7.52
C GLY B 31 37.85 18.14 6.94
N TYR B 32 36.72 18.83 7.01
CA TYR B 32 36.50 20.18 6.42
C TYR B 32 37.35 21.22 7.18
N THR B 33 37.27 21.23 8.52
CA THR B 33 38.01 22.16 9.42
C THR B 33 39.42 22.39 8.87
N LEU B 34 40.27 21.36 8.93
CA LEU B 34 41.67 21.40 8.41
C LEU B 34 41.68 21.30 6.89
N GLY B 35 40.61 20.79 6.25
CA GLY B 35 40.52 20.64 4.78
C GLY B 35 40.54 21.97 4.05
N ASN B 36 39.50 22.77 4.24
CA ASN B 36 39.33 24.13 3.64
C ASN B 36 40.48 25.03 4.12
N SER B 37 40.86 24.93 5.41
CA SER B 37 42.06 25.59 5.98
C SER B 37 43.28 25.27 5.12
N LEU B 38 43.60 23.98 4.97
CA LEU B 38 44.73 23.48 4.15
C LEU B 38 44.58 24.01 2.72
N ARG B 39 43.39 23.95 2.13
CA ARG B 39 43.14 24.45 0.74
C ARG B 39 43.54 25.93 0.67
N ARG B 40 42.90 26.77 1.48
CA ARG B 40 43.08 28.25 1.46
C ARG B 40 44.54 28.61 1.77
N THR B 41 45.18 27.88 2.69
CA THR B 41 46.62 28.08 3.05
C THR B 41 47.50 27.69 1.86
N LEU B 42 47.29 26.49 1.29
CA LEU B 42 47.98 25.99 0.07
C LEU B 42 47.87 27.04 -1.04
N LEU B 43 46.66 27.60 -1.25
CA LEU B 43 46.38 28.53 -2.37
C LEU B 43 46.98 29.92 -2.08
N SER B 44 46.83 30.43 -0.86
CA SER B 44 47.12 31.85 -0.50
C SER B 44 48.52 32.00 0.12
N SER B 45 48.80 31.25 1.20
CA SER B 45 49.81 31.56 2.24
C SER B 45 51.25 31.49 1.72
N ILE B 46 51.57 30.55 0.83
CA ILE B 46 52.98 30.18 0.48
C ILE B 46 53.61 31.32 -0.34
N PRO B 47 54.89 31.69 -0.09
CA PRO B 47 55.55 32.75 -0.87
C PRO B 47 55.92 32.28 -2.29
N GLY B 48 55.74 33.17 -3.27
CA GLY B 48 56.12 32.95 -4.68
C GLY B 48 56.15 34.25 -5.47
N ALA B 49 56.87 34.27 -6.58
CA ALA B 49 57.07 35.44 -7.47
C ALA B 49 56.25 35.26 -8.77
N ALA B 50 55.92 36.38 -9.41
CA ALA B 50 55.14 36.43 -10.67
C ALA B 50 55.28 37.79 -11.35
N VAL B 51 55.00 37.83 -12.65
CA VAL B 51 54.90 39.08 -13.46
C VAL B 51 53.66 39.86 -13.00
N THR B 52 53.79 41.18 -12.81
CA THR B 52 52.70 42.09 -12.37
C THR B 52 52.34 43.08 -13.49
N SER B 53 53.32 43.61 -14.22
CA SER B 53 53.12 44.52 -15.38
C SER B 53 54.18 44.24 -16.46
N ILE B 54 53.77 44.26 -17.73
CA ILE B 54 54.64 44.05 -18.92
C ILE B 54 54.60 45.30 -19.81
N ARG B 55 55.49 45.34 -20.80
CA ARG B 55 55.67 46.47 -21.75
C ARG B 55 56.36 45.95 -23.02
N ILE B 56 55.56 45.60 -24.04
CA ILE B 56 56.04 45.06 -25.35
C ILE B 56 56.30 46.26 -26.27
N ASP B 57 57.54 46.44 -26.72
CA ASP B 57 58.00 47.62 -27.50
C ASP B 57 57.15 47.76 -28.77
N GLY B 58 56.11 48.61 -28.73
CA GLY B 58 55.22 48.88 -29.88
C GLY B 58 53.97 49.67 -29.50
N VAL B 59 53.06 49.06 -28.73
CA VAL B 59 51.68 49.56 -28.47
C VAL B 59 51.73 50.73 -27.48
N LEU B 60 51.45 51.95 -27.96
CA LEU B 60 51.12 53.14 -27.12
C LEU B 60 49.60 53.17 -26.92
N HIS B 61 48.84 53.23 -28.02
CA HIS B 61 47.35 53.10 -28.07
C HIS B 61 46.93 51.99 -29.05
N GLU B 62 47.85 51.36 -29.78
CA GLU B 62 47.55 50.40 -30.87
C GLU B 62 46.98 49.10 -30.27
N PHE B 63 45.66 49.06 -30.06
CA PHE B 63 44.90 47.92 -29.47
C PHE B 63 45.18 46.61 -30.24
N THR B 64 45.34 46.69 -31.57
CA THR B 64 45.62 45.54 -32.46
C THR B 64 46.99 44.93 -32.13
N THR B 65 47.21 43.67 -32.55
CA THR B 65 48.47 42.89 -32.36
C THR B 65 49.67 43.69 -32.86
N VAL B 66 50.84 43.50 -32.22
CA VAL B 66 52.12 44.19 -32.55
C VAL B 66 52.55 43.72 -33.94
N PRO B 67 52.93 44.64 -34.88
CA PRO B 67 53.28 44.23 -36.24
C PRO B 67 54.56 43.39 -36.30
N GLY B 68 54.47 42.19 -36.90
CA GLY B 68 55.58 41.23 -37.06
C GLY B 68 55.63 40.19 -35.95
N VAL B 69 54.47 39.78 -35.43
CA VAL B 69 54.32 38.66 -34.45
C VAL B 69 53.10 37.81 -34.86
N LYS B 70 53.13 36.52 -34.56
CA LYS B 70 52.04 35.55 -34.89
C LYS B 70 50.88 35.71 -33.89
N GLU B 71 51.20 35.95 -32.62
CA GLU B 71 50.23 35.99 -31.49
C GLU B 71 49.52 37.35 -31.45
N ASP B 72 48.58 37.52 -30.52
CA ASP B 72 47.93 38.81 -30.16
C ASP B 72 48.35 39.20 -28.74
N VAL B 73 48.34 40.51 -28.42
CA VAL B 73 48.69 41.09 -27.09
C VAL B 73 48.09 40.25 -25.96
N THR B 74 46.82 39.86 -26.09
CA THR B 74 46.07 39.03 -25.12
C THR B 74 46.73 37.65 -24.98
N ASP B 75 47.00 37.00 -26.12
CA ASP B 75 47.65 35.66 -26.19
C ASP B 75 49.04 35.75 -25.54
N ILE B 76 49.79 36.83 -25.83
CA ILE B 76 51.13 37.12 -25.24
C ILE B 76 50.95 37.26 -23.71
N ILE B 77 49.96 38.05 -23.27
CA ILE B 77 49.62 38.26 -21.82
C ILE B 77 49.37 36.89 -21.17
N LEU B 78 48.34 36.16 -21.63
CA LEU B 78 47.92 34.86 -21.02
C LEU B 78 49.02 33.80 -21.17
N ASN B 79 49.89 33.89 -22.18
CA ASN B 79 51.10 33.03 -22.30
C ASN B 79 52.08 33.40 -21.17
N LEU B 80 52.45 34.68 -21.10
CA LEU B 80 53.42 35.22 -20.10
C LEU B 80 52.94 34.93 -18.67
N LYS B 81 51.63 35.06 -18.40
CA LYS B 81 51.00 34.65 -17.11
C LYS B 81 51.47 33.23 -16.74
N GLY B 82 51.58 32.34 -17.73
CA GLY B 82 52.05 30.95 -17.57
C GLY B 82 53.49 30.87 -17.10
N LEU B 83 54.36 31.82 -17.47
CA LEU B 83 55.81 31.83 -17.14
C LEU B 83 55.96 31.82 -15.61
N VAL B 84 56.66 30.80 -15.09
CA VAL B 84 56.82 30.52 -13.63
C VAL B 84 58.23 30.97 -13.23
N VAL B 85 58.32 31.98 -12.36
CA VAL B 85 59.57 32.68 -11.96
C VAL B 85 59.65 32.70 -10.42
N SER B 86 60.87 32.63 -9.88
CA SER B 86 61.17 32.65 -8.42
C SER B 86 62.23 33.73 -8.12
N SER B 87 61.85 34.77 -7.38
CA SER B 87 62.66 35.99 -7.07
C SER B 87 62.88 36.07 -5.54
N ASP B 88 64.09 36.43 -5.13
CA ASP B 88 64.50 36.54 -3.70
C ASP B 88 64.90 38.00 -3.40
N ASP B 89 64.13 38.96 -3.93
CA ASP B 89 64.42 40.42 -3.84
C ASP B 89 63.45 41.08 -2.85
N ASP B 90 62.15 40.77 -2.92
CA ASP B 90 61.04 41.48 -2.23
C ASP B 90 61.01 42.93 -2.76
N GLU B 91 61.13 43.07 -4.08
CA GLU B 91 61.23 44.37 -4.81
C GLU B 91 60.71 44.15 -6.24
N PRO B 92 60.00 45.11 -6.87
CA PRO B 92 59.62 44.97 -8.27
C PRO B 92 60.84 44.88 -9.20
N VAL B 93 61.30 43.65 -9.46
CA VAL B 93 62.49 43.34 -10.32
C VAL B 93 62.05 43.44 -11.79
N THR B 94 62.62 44.39 -12.54
CA THR B 94 62.42 44.58 -14.00
C THR B 94 63.40 43.67 -14.76
N MET B 95 62.90 42.90 -15.72
CA MET B 95 63.74 42.03 -16.61
C MET B 95 63.23 42.14 -18.05
N TYR B 96 64.15 42.11 -19.02
CA TYR B 96 63.88 42.29 -20.47
C TYR B 96 64.01 40.95 -21.20
N LEU B 97 63.12 40.70 -22.17
CA LEU B 97 63.23 39.64 -23.21
C LEU B 97 63.34 40.33 -24.57
N ARG B 98 64.31 39.94 -25.39
CA ARG B 98 64.52 40.45 -26.77
C ARG B 98 64.89 39.27 -27.68
N LYS B 99 64.16 39.10 -28.80
CA LYS B 99 64.45 38.05 -29.82
C LYS B 99 64.07 38.57 -31.21
N GLN B 100 64.80 38.13 -32.24
CA GLN B 100 64.64 38.60 -33.65
C GLN B 100 64.70 37.40 -34.62
N GLY B 101 64.22 37.61 -35.85
CA GLY B 101 64.27 36.63 -36.94
C GLY B 101 63.07 35.69 -36.94
N PRO B 102 63.08 34.62 -37.77
CA PRO B 102 61.97 33.67 -37.83
C PRO B 102 62.04 32.61 -36.71
N GLY B 103 60.91 31.94 -36.44
CA GLY B 103 60.84 30.69 -35.64
C GLY B 103 60.09 30.86 -34.34
N VAL B 104 60.52 30.13 -33.30
CA VAL B 104 59.84 30.06 -31.97
C VAL B 104 60.61 30.93 -30.96
N VAL B 105 59.89 31.54 -30.03
CA VAL B 105 60.43 32.23 -28.82
C VAL B 105 60.16 31.30 -27.62
N THR B 106 61.18 30.57 -27.16
CA THR B 106 61.12 29.65 -26.00
C THR B 106 61.26 30.48 -24.71
N ALA B 107 61.06 29.86 -23.54
CA ALA B 107 61.26 30.50 -22.22
C ALA B 107 62.75 30.79 -21.99
N GLY B 108 63.64 29.94 -22.50
CA GLY B 108 65.11 30.10 -22.46
C GLY B 108 65.61 31.39 -23.11
N ASP B 109 64.87 31.94 -24.08
CA ASP B 109 65.25 33.14 -24.87
C ASP B 109 65.31 34.41 -23.99
N ILE B 110 64.59 34.45 -22.86
CA ILE B 110 64.63 35.60 -21.90
C ILE B 110 66.00 35.59 -21.20
N VAL B 111 66.48 36.76 -20.80
CA VAL B 111 67.79 36.93 -20.07
C VAL B 111 67.48 37.37 -18.64
N PRO B 112 67.49 36.44 -17.66
CA PRO B 112 67.13 36.76 -16.27
C PRO B 112 68.23 37.49 -15.52
N PRO B 113 67.94 38.64 -14.84
CA PRO B 113 68.89 39.26 -13.91
C PRO B 113 69.27 38.39 -12.71
N ALA B 114 70.15 38.92 -11.84
CA ALA B 114 70.67 38.23 -10.63
C ALA B 114 69.52 38.01 -9.63
N GLY B 115 69.42 36.78 -9.11
CA GLY B 115 68.40 36.37 -8.11
C GLY B 115 67.30 35.52 -8.75
N VAL B 116 66.73 35.98 -9.86
CA VAL B 116 65.57 35.32 -10.54
C VAL B 116 66.07 34.12 -11.35
N THR B 117 65.30 33.03 -11.34
CA THR B 117 65.53 31.79 -12.14
C THR B 117 64.19 31.27 -12.68
N VAL B 118 64.13 30.94 -13.97
CA VAL B 118 62.97 30.27 -14.64
C VAL B 118 63.23 28.76 -14.62
N HIS B 119 62.29 27.98 -14.08
CA HIS B 119 62.43 26.52 -13.80
C HIS B 119 62.05 25.68 -15.02
N ASN B 120 61.29 26.25 -15.97
CA ASN B 120 60.97 25.62 -17.29
C ASN B 120 61.48 26.54 -18.40
N PRO B 121 62.74 26.36 -18.89
CA PRO B 121 63.23 27.08 -20.07
C PRO B 121 62.62 26.57 -21.40
N ASP B 122 62.02 25.38 -21.38
CA ASP B 122 61.49 24.67 -22.58
C ASP B 122 60.07 25.14 -22.93
N MET B 123 59.32 25.73 -21.98
CA MET B 123 57.92 26.17 -22.21
C MET B 123 57.90 27.33 -23.21
N HIS B 124 56.82 27.39 -24.00
CA HIS B 124 56.61 28.35 -25.11
C HIS B 124 55.97 29.63 -24.57
N ILE B 125 56.39 30.79 -25.09
CA ILE B 125 55.86 32.15 -24.75
C ILE B 125 55.30 32.82 -26.01
N ALA B 126 55.96 32.68 -27.17
CA ALA B 126 55.52 33.26 -28.46
C ALA B 126 56.19 32.54 -29.64
N THR B 127 55.66 32.75 -30.85
CA THR B 127 56.18 32.26 -32.16
C THR B 127 56.40 33.48 -33.07
N LEU B 128 57.67 33.83 -33.33
CA LEU B 128 58.03 35.09 -34.05
C LEU B 128 58.19 34.81 -35.55
N ASN B 129 57.45 35.55 -36.37
CA ASN B 129 57.46 35.45 -37.87
C ASN B 129 58.75 36.10 -38.41
N ASP B 130 59.03 35.87 -39.70
CA ASP B 130 60.26 36.33 -40.39
C ASP B 130 60.24 37.86 -40.54
N LYS B 131 61.41 38.50 -40.53
CA LYS B 131 61.62 39.96 -40.68
C LYS B 131 60.92 40.70 -39.52
N GLY B 132 61.23 40.29 -38.29
CA GLY B 132 60.65 40.86 -37.05
C GLY B 132 61.56 40.66 -35.86
N LYS B 133 61.49 41.59 -34.89
CA LYS B 133 62.26 41.55 -33.61
C LYS B 133 61.33 42.02 -32.48
N LEU B 134 60.95 41.12 -31.57
CA LEU B 134 60.13 41.45 -30.37
C LEU B 134 61.06 41.72 -29.18
N GLU B 135 60.79 42.81 -28.46
CA GLU B 135 61.47 43.26 -27.22
C GLU B 135 60.40 43.66 -26.20
N VAL B 136 60.29 42.91 -25.11
CA VAL B 136 59.28 43.11 -24.02
C VAL B 136 60.01 43.24 -22.68
N GLU B 137 59.58 44.23 -21.87
CA GLU B 137 60.06 44.49 -20.49
C GLU B 137 59.00 44.00 -19.51
N LEU B 138 59.37 43.11 -18.58
CA LEU B 138 58.45 42.48 -17.59
C LEU B 138 58.89 42.85 -16.16
N VAL B 139 57.93 43.24 -15.33
CA VAL B 139 58.11 43.51 -13.87
C VAL B 139 57.68 42.26 -13.10
N VAL B 140 58.66 41.49 -12.62
CA VAL B 140 58.45 40.32 -11.71
C VAL B 140 58.51 40.83 -10.26
N GLU B 141 57.59 40.39 -9.41
CA GLU B 141 57.62 40.68 -7.95
C GLU B 141 57.09 39.48 -7.16
N ARG B 142 57.35 39.46 -5.86
CA ARG B 142 56.86 38.44 -4.89
C ARG B 142 55.50 38.90 -4.34
N GLY B 143 54.60 37.95 -4.06
CA GLY B 143 53.28 38.22 -3.47
C GLY B 143 52.60 36.95 -2.99
N ARG B 144 51.27 37.01 -2.79
CA ARG B 144 50.43 35.92 -2.23
C ARG B 144 49.12 35.81 -3.02
N GLY B 145 48.64 34.58 -3.26
CA GLY B 145 47.34 34.29 -3.88
C GLY B 145 47.25 34.80 -5.31
N TYR B 146 46.13 35.42 -5.68
CA TYR B 146 45.83 36.04 -6.99
C TYR B 146 45.50 37.52 -6.79
N VAL B 147 46.17 38.42 -7.52
CA VAL B 147 45.88 39.89 -7.50
C VAL B 147 45.42 40.29 -8.91
N PRO B 148 44.19 40.84 -9.07
CA PRO B 148 43.77 41.44 -10.34
C PRO B 148 44.60 42.68 -10.74
N ALA B 149 44.67 42.95 -12.05
CA ALA B 149 45.38 44.10 -12.67
C ALA B 149 44.68 45.41 -12.26
N VAL B 150 45.42 46.31 -11.61
CA VAL B 150 44.91 47.62 -11.10
C VAL B 150 45.93 48.71 -11.45
N GLN B 151 45.53 49.66 -12.31
CA GLN B 151 46.31 50.87 -12.66
C GLN B 151 46.07 51.92 -11.56
N ASN B 152 46.79 51.80 -10.44
CA ASN B 152 46.67 52.70 -9.26
C ASN B 152 47.69 53.84 -9.37
N LYS B 153 47.77 54.47 -10.56
CA LYS B 153 48.67 55.59 -10.92
C LYS B 153 50.14 55.19 -10.72
N ALA B 154 50.49 53.94 -11.06
CA ALA B 154 51.86 53.45 -11.33
C ALA B 154 52.03 53.27 -12.84
N SER B 155 51.05 52.62 -13.47
CA SER B 155 50.88 52.49 -14.95
C SER B 155 49.74 53.39 -15.45
N GLY B 156 49.13 54.20 -14.57
CA GLY B 156 47.99 55.07 -14.88
C GLY B 156 48.39 56.25 -15.73
N ALA B 157 49.33 57.07 -15.24
CA ALA B 157 49.85 58.28 -15.92
C ALA B 157 50.80 57.89 -17.07
N GLU B 158 51.38 56.68 -17.01
CA GLU B 158 52.23 56.09 -18.08
C GLU B 158 51.45 55.99 -19.40
N ILE B 159 52.15 56.14 -20.53
CA ILE B 159 51.58 56.06 -21.91
C ILE B 159 51.07 54.64 -22.17
N GLY B 160 51.88 53.63 -21.81
CA GLY B 160 51.56 52.19 -21.96
C GLY B 160 51.63 51.46 -20.63
N ARG B 161 52.71 50.71 -20.42
CA ARG B 161 52.96 49.74 -19.31
C ARG B 161 51.67 48.93 -19.01
N ILE B 162 51.48 47.81 -19.72
CA ILE B 162 50.29 46.92 -19.59
C ILE B 162 50.34 46.22 -18.24
N PRO B 163 49.37 46.45 -17.31
CA PRO B 163 49.29 45.65 -16.08
C PRO B 163 48.70 44.25 -16.38
N VAL B 164 49.28 43.20 -15.76
CA VAL B 164 48.88 41.78 -15.99
C VAL B 164 48.48 41.16 -14.64
N ASP B 165 47.46 40.29 -14.66
CA ASP B 165 46.96 39.56 -13.45
C ASP B 165 48.02 38.53 -13.04
N SER B 166 48.40 38.52 -11.76
CA SER B 166 49.54 37.73 -11.22
C SER B 166 49.04 36.44 -10.56
N ILE B 167 49.77 35.34 -10.77
CA ILE B 167 49.67 34.06 -10.02
C ILE B 167 50.96 33.91 -9.21
N TYR B 168 51.01 34.53 -8.02
CA TYR B 168 52.15 34.41 -7.07
C TYR B 168 52.21 32.98 -6.53
N SER B 169 51.03 32.44 -6.17
CA SER B 169 50.83 31.06 -5.68
C SER B 169 51.75 30.10 -6.44
N PRO B 170 52.65 29.35 -5.76
CA PRO B 170 53.31 28.20 -6.37
C PRO B 170 52.28 27.12 -6.73
N VAL B 171 51.21 27.03 -5.93
CA VAL B 171 50.11 26.03 -6.06
C VAL B 171 49.00 26.65 -6.92
N LEU B 172 48.78 26.09 -8.12
CA LEU B 172 47.80 26.61 -9.13
C LEU B 172 46.38 26.23 -8.71
N LYS B 173 46.07 24.94 -8.60
CA LYS B 173 44.68 24.43 -8.43
C LYS B 173 44.61 23.40 -7.31
N VAL B 174 43.95 23.74 -6.19
CA VAL B 174 43.68 22.81 -5.06
C VAL B 174 42.17 22.51 -5.01
N THR B 175 41.81 21.23 -4.90
CA THR B 175 40.44 20.76 -4.55
C THR B 175 40.57 19.66 -3.48
N TYR B 176 39.46 19.27 -2.86
CA TYR B 176 39.44 18.27 -1.76
C TYR B 176 38.05 17.64 -1.63
N LYS B 177 38.03 16.40 -1.11
CA LYS B 177 36.81 15.62 -0.80
C LYS B 177 37.01 14.93 0.55
N VAL B 178 35.89 14.71 1.26
CA VAL B 178 35.83 13.94 2.55
C VAL B 178 35.00 12.68 2.31
N GLU B 179 35.44 11.55 2.89
CA GLU B 179 34.76 10.24 2.81
C GLU B 179 34.61 9.67 4.23
N ALA B 180 33.41 9.17 4.54
CA ALA B 180 33.07 8.49 5.82
C ALA B 180 33.82 7.17 5.88
N THR B 181 34.50 6.89 7.01
CA THR B 181 35.35 5.69 7.22
C THR B 181 34.90 4.94 8.47
N ARG B 182 34.81 3.61 8.39
CA ARG B 182 34.48 2.69 9.51
C ARG B 182 35.77 2.39 10.28
N VAL B 183 36.24 3.35 11.08
CA VAL B 183 37.50 3.27 11.88
C VAL B 183 37.31 2.24 13.00
N GLU B 184 36.13 2.22 13.63
CA GLU B 184 35.75 1.29 14.72
C GLU B 184 34.24 1.03 14.65
N GLN B 185 33.60 0.78 15.79
CA GLN B 185 32.11 0.67 15.94
C GLN B 185 31.44 1.99 15.55
N ARG B 186 32.16 3.11 15.65
CA ARG B 186 31.72 4.45 15.16
C ARG B 186 32.03 4.57 13.65
N THR B 187 31.18 5.30 12.93
CA THR B 187 31.32 5.64 11.48
C THR B 187 31.30 7.17 11.32
N ASP B 188 31.33 7.65 10.07
CA ASP B 188 31.31 9.09 9.69
C ASP B 188 32.60 9.79 10.15
N PHE B 189 33.71 9.05 10.31
CA PHE B 189 35.08 9.60 10.45
C PHE B 189 35.53 10.07 9.07
N ASP B 190 35.88 11.35 8.94
CA ASP B 190 36.19 12.00 7.63
C ASP B 190 37.62 11.66 7.22
N LYS B 191 37.80 11.11 6.02
CA LYS B 191 39.14 10.91 5.39
C LYS B 191 39.30 12.01 4.34
N LEU B 192 40.17 12.99 4.60
CA LEU B 192 40.41 14.11 3.65
C LEU B 192 41.29 13.58 2.51
N ILE B 193 40.75 13.55 1.30
CA ILE B 193 41.54 13.46 0.03
C ILE B 193 41.66 14.89 -0.50
N ILE B 194 42.88 15.35 -0.81
CA ILE B 194 43.15 16.74 -1.29
C ILE B 194 44.00 16.67 -2.56
N ASP B 195 43.38 17.02 -3.69
CA ASP B 195 44.03 17.18 -5.03
C ASP B 195 44.72 18.55 -5.06
N VAL B 196 45.99 18.57 -5.46
CA VAL B 196 46.91 19.75 -5.45
C VAL B 196 47.73 19.74 -6.74
N GLU B 197 47.40 20.65 -7.66
CA GLU B 197 48.17 20.98 -8.89
C GLU B 197 49.00 22.25 -8.61
N THR B 198 50.32 22.08 -8.50
CA THR B 198 51.34 23.15 -8.31
C THR B 198 51.99 23.47 -9.66
N LYS B 199 52.89 24.46 -9.67
CA LYS B 199 53.82 24.73 -10.81
C LYS B 199 55.00 23.75 -10.71
N ASN B 200 55.88 23.76 -11.72
CA ASN B 200 57.10 22.91 -11.79
C ASN B 200 58.09 23.29 -10.67
N SER B 201 58.12 24.57 -10.28
CA SER B 201 59.12 25.17 -9.35
C SER B 201 59.16 24.42 -8.01
N ILE B 202 58.00 24.29 -7.35
CA ILE B 202 57.86 23.69 -5.98
C ILE B 202 57.33 22.26 -6.10
N SER B 203 57.52 21.46 -5.04
CA SER B 203 56.92 20.11 -4.86
C SER B 203 55.71 20.20 -3.92
N PRO B 204 54.63 19.43 -4.19
CA PRO B 204 53.38 19.55 -3.46
C PRO B 204 53.53 19.26 -1.96
N ARG B 205 54.42 18.32 -1.61
CA ARG B 205 54.81 18.00 -0.20
C ARG B 205 55.50 19.23 0.41
N ASP B 206 56.32 19.93 -0.37
CA ASP B 206 56.99 21.20 0.04
C ASP B 206 55.94 22.29 0.27
N ALA B 207 55.01 22.44 -0.68
CA ALA B 207 53.87 23.40 -0.57
C ALA B 207 53.03 23.10 0.69
N LEU B 208 52.66 21.83 0.87
CA LEU B 208 51.87 21.35 2.03
C LEU B 208 52.65 21.59 3.33
N ALA B 209 53.95 21.27 3.36
CA ALA B 209 54.87 21.52 4.49
C ALA B 209 54.92 23.01 4.81
N SER B 210 55.00 23.87 3.79
CA SER B 210 54.98 25.35 3.90
C SER B 210 53.65 25.81 4.51
N ALA B 211 52.52 25.37 3.93
CA ALA B 211 51.15 25.69 4.39
C ALA B 211 50.98 25.29 5.86
N GLY B 212 51.24 24.01 6.17
CA GLY B 212 51.24 23.47 7.56
C GLY B 212 52.13 24.32 8.46
N GLY B 213 53.36 24.60 8.00
CA GLY B 213 54.35 25.47 8.68
C GLY B 213 53.79 26.85 9.00
N THR B 214 53.04 27.45 8.08
CA THR B 214 52.36 28.77 8.29
C THR B 214 51.19 28.60 9.27
N LEU B 215 50.39 27.53 9.14
CA LEU B 215 49.19 27.30 9.99
C LEU B 215 49.60 27.05 11.45
N VAL B 216 50.54 26.13 11.71
CA VAL B 216 51.00 25.81 13.09
C VAL B 216 51.55 27.09 13.75
N GLU B 217 52.29 27.90 12.98
CA GLU B 217 52.82 29.23 13.40
C GLU B 217 51.67 30.21 13.65
N LEU B 218 50.62 30.18 12.82
CA LEU B 218 49.42 31.07 12.94
C LEU B 218 48.61 30.72 14.19
N PHE B 219 48.39 29.43 14.47
CA PHE B 219 47.62 28.93 15.64
C PHE B 219 48.53 28.86 16.89
N GLY B 220 49.85 28.96 16.71
CA GLY B 220 50.86 29.02 17.79
C GLY B 220 50.57 30.08 18.83
N LEU B 221 50.13 31.28 18.40
CA LEU B 221 49.82 32.43 19.29
C LEU B 221 48.61 32.13 20.20
N ALA B 222 47.62 31.38 19.68
CA ALA B 222 46.41 30.97 20.44
C ALA B 222 46.79 29.79 21.34
N ARG B 223 47.44 28.78 20.76
CA ARG B 223 48.13 27.66 21.47
C ARG B 223 48.87 28.20 22.70
N GLU B 224 49.63 29.29 22.54
CA GLU B 224 50.57 29.83 23.56
C GLU B 224 49.88 30.87 24.47
N LEU B 225 48.55 31.01 24.44
CA LEU B 225 47.83 31.90 25.40
C LEU B 225 47.82 31.26 26.78
N ASN B 226 47.15 30.11 26.91
CA ASN B 226 46.85 29.43 28.21
C ASN B 226 47.63 28.12 28.33
N ALA B 227 47.61 27.28 27.29
CA ALA B 227 48.20 25.92 27.25
C ALA B 227 47.53 25.05 28.32
N ASP B 228 46.18 25.01 28.29
CA ASP B 228 45.33 24.43 29.35
C ASP B 228 45.14 22.93 29.11
N SER B 229 44.66 22.54 27.91
CA SER B 229 44.27 21.15 27.55
C SER B 229 43.94 21.09 26.05
N GLU B 230 44.58 20.18 25.31
CA GLU B 230 44.44 20.01 23.84
C GLU B 230 44.08 18.56 23.51
N HIS B 231 43.38 18.35 22.40
CA HIS B 231 43.13 17.01 21.79
C HIS B 231 44.38 16.60 21.01
N ILE B 232 45.42 16.18 21.73
CA ILE B 232 46.79 15.87 21.20
C ILE B 232 46.71 14.66 20.28
N GLU B 233 47.51 14.66 19.19
CA GLU B 233 47.55 13.60 18.15
C GLU B 233 48.61 12.56 18.53
N ASN C 21 -7.80 34.30 25.62
CA ASN C 21 -8.99 35.21 25.50
C ASN C 21 -10.28 34.42 25.75
N SER C 22 -11.08 34.85 26.74
CA SER C 22 -12.32 34.18 27.22
C SER C 22 -12.02 32.80 27.79
N VAL C 23 -10.78 32.58 28.27
CA VAL C 23 -10.30 31.32 28.94
C VAL C 23 -9.45 31.76 30.14
N PRO C 24 -9.72 31.25 31.36
CA PRO C 24 -9.14 31.82 32.58
C PRO C 24 -7.61 32.02 32.61
N GLY C 25 -6.83 30.93 32.58
CA GLY C 25 -5.38 30.92 32.87
C GLY C 25 -4.59 30.31 31.73
N ALA C 26 -4.36 31.10 30.68
CA ALA C 26 -3.64 30.71 29.44
C ALA C 26 -2.58 31.75 29.12
N PRO C 27 -1.48 31.37 28.42
CA PRO C 27 -0.44 32.32 28.02
C PRO C 27 -0.96 33.19 26.86
N ASN C 28 -1.09 34.50 27.10
CA ASN C 28 -1.75 35.47 26.18
C ASN C 28 -1.06 35.44 24.82
N ARG C 29 -1.80 35.04 23.77
CA ARG C 29 -1.33 34.93 22.37
C ARG C 29 -1.85 36.13 21.59
N VAL C 30 -0.97 37.07 21.24
CA VAL C 30 -1.29 38.29 20.41
C VAL C 30 -1.85 37.82 19.07
N SER C 31 -2.95 38.43 18.61
CA SER C 31 -3.83 37.89 17.53
C SER C 31 -3.80 38.78 16.28
N PHE C 32 -3.75 38.15 15.10
CA PHE C 32 -3.84 38.79 13.75
C PHE C 32 -5.30 38.72 13.26
N ALA C 33 -6.27 38.85 14.17
CA ALA C 33 -7.72 38.77 13.89
C ALA C 33 -8.22 40.13 13.41
N LYS C 34 -8.55 40.25 12.11
CA LYS C 34 -9.04 41.49 11.49
C LYS C 34 -10.53 41.70 11.85
N LEU C 35 -11.29 40.61 11.99
CA LEU C 35 -12.73 40.62 12.32
C LEU C 35 -12.94 40.16 13.77
N ARG C 36 -13.79 40.88 14.52
CA ARG C 36 -14.21 40.53 15.90
C ARG C 36 -15.17 39.35 15.83
N GLU C 37 -14.87 38.26 16.57
CA GLU C 37 -15.68 37.00 16.59
C GLU C 37 -17.01 37.27 17.28
N PRO C 38 -18.16 37.14 16.57
CA PRO C 38 -19.47 37.36 17.18
C PRO C 38 -19.89 36.21 18.11
N LEU C 39 -19.68 34.96 17.67
CA LEU C 39 -19.87 33.73 18.48
C LEU C 39 -18.51 33.24 18.97
N GLU C 40 -18.49 32.66 20.18
CA GLU C 40 -17.31 31.97 20.78
C GLU C 40 -17.37 30.50 20.39
N VAL C 41 -16.31 29.99 19.72
CA VAL C 41 -16.17 28.57 19.27
C VAL C 41 -16.81 27.65 20.31
N PRO C 42 -17.81 26.81 19.91
CA PRO C 42 -18.56 26.00 20.89
C PRO C 42 -17.69 24.87 21.46
N GLY C 43 -18.05 24.38 22.65
CA GLY C 43 -17.38 23.26 23.34
C GLY C 43 -17.09 22.13 22.38
N LEU C 44 -15.82 21.96 21.98
CA LEU C 44 -15.37 20.87 21.07
C LEU C 44 -15.63 19.54 21.77
N LEU C 45 -15.79 18.45 21.01
CA LEU C 45 -16.16 17.11 21.51
C LEU C 45 -17.62 17.17 22.01
N ASP C 46 -18.47 17.90 21.29
CA ASP C 46 -19.91 18.12 21.59
C ASP C 46 -20.72 16.90 21.12
N VAL C 47 -20.48 16.48 19.88
CA VAL C 47 -21.29 15.48 19.10
C VAL C 47 -21.38 14.16 19.89
N GLN C 48 -20.33 13.79 20.62
CA GLN C 48 -20.26 12.58 21.47
C GLN C 48 -21.17 12.77 22.69
N THR C 49 -20.89 13.81 23.48
CA THR C 49 -21.49 14.07 24.83
C THR C 49 -22.98 14.38 24.67
N ASP C 50 -23.36 15.25 23.73
CA ASP C 50 -24.78 15.62 23.45
C ASP C 50 -25.58 14.36 23.12
N SER C 51 -25.08 13.57 22.15
CA SER C 51 -25.66 12.28 21.71
C SER C 51 -25.79 11.31 22.90
N PHE C 52 -24.70 11.07 23.63
CA PHE C 52 -24.69 10.06 24.72
C PHE C 52 -25.59 10.51 25.88
N GLU C 53 -25.60 11.81 26.20
CA GLU C 53 -26.50 12.39 27.24
C GLU C 53 -27.94 12.49 26.72
N TRP C 54 -28.15 12.44 25.39
CA TRP C 54 -29.49 12.24 24.79
C TRP C 54 -29.94 10.78 24.98
N LEU C 55 -29.10 9.81 24.62
CA LEU C 55 -29.42 8.34 24.62
C LEU C 55 -30.09 7.94 25.95
N VAL C 56 -29.41 8.25 27.06
CA VAL C 56 -29.89 8.03 28.46
C VAL C 56 -30.68 9.26 28.91
N GLY C 57 -31.62 9.09 29.84
CA GLY C 57 -32.45 10.19 30.39
C GLY C 57 -31.64 11.09 31.31
N SER C 58 -30.98 12.11 30.76
CA SER C 58 -30.05 13.03 31.48
C SER C 58 -30.66 14.43 31.61
N ASP C 59 -30.49 15.04 32.78
CA ASP C 59 -31.17 16.29 33.22
C ASP C 59 -30.70 17.48 32.38
N ARG C 60 -29.40 17.57 32.06
CA ARG C 60 -28.81 18.69 31.29
C ARG C 60 -29.45 18.74 29.90
N TRP C 61 -29.41 17.62 29.17
CA TRP C 61 -30.09 17.44 27.86
C TRP C 61 -31.61 17.62 28.02
N ARG C 62 -32.20 17.09 29.10
CA ARG C 62 -33.64 17.28 29.41
C ARG C 62 -33.97 18.78 29.39
N GLN C 63 -33.21 19.57 30.16
CA GLN C 63 -33.40 21.05 30.29
C GLN C 63 -33.05 21.74 28.96
N ALA C 64 -32.02 21.27 28.25
CA ALA C 64 -31.65 21.78 26.90
C ALA C 64 -32.82 21.60 25.92
N ALA C 65 -33.47 20.42 25.97
CA ALA C 65 -34.64 20.04 25.15
C ALA C 65 -35.88 20.84 25.60
N ILE C 66 -36.03 21.07 26.91
CA ILE C 66 -37.06 22.00 27.48
C ILE C 66 -36.85 23.39 26.89
N ASP C 67 -35.59 23.87 26.84
CA ASP C 67 -35.22 25.21 26.30
C ASP C 67 -35.50 25.26 24.80
N ARG C 68 -35.04 24.24 24.04
CA ARG C 68 -35.21 24.14 22.57
C ARG C 68 -35.71 22.74 22.19
N GLY C 69 -37.04 22.54 22.27
CA GLY C 69 -37.70 21.29 21.83
C GLY C 69 -39.14 21.20 22.34
N GLU C 70 -39.70 19.97 22.36
CA GLU C 70 -41.10 19.68 22.79
C GLU C 70 -41.17 19.67 24.32
N GLU C 71 -42.40 19.70 24.85
CA GLU C 71 -42.70 19.72 26.31
C GLU C 71 -42.22 18.44 26.98
N ASN C 72 -42.35 17.29 26.30
CA ASN C 72 -41.91 15.95 26.78
C ASN C 72 -40.84 15.40 25.84
N PRO C 73 -39.53 15.62 26.12
CA PRO C 73 -38.46 14.99 25.36
C PRO C 73 -38.21 13.55 25.83
N VAL C 74 -38.33 12.57 24.93
CA VAL C 74 -38.19 11.12 25.23
C VAL C 74 -36.73 10.71 25.01
N GLY C 75 -36.10 10.13 26.04
CA GLY C 75 -34.71 9.63 25.98
C GLY C 75 -34.60 8.36 25.14
N GLY C 76 -33.45 8.14 24.49
CA GLY C 76 -33.19 7.02 23.56
C GLY C 76 -33.65 5.69 24.15
N LEU C 77 -33.16 5.37 25.35
CA LEU C 77 -33.59 4.17 26.11
C LEU C 77 -35.12 4.14 26.24
N GLU C 78 -35.72 5.27 26.65
CA GLU C 78 -37.19 5.39 26.86
C GLU C 78 -37.94 5.09 25.55
N GLU C 79 -37.45 5.62 24.43
CA GLU C 79 -38.13 5.52 23.10
C GLU C 79 -37.90 4.11 22.52
N VAL C 80 -36.72 3.49 22.72
CA VAL C 80 -36.53 2.07 22.30
C VAL C 80 -37.42 1.17 23.17
N LEU C 81 -37.47 1.41 24.49
CA LEU C 81 -38.36 0.64 25.41
C LEU C 81 -39.84 0.87 25.03
N ALA C 82 -40.20 2.08 24.59
CA ALA C 82 -41.54 2.42 24.08
C ALA C 82 -41.81 1.68 22.76
N GLU C 83 -40.80 1.61 21.89
CA GLU C 83 -40.86 0.87 20.59
C GLU C 83 -41.00 -0.63 20.85
N LEU C 84 -40.41 -1.16 21.93
CA LEU C 84 -40.57 -2.59 22.32
C LEU C 84 -41.94 -2.82 22.98
N SER C 85 -42.26 -2.07 24.03
CA SER C 85 -43.41 -2.31 24.95
C SER C 85 -44.73 -2.01 24.24
N PRO C 86 -45.82 -2.80 24.47
CA PRO C 86 -45.79 -4.04 25.25
C PRO C 86 -45.44 -5.27 24.40
N ILE C 87 -44.99 -6.36 25.04
CA ILE C 87 -44.80 -7.70 24.40
C ILE C 87 -46.04 -8.54 24.69
N GLU C 88 -46.67 -9.08 23.64
CA GLU C 88 -47.89 -9.95 23.71
C GLU C 88 -47.68 -11.19 22.84
N ASP C 89 -48.47 -12.24 23.09
CA ASP C 89 -48.53 -13.49 22.28
C ASP C 89 -49.77 -13.43 21.38
N PHE C 90 -49.94 -12.31 20.65
CA PHE C 90 -51.06 -12.03 19.71
C PHE C 90 -52.37 -11.82 20.49
N SER C 91 -52.81 -12.84 21.23
CA SER C 91 -54.07 -12.90 22.04
C SER C 91 -54.33 -11.57 22.79
N GLY C 92 -53.33 -11.05 23.50
CA GLY C 92 -53.46 -9.90 24.40
C GLY C 92 -53.97 -10.32 25.78
N SER C 93 -53.61 -11.54 26.22
CA SER C 93 -53.95 -12.13 27.53
C SER C 93 -52.82 -11.86 28.53
N MET C 94 -51.57 -12.16 28.11
CA MET C 94 -50.32 -11.91 28.86
C MET C 94 -49.57 -10.77 28.19
N SER C 95 -49.22 -9.72 28.95
CA SER C 95 -48.56 -8.47 28.48
C SER C 95 -47.37 -8.14 29.39
N LEU C 96 -46.29 -7.58 28.80
CA LEU C 96 -45.07 -7.11 29.51
C LEU C 96 -44.65 -5.75 28.92
N SER C 97 -44.52 -4.73 29.79
CA SER C 97 -44.20 -3.32 29.43
C SER C 97 -43.09 -2.79 30.34
N PHE C 98 -41.90 -2.55 29.78
CA PHE C 98 -40.74 -1.91 30.47
C PHE C 98 -40.90 -0.39 30.38
N SER C 99 -40.37 0.34 31.36
CA SER C 99 -40.30 1.83 31.38
C SER C 99 -39.20 2.31 32.32
N ASP C 100 -38.94 3.62 32.33
CA ASP C 100 -38.13 4.34 33.37
C ASP C 100 -36.72 3.76 33.42
N PRO C 101 -35.85 4.04 32.41
CA PRO C 101 -34.45 3.62 32.45
C PRO C 101 -33.65 4.50 33.42
N ARG C 102 -33.78 4.23 34.73
CA ARG C 102 -33.12 4.98 35.83
C ARG C 102 -31.75 4.35 36.10
N PHE C 103 -30.73 5.21 36.26
CA PHE C 103 -29.31 4.85 36.50
C PHE C 103 -28.92 5.16 37.94
N ASP C 104 -27.89 4.48 38.45
CA ASP C 104 -27.16 4.82 39.69
C ASP C 104 -25.88 5.56 39.29
N GLU C 105 -24.98 5.83 40.23
CA GLU C 105 -23.63 6.38 39.95
C GLU C 105 -22.77 5.30 39.29
N VAL C 106 -21.69 5.71 38.62
CA VAL C 106 -20.77 4.80 37.85
C VAL C 106 -20.09 3.82 38.82
N LYS C 107 -19.65 2.68 38.29
CA LYS C 107 -19.15 1.51 39.07
C LYS C 107 -17.87 1.89 39.81
N ALA C 108 -16.92 2.54 39.12
CA ALA C 108 -15.62 3.00 39.66
C ALA C 108 -15.08 4.17 38.83
N SER C 109 -13.90 4.68 39.18
CA SER C 109 -13.18 5.76 38.45
C SER C 109 -12.61 5.20 37.14
N VAL C 110 -12.39 6.08 36.16
CA VAL C 110 -11.81 5.73 34.81
C VAL C 110 -10.45 5.04 35.02
N ASP C 111 -9.53 5.66 35.75
CA ASP C 111 -8.13 5.18 35.95
C ASP C 111 -8.15 3.75 36.51
N GLU C 112 -9.01 3.51 37.51
CA GLU C 112 -9.24 2.18 38.14
C GLU C 112 -9.77 1.19 37.08
N CYS C 113 -10.66 1.65 36.19
CA CYS C 113 -11.27 0.82 35.12
C CYS C 113 -10.20 0.43 34.09
N LYS C 114 -9.34 1.39 33.71
CA LYS C 114 -8.16 1.17 32.84
C LYS C 114 -7.17 0.23 33.55
N ASP C 115 -7.03 0.37 34.87
CA ASP C 115 -6.12 -0.45 35.73
C ASP C 115 -6.59 -1.90 35.77
N LYS C 116 -7.86 -2.15 36.12
CA LYS C 116 -8.38 -3.50 36.50
C LYS C 116 -8.85 -4.30 35.27
N ASP C 117 -8.70 -3.79 34.05
CA ASP C 117 -9.04 -4.48 32.77
C ASP C 117 -10.54 -4.77 32.71
N MET C 118 -11.37 -3.87 33.28
CA MET C 118 -12.85 -4.00 33.32
C MET C 118 -13.47 -2.88 32.46
N THR C 119 -14.81 -2.88 32.32
CA THR C 119 -15.58 -1.93 31.48
C THR C 119 -16.09 -0.77 32.35
N TYR C 120 -15.82 0.48 31.96
CA TYR C 120 -16.38 1.70 32.60
C TYR C 120 -17.84 1.82 32.19
N ALA C 121 -18.74 1.31 33.04
CA ALA C 121 -20.18 1.12 32.75
C ALA C 121 -21.02 1.57 33.96
N ALA C 122 -22.34 1.64 33.76
CA ALA C 122 -23.35 1.96 34.80
C ALA C 122 -24.36 0.82 34.88
N PRO C 123 -24.67 0.29 36.09
CA PRO C 123 -25.83 -0.58 36.28
C PRO C 123 -27.13 0.07 35.79
N LEU C 124 -27.97 -0.70 35.08
CA LEU C 124 -29.16 -0.24 34.32
C LEU C 124 -30.40 -0.95 34.88
N PHE C 125 -31.45 -0.19 35.23
CA PHE C 125 -32.72 -0.69 35.82
C PHE C 125 -33.90 -0.27 34.94
N VAL C 126 -34.99 -1.06 34.95
CA VAL C 126 -36.26 -0.73 34.24
C VAL C 126 -37.46 -1.09 35.13
N THR C 127 -38.42 -0.16 35.27
CA THR C 127 -39.76 -0.42 35.87
C THR C 127 -40.58 -1.26 34.89
N ALA C 128 -40.71 -2.56 35.17
CA ALA C 128 -41.42 -3.56 34.34
C ALA C 128 -42.62 -4.13 35.12
N GLU C 129 -43.74 -4.36 34.43
CA GLU C 129 -44.97 -5.00 34.96
C GLU C 129 -45.40 -6.13 34.01
N PHE C 130 -45.87 -7.25 34.55
CA PHE C 130 -46.43 -8.39 33.80
C PHE C 130 -47.96 -8.36 33.94
N ILE C 131 -48.64 -7.67 33.04
CA ILE C 131 -50.14 -7.59 32.98
C ILE C 131 -50.66 -8.96 32.54
N ASN C 132 -51.70 -9.46 33.21
CA ASN C 132 -52.37 -10.77 32.91
C ASN C 132 -53.88 -10.55 33.01
N ASN C 133 -54.58 -10.51 31.87
CA ASN C 133 -55.95 -9.92 31.74
C ASN C 133 -56.98 -10.88 32.34
N ASN C 134 -57.01 -12.13 31.88
CA ASN C 134 -58.05 -13.14 32.24
C ASN C 134 -57.94 -13.50 33.73
N THR C 135 -56.73 -13.70 34.24
CA THR C 135 -56.43 -14.03 35.66
C THR C 135 -56.26 -12.73 36.47
N GLY C 136 -55.82 -12.85 37.73
CA GLY C 136 -55.63 -11.71 38.67
C GLY C 136 -54.59 -10.71 38.17
N GLU C 137 -54.76 -9.44 38.54
CA GLU C 137 -53.88 -8.31 38.12
C GLU C 137 -52.54 -8.40 38.85
N ILE C 138 -51.43 -8.43 38.10
CA ILE C 138 -50.03 -8.45 38.63
C ILE C 138 -49.47 -7.02 38.61
N LYS C 139 -48.68 -6.67 39.63
CA LYS C 139 -48.14 -5.30 39.87
C LYS C 139 -46.81 -5.11 39.14
N SER C 140 -46.22 -3.92 39.25
CA SER C 140 -44.94 -3.51 38.62
C SER C 140 -43.78 -3.75 39.60
N GLN C 141 -42.53 -3.71 39.08
CA GLN C 141 -41.29 -3.87 39.87
C GLN C 141 -40.07 -3.38 39.07
N THR C 142 -38.95 -3.14 39.75
CA THR C 142 -37.66 -2.67 39.18
C THR C 142 -36.80 -3.88 38.81
N VAL C 143 -36.55 -4.09 37.52
CA VAL C 143 -35.72 -5.21 36.96
C VAL C 143 -34.34 -4.66 36.61
N PHE C 144 -33.30 -5.41 36.99
CA PHE C 144 -31.86 -5.19 36.69
C PHE C 144 -31.45 -6.14 35.56
N MET C 145 -30.86 -5.59 34.49
CA MET C 145 -30.41 -6.34 33.28
C MET C 145 -28.91 -6.60 33.38
N GLY C 146 -28.11 -5.53 33.54
CA GLY C 146 -26.64 -5.59 33.61
C GLY C 146 -26.00 -4.23 33.46
N ASP C 147 -24.66 -4.18 33.49
CA ASP C 147 -23.87 -2.92 33.37
C ASP C 147 -23.85 -2.49 31.90
N PHE C 148 -24.11 -1.20 31.65
CA PHE C 148 -24.13 -0.56 30.31
C PHE C 148 -22.97 0.41 30.20
N PRO C 149 -22.04 0.27 29.22
CA PRO C 149 -20.89 1.17 29.09
C PRO C 149 -21.31 2.65 28.91
N MET C 150 -20.77 3.53 29.77
CA MET C 150 -21.07 4.99 29.78
C MET C 150 -19.87 5.76 29.23
N MET C 151 -20.13 6.97 28.70
CA MET C 151 -19.16 7.86 28.02
C MET C 151 -18.55 8.80 29.05
N THR C 152 -17.22 8.93 29.06
CA THR C 152 -16.47 9.84 29.97
C THR C 152 -16.56 11.29 29.45
N GLU C 153 -16.08 12.26 30.24
CA GLU C 153 -16.09 13.70 29.87
C GLU C 153 -15.03 13.97 28.78
N LYS C 154 -14.14 13.00 28.53
CA LYS C 154 -13.24 12.96 27.34
C LYS C 154 -13.97 12.35 26.13
N GLY C 155 -15.30 12.10 26.23
CA GLY C 155 -16.17 11.65 25.13
C GLY C 155 -15.75 10.30 24.57
N THR C 156 -15.25 9.41 25.43
CA THR C 156 -14.73 8.07 25.09
C THR C 156 -15.35 7.03 26.04
N PHE C 157 -15.28 5.76 25.64
CA PHE C 157 -15.63 4.58 26.48
C PHE C 157 -14.34 3.90 26.90
N ILE C 158 -14.35 3.20 28.04
CA ILE C 158 -13.23 2.31 28.49
C ILE C 158 -13.78 0.88 28.52
N ILE C 159 -13.58 0.14 27.43
CA ILE C 159 -14.01 -1.28 27.27
C ILE C 159 -12.80 -2.17 27.60
N ASN C 160 -12.97 -3.11 28.53
CA ASN C 160 -11.98 -4.15 28.92
C ASN C 160 -10.65 -3.46 29.31
N GLY C 161 -10.73 -2.28 29.92
CA GLY C 161 -9.57 -1.47 30.36
C GLY C 161 -8.81 -0.82 29.21
N THR C 162 -9.40 -0.68 28.02
CA THR C 162 -8.83 0.10 26.89
C THR C 162 -9.84 1.18 26.46
N GLU C 163 -9.30 2.35 26.08
CA GLU C 163 -10.04 3.61 25.84
C GLU C 163 -10.52 3.63 24.38
N ARG C 164 -11.72 3.10 24.12
CA ARG C 164 -12.33 2.97 22.77
C ARG C 164 -13.27 4.15 22.49
N VAL C 165 -13.40 4.52 21.21
CA VAL C 165 -14.26 5.64 20.70
C VAL C 165 -15.26 5.06 19.70
N VAL C 166 -16.50 5.56 19.75
CA VAL C 166 -17.56 5.34 18.72
C VAL C 166 -17.53 6.56 17.78
N VAL C 167 -17.11 6.35 16.53
CA VAL C 167 -17.08 7.41 15.47
C VAL C 167 -18.50 7.59 14.93
N SER C 168 -18.88 8.82 14.61
CA SER C 168 -20.21 9.19 14.04
C SER C 168 -20.29 8.68 12.59
N GLN C 169 -21.39 8.01 12.24
CA GLN C 169 -21.59 7.37 10.92
C GLN C 169 -22.51 8.23 10.05
N LEU C 170 -21.99 8.67 8.90
CA LEU C 170 -22.77 9.20 7.75
C LEU C 170 -23.54 8.03 7.12
N VAL C 171 -24.87 8.12 7.08
CA VAL C 171 -25.78 7.16 6.38
C VAL C 171 -26.86 7.96 5.65
N ARG C 172 -27.30 7.46 4.49
CA ARG C 172 -28.47 8.00 3.74
C ARG C 172 -29.71 7.91 4.65
N SER C 173 -30.32 9.05 4.98
CA SER C 173 -31.45 9.17 5.94
C SER C 173 -32.62 8.32 5.47
N PRO C 174 -33.48 7.81 6.38
CA PRO C 174 -34.83 7.43 6.00
C PRO C 174 -35.56 8.67 5.45
N GLY C 175 -36.23 8.52 4.30
CA GLY C 175 -36.87 9.63 3.57
C GLY C 175 -37.16 9.27 2.13
N VAL C 176 -37.63 10.23 1.34
CA VAL C 176 -38.12 10.05 -0.06
C VAL C 176 -37.15 10.76 -1.01
N TYR C 177 -36.44 9.99 -1.84
CA TYR C 177 -35.44 10.46 -2.82
C TYR C 177 -35.99 10.27 -4.24
N PHE C 178 -36.30 11.40 -4.90
CA PHE C 178 -36.66 11.52 -6.33
C PHE C 178 -35.36 11.67 -7.13
N ASP C 179 -35.30 11.06 -8.33
CA ASP C 179 -34.09 11.05 -9.20
C ASP C 179 -34.55 11.03 -10.67
N GLU C 180 -33.72 11.51 -11.59
CA GLU C 180 -33.95 11.49 -13.06
C GLU C 180 -32.76 10.81 -13.75
N THR C 181 -33.00 9.68 -14.42
CA THR C 181 -31.99 8.92 -15.22
C THR C 181 -32.34 9.06 -16.71
N ILE C 182 -31.34 9.38 -17.55
CA ILE C 182 -31.50 9.56 -19.02
C ILE C 182 -31.52 8.16 -19.66
N ASP C 183 -32.50 7.90 -20.52
CA ASP C 183 -32.72 6.57 -21.17
C ASP C 183 -31.68 6.34 -22.27
N LYS C 184 -31.22 5.10 -22.42
CA LYS C 184 -30.25 4.66 -23.47
C LYS C 184 -31.01 4.38 -24.77
N SER C 185 -32.16 3.70 -24.67
CA SER C 185 -33.05 3.33 -25.82
C SER C 185 -33.69 4.60 -26.41
N THR C 186 -34.55 5.26 -25.63
CA THR C 186 -35.33 6.47 -26.03
C THR C 186 -34.57 7.74 -25.59
N GLU C 187 -34.91 8.88 -26.19
CA GLU C 187 -34.39 10.23 -25.82
C GLU C 187 -35.39 10.89 -24.86
N LYS C 188 -35.69 10.21 -23.74
CA LYS C 188 -36.70 10.61 -22.73
C LYS C 188 -36.18 10.27 -21.33
N THR C 189 -36.16 11.25 -20.43
CA THR C 189 -35.70 11.12 -19.01
C THR C 189 -36.70 10.25 -18.23
N LEU C 190 -36.22 9.53 -17.22
CA LEU C 190 -37.00 8.59 -16.37
C LEU C 190 -36.86 9.02 -14.90
N HIS C 191 -38.00 9.37 -14.26
CA HIS C 191 -38.10 9.79 -12.84
C HIS C 191 -38.24 8.55 -11.96
N SER C 192 -37.23 8.24 -11.13
CA SER C 192 -37.21 7.10 -10.18
C SER C 192 -37.23 7.64 -8.74
N VAL C 193 -38.20 7.21 -7.93
CA VAL C 193 -38.31 7.54 -6.47
C VAL C 193 -37.85 6.33 -5.66
N LYS C 194 -37.29 6.55 -4.47
CA LYS C 194 -36.85 5.47 -3.55
C LYS C 194 -37.02 5.89 -2.09
N VAL C 195 -38.06 5.41 -1.40
CA VAL C 195 -38.22 5.53 0.08
C VAL C 195 -37.44 4.36 0.71
N ILE C 196 -36.96 4.55 1.94
CA ILE C 196 -36.13 3.56 2.69
C ILE C 196 -36.41 3.73 4.19
N PRO C 197 -36.91 2.69 4.88
CA PRO C 197 -37.33 2.82 6.28
C PRO C 197 -36.19 2.65 7.30
N GLY C 198 -36.49 2.88 8.57
CA GLY C 198 -35.59 2.61 9.71
C GLY C 198 -35.39 1.11 9.91
N ARG C 199 -36.47 0.34 9.87
CA ARG C 199 -36.47 -1.15 9.91
C ARG C 199 -37.73 -1.68 9.21
N GLY C 200 -37.58 -2.14 7.96
CA GLY C 200 -38.68 -2.68 7.14
C GLY C 200 -38.29 -2.90 5.69
N ALA C 201 -39.26 -3.30 4.86
CA ALA C 201 -39.09 -3.63 3.42
C ALA C 201 -38.95 -2.34 2.59
N TRP C 202 -38.18 -2.41 1.49
CA TRP C 202 -37.97 -1.29 0.54
C TRP C 202 -39.21 -1.13 -0.35
N LEU C 203 -39.86 0.03 -0.31
CA LEU C 203 -40.83 0.50 -1.33
C LEU C 203 -40.10 1.45 -2.28
N GLU C 204 -40.33 1.30 -3.60
CA GLU C 204 -39.68 2.11 -4.66
C GLU C 204 -40.66 2.31 -5.81
N PHE C 205 -40.81 3.55 -6.29
CA PHE C 205 -41.71 3.93 -7.41
C PHE C 205 -40.87 4.28 -8.64
N ASP C 206 -41.28 3.74 -9.80
CA ASP C 206 -40.59 3.86 -11.11
C ASP C 206 -41.64 4.14 -12.20
N VAL C 207 -41.27 4.88 -13.26
CA VAL C 207 -42.19 5.25 -14.38
C VAL C 207 -41.86 4.39 -15.61
N ASP C 208 -42.87 4.17 -16.45
CA ASP C 208 -42.86 3.20 -17.58
C ASP C 208 -43.31 3.91 -18.87
N VAL C 213 -41.38 -2.19 -15.06
CA VAL C 213 -41.53 -2.15 -13.57
C VAL C 213 -42.16 -0.81 -13.18
N GLY C 214 -43.23 -0.84 -12.37
CA GLY C 214 -43.92 0.33 -11.81
C GLY C 214 -43.58 0.53 -10.34
N VAL C 215 -43.83 -0.50 -9.52
CA VAL C 215 -43.52 -0.51 -8.06
C VAL C 215 -42.95 -1.90 -7.67
N ARG C 216 -41.95 -1.91 -6.79
CA ARG C 216 -41.36 -3.11 -6.15
C ARG C 216 -41.53 -3.00 -4.63
N ILE C 217 -41.94 -4.08 -3.97
CA ILE C 217 -42.12 -4.16 -2.49
C ILE C 217 -41.69 -5.56 -2.01
N ASP C 218 -40.58 -5.63 -1.26
CA ASP C 218 -40.00 -6.88 -0.68
C ASP C 218 -39.56 -7.81 -1.81
N ARG C 219 -38.85 -7.27 -2.82
CA ARG C 219 -38.32 -8.00 -4.00
C ARG C 219 -39.49 -8.56 -4.84
N LYS C 220 -40.59 -7.83 -4.95
CA LYS C 220 -41.76 -8.15 -5.83
C LYS C 220 -41.54 -7.43 -7.17
N ARG C 221 -40.73 -8.02 -8.04
CA ARG C 221 -40.23 -7.42 -9.32
C ARG C 221 -41.41 -7.17 -10.27
N ARG C 222 -41.64 -5.89 -10.61
CA ARG C 222 -42.60 -5.43 -11.66
C ARG C 222 -44.05 -5.59 -11.18
N GLN C 223 -44.65 -4.47 -10.72
CA GLN C 223 -46.11 -4.34 -10.47
C GLN C 223 -46.57 -2.95 -10.92
N PRO C 224 -47.83 -2.80 -11.40
CA PRO C 224 -48.37 -1.47 -11.75
C PRO C 224 -48.50 -0.57 -10.51
N VAL C 225 -48.22 0.73 -10.67
CA VAL C 225 -48.16 1.74 -9.58
C VAL C 225 -49.54 1.89 -8.93
N THR C 226 -50.62 1.75 -9.70
CA THR C 226 -52.03 1.93 -9.25
C THR C 226 -52.47 0.80 -8.31
N VAL C 227 -51.90 -0.41 -8.43
CA VAL C 227 -52.38 -1.61 -7.67
C VAL C 227 -52.37 -1.26 -6.16
N LEU C 228 -51.22 -0.83 -5.63
CA LEU C 228 -51.03 -0.54 -4.18
C LEU C 228 -51.97 0.60 -3.75
N LEU C 229 -52.27 1.52 -4.67
CA LEU C 229 -53.29 2.58 -4.47
C LEU C 229 -54.66 1.90 -4.34
N LYS C 230 -55.03 1.05 -5.31
CA LYS C 230 -56.34 0.34 -5.34
C LYS C 230 -56.53 -0.46 -4.05
N ALA C 231 -55.49 -1.20 -3.65
CA ALA C 231 -55.38 -1.98 -2.39
C ALA C 231 -55.65 -1.10 -1.17
N LEU C 232 -55.27 0.19 -1.22
CA LEU C 232 -55.52 1.16 -0.11
C LEU C 232 -57.01 1.54 -0.07
N GLY C 233 -57.79 1.20 -1.11
CA GLY C 233 -59.25 1.40 -1.18
C GLY C 233 -59.58 2.70 -1.91
N TRP C 234 -58.93 2.93 -3.05
CA TRP C 234 -59.05 4.16 -3.88
C TRP C 234 -59.83 3.85 -5.16
N THR C 235 -61.05 4.41 -5.27
CA THR C 235 -61.99 4.20 -6.40
C THR C 235 -61.52 5.02 -7.61
N ASN C 236 -61.93 4.58 -8.82
CA ASN C 236 -61.49 5.10 -10.14
C ASN C 236 -61.45 6.64 -10.13
N GLU C 237 -62.59 7.28 -9.80
CA GLU C 237 -62.75 8.75 -9.81
C GLU C 237 -61.70 9.41 -8.91
N GLN C 238 -61.26 8.76 -7.83
CA GLN C 238 -60.19 9.27 -6.93
C GLN C 238 -58.82 9.12 -7.60
N ILE C 239 -58.61 8.05 -8.40
CA ILE C 239 -57.40 7.90 -9.26
C ILE C 239 -57.39 9.03 -10.29
N VAL C 240 -58.54 9.26 -10.96
CA VAL C 240 -58.70 10.31 -12.01
C VAL C 240 -58.47 11.70 -11.38
N GLU C 241 -59.02 11.95 -10.18
CA GLU C 241 -58.92 13.25 -9.46
C GLU C 241 -57.48 13.44 -8.95
N ARG C 242 -56.95 12.47 -8.19
CA ARG C 242 -55.63 12.56 -7.50
C ARG C 242 -54.50 12.54 -8.53
N PHE C 243 -54.53 11.58 -9.47
CA PHE C 243 -53.49 11.37 -10.51
C PHE C 243 -54.02 11.79 -11.89
N GLY C 244 -54.66 12.96 -11.96
CA GLY C 244 -55.20 13.54 -13.20
C GLY C 244 -54.12 14.10 -14.09
N PHE C 245 -53.22 14.92 -13.53
CA PHE C 245 -52.07 15.56 -14.23
C PHE C 245 -51.05 14.48 -14.63
N SER C 246 -50.28 14.75 -15.70
CA SER C 246 -49.28 13.85 -16.31
C SER C 246 -49.96 12.68 -17.02
N GLU C 247 -49.38 12.20 -18.13
CA GLU C 247 -49.93 11.11 -18.98
C GLU C 247 -49.62 9.76 -18.31
N ILE C 248 -48.77 8.94 -18.95
CA ILE C 248 -48.26 7.59 -18.52
C ILE C 248 -48.93 7.11 -17.22
N MET C 249 -48.87 7.87 -16.13
CA MET C 249 -49.52 7.57 -14.82
C MET C 249 -50.93 7.00 -15.04
N MET C 250 -51.77 7.72 -15.79
CA MET C 250 -53.17 7.29 -16.11
C MET C 250 -53.13 6.01 -16.97
N GLY C 251 -52.18 5.92 -17.90
CA GLY C 251 -51.91 4.73 -18.75
C GLY C 251 -51.38 3.56 -17.93
N THR C 252 -50.67 3.83 -16.83
CA THR C 252 -50.17 2.84 -15.85
C THR C 252 -51.33 2.37 -14.96
N LEU C 253 -52.22 3.29 -14.57
CA LEU C 253 -53.52 2.99 -13.90
C LEU C 253 -54.39 2.14 -14.82
N GLU C 254 -54.36 2.42 -16.14
CA GLU C 254 -55.10 1.65 -17.19
C GLU C 254 -54.46 0.27 -17.38
N LYS C 255 -53.13 0.23 -17.54
CA LYS C 255 -52.35 -1.00 -17.88
C LYS C 255 -52.27 -1.91 -16.65
N ASP C 256 -53.26 -2.81 -16.51
CA ASP C 256 -53.33 -3.83 -15.42
C ASP C 256 -54.51 -4.78 -15.70
N THR C 257 -54.30 -6.08 -15.48
CA THR C 257 -55.34 -7.15 -15.62
C THR C 257 -56.40 -6.99 -14.53
N THR C 258 -55.97 -6.70 -13.30
CA THR C 258 -56.82 -6.52 -12.09
C THR C 258 -57.04 -5.01 -11.84
N SER C 259 -58.11 -4.46 -12.41
CA SER C 259 -58.57 -3.05 -12.23
C SER C 259 -59.35 -2.93 -10.92
N GLY C 260 -60.14 -3.95 -10.57
CA GLY C 260 -60.96 -4.00 -9.34
C GLY C 260 -60.10 -4.07 -8.08
N THR C 261 -60.70 -3.77 -6.91
CA THR C 261 -60.03 -3.66 -5.59
C THR C 261 -59.61 -5.05 -5.10
N ASP C 262 -60.58 -5.92 -4.80
CA ASP C 262 -60.36 -7.32 -4.31
C ASP C 262 -59.39 -8.03 -5.26
N GLU C 263 -59.62 -7.92 -6.57
CA GLU C 263 -58.74 -8.44 -7.66
C GLU C 263 -57.32 -7.92 -7.48
N ALA C 264 -57.15 -6.62 -7.17
CA ALA C 264 -55.84 -5.95 -6.98
C ALA C 264 -55.18 -6.46 -5.68
N LEU C 265 -55.97 -6.65 -4.62
CA LEU C 265 -55.49 -7.25 -3.33
C LEU C 265 -55.01 -8.68 -3.58
N LEU C 266 -55.77 -9.47 -4.33
CA LEU C 266 -55.38 -10.85 -4.75
C LEU C 266 -54.11 -10.80 -5.61
N ASP C 267 -54.05 -9.84 -6.55
CA ASP C 267 -52.90 -9.63 -7.48
C ASP C 267 -51.63 -9.31 -6.67
N ILE C 268 -51.69 -8.31 -5.80
CA ILE C 268 -50.54 -7.86 -4.96
C ILE C 268 -50.23 -8.93 -3.90
N TYR C 269 -51.23 -9.69 -3.45
CA TYR C 269 -51.07 -10.90 -2.58
C TYR C 269 -50.21 -11.94 -3.32
N ARG C 270 -50.60 -12.26 -4.56
CA ARG C 270 -49.89 -13.22 -5.45
C ARG C 270 -48.48 -12.70 -5.78
N LYS C 271 -48.34 -11.40 -6.01
CA LYS C 271 -47.05 -10.72 -6.35
C LYS C 271 -46.12 -10.70 -5.12
N LEU C 272 -46.66 -10.44 -3.93
CA LEU C 272 -45.90 -10.29 -2.66
C LEU C 272 -45.24 -11.62 -2.28
N ARG C 273 -46.02 -12.70 -2.21
CA ARG C 273 -45.56 -14.08 -1.90
C ARG C 273 -46.26 -15.06 -2.84
N PRO C 274 -45.51 -15.86 -3.66
CA PRO C 274 -46.14 -16.84 -4.55
C PRO C 274 -46.71 -18.04 -3.77
N GLY C 275 -46.02 -18.49 -2.71
CA GLY C 275 -46.46 -19.56 -1.80
C GLY C 275 -47.50 -19.07 -0.80
N GLU C 276 -48.14 -20.01 -0.10
CA GLU C 276 -49.22 -19.77 0.92
C GLU C 276 -50.54 -19.47 0.20
N PRO C 277 -51.69 -20.03 0.65
CA PRO C 277 -52.99 -19.69 0.06
C PRO C 277 -53.34 -18.21 0.18
N PRO C 278 -53.50 -17.46 -0.94
CA PRO C 278 -53.81 -16.04 -0.89
C PRO C 278 -55.32 -15.77 -0.75
N THR C 279 -55.72 -15.25 0.42
CA THR C 279 -57.10 -14.78 0.74
C THR C 279 -57.12 -13.25 0.77
N LYS C 280 -58.24 -12.63 0.37
CA LYS C 280 -58.43 -11.16 0.32
C LYS C 280 -58.25 -10.57 1.72
N GLU C 281 -58.86 -11.20 2.73
CA GLU C 281 -58.77 -10.81 4.16
C GLU C 281 -57.31 -10.86 4.63
N SER C 282 -56.60 -11.94 4.29
CA SER C 282 -55.16 -12.17 4.63
C SER C 282 -54.28 -11.13 3.94
N ALA C 283 -54.52 -10.88 2.64
CA ALA C 283 -53.78 -9.94 1.77
C ALA C 283 -53.77 -8.54 2.40
N GLN C 284 -54.95 -8.02 2.73
CA GLN C 284 -55.15 -6.67 3.34
C GLN C 284 -54.39 -6.58 4.67
N THR C 285 -54.54 -7.60 5.53
CA THR C 285 -53.89 -7.67 6.87
C THR C 285 -52.37 -7.75 6.72
N LEU C 286 -51.86 -8.51 5.74
CA LEU C 286 -50.38 -8.64 5.49
C LEU C 286 -49.84 -7.33 4.88
N LEU C 287 -50.59 -6.71 3.96
CA LEU C 287 -50.27 -5.36 3.39
C LEU C 287 -50.18 -4.34 4.54
N GLU C 288 -51.24 -4.28 5.35
CA GLU C 288 -51.39 -3.34 6.51
C GLU C 288 -50.43 -3.71 7.65
N ASN C 289 -49.90 -4.95 7.69
CA ASN C 289 -48.86 -5.39 8.66
C ASN C 289 -47.47 -5.01 8.13
N LEU C 290 -47.28 -5.09 6.80
CA LEU C 290 -45.97 -4.89 6.12
C LEU C 290 -45.70 -3.40 5.90
N PHE C 291 -46.74 -2.55 5.73
CA PHE C 291 -46.55 -1.11 5.39
C PHE C 291 -47.36 -0.14 6.25
N PHE C 292 -48.24 -0.62 7.15
CA PHE C 292 -49.06 0.23 8.07
C PHE C 292 -48.68 -0.01 9.54
N LYS C 293 -48.39 -1.26 9.92
CA LYS C 293 -48.11 -1.68 11.33
C LYS C 293 -46.78 -1.05 11.79
N GLU C 294 -46.77 -0.46 12.99
CA GLU C 294 -45.65 0.34 13.55
C GLU C 294 -44.51 -0.59 14.01
N LYS C 295 -44.83 -1.74 14.59
CA LYS C 295 -43.86 -2.68 15.21
C LYS C 295 -43.07 -3.42 14.11
N ARG C 296 -43.78 -4.03 13.16
CA ARG C 296 -43.20 -4.86 12.06
C ARG C 296 -42.34 -3.98 11.14
N TYR C 297 -42.92 -2.89 10.64
CA TYR C 297 -42.30 -1.91 9.70
C TYR C 297 -42.18 -0.55 10.41
N ASP C 298 -40.97 0.03 10.43
CA ASP C 298 -40.64 1.23 11.24
C ASP C 298 -39.89 2.26 10.37
N LEU C 299 -40.54 3.41 10.11
CA LEU C 299 -39.91 4.67 9.65
C LEU C 299 -39.79 5.61 10.85
N ALA C 300 -38.56 5.93 11.27
CA ALA C 300 -38.24 6.71 12.49
C ALA C 300 -38.71 8.17 12.32
N ARG C 301 -38.65 8.93 13.42
CA ARG C 301 -39.05 10.37 13.48
C ARG C 301 -38.30 11.15 12.40
N VAL C 302 -37.01 10.84 12.16
CA VAL C 302 -36.19 11.39 11.04
C VAL C 302 -36.92 11.13 9.71
N GLY C 303 -37.34 9.88 9.46
CA GLY C 303 -38.00 9.46 8.22
C GLY C 303 -39.35 10.15 8.06
N ARG C 304 -40.22 10.01 9.07
CA ARG C 304 -41.54 10.67 9.15
C ARG C 304 -41.38 12.16 8.88
N TYR C 305 -40.51 12.84 9.65
CA TYR C 305 -40.19 14.30 9.53
C TYR C 305 -39.73 14.63 8.11
N LYS C 306 -38.81 13.82 7.56
CA LYS C 306 -38.19 14.07 6.22
C LYS C 306 -39.27 13.94 5.13
N VAL C 307 -40.01 12.82 5.09
CA VAL C 307 -41.08 12.60 4.08
C VAL C 307 -42.15 13.69 4.26
N ASN C 308 -42.51 14.00 5.52
CA ASN C 308 -43.50 15.04 5.89
C ASN C 308 -43.07 16.39 5.33
N LYS C 309 -41.83 16.83 5.59
CA LYS C 309 -41.32 18.17 5.19
C LYS C 309 -41.05 18.20 3.67
N LYS C 310 -40.57 17.10 3.08
CA LYS C 310 -40.20 17.03 1.64
C LYS C 310 -41.48 16.97 0.78
N LEU C 311 -42.45 16.13 1.17
CA LEU C 311 -43.80 16.08 0.53
C LEU C 311 -44.55 17.38 0.84
N GLY C 312 -44.34 17.95 2.02
CA GLY C 312 -44.93 19.23 2.49
C GLY C 312 -46.06 19.03 3.50
N LEU C 313 -46.46 17.77 3.76
CA LEU C 313 -47.64 17.42 4.59
C LEU C 313 -47.23 17.32 6.07
N ASN C 314 -48.22 17.30 6.97
CA ASN C 314 -48.04 17.25 8.46
C ASN C 314 -47.18 18.43 8.92
N ALA C 315 -47.44 19.62 8.36
CA ALA C 315 -46.73 20.89 8.70
C ALA C 315 -47.31 21.43 10.02
N GLY C 316 -46.55 21.31 11.11
CA GLY C 316 -47.00 21.58 12.49
C GLY C 316 -47.60 20.35 13.13
N LYS C 317 -46.91 19.20 12.99
CA LYS C 317 -47.30 17.88 13.57
C LYS C 317 -46.19 17.38 14.48
N PRO C 318 -46.49 16.81 15.67
CA PRO C 318 -45.45 16.35 16.60
C PRO C 318 -44.76 15.05 16.18
N ILE C 319 -43.86 14.55 17.02
CA ILE C 319 -43.09 13.29 16.82
C ILE C 319 -43.96 12.08 17.23
N THR C 320 -43.38 10.87 17.19
CA THR C 320 -44.04 9.58 17.51
C THR C 320 -45.07 9.24 16.42
N SER C 321 -44.73 9.51 15.15
CA SER C 321 -45.55 9.19 13.96
C SER C 321 -45.27 7.74 13.52
N SER C 322 -46.08 7.23 12.58
CA SER C 322 -46.06 5.84 12.08
C SER C 322 -45.60 5.79 10.62
N THR C 323 -45.71 4.62 9.98
CA THR C 323 -45.32 4.36 8.56
C THR C 323 -46.21 5.14 7.59
N LEU C 324 -45.73 5.35 6.36
CA LEU C 324 -46.47 6.01 5.25
C LEU C 324 -47.59 5.07 4.77
N THR C 325 -48.78 5.19 5.38
CA THR C 325 -49.96 4.30 5.15
C THR C 325 -50.56 4.58 3.77
N GLU C 326 -51.02 5.82 3.55
CA GLU C 326 -51.77 6.23 2.32
C GLU C 326 -51.47 7.70 1.98
N GLU C 327 -51.78 8.62 2.91
CA GLU C 327 -51.72 10.10 2.72
C GLU C 327 -50.37 10.52 2.10
N ASP C 328 -49.27 9.87 2.50
CA ASP C 328 -47.90 10.11 1.95
C ASP C 328 -47.86 9.68 0.48
N VAL C 329 -48.31 8.46 0.18
CA VAL C 329 -48.19 7.81 -1.16
C VAL C 329 -48.80 8.74 -2.22
N VAL C 330 -50.01 9.26 -1.94
CA VAL C 330 -50.74 10.25 -2.79
C VAL C 330 -49.80 11.44 -3.06
N ALA C 331 -49.15 11.96 -2.00
CA ALA C 331 -48.25 13.12 -2.07
C ALA C 331 -47.02 12.79 -2.92
N THR C 332 -46.45 11.59 -2.76
CA THR C 332 -45.26 11.11 -3.54
C THR C 332 -45.63 10.97 -5.01
N ILE C 333 -46.74 10.27 -5.32
CA ILE C 333 -47.19 10.08 -6.74
C ILE C 333 -47.57 11.43 -7.35
N GLU C 334 -48.20 12.33 -6.56
CA GLU C 334 -48.53 13.73 -6.98
C GLU C 334 -47.24 14.49 -7.30
N TYR C 335 -46.24 14.39 -6.41
CA TYR C 335 -44.90 15.04 -6.53
C TYR C 335 -44.19 14.53 -7.79
N LEU C 336 -44.19 13.21 -8.00
CA LEU C 336 -43.67 12.54 -9.23
C LEU C 336 -44.39 13.09 -10.46
N VAL C 337 -45.73 13.05 -10.42
CA VAL C 337 -46.64 13.54 -11.50
C VAL C 337 -46.30 15.00 -11.85
N ARG C 338 -46.08 15.85 -10.84
CA ARG C 338 -45.69 17.27 -11.03
C ARG C 338 -44.26 17.35 -11.60
N LEU C 339 -43.35 16.50 -11.09
CA LEU C 339 -41.95 16.36 -11.58
C LEU C 339 -41.96 16.04 -13.08
N HIS C 340 -42.89 15.19 -13.53
CA HIS C 340 -43.14 14.93 -14.98
C HIS C 340 -43.81 16.14 -15.65
N GLU C 341 -44.82 16.73 -14.99
CA GLU C 341 -45.62 17.89 -15.49
C GLU C 341 -44.69 19.05 -15.88
N GLY C 342 -43.70 19.35 -15.03
CA GLY C 342 -42.67 20.37 -15.29
C GLY C 342 -43.08 21.73 -14.76
N GLN C 343 -43.56 21.78 -13.52
CA GLN C 343 -43.96 23.02 -12.79
C GLN C 343 -43.54 22.87 -11.32
N THR C 344 -42.57 23.68 -10.88
CA THR C 344 -41.94 23.62 -9.52
C THR C 344 -42.98 23.97 -8.45
N SER C 345 -43.79 25.01 -8.68
CA SER C 345 -44.85 25.52 -7.76
C SER C 345 -45.96 24.47 -7.62
N MET C 346 -46.14 23.91 -6.42
CA MET C 346 -47.10 22.81 -6.10
C MET C 346 -47.74 23.08 -4.73
N THR C 347 -49.02 22.72 -4.58
CA THR C 347 -49.77 22.69 -3.30
C THR C 347 -50.62 21.42 -3.25
N VAL C 348 -50.46 20.59 -2.20
CA VAL C 348 -51.20 19.31 -1.99
C VAL C 348 -52.35 19.56 -1.02
N PRO C 349 -53.54 18.94 -1.23
CA PRO C 349 -54.68 19.14 -0.32
C PRO C 349 -54.42 18.54 1.06
N GLY C 350 -54.54 19.36 2.11
CA GLY C 350 -54.22 19.01 3.51
C GLY C 350 -52.73 18.91 3.75
N GLY C 351 -51.94 19.79 3.10
CA GLY C 351 -50.47 19.85 3.23
C GLY C 351 -49.91 21.19 2.78
N VAL C 352 -48.77 21.60 3.35
CA VAL C 352 -48.06 22.86 3.03
C VAL C 352 -47.44 22.74 1.62
N GLU C 353 -47.31 23.88 0.92
CA GLU C 353 -46.78 23.96 -0.47
C GLU C 353 -45.25 23.83 -0.43
N VAL C 354 -44.71 22.79 -1.08
CA VAL C 354 -43.24 22.54 -1.23
C VAL C 354 -42.87 22.61 -2.71
N PRO C 355 -41.62 22.98 -3.06
CA PRO C 355 -41.18 23.03 -4.46
C PRO C 355 -40.96 21.62 -5.03
N VAL C 356 -41.16 21.45 -6.33
CA VAL C 356 -41.03 20.14 -7.05
C VAL C 356 -39.73 20.14 -7.85
N GLU C 357 -38.74 19.34 -7.41
CA GLU C 357 -37.45 19.11 -8.12
C GLU C 357 -36.94 17.70 -7.81
N VAL C 358 -35.83 17.30 -8.45
CA VAL C 358 -35.10 16.03 -8.17
C VAL C 358 -34.38 16.18 -6.82
N ASP C 359 -34.24 15.07 -6.08
CA ASP C 359 -33.58 15.02 -4.75
C ASP C 359 -32.16 14.47 -4.91
N ASP C 360 -31.17 15.18 -4.37
CA ASP C 360 -29.73 14.83 -4.46
C ASP C 360 -29.34 14.02 -3.21
N ILE C 361 -28.80 12.81 -3.39
CA ILE C 361 -28.37 11.90 -2.28
C ILE C 361 -27.13 12.47 -1.59
N ASP C 362 -26.32 13.28 -2.29
CA ASP C 362 -25.06 13.88 -1.76
C ASP C 362 -25.38 15.08 -0.86
N HIS C 363 -26.55 15.72 -1.02
CA HIS C 363 -26.97 16.94 -0.28
C HIS C 363 -27.24 16.58 1.20
N PHE C 364 -26.62 17.33 2.12
CA PHE C 364 -26.55 17.04 3.58
C PHE C 364 -27.91 17.29 4.26
N GLY C 365 -28.84 17.97 3.58
CA GLY C 365 -30.26 17.99 3.96
C GLY C 365 -30.89 16.59 3.90
N ASN C 366 -30.34 15.72 3.04
CA ASN C 366 -30.83 14.34 2.78
C ASN C 366 -29.93 13.31 3.47
N ARG C 367 -28.62 13.56 3.56
CA ARG C 367 -27.66 12.72 4.34
C ARG C 367 -27.74 13.10 5.82
N ARG C 368 -28.31 12.23 6.65
CA ARG C 368 -28.31 12.36 8.13
C ARG C 368 -26.95 11.88 8.66
N LEU C 369 -26.73 12.05 9.96
CA LEU C 369 -25.54 11.56 10.70
C LEU C 369 -25.99 10.79 11.95
N ARG C 370 -25.84 9.47 11.93
CA ARG C 370 -26.17 8.59 13.08
C ARG C 370 -24.95 8.55 14.01
N THR C 371 -25.13 8.95 15.26
CA THR C 371 -24.05 9.21 16.26
C THR C 371 -24.12 8.16 17.38
N VAL C 372 -23.10 8.16 18.24
CA VAL C 372 -22.84 7.17 19.33
C VAL C 372 -24.17 6.72 19.95
N GLY C 373 -24.98 7.68 20.38
CA GLY C 373 -26.31 7.47 20.99
C GLY C 373 -27.17 6.54 20.15
N GLU C 374 -27.42 6.92 18.90
CA GLU C 374 -28.27 6.15 17.94
C GLU C 374 -27.60 4.81 17.60
N LEU C 375 -26.28 4.82 17.36
CA LEU C 375 -25.49 3.62 16.97
C LEU C 375 -25.52 2.59 18.11
N ILE C 376 -25.58 3.04 19.36
CA ILE C 376 -25.82 2.18 20.56
C ILE C 376 -27.30 1.77 20.58
N GLN C 377 -28.20 2.76 20.43
CA GLN C 377 -29.69 2.60 20.46
C GLN C 377 -30.12 1.48 19.51
N ASN C 378 -29.52 1.39 18.32
CA ASN C 378 -29.77 0.31 17.32
C ASN C 378 -29.42 -1.05 17.91
N GLN C 379 -28.29 -1.17 18.60
CA GLN C 379 -27.80 -2.44 19.17
C GLN C 379 -28.64 -2.80 20.40
N ILE C 380 -29.04 -1.79 21.19
CA ILE C 380 -30.04 -1.96 22.30
C ILE C 380 -31.35 -2.49 21.68
N ARG C 381 -31.81 -1.90 20.57
CA ARG C 381 -33.03 -2.30 19.83
C ARG C 381 -32.91 -3.76 19.37
N VAL C 382 -31.83 -4.10 18.67
CA VAL C 382 -31.58 -5.48 18.12
C VAL C 382 -31.50 -6.47 19.29
N GLY C 383 -30.77 -6.11 20.36
CA GLY C 383 -30.66 -6.90 21.60
C GLY C 383 -32.02 -7.14 22.24
N LEU C 384 -32.84 -6.08 22.34
CA LEU C 384 -34.21 -6.11 22.92
C LEU C 384 -35.16 -6.94 22.02
N SER C 385 -34.98 -6.88 20.70
CA SER C 385 -35.70 -7.72 19.71
C SER C 385 -35.29 -9.19 19.89
N ARG C 386 -33.98 -9.44 20.06
CA ARG C 386 -33.40 -10.76 20.43
C ARG C 386 -34.00 -11.24 21.76
N MET C 387 -34.24 -10.32 22.70
CA MET C 387 -34.85 -10.60 24.04
C MET C 387 -36.35 -10.90 23.88
N GLU C 388 -37.05 -10.17 23.01
CA GLU C 388 -38.53 -10.24 22.80
C GLU C 388 -38.96 -11.66 22.45
N ARG C 389 -38.20 -12.35 21.58
CA ARG C 389 -38.46 -13.76 21.17
C ARG C 389 -38.36 -14.67 22.39
N VAL C 390 -37.25 -14.56 23.15
CA VAL C 390 -36.94 -15.35 24.37
C VAL C 390 -38.03 -15.11 25.41
N VAL C 391 -38.49 -13.86 25.55
CA VAL C 391 -39.64 -13.46 26.42
C VAL C 391 -40.91 -14.16 25.91
N ARG C 392 -41.20 -14.03 24.60
CA ARG C 392 -42.38 -14.62 23.91
C ARG C 392 -42.43 -16.13 24.13
N GLU C 393 -41.28 -16.81 24.11
CA GLU C 393 -41.16 -18.25 24.46
C GLU C 393 -41.38 -18.43 25.97
N ARG C 394 -40.58 -17.72 26.78
CA ARG C 394 -40.53 -17.82 28.27
C ARG C 394 -41.94 -17.73 28.87
N MET C 395 -42.69 -16.68 28.50
CA MET C 395 -44.08 -16.44 29.00
C MET C 395 -45.03 -17.51 28.45
N THR C 396 -44.69 -18.13 27.29
CA THR C 396 -45.45 -19.25 26.68
C THR C 396 -45.24 -20.52 27.51
N THR C 397 -43.98 -20.85 27.86
CA THR C 397 -43.60 -22.09 28.59
C THR C 397 -43.95 -21.97 30.08
N GLN C 398 -43.73 -20.80 30.70
CA GLN C 398 -43.92 -20.59 32.16
C GLN C 398 -45.41 -20.53 32.50
N ASP C 399 -45.75 -20.72 33.79
CA ASP C 399 -47.13 -20.77 34.33
C ASP C 399 -47.77 -19.38 34.25
N VAL C 400 -49.10 -19.31 34.25
CA VAL C 400 -49.90 -18.06 34.12
C VAL C 400 -50.06 -17.44 35.51
N GLU C 401 -49.65 -16.17 35.66
CA GLU C 401 -49.73 -15.34 36.90
C GLU C 401 -48.51 -15.63 37.79
N ALA C 402 -48.31 -16.90 38.17
CA ALA C 402 -47.13 -17.38 38.94
C ALA C 402 -45.96 -17.59 37.97
N ILE C 403 -45.36 -16.48 37.51
CA ILE C 403 -44.20 -16.44 36.58
C ILE C 403 -43.16 -15.43 37.12
N THR C 404 -43.58 -14.18 37.38
CA THR C 404 -42.75 -13.06 37.89
C THR C 404 -41.75 -12.64 36.81
N PRO C 405 -41.94 -11.48 36.12
CA PRO C 405 -41.06 -11.08 35.03
C PRO C 405 -39.62 -10.79 35.48
N GLN C 406 -39.45 -10.34 36.73
CA GLN C 406 -38.14 -10.23 37.42
C GLN C 406 -37.52 -11.62 37.58
N THR C 407 -38.35 -12.64 37.87
CA THR C 407 -37.94 -14.06 37.99
C THR C 407 -37.52 -14.60 36.62
N LEU C 408 -38.39 -14.49 35.61
CA LEU C 408 -38.16 -15.01 34.24
C LEU C 408 -37.92 -13.85 33.27
N ILE C 409 -36.63 -13.54 33.02
CA ILE C 409 -36.15 -12.51 32.04
C ILE C 409 -34.71 -12.88 31.66
N ASN C 410 -34.40 -12.89 30.36
CA ASN C 410 -33.05 -13.22 29.82
C ASN C 410 -32.24 -11.93 29.67
N ILE C 411 -31.10 -11.85 30.37
CA ILE C 411 -30.17 -10.68 30.37
C ILE C 411 -29.20 -10.78 29.20
N ARG C 412 -28.88 -12.01 28.76
CA ARG C 412 -27.86 -12.35 27.73
C ARG C 412 -28.03 -11.53 26.44
N PRO C 413 -29.19 -11.59 25.74
CA PRO C 413 -29.28 -11.08 24.36
C PRO C 413 -29.06 -9.57 24.18
N VAL C 414 -29.16 -8.77 25.25
CA VAL C 414 -28.89 -7.30 25.23
C VAL C 414 -27.41 -7.08 25.55
N VAL C 415 -26.93 -7.58 26.69
CA VAL C 415 -25.51 -7.45 27.16
C VAL C 415 -24.59 -8.01 26.06
N ALA C 416 -25.00 -9.10 25.40
CA ALA C 416 -24.33 -9.68 24.20
C ALA C 416 -24.34 -8.66 23.05
N ALA C 417 -25.51 -8.07 22.76
CA ALA C 417 -25.73 -7.12 21.63
C ALA C 417 -24.88 -5.86 21.83
N ILE C 418 -24.68 -5.43 23.08
CA ILE C 418 -23.82 -4.26 23.46
C ILE C 418 -22.35 -4.70 23.42
N LYS C 419 -21.99 -5.74 24.18
CA LYS C 419 -20.61 -6.28 24.26
C LYS C 419 -20.05 -6.58 22.86
N GLU C 420 -20.90 -7.04 21.95
CA GLU C 420 -20.55 -7.39 20.54
C GLU C 420 -20.45 -6.13 19.67
N PHE C 421 -21.06 -5.00 20.07
CA PHE C 421 -20.93 -3.70 19.36
C PHE C 421 -19.52 -3.14 19.58
N PHE C 422 -19.05 -3.14 20.82
CA PHE C 422 -17.69 -2.68 21.22
C PHE C 422 -16.67 -3.82 21.05
N GLY C 423 -17.14 -5.05 20.84
CA GLY C 423 -16.31 -6.24 20.53
C GLY C 423 -16.30 -6.55 19.04
N THR C 424 -15.34 -5.98 18.30
CA THR C 424 -14.90 -6.34 16.92
C THR C 424 -15.58 -5.50 15.83
N SER C 425 -16.68 -4.78 16.13
CA SER C 425 -17.46 -4.02 15.11
C SER C 425 -16.66 -2.77 14.68
N GLN C 426 -16.70 -2.46 13.37
CA GLN C 426 -15.84 -1.44 12.70
C GLN C 426 -16.11 -0.03 13.25
N LEU C 427 -17.36 0.27 13.61
CA LEU C 427 -17.79 1.64 14.05
C LEU C 427 -17.36 1.91 15.50
N SER C 428 -16.97 0.89 16.27
CA SER C 428 -16.36 1.03 17.62
C SER C 428 -14.83 0.87 17.50
N GLN C 429 -14.13 2.00 17.31
CA GLN C 429 -12.68 2.02 16.98
C GLN C 429 -11.85 2.25 18.25
N PHE C 430 -10.58 1.84 18.24
CA PHE C 430 -9.54 2.26 19.22
C PHE C 430 -9.31 3.76 19.06
N MET C 431 -9.40 4.51 20.17
CA MET C 431 -9.15 5.98 20.21
C MET C 431 -7.73 6.26 19.72
N ASP C 432 -7.58 7.23 18.81
CA ASP C 432 -6.26 7.67 18.28
C ASP C 432 -5.60 8.56 19.34
N GLN C 433 -4.71 7.96 20.16
CA GLN C 433 -3.99 8.64 21.27
C GLN C 433 -2.52 8.89 20.88
N ASN C 434 -2.27 9.27 19.62
CA ASN C 434 -0.98 9.85 19.17
C ASN C 434 -0.80 11.23 19.83
N ASN C 435 -1.92 11.89 20.14
CA ASN C 435 -1.97 13.20 20.87
C ASN C 435 -3.42 13.49 21.24
N PRO C 436 -3.71 14.54 22.06
CA PRO C 436 -5.07 15.06 22.20
C PRO C 436 -5.79 15.25 20.86
N LEU C 437 -5.24 16.07 19.96
CA LEU C 437 -5.86 16.49 18.67
C LEU C 437 -6.31 15.24 17.89
N SER C 438 -5.43 14.24 17.79
CA SER C 438 -5.71 12.92 17.15
C SER C 438 -7.00 12.33 17.76
N GLY C 439 -7.07 12.31 19.10
CA GLY C 439 -8.27 11.88 19.85
C GLY C 439 -9.48 12.72 19.50
N LEU C 440 -9.34 14.05 19.56
CA LEU C 440 -10.43 15.03 19.32
C LEU C 440 -11.00 14.85 17.90
N THR C 441 -10.13 14.72 16.89
CA THR C 441 -10.50 14.44 15.47
C THR C 441 -11.12 13.05 15.36
N HIS C 442 -10.55 12.05 16.05
CA HIS C 442 -11.04 10.64 16.06
C HIS C 442 -12.46 10.60 16.62
N LYS C 443 -12.76 11.41 17.63
CA LYS C 443 -14.12 11.50 18.27
C LYS C 443 -15.03 12.44 17.47
N ARG C 444 -14.46 13.43 16.76
CA ARG C 444 -15.18 14.38 15.88
C ARG C 444 -15.10 13.88 14.43
N ARG C 445 -15.30 12.59 14.22
CA ARG C 445 -15.10 11.87 12.93
C ARG C 445 -16.46 11.58 12.28
N LEU C 446 -16.53 11.69 10.95
CA LEU C 446 -17.70 11.27 10.13
C LEU C 446 -17.26 10.10 9.22
N SER C 447 -17.66 8.87 9.57
CA SER C 447 -17.35 7.63 8.79
C SER C 447 -18.53 7.28 7.88
N ALA C 448 -18.26 7.05 6.59
CA ALA C 448 -19.27 6.64 5.57
C ALA C 448 -19.27 5.11 5.42
N LEU C 449 -18.22 4.41 5.87
CA LEU C 449 -18.08 2.93 5.77
C LEU C 449 -18.60 2.27 7.06
N GLY C 450 -18.85 0.95 6.99
CA GLY C 450 -19.19 0.09 8.14
C GLY C 450 -20.57 -0.55 7.99
N PRO C 451 -21.08 -1.24 9.04
CA PRO C 451 -22.41 -1.85 9.01
C PRO C 451 -23.53 -0.80 9.01
N GLY C 452 -24.41 -0.86 8.01
CA GLY C 452 -25.54 0.08 7.81
C GLY C 452 -25.28 1.11 6.73
N GLY C 453 -24.00 1.37 6.41
CA GLY C 453 -23.57 2.31 5.35
C GLY C 453 -23.23 1.59 4.06
N LEU C 454 -22.16 2.02 3.38
CA LEU C 454 -21.65 1.43 2.10
C LEU C 454 -20.26 0.84 2.35
N SER C 455 -20.01 -0.38 1.83
CA SER C 455 -18.69 -1.08 1.90
C SER C 455 -17.65 -0.30 1.09
N ARG C 456 -16.38 -0.37 1.50
CA ARG C 456 -15.24 0.42 0.94
C ARG C 456 -15.07 0.09 -0.55
N GLU C 457 -15.19 -1.19 -0.92
CA GLU C 457 -15.08 -1.68 -2.32
C GLU C 457 -16.34 -1.29 -3.11
N ARG C 458 -17.52 -1.46 -2.52
CA ARG C 458 -18.85 -1.23 -3.16
C ARG C 458 -19.04 0.27 -3.44
N ALA C 459 -18.57 1.14 -2.54
CA ALA C 459 -18.66 2.62 -2.65
C ALA C 459 -17.97 3.10 -3.94
N GLY C 460 -18.71 3.84 -4.78
CA GLY C 460 -18.23 4.35 -6.07
C GLY C 460 -17.33 5.58 -5.91
N LEU C 461 -17.07 6.28 -7.01
CA LEU C 461 -16.20 7.49 -7.07
C LEU C 461 -17.02 8.76 -6.81
N GLU C 462 -18.35 8.70 -6.97
CA GLU C 462 -19.28 9.84 -6.82
C GLU C 462 -19.47 10.21 -5.34
N VAL C 463 -19.60 9.20 -4.47
CA VAL C 463 -19.89 9.36 -3.01
C VAL C 463 -18.71 10.06 -2.31
N ARG C 464 -17.48 9.81 -2.76
CA ARG C 464 -16.22 10.20 -2.07
C ARG C 464 -15.97 11.71 -2.23
N ASP C 465 -16.28 12.27 -3.41
CA ASP C 465 -16.04 13.70 -3.76
C ASP C 465 -16.82 14.61 -2.80
N VAL C 466 -16.21 15.74 -2.42
CA VAL C 466 -16.85 16.82 -1.60
C VAL C 466 -18.04 17.39 -2.38
N HIS C 467 -19.07 17.81 -1.64
CA HIS C 467 -20.36 18.36 -2.14
C HIS C 467 -20.58 19.72 -1.49
N PRO C 468 -21.10 20.75 -2.21
CA PRO C 468 -21.22 22.09 -1.63
C PRO C 468 -21.92 22.17 -0.27
N SER C 469 -22.81 21.21 0.04
CA SER C 469 -23.54 21.11 1.34
C SER C 469 -22.61 20.73 2.50
N HIS C 470 -21.47 20.08 2.21
CA HIS C 470 -20.41 19.72 3.21
C HIS C 470 -19.96 20.95 4.00
N TYR C 471 -19.93 22.12 3.35
CA TYR C 471 -19.46 23.42 3.89
C TYR C 471 -20.04 23.66 5.29
N GLY C 472 -19.15 23.91 6.25
CA GLY C 472 -19.49 24.15 7.66
C GLY C 472 -20.12 22.94 8.34
N ARG C 473 -19.92 21.73 7.81
CA ARG C 473 -20.48 20.47 8.37
C ARG C 473 -19.40 19.39 8.40
N MET C 474 -18.89 18.99 7.23
CA MET C 474 -17.78 18.00 7.09
C MET C 474 -16.58 18.70 6.49
N CYS C 475 -15.38 18.43 7.02
CA CYS C 475 -14.09 19.05 6.59
C CYS C 475 -13.79 18.67 5.14
N PRO C 476 -13.77 19.63 4.19
CA PRO C 476 -13.42 19.35 2.80
C PRO C 476 -11.90 19.28 2.55
N ILE C 477 -11.09 19.31 3.62
CA ILE C 477 -9.62 19.11 3.59
C ILE C 477 -9.30 17.75 4.22
N GLU C 478 -9.61 17.56 5.51
CA GLU C 478 -9.18 16.38 6.32
C GLU C 478 -9.84 15.10 5.80
N THR C 479 -9.03 14.04 5.64
CA THR C 479 -9.45 12.66 5.27
C THR C 479 -8.20 11.76 5.28
N PRO C 480 -8.31 10.44 5.56
CA PRO C 480 -7.21 9.51 5.34
C PRO C 480 -6.70 9.49 3.89
N GLU C 481 -5.41 9.18 3.70
CA GLU C 481 -4.70 9.16 2.39
C GLU C 481 -4.79 7.78 1.74
N GLY C 482 -5.34 6.78 2.42
CA GLY C 482 -5.33 5.36 1.99
C GLY C 482 -6.40 5.06 0.95
N PRO C 483 -7.06 3.88 0.99
CA PRO C 483 -8.20 3.60 0.12
C PRO C 483 -9.51 4.30 0.51
N ASN C 484 -9.53 5.05 1.63
CA ASN C 484 -10.74 5.67 2.23
C ASN C 484 -10.75 7.19 1.97
N ILE C 485 -10.10 7.66 0.89
CA ILE C 485 -10.01 9.11 0.53
C ILE C 485 -11.42 9.62 0.23
N GLY C 486 -11.85 10.67 0.94
CA GLY C 486 -13.18 11.30 0.76
C GLY C 486 -14.29 10.57 1.51
N LEU C 487 -14.03 9.36 2.01
CA LEU C 487 -15.03 8.48 2.65
C LEU C 487 -15.14 8.85 4.14
N ILE C 488 -14.02 8.76 4.86
CA ILE C 488 -13.91 9.18 6.30
C ILE C 488 -13.58 10.67 6.33
N GLY C 489 -14.58 11.50 6.61
CA GLY C 489 -14.41 12.94 6.90
C GLY C 489 -14.31 13.19 8.39
N SER C 490 -14.09 14.44 8.78
CA SER C 490 -14.15 14.94 10.19
C SER C 490 -15.17 16.07 10.28
N LEU C 491 -16.00 16.05 11.34
CA LEU C 491 -17.08 17.04 11.57
C LEU C 491 -16.43 18.40 11.87
N SER C 492 -16.95 19.47 11.26
CA SER C 492 -16.32 20.82 11.20
C SER C 492 -16.50 21.55 12.54
N VAL C 493 -15.45 22.26 12.97
CA VAL C 493 -15.30 22.86 14.34
C VAL C 493 -16.65 23.29 14.91
N TYR C 494 -17.42 24.12 14.19
CA TYR C 494 -18.61 24.85 14.72
C TYR C 494 -19.89 24.00 14.57
N ALA C 495 -19.90 22.96 13.74
CA ALA C 495 -21.09 22.13 13.44
C ALA C 495 -21.54 21.37 14.70
N ARG C 496 -22.86 21.15 14.85
CA ARG C 496 -23.44 20.36 15.99
C ARG C 496 -24.55 19.44 15.47
N VAL C 497 -24.74 18.30 16.13
CA VAL C 497 -25.71 17.22 15.76
C VAL C 497 -27.05 17.48 16.47
N ASN C 498 -28.16 17.38 15.74
CA ASN C 498 -29.55 17.54 16.27
C ASN C 498 -30.01 16.24 16.91
N PRO C 499 -31.00 16.29 17.85
CA PRO C 499 -31.60 15.08 18.42
C PRO C 499 -32.06 14.07 17.36
N PHE C 500 -32.68 14.56 16.28
CA PHE C 500 -33.02 13.78 15.05
C PHE C 500 -31.78 13.00 14.59
N GLY C 501 -30.65 13.71 14.46
CA GLY C 501 -29.38 13.20 13.91
C GLY C 501 -29.06 13.83 12.57
N PHE C 502 -29.18 15.16 12.47
CA PHE C 502 -28.74 15.99 11.32
C PHE C 502 -27.66 16.96 11.79
N ILE C 503 -26.77 17.36 10.88
CA ILE C 503 -25.59 18.23 11.17
C ILE C 503 -25.99 19.68 10.92
N GLU C 504 -26.36 20.40 12.00
CA GLU C 504 -26.70 21.84 11.97
C GLU C 504 -25.42 22.67 12.10
N THR C 505 -25.33 23.76 11.32
CA THR C 505 -24.21 24.73 11.31
C THR C 505 -24.72 26.09 11.79
N PRO C 506 -23.98 26.81 12.66
CA PRO C 506 -24.37 28.15 13.10
C PRO C 506 -24.08 29.24 12.04
N TYR C 507 -24.99 30.22 11.95
CA TYR C 507 -24.88 31.41 11.06
C TYR C 507 -25.53 32.62 11.73
N ARG C 508 -25.23 33.82 11.20
CA ARG C 508 -25.80 35.13 11.66
C ARG C 508 -26.87 35.59 10.68
N LYS C 509 -28.00 36.07 11.20
CA LYS C 509 -29.12 36.66 10.40
C LYS C 509 -28.78 38.12 10.08
N VAL C 510 -29.11 38.57 8.87
CA VAL C 510 -28.93 39.99 8.43
C VAL C 510 -30.30 40.53 7.97
N GLU C 511 -30.74 41.63 8.58
CA GLU C 511 -32.01 42.34 8.27
C GLU C 511 -31.70 43.52 7.34
N ASN C 512 -32.12 43.43 6.06
CA ASN C 512 -32.05 44.51 5.04
C ASN C 512 -30.66 45.13 5.00
N GLY C 513 -29.61 44.31 4.96
CA GLY C 513 -28.19 44.73 4.90
C GLY C 513 -27.67 45.24 6.24
N VAL C 514 -28.30 44.84 7.36
CA VAL C 514 -27.88 45.16 8.75
C VAL C 514 -27.82 43.84 9.55
N VAL C 515 -26.61 43.33 9.80
CA VAL C 515 -26.35 42.02 10.49
C VAL C 515 -26.85 42.11 11.94
N THR C 516 -27.34 40.99 12.49
CA THR C 516 -27.78 40.85 13.90
C THR C 516 -26.68 40.15 14.72
N ASP C 517 -26.72 40.32 16.04
CA ASP C 517 -25.83 39.66 17.02
C ASP C 517 -26.38 38.27 17.39
N GLN C 518 -27.60 37.93 16.93
CA GLN C 518 -28.23 36.59 17.15
C GLN C 518 -27.52 35.55 16.29
N ILE C 519 -27.34 34.34 16.83
CA ILE C 519 -26.79 33.14 16.14
C ILE C 519 -27.96 32.17 15.91
N ASP C 520 -28.24 31.82 14.64
CA ASP C 520 -29.23 30.78 14.27
C ASP C 520 -28.45 29.55 13.78
N TYR C 521 -29.12 28.39 13.70
CA TYR C 521 -28.53 27.10 13.27
C TYR C 521 -29.30 26.58 12.04
N LEU C 522 -28.57 26.17 10.99
CA LEU C 522 -29.16 25.69 9.71
C LEU C 522 -28.82 24.21 9.50
N THR C 523 -29.81 23.45 9.02
CA THR C 523 -29.76 21.97 8.82
C THR C 523 -29.25 21.64 7.41
N ALA C 524 -29.37 22.59 6.46
CA ALA C 524 -28.79 22.61 5.09
C ALA C 524 -29.90 22.87 4.05
N ASP C 525 -31.06 22.22 4.22
CA ASP C 525 -32.22 22.33 3.30
C ASP C 525 -32.79 23.76 3.34
N GLU C 526 -32.78 24.41 4.51
CA GLU C 526 -33.23 25.82 4.70
C GLU C 526 -32.17 26.76 4.11
N GLU C 527 -30.89 26.52 4.43
CA GLU C 527 -29.72 27.26 3.88
C GLU C 527 -29.78 27.20 2.35
N ASP C 528 -30.20 26.07 1.80
CA ASP C 528 -30.44 25.86 0.34
C ASP C 528 -31.54 26.82 -0.14
N ARG C 529 -32.63 26.96 0.62
CA ARG C 529 -33.79 27.82 0.26
C ARG C 529 -33.47 29.30 0.51
N HIS C 530 -32.42 29.61 1.29
CA HIS C 530 -31.96 31.00 1.60
C HIS C 530 -30.65 31.32 0.87
N VAL C 531 -30.11 32.52 1.08
CA VAL C 531 -28.81 33.03 0.51
C VAL C 531 -27.85 33.32 1.67
N VAL C 532 -26.69 32.66 1.68
CA VAL C 532 -25.64 32.75 2.76
C VAL C 532 -24.47 33.61 2.22
N ALA C 533 -24.10 34.66 2.97
CA ALA C 533 -22.96 35.56 2.65
C ALA C 533 -21.71 35.10 3.42
N GLN C 534 -20.54 35.45 2.89
CA GLN C 534 -19.21 34.91 3.31
C GLN C 534 -18.58 35.79 4.40
N ALA C 535 -17.78 35.17 5.28
CA ALA C 535 -17.31 35.70 6.58
C ALA C 535 -16.41 36.93 6.42
N ASN C 536 -15.77 37.11 5.25
CA ASN C 536 -14.93 38.30 4.93
C ASN C 536 -15.85 39.45 4.47
N SER C 537 -16.87 39.78 5.27
CA SER C 537 -17.78 40.94 5.06
C SER C 537 -17.09 42.20 5.56
N PRO C 538 -17.36 43.39 4.94
CA PRO C 538 -16.81 44.65 5.44
C PRO C 538 -17.48 45.03 6.76
N THR C 539 -16.89 44.60 7.87
CA THR C 539 -17.49 44.61 9.24
C THR C 539 -17.07 45.88 9.99
N ASP C 540 -18.00 46.83 10.15
CA ASP C 540 -17.94 47.94 11.13
C ASP C 540 -18.74 47.50 12.38
N GLU C 541 -18.72 48.31 13.44
CA GLU C 541 -19.39 48.04 14.74
C GLU C 541 -20.91 47.93 14.52
N ASN C 542 -21.48 48.82 13.70
CA ASN C 542 -22.93 48.83 13.32
C ASN C 542 -23.25 47.55 12.52
N GLY C 543 -22.36 47.17 11.60
CA GLY C 543 -22.49 45.98 10.73
C GLY C 543 -23.34 46.26 9.48
N ARG C 544 -23.64 47.53 9.20
CA ARG C 544 -24.37 47.95 7.96
C ARG C 544 -23.40 47.88 6.78
N PHE C 545 -23.83 47.25 5.68
CA PHE C 545 -22.96 46.93 4.51
C PHE C 545 -22.58 48.22 3.76
N THR C 546 -21.27 48.39 3.50
CA THR C 546 -20.68 49.51 2.73
C THR C 546 -20.36 49.04 1.30
N GLU C 547 -19.87 47.81 1.15
CA GLU C 547 -19.69 47.14 -0.17
C GLU C 547 -21.07 46.88 -0.78
N ASP C 548 -21.34 47.45 -1.96
CA ASP C 548 -22.66 47.46 -2.64
C ASP C 548 -23.19 46.04 -2.82
N ARG C 549 -22.32 45.09 -3.16
CA ARG C 549 -22.66 43.65 -3.34
C ARG C 549 -21.53 42.78 -2.79
N VAL C 550 -21.88 41.61 -2.24
CA VAL C 550 -20.94 40.62 -1.63
C VAL C 550 -21.03 39.30 -2.41
N MET C 551 -20.00 38.46 -2.29
CA MET C 551 -19.97 37.06 -2.77
C MET C 551 -20.84 36.22 -1.84
N VAL C 552 -21.74 35.41 -2.39
CA VAL C 552 -22.76 34.59 -1.66
C VAL C 552 -22.76 33.16 -2.18
N ARG C 553 -23.27 32.22 -1.36
CA ARG C 553 -23.47 30.79 -1.71
C ARG C 553 -24.92 30.59 -2.15
N LYS C 554 -25.12 30.13 -3.39
CA LYS C 554 -26.46 30.03 -4.06
C LYS C 554 -27.18 28.75 -3.60
N LYS C 555 -28.43 28.58 -4.07
CA LYS C 555 -29.36 27.48 -3.67
C LYS C 555 -28.72 26.11 -3.93
N GLY C 556 -28.03 25.95 -5.06
CA GLY C 556 -27.29 24.73 -5.43
C GLY C 556 -25.85 24.75 -4.93
N GLY C 557 -25.55 25.56 -3.91
CA GLY C 557 -24.20 25.73 -3.33
C GLY C 557 -23.18 26.21 -4.35
N GLU C 558 -23.61 27.05 -5.30
CA GLU C 558 -22.77 27.65 -6.37
C GLU C 558 -22.36 29.06 -5.95
N VAL C 559 -21.09 29.41 -6.18
CA VAL C 559 -20.50 30.74 -5.80
C VAL C 559 -21.13 31.82 -6.70
N GLU C 560 -21.83 32.78 -6.08
CA GLU C 560 -22.51 33.91 -6.78
C GLU C 560 -22.11 35.23 -6.11
N PHE C 561 -22.63 36.36 -6.61
CA PHE C 561 -22.31 37.74 -6.17
C PHE C 561 -23.59 38.59 -6.24
N VAL C 562 -24.04 39.16 -5.10
CA VAL C 562 -25.36 39.85 -5.02
C VAL C 562 -25.32 41.00 -3.99
N SER C 563 -26.22 41.97 -4.17
CA SER C 563 -26.47 43.10 -3.23
C SER C 563 -27.10 42.59 -1.92
N ALA C 564 -27.09 43.42 -0.88
CA ALA C 564 -27.52 43.08 0.50
C ALA C 564 -29.04 42.84 0.60
N ASP C 565 -29.81 43.23 -0.42
CA ASP C 565 -31.28 42.98 -0.52
C ASP C 565 -31.55 41.46 -0.51
N GLN C 566 -30.81 40.69 -1.31
CA GLN C 566 -30.96 39.22 -1.46
C GLN C 566 -30.43 38.50 -0.21
N VAL C 567 -29.38 39.03 0.43
CA VAL C 567 -28.66 38.36 1.56
C VAL C 567 -29.56 38.39 2.80
N ASP C 568 -29.88 37.19 3.33
CA ASP C 568 -30.67 36.98 4.57
C ASP C 568 -29.77 36.41 5.67
N TYR C 569 -28.85 35.49 5.33
CA TYR C 569 -27.90 34.84 6.27
C TYR C 569 -26.45 35.17 5.89
N MET C 570 -25.57 35.13 6.90
CA MET C 570 -24.11 35.39 6.77
C MET C 570 -23.34 34.42 7.68
N ASP C 571 -22.14 34.03 7.24
CA ASP C 571 -21.21 33.14 7.98
C ASP C 571 -20.87 33.77 9.34
N VAL C 572 -21.22 33.08 10.44
CA VAL C 572 -20.96 33.53 11.84
C VAL C 572 -19.49 33.95 11.97
N SER C 573 -18.56 33.10 11.52
CA SER C 573 -17.09 33.30 11.65
C SER C 573 -16.38 32.58 10.52
N PRO C 574 -15.15 33.01 10.13
CA PRO C 574 -14.32 32.22 9.21
C PRO C 574 -13.82 30.94 9.89
N ARG C 575 -13.46 29.94 9.08
CA ARG C 575 -13.01 28.57 9.47
C ARG C 575 -14.21 27.78 10.03
N GLN C 576 -15.43 28.05 9.56
CA GLN C 576 -16.62 27.18 9.77
C GLN C 576 -16.31 25.76 9.26
N MET C 577 -15.77 25.67 8.05
CA MET C 577 -15.71 24.43 7.23
C MET C 577 -14.63 23.47 7.72
N VAL C 578 -13.65 23.95 8.48
CA VAL C 578 -12.42 23.16 8.85
C VAL C 578 -12.72 22.28 10.07
N SER C 579 -12.04 21.13 10.13
CA SER C 579 -11.90 20.28 11.35
C SER C 579 -10.92 20.97 12.31
N VAL C 580 -10.70 20.39 13.49
CA VAL C 580 -9.81 20.98 14.54
C VAL C 580 -8.36 20.90 14.03
N ALA C 581 -7.96 19.74 13.50
CA ALA C 581 -6.63 19.47 12.91
C ALA C 581 -6.39 20.40 11.71
N THR C 582 -7.40 20.54 10.83
CA THR C 582 -7.38 21.45 9.66
C THR C 582 -7.26 22.91 10.13
N ALA C 583 -7.96 23.26 11.21
CA ALA C 583 -7.95 24.61 11.82
C ALA C 583 -6.55 24.93 12.36
N MET C 584 -5.86 23.95 12.94
CA MET C 584 -4.51 24.14 13.55
C MET C 584 -3.41 24.04 12.47
N ILE C 585 -3.59 24.72 11.33
CA ILE C 585 -2.58 24.84 10.23
C ILE C 585 -2.55 26.31 9.81
N PRO C 586 -1.55 27.11 10.26
CA PRO C 586 -1.54 28.55 10.02
C PRO C 586 -1.20 28.87 8.56
N PHE C 587 -1.89 29.85 7.96
CA PHE C 587 -1.78 30.25 6.52
C PHE C 587 -2.33 29.13 5.62
N LEU C 588 -3.28 28.33 6.10
CA LEU C 588 -3.96 27.23 5.34
C LEU C 588 -4.38 27.75 3.96
N GLU C 589 -4.95 28.96 3.90
CA GLU C 589 -5.46 29.60 2.65
C GLU C 589 -4.34 29.77 1.62
N HIS C 590 -3.07 29.89 2.05
CA HIS C 590 -1.88 29.99 1.16
C HIS C 590 -1.40 28.59 0.73
N ASP C 591 -1.90 27.52 1.37
CA ASP C 591 -1.62 26.10 1.02
C ASP C 591 -2.66 25.62 0.01
N ASP C 592 -2.45 24.44 -0.59
CA ASP C 592 -3.42 23.74 -1.48
C ASP C 592 -4.06 22.57 -0.71
N ALA C 593 -5.34 22.31 -0.99
CA ALA C 593 -6.20 21.31 -0.35
C ALA C 593 -5.48 19.96 -0.19
N ASN C 594 -4.73 19.53 -1.22
CA ASN C 594 -4.00 18.22 -1.23
C ASN C 594 -2.93 18.22 -0.13
N ARG C 595 -2.08 19.26 -0.08
CA ARG C 595 -0.95 19.34 0.88
C ARG C 595 -1.51 19.67 2.28
N ALA C 596 -2.61 20.44 2.34
CA ALA C 596 -3.35 20.76 3.58
C ALA C 596 -3.91 19.48 4.21
N LEU C 597 -4.64 18.69 3.41
CA LEU C 597 -5.20 17.35 3.72
C LEU C 597 -4.11 16.51 4.40
N MET C 598 -2.98 16.35 3.69
CA MET C 598 -1.79 15.61 4.17
C MET C 598 -1.30 16.25 5.47
N GLY C 599 -1.25 17.59 5.53
CA GLY C 599 -0.88 18.39 6.73
C GLY C 599 -1.70 18.02 7.95
N ALA C 600 -3.03 17.99 7.83
CA ALA C 600 -3.98 17.55 8.89
C ALA C 600 -3.71 16.08 9.21
N ASN C 601 -3.77 15.23 8.18
CA ASN C 601 -3.58 13.75 8.29
C ASN C 601 -2.33 13.43 9.11
N MET C 602 -1.21 14.10 8.84
CA MET C 602 0.09 13.91 9.55
C MET C 602 0.06 14.65 10.88
N GLN C 603 -0.59 15.83 10.97
CA GLN C 603 -0.71 16.60 12.24
C GLN C 603 -1.40 15.71 13.29
N ARG C 604 -2.44 14.97 12.91
CA ARG C 604 -3.10 13.99 13.81
C ARG C 604 -2.32 12.65 13.87
N GLN C 605 -1.01 12.68 13.60
CA GLN C 605 -0.04 11.59 13.91
C GLN C 605 1.22 12.16 14.59
N ALA C 606 1.18 13.41 15.05
CA ALA C 606 2.35 14.14 15.62
C ALA C 606 2.56 13.71 17.07
N VAL C 607 3.75 13.19 17.39
CA VAL C 607 4.07 12.50 18.66
C VAL C 607 4.40 13.54 19.73
N PRO C 608 4.01 13.36 21.01
CA PRO C 608 4.44 14.23 22.10
C PRO C 608 5.94 14.07 22.41
N LEU C 609 6.58 15.16 22.85
CA LEU C 609 8.05 15.26 23.05
C LEU C 609 8.33 15.51 24.54
N VAL C 610 9.47 15.03 25.04
CA VAL C 610 9.79 15.05 26.51
C VAL C 610 9.72 16.48 27.04
N ARG C 611 10.11 17.49 26.24
CA ARG C 611 9.79 18.93 26.47
C ARG C 611 9.05 19.44 25.23
N SER C 612 7.71 19.39 25.27
CA SER C 612 6.82 20.06 24.29
C SER C 612 6.81 21.57 24.56
N GLU C 613 6.83 22.39 23.49
CA GLU C 613 6.64 23.86 23.57
C GLU C 613 5.64 24.26 22.48
N ALA C 614 4.72 25.18 22.81
CA ALA C 614 3.64 25.66 21.92
C ALA C 614 4.25 26.41 20.73
N PRO C 615 3.64 26.33 19.53
CA PRO C 615 4.14 27.05 18.36
C PRO C 615 4.22 28.56 18.58
N LEU C 616 5.34 29.17 18.16
CA LEU C 616 5.57 30.64 18.21
C LEU C 616 4.69 31.31 17.16
N VAL C 617 4.42 30.61 16.05
CA VAL C 617 3.36 30.98 15.06
C VAL C 617 2.31 29.87 15.05
N GLY C 618 1.07 30.22 15.40
CA GLY C 618 -0.08 29.30 15.24
C GLY C 618 -1.37 30.07 15.01
N THR C 619 -2.51 29.38 15.07
CA THR C 619 -3.86 29.96 15.23
C THR C 619 -4.23 29.85 16.72
N GLY C 620 -5.28 30.56 17.14
CA GLY C 620 -5.81 30.54 18.52
C GLY C 620 -6.38 29.18 18.90
N MET C 621 -6.75 28.36 17.91
CA MET C 621 -7.43 27.04 18.07
C MET C 621 -6.59 26.08 18.91
N GLU C 622 -5.26 26.20 18.90
CA GLU C 622 -4.34 25.35 19.70
C GLU C 622 -4.66 25.50 21.20
N LEU C 623 -4.88 26.73 21.66
CA LEU C 623 -5.21 27.07 23.06
C LEU C 623 -6.54 26.42 23.47
N ARG C 624 -7.56 26.53 22.62
CA ARG C 624 -8.95 26.05 22.85
C ARG C 624 -9.01 24.52 22.77
N ALA C 625 -8.42 23.94 21.72
CA ALA C 625 -8.49 22.49 21.36
C ALA C 625 -8.02 21.63 22.53
N ALA C 626 -6.89 21.99 23.14
CA ALA C 626 -6.23 21.25 24.26
C ALA C 626 -7.18 21.15 25.46
N ILE C 627 -7.75 22.27 25.89
CA ILE C 627 -8.58 22.36 27.14
C ILE C 627 -9.93 21.64 26.93
N ASP C 628 -10.38 21.52 25.68
CA ASP C 628 -11.64 20.80 25.30
C ASP C 628 -11.36 19.31 25.09
N ALA C 629 -10.19 18.96 24.53
CA ALA C 629 -9.77 17.57 24.21
C ALA C 629 -9.94 16.65 25.44
N GLY C 630 -9.65 17.17 26.64
CA GLY C 630 -9.95 16.52 27.93
C GLY C 630 -8.78 15.68 28.45
N ASP C 631 -7.68 15.57 27.70
CA ASP C 631 -6.46 14.82 28.08
C ASP C 631 -5.65 15.67 29.07
N VAL C 632 -5.68 17.00 28.93
CA VAL C 632 -5.26 17.98 29.97
C VAL C 632 -6.28 17.93 31.12
N VAL C 633 -5.82 18.19 32.36
CA VAL C 633 -6.69 18.30 33.57
C VAL C 633 -7.10 19.77 33.73
N VAL C 634 -8.40 20.04 33.78
CA VAL C 634 -9.01 21.39 33.89
C VAL C 634 -9.56 21.56 35.32
N ALA C 635 -9.52 22.79 35.85
CA ALA C 635 -10.00 23.18 37.19
C ALA C 635 -11.53 23.22 37.19
N ASP C 636 -12.19 22.18 37.71
CA ASP C 636 -13.67 22.02 37.68
C ASP C 636 -14.34 23.20 38.41
N LYS C 637 -13.74 23.68 39.51
CA LYS C 637 -14.31 24.72 40.41
C LYS C 637 -13.27 25.83 40.66
N THR C 638 -13.73 27.07 40.85
CA THR C 638 -12.90 28.25 41.21
C THR C 638 -12.36 28.06 42.63
N GLY C 639 -11.06 28.33 42.84
CA GLY C 639 -10.38 28.16 44.13
C GLY C 639 -8.97 28.70 44.15
N VAL C 640 -8.19 28.27 45.14
CA VAL C 640 -6.74 28.54 45.31
C VAL C 640 -6.02 27.20 45.46
N ILE C 641 -4.88 27.03 44.79
CA ILE C 641 -4.11 25.75 44.81
C ILE C 641 -3.65 25.49 46.26
N GLU C 642 -3.99 24.33 46.82
CA GLU C 642 -3.67 23.98 48.23
C GLU C 642 -2.23 23.47 48.30
N GLU C 643 -1.90 22.45 47.49
CA GLU C 643 -0.50 21.96 47.33
C GLU C 643 -0.36 21.25 45.98
N VAL C 644 0.84 21.35 45.38
CA VAL C 644 1.21 20.78 44.06
C VAL C 644 2.17 19.60 44.32
N SER C 645 1.79 18.39 43.91
CA SER C 645 2.72 17.24 43.78
C SER C 645 2.77 16.81 42.31
N ALA C 646 3.80 16.03 41.95
CA ALA C 646 3.95 15.43 40.60
C ALA C 646 2.88 14.34 40.41
N ASP C 647 2.54 13.62 41.49
CA ASP C 647 1.54 12.51 41.49
C ASP C 647 0.12 13.09 41.33
N TYR C 648 -0.22 14.12 42.12
CA TYR C 648 -1.57 14.75 42.12
C TYR C 648 -1.48 16.26 42.42
N ILE C 649 -2.58 16.96 42.13
CA ILE C 649 -2.77 18.41 42.40
C ILE C 649 -4.05 18.57 43.25
N THR C 650 -3.92 19.23 44.40
CA THR C 650 -5.04 19.49 45.36
C THR C 650 -5.33 20.99 45.37
N VAL C 651 -6.56 21.36 44.99
CA VAL C 651 -7.08 22.76 44.96
C VAL C 651 -8.11 22.94 46.09
N MET C 652 -7.98 24.02 46.86
CA MET C 652 -8.92 24.46 47.92
C MET C 652 -9.89 25.48 47.31
N ALA C 653 -11.16 25.09 47.15
CA ALA C 653 -12.20 25.87 46.43
C ALA C 653 -12.72 27.01 47.32
N ASP C 654 -13.59 27.86 46.74
CA ASP C 654 -14.25 29.01 47.42
C ASP C 654 -15.08 28.52 48.60
N ASP C 655 -15.91 27.49 48.38
CA ASP C 655 -16.90 26.96 49.37
C ASP C 655 -16.20 26.44 50.63
N GLY C 656 -15.20 25.55 50.46
CA GLY C 656 -14.47 24.92 51.58
C GLY C 656 -13.92 23.54 51.23
N THR C 657 -14.68 22.74 50.49
CA THR C 657 -14.28 21.39 50.01
C THR C 657 -13.14 21.52 48.99
N ARG C 658 -12.19 20.57 49.00
CA ARG C 658 -10.99 20.55 48.12
C ARG C 658 -11.23 19.56 46.97
N GLN C 659 -10.62 19.81 45.80
CA GLN C 659 -10.55 18.82 44.67
C GLN C 659 -9.11 18.35 44.51
N SER C 660 -8.87 17.04 44.63
CA SER C 660 -7.57 16.36 44.42
C SER C 660 -7.60 15.60 43.09
N TYR C 661 -7.02 16.18 42.04
CA TYR C 661 -6.86 15.52 40.71
C TYR C 661 -5.57 14.69 40.72
N ARG C 662 -5.71 13.37 40.51
CA ARG C 662 -4.59 12.40 40.44
C ARG C 662 -4.09 12.34 38.99
N LEU C 663 -2.83 12.73 38.76
CA LEU C 663 -2.21 12.77 37.40
C LEU C 663 -1.73 11.36 37.02
N ARG C 664 -2.15 10.87 35.85
CA ARG C 664 -1.66 9.59 35.26
C ARG C 664 -0.21 9.80 34.81
N LYS C 665 0.76 9.25 35.56
CA LYS C 665 2.21 9.44 35.31
C LYS C 665 2.73 8.29 34.42
N PHE C 666 3.12 8.64 33.19
CA PHE C 666 3.71 7.75 32.16
C PHE C 666 2.79 6.55 31.93
N ALA C 667 1.60 6.83 31.40
CA ALA C 667 0.58 5.83 30.98
C ALA C 667 0.76 5.55 29.48
N ARG C 668 0.88 4.28 29.11
CA ARG C 668 1.01 3.81 27.70
C ARG C 668 -0.30 4.12 26.97
N SER C 669 -0.29 5.11 26.06
CA SER C 669 -1.47 5.51 25.25
C SER C 669 -1.65 4.50 24.10
N ASN C 670 -2.88 4.38 23.59
CA ASN C 670 -3.35 3.29 22.69
C ASN C 670 -2.37 3.09 21.52
N HIS C 671 -1.82 4.17 20.95
CA HIS C 671 -0.93 4.15 19.76
C HIS C 671 0.55 4.06 20.17
N GLY C 672 0.86 3.55 21.37
CA GLY C 672 2.23 3.22 21.79
C GLY C 672 2.95 4.39 22.44
N THR C 673 2.60 5.63 22.09
CA THR C 673 3.18 6.87 22.69
C THR C 673 2.70 7.01 24.13
N CYS C 674 3.42 7.85 24.90
CA CYS C 674 3.20 8.08 26.35
C CYS C 674 2.14 9.16 26.56
N ALA C 675 1.39 9.06 27.66
CA ALA C 675 0.39 10.05 28.11
C ALA C 675 0.84 10.66 29.46
N ASN C 676 2.08 11.15 29.51
CA ASN C 676 2.70 11.77 30.71
C ASN C 676 2.02 13.11 30.98
N GLN C 677 1.57 13.33 32.22
CA GLN C 677 0.95 14.60 32.70
C GLN C 677 1.88 15.25 33.72
N ARG C 678 1.83 16.58 33.83
CA ARG C 678 2.62 17.38 34.81
C ARG C 678 1.79 18.56 35.31
N PRO C 679 1.98 19.05 36.56
CA PRO C 679 1.34 20.27 37.02
C PRO C 679 2.02 21.53 36.48
N ILE C 680 1.23 22.52 36.02
CA ILE C 680 1.76 23.83 35.49
C ILE C 680 1.68 24.90 36.59
N VAL C 681 0.61 24.89 37.40
CA VAL C 681 0.29 25.96 38.39
C VAL C 681 1.17 25.81 39.63
N ASP C 682 1.53 26.93 40.26
CA ASP C 682 2.34 27.01 41.50
C ASP C 682 1.43 26.78 42.71
N ALA C 683 2.03 26.59 43.90
CA ALA C 683 1.32 26.34 45.17
C ALA C 683 0.54 27.59 45.59
N GLY C 684 1.24 28.69 45.85
CA GLY C 684 0.62 29.99 46.21
C GLY C 684 0.05 30.68 44.98
N GLN C 685 -1.10 30.20 44.49
CA GLN C 685 -1.75 30.68 43.25
C GLN C 685 -3.27 30.42 43.30
N ARG C 686 -4.05 31.43 42.90
CA ARG C 686 -5.53 31.35 42.70
C ARG C 686 -5.80 30.81 41.31
N VAL C 687 -6.85 30.00 41.16
CA VAL C 687 -7.25 29.33 39.88
C VAL C 687 -8.77 29.45 39.70
N GLU C 688 -9.21 29.95 38.54
CA GLU C 688 -10.64 30.13 38.18
C GLU C 688 -11.21 28.79 37.67
N ALA C 689 -12.53 28.67 37.61
CA ALA C 689 -13.25 27.50 37.02
C ALA C 689 -13.05 27.48 35.50
N GLY C 690 -12.70 26.31 34.95
CA GLY C 690 -12.41 26.08 33.53
C GLY C 690 -11.00 26.49 33.14
N GLN C 691 -10.06 26.46 34.10
CA GLN C 691 -8.65 26.91 33.93
C GLN C 691 -7.73 25.69 33.77
N VAL C 692 -6.58 25.86 33.14
CA VAL C 692 -5.56 24.77 32.95
C VAL C 692 -4.71 24.70 34.22
N ILE C 693 -4.64 23.52 34.85
CA ILE C 693 -3.87 23.24 36.10
C ILE C 693 -2.73 22.27 35.78
N ALA C 694 -3.06 21.13 35.16
CA ALA C 694 -2.07 20.09 34.76
C ALA C 694 -1.61 20.37 33.32
N ASP C 695 -0.57 19.63 32.91
CA ASP C 695 0.07 19.68 31.58
C ASP C 695 -0.11 18.29 30.96
N GLY C 696 -0.93 18.19 29.90
CA GLY C 696 -1.17 16.96 29.13
C GLY C 696 0.08 16.47 28.41
N PRO C 697 -0.02 15.40 27.59
CA PRO C 697 1.14 14.90 26.85
C PRO C 697 1.63 15.90 25.79
N CYS C 698 0.70 16.67 25.21
CA CYS C 698 0.97 17.68 24.13
C CYS C 698 0.44 19.07 24.53
N THR C 699 0.48 19.40 25.83
CA THR C 699 0.22 20.77 26.34
C THR C 699 1.49 21.28 27.03
N GLN C 700 1.80 22.57 26.85
CA GLN C 700 2.74 23.35 27.70
C GLN C 700 2.07 24.68 28.05
N ASN C 701 1.52 24.78 29.25
CA ASN C 701 0.64 25.89 29.71
C ASN C 701 -0.65 25.86 28.88
N GLY C 702 -1.26 24.68 28.71
CA GLY C 702 -2.57 24.48 28.07
C GLY C 702 -2.64 25.02 26.66
N GLU C 703 -1.99 24.35 25.71
CA GLU C 703 -2.00 24.73 24.27
C GLU C 703 -1.51 23.54 23.44
N MET C 704 -2.26 23.17 22.39
CA MET C 704 -1.95 22.02 21.50
C MET C 704 -0.54 22.21 20.91
N ALA C 705 0.45 21.72 21.64
CA ALA C 705 1.89 21.68 21.28
C ALA C 705 2.28 20.24 20.98
N LEU C 706 2.31 19.87 19.70
CA LEU C 706 2.63 18.49 19.23
C LEU C 706 4.15 18.39 18.98
N GLY C 707 4.68 19.24 18.08
CA GLY C 707 6.09 19.29 17.70
C GLY C 707 6.84 20.41 18.40
N LYS C 708 7.86 20.99 17.74
CA LYS C 708 8.73 22.06 18.30
C LYS C 708 8.84 23.24 17.33
N ASN C 709 9.29 24.39 17.84
CA ASN C 709 9.74 25.57 17.06
C ASN C 709 11.25 25.45 16.80
N LEU C 710 11.63 25.26 15.54
CA LEU C 710 13.05 25.11 15.11
C LEU C 710 13.40 26.21 14.10
N LEU C 711 14.61 26.78 14.22
CA LEU C 711 15.17 27.76 13.24
C LEU C 711 15.50 27.00 11.94
N VAL C 712 14.59 27.04 10.97
CA VAL C 712 14.76 26.45 9.60
C VAL C 712 15.51 27.46 8.71
N ALA C 713 16.30 26.94 7.76
CA ALA C 713 16.82 27.67 6.58
C ALA C 713 16.33 26.98 5.31
N ILE C 714 15.77 27.74 4.35
CA ILE C 714 15.21 27.18 3.09
C ILE C 714 16.23 27.38 1.96
N MET C 715 16.84 26.28 1.49
CA MET C 715 17.81 26.23 0.36
C MET C 715 18.20 24.76 0.13
N PRO C 716 18.74 24.41 -1.06
CA PRO C 716 19.46 23.15 -1.22
C PRO C 716 20.78 23.19 -0.43
N TRP C 717 21.19 22.06 0.18
CA TRP C 717 22.46 21.96 0.94
C TRP C 717 23.18 20.64 0.63
N GLU C 718 24.00 20.63 -0.42
CA GLU C 718 24.97 19.56 -0.79
C GLU C 718 24.23 18.21 -0.86
N GLY C 719 23.01 18.22 -1.42
CA GLY C 719 22.23 17.04 -1.84
C GLY C 719 21.72 16.19 -0.69
N HIS C 720 21.77 16.65 0.57
CA HIS C 720 21.26 15.91 1.75
C HIS C 720 19.74 16.09 1.86
N ASN C 721 19.20 17.15 1.26
CA ASN C 721 17.75 17.51 1.32
C ASN C 721 17.07 17.30 -0.04
N TYR C 722 17.77 16.76 -1.03
CA TYR C 722 17.26 16.51 -2.41
C TYR C 722 15.98 15.64 -2.35
N GLU C 723 14.97 16.02 -3.12
CA GLU C 723 13.66 15.31 -3.25
C GLU C 723 12.98 15.23 -1.88
N ASP C 724 12.76 16.40 -1.27
CA ASP C 724 11.96 16.61 -0.03
C ASP C 724 12.45 15.72 1.11
N ALA C 725 13.77 15.56 1.26
CA ALA C 725 14.44 15.02 2.47
C ALA C 725 14.73 16.20 3.41
N ILE C 726 15.09 15.93 4.67
CA ILE C 726 15.26 16.96 5.73
C ILE C 726 16.62 16.78 6.40
N ILE C 727 17.26 17.88 6.80
CA ILE C 727 18.63 17.94 7.38
C ILE C 727 18.50 18.38 8.84
N LEU C 728 19.03 17.60 9.80
CA LEU C 728 18.99 17.93 11.25
C LEU C 728 20.34 18.47 11.72
N SER C 729 20.30 19.39 12.69
CA SER C 729 21.46 19.79 13.53
C SER C 729 21.50 18.89 14.78
N ASN C 730 22.61 18.16 14.97
CA ASN C 730 22.83 17.22 16.11
C ASN C 730 22.34 17.85 17.42
N ARG C 731 22.48 19.17 17.55
CA ARG C 731 21.97 20.02 18.66
C ARG C 731 20.59 19.54 19.13
N LEU C 732 19.69 19.18 18.21
CA LEU C 732 18.30 18.74 18.52
C LEU C 732 18.36 17.40 19.28
N VAL C 733 19.14 16.46 18.76
CA VAL C 733 19.35 15.08 19.30
C VAL C 733 20.09 15.18 20.64
N GLU C 734 21.02 16.14 20.78
CA GLU C 734 21.85 16.33 22.00
C GLU C 734 20.99 17.00 23.10
N GLU C 735 20.35 18.12 22.77
CA GLU C 735 19.52 18.95 23.68
C GLU C 735 18.20 18.23 24.00
N ASP C 736 17.78 17.28 23.16
CA ASP C 736 16.61 16.38 23.38
C ASP C 736 15.31 17.18 23.16
N VAL C 737 15.27 17.99 22.10
CA VAL C 737 14.09 18.87 21.78
C VAL C 737 13.01 18.03 21.07
N LEU C 738 13.40 17.13 20.16
CA LEU C 738 12.48 16.26 19.38
C LEU C 738 12.52 14.82 19.91
N THR C 739 13.01 14.61 21.14
CA THR C 739 13.05 13.28 21.80
C THR C 739 11.66 12.95 22.35
N SER C 740 11.13 11.78 21.99
CA SER C 740 9.83 11.25 22.47
C SER C 740 10.07 10.08 23.43
N ILE C 741 9.01 9.61 24.08
CA ILE C 741 8.98 8.38 24.93
C ILE C 741 7.94 7.43 24.32
N HIS C 742 8.35 6.23 23.90
CA HIS C 742 7.47 5.22 23.26
C HIS C 742 7.41 3.96 24.13
N ILE C 743 6.23 3.63 24.66
CA ILE C 743 5.98 2.50 25.60
C ILE C 743 5.29 1.37 24.83
N GLU C 744 5.98 0.23 24.66
CA GLU C 744 5.43 -1.00 24.05
C GLU C 744 4.86 -1.88 25.17
N GLU C 745 3.56 -2.24 25.08
CA GLU C 745 2.87 -3.13 26.05
C GLU C 745 3.10 -4.58 25.62
N HIS C 746 3.45 -5.46 26.57
CA HIS C 746 3.69 -6.91 26.33
C HIS C 746 2.86 -7.75 27.31
N GLU C 747 1.86 -8.47 26.79
CA GLU C 747 0.82 -9.22 27.56
C GLU C 747 1.10 -10.72 27.46
N ILE C 748 1.14 -11.43 28.58
CA ILE C 748 1.16 -12.94 28.58
C ILE C 748 0.45 -13.46 29.83
N ASP C 749 0.00 -14.72 29.79
CA ASP C 749 -0.89 -15.34 30.81
C ASP C 749 -0.53 -16.81 31.02
N ALA C 750 -0.94 -17.36 32.17
CA ALA C 750 -0.85 -18.80 32.52
C ALA C 750 -2.25 -19.41 32.50
N ARG C 751 -2.68 -19.92 31.34
CA ARG C 751 -3.97 -20.65 31.14
C ARG C 751 -3.72 -22.15 31.35
N ASP C 752 -4.60 -22.82 32.09
CA ASP C 752 -4.53 -24.28 32.37
C ASP C 752 -4.91 -25.05 31.10
N THR C 753 -3.92 -25.37 30.27
CA THR C 753 -4.05 -26.23 29.05
C THR C 753 -4.34 -27.67 29.52
N LYS C 754 -4.93 -28.50 28.65
CA LYS C 754 -5.34 -29.91 28.94
C LYS C 754 -4.15 -30.76 29.38
N LEU C 755 -2.92 -30.40 29.00
CA LEU C 755 -1.66 -31.15 29.33
C LEU C 755 -1.42 -31.12 30.83
N GLY C 756 -1.30 -29.92 31.42
CA GLY C 756 -1.08 -29.70 32.87
C GLY C 756 -1.66 -28.37 33.33
N ALA C 757 -0.78 -27.45 33.76
CA ALA C 757 -1.14 -26.05 34.10
C ALA C 757 0.08 -25.14 33.91
N GLU C 758 -0.05 -24.08 33.11
CA GLU C 758 1.00 -23.05 32.85
C GLU C 758 1.27 -22.28 34.14
N GLU C 759 2.48 -21.72 34.29
CA GLU C 759 2.92 -20.96 35.48
C GLU C 759 3.78 -19.77 35.05
N ILE C 760 3.60 -18.61 35.71
CA ILE C 760 4.48 -17.41 35.57
C ILE C 760 5.46 -17.43 36.75
N THR C 761 6.66 -18.00 36.52
CA THR C 761 7.72 -18.20 37.55
C THR C 761 9.11 -17.97 36.94
N ARG C 762 10.05 -17.52 37.78
CA ARG C 762 11.45 -17.16 37.41
C ARG C 762 12.16 -18.37 36.78
N ASP C 763 12.21 -19.48 37.52
CA ASP C 763 13.07 -20.68 37.22
C ASP C 763 12.60 -21.35 35.93
N ILE C 764 13.53 -21.50 34.97
CA ILE C 764 13.42 -22.38 33.77
C ILE C 764 14.60 -23.36 33.80
N PRO C 765 14.43 -24.62 33.37
CA PRO C 765 15.48 -25.64 33.51
C PRO C 765 16.73 -25.37 32.65
N ASN C 766 16.58 -25.39 31.32
CA ASN C 766 17.70 -25.31 30.34
C ASN C 766 17.89 -23.85 29.92
N VAL C 767 18.46 -23.03 30.82
CA VAL C 767 18.85 -21.60 30.57
C VAL C 767 20.18 -21.33 31.28
N SER C 768 20.71 -20.11 31.12
CA SER C 768 21.89 -19.57 31.84
C SER C 768 21.42 -18.76 33.06
N ASP C 769 22.30 -18.54 34.03
CA ASP C 769 22.03 -17.72 35.24
C ASP C 769 21.98 -16.24 34.87
N GLU C 770 22.95 -15.78 34.07
CA GLU C 770 23.20 -14.34 33.76
C GLU C 770 21.95 -13.70 33.14
N VAL C 771 21.23 -14.43 32.29
CA VAL C 771 19.95 -13.97 31.65
C VAL C 771 18.84 -13.90 32.70
N LEU C 772 18.84 -14.80 33.70
CA LEU C 772 17.91 -14.77 34.86
C LEU C 772 18.50 -13.86 35.94
N ALA C 773 18.49 -12.55 35.69
CA ALA C 773 19.07 -11.49 36.55
C ALA C 773 18.04 -10.38 36.79
N ASP C 774 17.51 -9.79 35.71
CA ASP C 774 16.48 -8.72 35.72
C ASP C 774 15.23 -9.19 36.48
N LEU C 775 14.89 -10.48 36.37
CA LEU C 775 13.73 -11.12 37.05
C LEU C 775 13.98 -11.17 38.56
N ASP C 776 12.92 -11.10 39.37
CA ASP C 776 12.95 -11.39 40.83
C ASP C 776 12.55 -12.85 41.05
N GLU C 777 12.45 -13.29 42.30
CA GLU C 777 12.09 -14.68 42.71
C GLU C 777 10.72 -15.09 42.13
N ARG C 778 9.77 -14.15 42.00
CA ARG C 778 8.38 -14.42 41.53
C ARG C 778 8.37 -14.67 40.02
N GLY C 779 9.31 -14.08 39.26
CA GLY C 779 9.50 -14.32 37.81
C GLY C 779 9.10 -13.16 36.92
N ILE C 780 8.97 -11.96 37.49
CA ILE C 780 8.79 -10.66 36.76
C ILE C 780 10.09 -9.86 36.88
N VAL C 781 10.40 -9.03 35.87
CA VAL C 781 11.57 -8.11 35.88
C VAL C 781 11.36 -7.04 36.96
N ARG C 782 12.44 -6.63 37.63
CA ARG C 782 12.43 -5.50 38.60
C ARG C 782 12.26 -4.19 37.82
N ILE C 783 11.59 -3.21 38.43
CA ILE C 783 11.09 -1.98 37.75
C ILE C 783 12.28 -1.07 37.44
N GLY C 784 12.45 -0.69 36.17
CA GLY C 784 13.48 0.26 35.70
C GLY C 784 14.71 -0.41 35.09
N ALA C 785 14.74 -1.74 35.00
CA ALA C 785 15.85 -2.52 34.42
C ALA C 785 15.85 -2.34 32.89
N GLU C 786 16.91 -1.73 32.34
CA GLU C 786 17.09 -1.52 30.87
C GLU C 786 17.18 -2.88 30.17
N VAL C 787 16.43 -3.08 29.09
CA VAL C 787 16.31 -4.40 28.39
C VAL C 787 16.94 -4.30 26.99
N ARG C 788 17.78 -5.28 26.64
CA ARG C 788 18.36 -5.52 25.29
C ARG C 788 17.51 -6.57 24.58
N ASP C 789 17.28 -6.40 23.27
CA ASP C 789 16.49 -7.33 22.41
C ASP C 789 17.02 -8.76 22.61
N GLY C 790 16.22 -9.62 23.23
CA GLY C 790 16.60 -10.97 23.70
C GLY C 790 16.37 -11.18 25.18
N ASP C 791 16.19 -10.09 25.95
CA ASP C 791 15.96 -10.15 27.42
C ASP C 791 14.57 -10.71 27.73
N ILE C 792 14.40 -11.26 28.94
CA ILE C 792 13.14 -11.87 29.45
C ILE C 792 12.35 -10.77 30.15
N LEU C 793 11.10 -10.53 29.74
CA LEU C 793 10.19 -9.53 30.38
C LEU C 793 9.29 -10.23 31.42
N VAL C 794 8.81 -11.43 31.10
CA VAL C 794 8.03 -12.32 32.01
C VAL C 794 8.59 -13.74 31.91
N GLY C 795 9.03 -14.30 33.04
CA GLY C 795 9.36 -15.73 33.19
C GLY C 795 8.10 -16.57 33.24
N LYS C 796 7.82 -17.32 32.17
CA LYS C 796 6.63 -18.21 32.03
C LYS C 796 7.11 -19.62 31.64
N VAL C 797 6.41 -20.65 32.12
CA VAL C 797 6.74 -22.09 31.92
C VAL C 797 5.48 -22.82 31.45
N THR C 798 5.62 -23.64 30.39
CA THR C 798 4.56 -24.53 29.82
C THR C 798 4.79 -25.95 30.33
N PRO C 799 3.72 -26.75 30.60
CA PRO C 799 3.89 -28.15 30.98
C PRO C 799 4.50 -29.01 29.87
N VAL C 823 8.96 -30.08 32.07
CA VAL C 823 8.43 -28.74 31.65
C VAL C 823 9.35 -28.17 30.55
N ARG C 824 8.74 -27.65 29.48
CA ARG C 824 9.43 -26.84 28.43
C ARG C 824 9.28 -25.35 28.79
N ASP C 825 10.02 -24.47 28.08
CA ASP C 825 10.03 -23.01 28.32
C ASP C 825 9.22 -22.31 27.22
N THR C 826 8.23 -21.49 27.61
CA THR C 826 7.50 -20.54 26.74
C THR C 826 7.42 -19.19 27.48
N SER C 827 8.58 -18.64 27.85
CA SER C 827 8.74 -17.34 28.56
C SER C 827 8.49 -16.18 27.59
N LEU C 828 8.12 -15.01 28.11
CA LEU C 828 7.91 -13.78 27.31
C LEU C 828 9.24 -13.01 27.22
N LYS C 829 9.85 -13.02 26.02
CA LYS C 829 11.10 -12.28 25.70
C LYS C 829 10.74 -10.98 24.99
N VAL C 830 11.51 -9.91 25.24
CA VAL C 830 11.34 -8.58 24.57
C VAL C 830 11.54 -8.77 23.06
N PRO C 831 10.54 -8.41 22.21
CA PRO C 831 10.69 -8.53 20.76
C PRO C 831 11.87 -7.74 20.17
N HIS C 832 12.32 -8.12 18.97
CA HIS C 832 13.55 -7.61 18.31
C HIS C 832 13.28 -6.21 17.74
N GLY C 833 14.16 -5.26 18.04
CA GLY C 833 14.02 -3.82 17.70
C GLY C 833 13.59 -2.99 18.90
N GLU C 834 13.00 -3.63 19.92
CA GLU C 834 12.50 -2.97 21.16
C GLU C 834 13.58 -3.06 22.25
N SER C 835 13.78 -1.95 22.98
CA SER C 835 14.71 -1.81 24.13
C SER C 835 14.20 -0.70 25.06
N GLY C 836 14.93 -0.41 26.14
CA GLY C 836 14.66 0.72 27.04
C GLY C 836 14.33 0.26 28.46
N LYS C 837 13.61 1.11 29.21
CA LYS C 837 13.40 1.00 30.68
C LYS C 837 12.00 0.49 30.98
N VAL C 838 11.86 -0.42 31.96
CA VAL C 838 10.58 -1.02 32.39
C VAL C 838 9.88 -0.04 33.34
N ILE C 839 8.72 0.50 32.94
CA ILE C 839 7.94 1.51 33.71
C ILE C 839 7.27 0.82 34.91
N GLY C 840 6.43 -0.19 34.64
CA GLY C 840 5.60 -0.85 35.66
C GLY C 840 5.11 -2.21 35.21
N ILE C 841 4.97 -3.14 36.16
CA ILE C 841 4.42 -4.51 35.97
C ILE C 841 3.03 -4.58 36.61
N ARG C 842 2.04 -5.12 35.90
CA ARG C 842 0.68 -5.44 36.40
C ARG C 842 0.53 -6.96 36.49
N VAL C 843 -0.19 -7.45 37.51
CA VAL C 843 -0.53 -8.89 37.70
C VAL C 843 -2.04 -8.98 37.99
N PHE C 844 -2.73 -9.96 37.40
CA PHE C 844 -4.19 -10.18 37.56
C PHE C 844 -4.45 -11.64 37.95
N SER C 845 -4.19 -11.96 39.22
CA SER C 845 -4.28 -13.33 39.81
C SER C 845 -5.74 -13.82 39.80
N ARG C 846 -5.94 -15.13 39.62
CA ARG C 846 -7.26 -15.81 39.69
C ARG C 846 -7.89 -15.59 41.07
N GLU C 847 -7.07 -15.70 42.13
CA GLU C 847 -7.49 -15.52 43.56
C GLU C 847 -7.96 -14.08 43.80
N ASP C 848 -7.34 -13.09 43.15
CA ASP C 848 -7.67 -11.64 43.28
C ASP C 848 -9.00 -11.35 42.59
N ASP C 849 -9.63 -10.23 42.95
CA ASP C 849 -11.03 -9.86 42.60
C ASP C 849 -11.17 -9.48 41.12
N ASP C 850 -10.08 -9.06 40.47
CA ASP C 850 -10.03 -8.51 39.08
C ASP C 850 -10.88 -9.34 38.11
N GLU C 851 -11.60 -8.66 37.20
CA GLU C 851 -12.31 -9.28 36.05
C GLU C 851 -11.25 -9.74 35.04
N LEU C 852 -11.30 -11.03 34.64
CA LEU C 852 -10.28 -11.70 33.81
C LEU C 852 -10.96 -12.44 32.66
N PRO C 853 -10.32 -12.55 31.48
CA PRO C 853 -10.83 -13.41 30.39
C PRO C 853 -11.14 -14.86 30.81
N ALA C 854 -11.93 -15.56 29.99
CA ALA C 854 -12.45 -16.92 30.25
C ALA C 854 -11.34 -17.96 30.09
N GLY C 855 -11.04 -18.70 31.17
CA GLY C 855 -10.09 -19.83 31.18
C GLY C 855 -8.74 -19.46 31.79
N VAL C 856 -8.22 -18.27 31.47
CA VAL C 856 -6.87 -17.78 31.91
C VAL C 856 -6.90 -17.50 33.41
N ASN C 857 -5.80 -17.78 34.13
CA ASN C 857 -5.71 -17.73 35.61
C ASN C 857 -5.01 -16.45 36.08
N GLU C 858 -3.79 -16.20 35.58
CA GLU C 858 -2.92 -15.07 36.01
C GLU C 858 -2.39 -14.33 34.77
N LEU C 859 -2.96 -13.16 34.46
CA LEU C 859 -2.49 -12.25 33.38
C LEU C 859 -1.35 -11.37 33.91
N VAL C 860 -0.31 -11.19 33.10
CA VAL C 860 0.81 -10.22 33.36
C VAL C 860 1.06 -9.41 32.09
N ARG C 861 0.98 -8.07 32.24
CA ARG C 861 1.32 -7.04 31.23
C ARG C 861 2.65 -6.40 31.63
N VAL C 862 3.45 -5.95 30.66
CA VAL C 862 4.76 -5.28 30.86
C VAL C 862 4.78 -4.01 30.01
N TYR C 863 5.11 -2.87 30.63
CA TYR C 863 5.37 -1.56 29.96
C TYR C 863 6.88 -1.33 29.86
N VAL C 864 7.45 -1.50 28.67
CA VAL C 864 8.85 -1.11 28.33
C VAL C 864 8.79 0.21 27.54
N ALA C 865 9.48 1.24 28.05
CA ALA C 865 9.55 2.61 27.49
C ALA C 865 10.93 2.83 26.88
N GLN C 866 10.96 3.18 25.59
CA GLN C 866 12.18 3.60 24.86
C GLN C 866 12.09 5.11 24.62
N LYS C 867 13.10 5.86 25.09
CA LYS C 867 13.25 7.32 24.90
C LYS C 867 13.81 7.55 23.50
N ARG C 868 12.92 7.68 22.50
CA ARG C 868 13.29 7.76 21.06
C ARG C 868 13.89 9.14 20.79
N LYS C 869 15.19 9.18 20.49
CA LYS C 869 15.94 10.39 20.05
C LYS C 869 15.90 10.43 18.53
N ILE C 870 15.62 11.61 17.97
CA ILE C 870 15.30 11.81 16.53
C ILE C 870 16.52 11.44 15.67
N SER C 871 16.64 10.14 15.33
CA SER C 871 17.78 9.53 14.59
C SER C 871 17.55 9.63 13.08
N ASP C 872 18.54 9.20 12.29
CA ASP C 872 18.48 9.14 10.81
C ASP C 872 17.41 8.13 10.38
N GLY C 873 16.64 8.45 9.34
CA GLY C 873 15.61 7.56 8.76
C GLY C 873 14.24 7.74 9.39
N ASP C 874 14.12 8.57 10.44
CA ASP C 874 12.84 8.91 11.11
C ASP C 874 12.16 10.02 10.32
N LYS C 875 10.82 10.03 10.28
CA LYS C 875 10.01 10.97 9.48
C LYS C 875 9.83 12.28 10.27
N LEU C 876 10.02 13.42 9.59
CA LEU C 876 9.64 14.78 10.05
C LEU C 876 8.64 15.37 9.05
N ALA C 877 7.89 16.38 9.50
CA ALA C 877 6.91 17.11 8.65
C ALA C 877 6.52 18.43 9.32
N GLY C 878 6.28 19.46 8.52
CA GLY C 878 5.65 20.72 8.96
C GLY C 878 4.15 20.54 9.16
N ARG C 879 3.42 21.66 9.17
CA ARG C 879 1.93 21.68 9.25
C ARG C 879 1.32 21.80 7.85
N HIS C 880 2.14 22.00 6.81
CA HIS C 880 1.71 22.32 5.43
C HIS C 880 1.87 21.11 4.49
N GLY C 881 1.89 19.90 5.04
CA GLY C 881 2.02 18.66 4.25
C GLY C 881 3.45 18.38 3.80
N ASN C 882 4.37 19.35 3.96
CA ASN C 882 5.80 19.19 3.58
C ASN C 882 6.40 18.13 4.49
N LYS C 883 6.30 16.86 4.08
CA LYS C 883 6.86 15.69 4.81
C LYS C 883 8.37 15.69 4.64
N GLY C 884 9.03 14.65 5.15
CA GLY C 884 10.43 14.35 4.82
C GLY C 884 11.01 13.29 5.72
N VAL C 885 12.02 12.57 5.24
CA VAL C 885 12.89 11.70 6.08
C VAL C 885 14.15 12.50 6.41
N ILE C 886 14.71 12.26 7.59
CA ILE C 886 15.98 12.91 8.04
C ILE C 886 17.14 12.27 7.26
N GLY C 887 17.49 12.90 6.13
CA GLY C 887 18.62 12.51 5.26
C GLY C 887 19.94 12.49 6.02
N LYS C 888 20.21 13.53 6.81
CA LYS C 888 21.52 13.72 7.48
C LYS C 888 21.34 14.53 8.77
N ILE C 889 21.92 14.04 9.88
CA ILE C 889 22.12 14.78 11.15
C ILE C 889 23.57 15.30 11.15
N LEU C 890 23.76 16.60 10.89
CA LEU C 890 25.10 17.24 10.89
C LEU C 890 25.53 17.49 12.33
N PRO C 891 26.80 17.20 12.71
CA PRO C 891 27.37 17.73 13.94
C PRO C 891 27.22 19.25 14.07
N VAL C 892 26.73 19.71 15.23
CA VAL C 892 26.27 21.10 15.55
C VAL C 892 27.00 22.12 14.66
N GLU C 893 28.32 21.99 14.54
CA GLU C 893 29.23 23.00 13.92
C GLU C 893 29.01 23.06 12.40
N ASP C 894 28.97 21.93 11.68
CA ASP C 894 28.90 21.96 10.20
C ASP C 894 27.44 22.14 9.78
N MET C 895 26.92 23.36 9.97
CA MET C 895 25.49 23.72 9.86
C MET C 895 25.39 25.18 9.45
N PRO C 896 24.75 25.53 8.31
CA PRO C 896 24.53 26.92 7.93
C PRO C 896 24.04 27.78 9.11
N PHE C 897 24.90 28.66 9.63
CA PHE C 897 24.68 29.37 10.92
C PHE C 897 24.53 30.88 10.68
N LEU C 898 23.76 31.54 11.56
CA LEU C 898 23.44 33.00 11.47
C LEU C 898 24.70 33.80 11.77
N PRO C 899 24.80 35.07 11.33
CA PRO C 899 25.91 35.96 11.72
C PRO C 899 26.16 36.09 13.24
N ASP C 900 25.19 35.79 14.10
CA ASP C 900 25.34 35.81 15.59
C ASP C 900 25.84 34.45 16.10
N GLY C 901 25.93 33.43 15.23
CA GLY C 901 26.58 32.13 15.53
C GLY C 901 25.60 31.02 15.87
N THR C 902 24.30 31.30 15.83
CA THR C 902 23.24 30.28 16.03
C THR C 902 23.18 29.39 14.79
N PRO C 903 23.38 28.06 14.92
CA PRO C 903 23.18 27.15 13.80
C PRO C 903 21.68 26.92 13.56
N VAL C 904 21.25 26.95 12.30
CA VAL C 904 19.85 26.62 11.91
C VAL C 904 19.65 25.12 12.17
N ASP C 905 18.45 24.71 12.57
CA ASP C 905 18.12 23.35 13.06
C ASP C 905 17.87 22.43 11.86
N ILE C 906 17.06 22.91 10.90
CA ILE C 906 16.65 22.15 9.68
C ILE C 906 16.82 23.01 8.41
N ILE C 907 17.03 22.33 7.28
CA ILE C 907 17.07 22.93 5.92
C ILE C 907 16.12 22.13 5.02
N LEU C 908 14.98 22.74 4.64
CA LEU C 908 13.96 22.14 3.74
C LEU C 908 14.25 22.60 2.30
N ASN C 909 14.16 21.67 1.34
CA ASN C 909 14.59 21.86 -0.07
C ASN C 909 13.58 22.78 -0.78
N THR C 910 14.11 23.75 -1.53
CA THR C 910 13.35 24.84 -2.21
C THR C 910 12.50 24.25 -3.34
N HIS C 911 13.07 23.35 -4.16
CA HIS C 911 12.47 22.77 -5.38
C HIS C 911 11.13 22.09 -5.03
N GLY C 912 11.04 21.52 -3.84
CA GLY C 912 9.79 20.99 -3.24
C GLY C 912 8.65 21.99 -3.30
N VAL C 913 8.90 23.26 -2.98
CA VAL C 913 7.84 24.26 -2.64
C VAL C 913 6.97 24.57 -3.86
N PRO C 914 7.47 25.17 -4.97
CA PRO C 914 6.61 25.54 -6.09
C PRO C 914 5.94 24.33 -6.76
N ARG C 915 6.61 23.17 -6.76
CA ARG C 915 6.10 21.88 -7.29
C ARG C 915 4.93 21.40 -6.42
N ARG C 916 5.18 21.18 -5.13
CA ARG C 916 4.18 20.69 -4.13
C ARG C 916 3.03 21.70 -3.99
N MET C 917 3.31 23.00 -4.21
CA MET C 917 2.32 24.09 -4.23
C MET C 917 1.76 24.29 -2.81
N ASN C 918 2.67 24.51 -1.86
CA ASN C 918 2.36 24.80 -0.43
C ASN C 918 3.36 25.84 0.07
N ILE C 919 3.18 27.11 -0.31
CA ILE C 919 4.06 28.25 0.11
C ILE C 919 3.79 28.61 1.57
N GLY C 920 2.64 28.20 2.13
CA GLY C 920 2.26 28.41 3.54
C GLY C 920 3.45 28.32 4.50
N GLN C 921 4.12 27.17 4.52
CA GLN C 921 5.31 26.86 5.37
C GLN C 921 6.34 28.01 5.35
N ILE C 922 6.46 28.74 4.25
CA ILE C 922 7.41 29.88 4.08
C ILE C 922 6.88 31.12 4.80
N LEU C 923 5.57 31.40 4.69
CA LEU C 923 4.92 32.53 5.41
C LEU C 923 4.95 32.21 6.91
N GLU C 924 4.59 30.97 7.27
CA GLU C 924 4.71 30.37 8.62
C GLU C 924 6.14 30.56 9.13
N THR C 925 7.15 30.23 8.30
CA THR C 925 8.60 30.40 8.60
C THR C 925 8.86 31.88 8.89
N HIS C 926 8.65 32.75 7.89
CA HIS C 926 8.80 34.23 8.00
C HIS C 926 8.22 34.72 9.32
N LEU C 927 6.90 34.59 9.50
CA LEU C 927 6.19 35.05 10.73
C LEU C 927 6.93 34.49 11.95
N GLY C 928 7.38 33.23 11.88
CA GLY C 928 8.20 32.58 12.94
C GLY C 928 9.32 33.48 13.38
N TRP C 929 10.13 33.98 12.44
CA TRP C 929 11.24 34.92 12.73
C TRP C 929 10.68 36.12 13.48
N VAL C 930 9.54 36.66 13.03
CA VAL C 930 8.84 37.81 13.67
C VAL C 930 8.39 37.36 15.07
N ALA C 931 7.99 36.09 15.24
CA ALA C 931 7.52 35.54 16.53
C ALA C 931 8.69 35.48 17.52
N LYS C 932 9.82 34.89 17.13
CA LYS C 932 11.00 34.72 18.03
C LYS C 932 11.65 36.09 18.26
N ALA C 933 11.99 36.81 17.18
CA ALA C 933 12.64 38.14 17.22
C ALA C 933 11.60 39.23 17.53
N GLY C 934 11.53 39.63 18.81
CA GLY C 934 10.61 40.68 19.32
C GLY C 934 10.74 41.98 18.54
N TRP C 935 9.63 42.72 18.41
CA TRP C 935 9.47 43.81 17.41
C TRP C 935 8.69 44.98 18.00
N ASN C 936 9.42 45.99 18.50
CA ASN C 936 8.91 47.36 18.74
C ASN C 936 8.94 48.10 17.40
N ILE C 937 7.85 48.06 16.64
CA ILE C 937 7.71 48.79 15.35
C ILE C 937 7.63 50.28 15.68
N ASP C 938 8.63 51.07 15.25
CA ASP C 938 8.58 52.56 15.30
C ASP C 938 7.47 53.01 14.36
N VAL C 939 6.21 52.77 14.76
CA VAL C 939 5.01 52.68 13.88
C VAL C 939 5.13 53.77 12.82
N ALA C 940 5.11 55.04 13.27
CA ALA C 940 5.22 56.28 12.49
C ALA C 940 4.42 57.38 13.19
N ALA C 941 4.59 58.63 12.75
CA ALA C 941 3.80 59.80 13.20
C ALA C 941 2.41 59.78 12.55
N GLY C 942 2.23 59.03 11.44
CA GLY C 942 0.94 58.90 10.72
C GLY C 942 0.66 57.48 10.23
N VAL C 943 1.22 56.45 10.87
CA VAL C 943 0.92 55.00 10.65
C VAL C 943 1.41 54.56 9.26
N PRO C 944 2.11 53.40 9.13
CA PRO C 944 2.53 52.89 7.83
C PRO C 944 1.40 52.12 7.11
N ASP C 945 1.36 52.20 5.78
CA ASP C 945 0.27 51.69 4.90
C ASP C 945 -0.07 50.23 5.25
N TRP C 946 0.94 49.36 5.34
CA TRP C 946 0.79 47.92 5.69
C TRP C 946 0.01 47.76 7.00
N ALA C 947 0.16 48.71 7.94
CA ALA C 947 -0.54 48.75 9.24
C ALA C 947 -1.74 49.70 9.20
N SER C 948 -2.37 49.88 8.03
CA SER C 948 -3.64 50.63 7.87
C SER C 948 -4.79 49.80 8.46
N LYS C 949 -4.84 48.50 8.12
CA LYS C 949 -5.78 47.50 8.68
C LYS C 949 -5.01 46.61 9.67
N LEU C 950 -4.26 47.23 10.59
CA LEU C 950 -3.45 46.52 11.62
C LEU C 950 -4.38 45.94 12.68
N PRO C 951 -4.17 44.69 13.14
CA PRO C 951 -5.04 44.07 14.14
C PRO C 951 -4.85 44.62 15.56
N GLU C 952 -5.61 44.08 16.52
CA GLU C 952 -5.80 44.63 17.90
C GLU C 952 -4.46 44.85 18.60
N GLU C 953 -3.99 46.10 18.65
CA GLU C 953 -2.85 46.58 19.48
C GLU C 953 -1.60 45.72 19.20
N LEU C 954 -1.41 45.28 17.96
CA LEU C 954 -0.32 44.36 17.55
C LEU C 954 0.76 45.18 16.82
N TYR C 955 1.37 46.11 17.55
CA TYR C 955 2.40 47.08 17.08
C TYR C 955 3.74 46.80 17.76
N SER C 956 3.72 46.63 19.09
CA SER C 956 4.86 46.14 19.91
C SER C 956 4.71 44.63 20.16
N ALA C 957 5.82 43.95 20.43
CA ALA C 957 5.86 42.54 20.87
C ALA C 957 7.23 42.20 21.46
N PRO C 958 7.31 41.60 22.67
CA PRO C 958 8.59 41.20 23.26
C PRO C 958 9.23 39.98 22.57
N ALA C 959 10.37 39.52 23.08
CA ALA C 959 11.13 38.36 22.58
C ALA C 959 10.31 37.08 22.79
N ASP C 960 10.30 36.18 21.79
CA ASP C 960 9.57 34.88 21.80
C ASP C 960 8.07 35.15 21.97
N SER C 961 7.53 36.14 21.26
CA SER C 961 6.10 36.49 21.24
C SER C 961 5.32 35.47 20.40
N THR C 962 4.51 34.64 21.06
CA THR C 962 3.66 33.60 20.41
C THR C 962 2.46 34.30 19.75
N VAL C 963 2.31 34.17 18.43
CA VAL C 963 1.29 34.91 17.62
C VAL C 963 0.19 33.95 17.14
N ALA C 964 -1.05 34.43 17.15
CA ALA C 964 -2.26 33.76 16.60
C ALA C 964 -2.60 34.37 15.24
N THR C 965 -2.88 33.53 14.24
CA THR C 965 -3.35 33.90 12.88
C THR C 965 -4.36 32.85 12.42
N PRO C 966 -5.68 33.10 12.56
CA PRO C 966 -6.71 32.20 12.02
C PRO C 966 -6.57 31.91 10.51
N VAL C 967 -7.22 30.84 10.04
CA VAL C 967 -6.91 30.16 8.75
C VAL C 967 -7.54 30.91 7.56
N PHE C 968 -8.22 32.03 7.79
CA PHE C 968 -8.77 32.93 6.73
C PHE C 968 -8.70 34.39 7.16
N ASP C 969 -9.18 34.72 8.37
CA ASP C 969 -9.03 36.05 9.02
C ASP C 969 -7.69 36.07 9.77
N GLY C 970 -6.58 35.86 9.05
CA GLY C 970 -5.22 35.74 9.59
C GLY C 970 -4.29 36.82 9.07
N ALA C 971 -2.98 36.57 9.15
CA ALA C 971 -1.90 37.48 8.66
C ALA C 971 -1.96 37.55 7.13
N GLN C 972 -2.04 38.76 6.58
CA GLN C 972 -2.20 39.02 5.12
C GLN C 972 -0.85 38.92 4.42
N GLU C 973 -0.87 38.96 3.07
CA GLU C 973 0.32 38.96 2.17
C GLU C 973 1.33 40.01 2.64
N GLY C 974 1.05 41.31 2.42
CA GLY C 974 2.02 42.42 2.56
C GLY C 974 2.32 42.75 4.01
N GLU C 975 1.44 42.34 4.94
CA GLU C 975 1.63 42.53 6.41
C GLU C 975 3.02 42.02 6.81
N LEU C 976 3.35 40.79 6.43
CA LEU C 976 4.66 40.12 6.75
C LEU C 976 5.83 40.95 6.24
N ALA C 977 5.69 41.65 5.10
CA ALA C 977 6.72 42.57 4.55
C ALA C 977 6.96 43.73 5.53
N GLY C 978 5.90 44.17 6.23
CA GLY C 978 5.99 45.17 7.32
C GLY C 978 6.51 44.55 8.61
N LEU C 979 6.09 43.32 8.91
CA LEU C 979 6.42 42.60 10.17
C LEU C 979 7.89 42.16 10.19
N LEU C 980 8.48 41.82 9.04
CA LEU C 980 9.93 41.47 8.93
C LEU C 980 10.77 42.74 9.06
N GLY C 981 10.33 43.84 8.44
CA GLY C 981 10.91 45.19 8.63
C GLY C 981 10.71 45.68 10.06
N SER C 982 11.44 45.04 11.00
CA SER C 982 11.22 45.15 12.47
C SER C 982 12.55 44.95 13.20
N THR C 983 12.95 45.94 14.01
CA THR C 983 14.24 45.96 14.75
C THR C 983 14.17 44.97 15.92
N LEU C 984 15.20 44.13 16.06
CA LEU C 984 15.31 43.07 17.10
C LEU C 984 16.79 42.74 17.33
N PRO C 985 17.56 43.63 18.00
CA PRO C 985 18.98 43.39 18.21
C PRO C 985 19.20 42.20 19.17
N ASN C 986 19.34 41.00 18.58
CA ASN C 986 19.51 39.72 19.31
C ASN C 986 20.85 39.73 20.06
N ARG C 987 20.84 40.25 21.29
CA ARG C 987 22.02 40.45 22.17
C ARG C 987 22.95 41.52 21.56
N ASP C 988 23.56 41.24 20.41
CA ASP C 988 24.41 42.20 19.65
C ASP C 988 23.52 43.28 19.02
N GLY C 989 24.07 44.47 18.81
CA GLY C 989 23.36 45.64 18.25
C GLY C 989 23.31 45.61 16.73
N GLU C 990 22.73 44.54 16.16
CA GLU C 990 22.57 44.35 14.69
C GLU C 990 21.32 43.50 14.40
N VAL C 991 20.69 43.73 13.25
CA VAL C 991 19.58 42.89 12.72
C VAL C 991 20.21 41.74 11.91
N MET C 992 19.55 40.57 11.90
CA MET C 992 20.02 39.33 11.21
C MET C 992 19.31 39.20 9.86
N VAL C 993 17.97 39.20 9.87
CA VAL C 993 17.10 38.97 8.69
C VAL C 993 16.74 40.33 8.07
N ASP C 994 16.67 40.38 6.73
CA ASP C 994 16.45 41.63 5.94
C ASP C 994 14.94 41.86 5.73
N ALA C 995 14.60 43.02 5.17
CA ALA C 995 13.21 43.47 4.84
C ALA C 995 12.47 42.38 4.05
N ASP C 996 13.14 41.78 3.05
CA ASP C 996 12.59 40.68 2.21
C ASP C 996 12.33 39.43 3.05
N GLY C 997 13.09 39.23 4.14
CA GLY C 997 12.93 38.09 5.07
C GLY C 997 14.03 37.04 4.91
N LYS C 998 15.04 37.31 4.09
CA LYS C 998 16.23 36.45 3.89
C LYS C 998 17.34 36.85 4.88
N SER C 999 18.36 36.00 5.04
CA SER C 999 19.56 36.22 5.88
C SER C 999 20.80 35.71 5.15
N THR C 1000 21.93 36.42 5.31
CA THR C 1000 23.27 36.01 4.79
C THR C 1000 23.85 34.95 5.73
N LEU C 1001 23.90 33.69 5.30
CA LEU C 1001 24.42 32.55 6.11
C LEU C 1001 25.89 32.27 5.77
N PHE C 1002 26.66 31.94 6.80
CA PHE C 1002 28.00 31.31 6.69
C PHE C 1002 27.81 29.79 6.67
N ASP C 1003 28.45 29.11 5.71
CA ASP C 1003 28.46 27.63 5.61
C ASP C 1003 29.39 27.11 6.72
N GLY C 1004 28.86 26.32 7.66
CA GLY C 1004 29.66 25.65 8.70
C GLY C 1004 30.66 24.70 8.09
N ARG C 1005 30.22 23.87 7.14
CA ARG C 1005 31.03 22.87 6.39
C ARG C 1005 32.16 23.60 5.66
N SER C 1006 31.84 24.34 4.59
CA SER C 1006 32.81 25.05 3.71
C SER C 1006 33.59 26.08 4.52
N GLY C 1007 32.89 27.00 5.18
CA GLY C 1007 33.47 28.14 5.93
C GLY C 1007 33.20 29.46 5.23
N GLU C 1008 32.92 29.42 3.92
CA GLU C 1008 32.56 30.62 3.11
C GLU C 1008 31.17 31.10 3.51
N PRO C 1009 30.84 32.38 3.23
CA PRO C 1009 29.45 32.83 3.23
C PRO C 1009 28.74 32.32 1.97
N PHE C 1010 27.42 32.14 2.03
CA PHE C 1010 26.58 31.82 0.85
C PHE C 1010 26.52 33.07 -0.03
N PRO C 1011 26.65 32.93 -1.37
CA PRO C 1011 26.83 34.09 -2.25
C PRO C 1011 25.60 34.99 -2.37
N TYR C 1012 24.42 34.49 -1.99
CA TYR C 1012 23.13 35.24 -1.95
C TYR C 1012 22.45 34.97 -0.61
N PRO C 1013 21.62 35.92 -0.10
CA PRO C 1013 20.94 35.73 1.19
C PRO C 1013 19.83 34.68 1.08
N VAL C 1014 19.78 33.72 2.00
CA VAL C 1014 18.86 32.54 1.97
C VAL C 1014 17.74 32.76 3.00
N THR C 1015 16.54 32.25 2.72
CA THR C 1015 15.32 32.43 3.54
C THR C 1015 15.42 31.57 4.81
N VAL C 1016 15.98 32.13 5.87
CA VAL C 1016 15.97 31.54 7.25
C VAL C 1016 14.68 31.99 7.95
N GLY C 1017 14.30 31.29 9.01
CA GLY C 1017 13.19 31.71 9.90
C GLY C 1017 12.81 30.62 10.88
N TYR C 1018 11.90 30.89 11.81
CA TYR C 1018 11.42 29.91 12.82
C TYR C 1018 10.22 29.15 12.26
N MET C 1019 10.27 27.82 12.27
CA MET C 1019 9.18 26.94 11.78
C MET C 1019 8.77 25.96 12.88
N TYR C 1020 7.46 25.78 13.07
CA TYR C 1020 6.88 24.70 13.90
C TYR C 1020 6.92 23.41 13.08
N ILE C 1021 7.68 22.42 13.54
CA ILE C 1021 7.83 21.09 12.87
C ILE C 1021 7.35 20.01 13.85
N LEU C 1022 6.85 18.90 13.29
CA LEU C 1022 6.09 17.84 14.01
C LEU C 1022 6.84 16.52 13.87
N LYS C 1023 7.21 15.91 15.01
CA LYS C 1023 7.78 14.53 15.07
C LYS C 1023 6.69 13.54 14.65
N LEU C 1024 6.83 12.93 13.47
CA LEU C 1024 5.80 12.02 12.88
C LEU C 1024 6.04 10.58 13.35
N HIS C 1025 4.97 9.78 13.37
CA HIS C 1025 4.91 8.43 13.98
C HIS C 1025 5.59 7.38 13.10
N HIS C 1026 5.77 7.66 11.80
CA HIS C 1026 6.37 6.73 10.80
C HIS C 1026 7.86 6.51 11.17
N LEU C 1027 8.11 5.66 12.16
CA LEU C 1027 9.42 5.52 12.85
C LEU C 1027 10.15 4.26 12.39
N VAL C 1028 11.48 4.29 12.41
CA VAL C 1028 12.39 3.17 12.02
C VAL C 1028 12.13 1.97 12.93
N ASP C 1029 11.76 2.19 14.20
CA ASP C 1029 11.37 1.10 15.13
C ASP C 1029 10.11 0.39 14.61
N ASP C 1030 9.29 1.06 13.78
CA ASP C 1030 8.15 0.46 13.05
C ASP C 1030 8.63 -0.09 11.69
N LYS C 1031 9.44 0.68 10.95
CA LYS C 1031 9.68 0.47 9.50
C LYS C 1031 10.91 -0.42 9.22
N ILE C 1032 12.07 -0.14 9.83
CA ILE C 1032 13.34 -0.91 9.59
C ILE C 1032 13.08 -2.39 9.94
N HIS C 1033 13.59 -3.30 9.13
CA HIS C 1033 13.49 -4.77 9.34
C HIS C 1033 14.50 -5.50 8.45
N ALA C 1034 15.22 -6.46 9.02
CA ALA C 1034 16.23 -7.31 8.34
C ALA C 1034 16.02 -8.78 8.72
N ARG C 1035 16.51 -9.70 7.88
CA ARG C 1035 16.46 -11.17 8.12
C ARG C 1035 17.42 -11.87 7.16
N SER C 1036 18.54 -12.37 7.67
CA SER C 1036 19.46 -13.32 6.96
C SER C 1036 18.80 -14.70 6.93
N THR C 1037 18.46 -15.22 8.11
CA THR C 1037 17.59 -16.40 8.35
C THR C 1037 16.74 -16.09 9.60
N GLY C 1038 15.95 -17.05 10.07
CA GLY C 1038 15.13 -16.87 11.30
C GLY C 1038 14.08 -17.95 11.47
N PRO C 1039 13.02 -17.69 12.28
CA PRO C 1039 11.94 -18.66 12.51
C PRO C 1039 10.88 -18.61 11.41
N TYR C 1040 10.62 -19.75 10.78
CA TYR C 1040 9.71 -19.91 9.61
C TYR C 1040 8.30 -20.26 10.09
N SER C 1041 7.31 -20.06 9.22
CA SER C 1041 5.89 -20.48 9.42
C SER C 1041 5.78 -22.00 9.27
N MET C 1042 4.79 -22.61 9.92
CA MET C 1042 4.52 -24.08 9.87
C MET C 1042 3.68 -24.41 8.64
N ILE C 1043 2.70 -23.56 8.32
CA ILE C 1043 1.69 -23.81 7.23
C ILE C 1043 2.36 -23.62 5.87
N THR C 1044 2.72 -22.38 5.48
CA THR C 1044 3.63 -22.08 4.35
C THR C 1044 5.08 -22.34 4.81
N GLN C 1045 5.99 -22.62 3.87
CA GLN C 1045 7.44 -22.89 4.15
C GLN C 1045 8.29 -21.73 3.61
N GLN C 1046 7.73 -20.51 3.56
CA GLN C 1046 8.44 -19.26 3.22
C GLN C 1046 8.46 -18.38 4.47
N PRO C 1047 9.57 -17.62 4.74
CA PRO C 1047 9.63 -16.70 5.87
C PRO C 1047 8.39 -15.82 6.11
N LEU C 1048 8.14 -15.47 7.38
CA LEU C 1048 6.93 -14.73 7.84
C LEU C 1048 6.99 -13.26 7.41
N GLY C 1049 5.93 -12.51 7.70
CA GLY C 1049 5.84 -11.04 7.50
C GLY C 1049 5.65 -10.32 8.83
N GLY C 1050 6.38 -9.22 9.04
CA GLY C 1050 6.33 -8.40 10.26
C GLY C 1050 7.63 -8.48 11.05
N LYS C 1051 7.91 -7.42 11.84
CA LYS C 1051 9.14 -7.28 12.67
C LYS C 1051 8.99 -8.06 13.98
N ALA C 1052 7.75 -8.26 14.46
CA ALA C 1052 7.41 -8.93 15.73
C ALA C 1052 7.87 -10.40 15.71
N GLN C 1053 7.55 -11.12 14.63
CA GLN C 1053 7.89 -12.56 14.44
C GLN C 1053 9.28 -12.72 13.80
N PHE C 1054 10.01 -11.61 13.60
CA PHE C 1054 11.35 -11.56 12.94
C PHE C 1054 11.21 -12.10 11.51
N GLY C 1055 10.21 -11.59 10.77
CA GLY C 1055 9.84 -12.05 9.42
C GLY C 1055 10.87 -11.64 8.37
N GLY C 1056 10.67 -12.06 7.12
CA GLY C 1056 11.47 -11.63 5.97
C GLY C 1056 10.95 -10.34 5.39
N GLN C 1057 11.05 -10.18 4.06
CA GLN C 1057 10.45 -9.05 3.30
C GLN C 1057 9.88 -9.58 1.98
N ARG C 1058 8.67 -9.14 1.63
CA ARG C 1058 7.83 -9.77 0.57
C ARG C 1058 8.41 -9.45 -0.81
N PHE C 1059 8.82 -10.51 -1.53
CA PHE C 1059 9.26 -10.46 -2.94
C PHE C 1059 8.05 -10.78 -3.84
N GLY C 1060 7.41 -9.73 -4.37
CA GLY C 1060 6.14 -9.82 -5.12
C GLY C 1060 6.34 -10.26 -6.56
N GLU C 1061 5.24 -10.32 -7.31
CA GLU C 1061 5.17 -10.66 -8.76
C GLU C 1061 5.93 -9.61 -9.58
N MET C 1062 5.67 -8.33 -9.31
CA MET C 1062 6.20 -7.15 -10.04
C MET C 1062 7.74 -7.16 -9.99
N GLU C 1063 8.33 -7.64 -8.88
CA GLU C 1063 9.79 -7.84 -8.74
C GLU C 1063 10.23 -8.95 -9.70
N CYS C 1064 9.48 -10.06 -9.79
CA CYS C 1064 9.73 -11.19 -10.72
C CYS C 1064 9.69 -10.67 -12.16
N TRP C 1065 8.66 -9.88 -12.50
CA TRP C 1065 8.53 -9.21 -13.82
C TRP C 1065 9.83 -8.48 -14.17
N ALA C 1066 10.34 -7.67 -13.23
CA ALA C 1066 11.55 -6.82 -13.40
C ALA C 1066 12.80 -7.71 -13.51
N MET C 1067 12.92 -8.72 -12.63
CA MET C 1067 13.99 -9.75 -12.70
C MET C 1067 14.01 -10.37 -14.10
N GLN C 1068 12.84 -10.70 -14.64
CA GLN C 1068 12.68 -11.33 -15.99
C GLN C 1068 12.94 -10.30 -17.10
N ALA C 1069 12.59 -9.03 -16.87
CA ALA C 1069 12.86 -7.90 -17.80
C ALA C 1069 14.36 -7.69 -17.91
N TYR C 1070 15.08 -7.71 -16.79
CA TYR C 1070 16.57 -7.82 -16.77
C TYR C 1070 16.97 -9.12 -17.48
N GLY C 1071 16.24 -10.20 -17.20
CA GLY C 1071 16.52 -11.56 -17.70
C GLY C 1071 17.49 -12.26 -16.77
N ALA C 1072 17.30 -12.08 -15.46
CA ALA C 1072 18.19 -12.56 -14.38
C ALA C 1072 17.59 -13.83 -13.77
N ALA C 1073 17.43 -14.85 -14.62
CA ALA C 1073 16.84 -16.18 -14.29
C ALA C 1073 17.42 -16.70 -12.97
N TYR C 1074 18.74 -16.68 -12.82
CA TYR C 1074 19.47 -17.26 -11.65
C TYR C 1074 19.08 -16.52 -10.37
N THR C 1075 19.04 -15.19 -10.38
CA THR C 1075 18.69 -14.35 -9.21
C THR C 1075 17.27 -14.70 -8.75
N LEU C 1076 16.30 -14.61 -9.68
CA LEU C 1076 14.86 -14.89 -9.45
C LEU C 1076 14.68 -16.33 -8.95
N GLN C 1077 15.30 -17.30 -9.64
CA GLN C 1077 15.22 -18.74 -9.33
C GLN C 1077 15.93 -19.05 -8.01
N GLU C 1078 16.86 -18.19 -7.58
CA GLU C 1078 17.48 -18.26 -6.22
C GLU C 1078 16.50 -17.67 -5.19
N LEU C 1079 15.86 -16.55 -5.53
CA LEU C 1079 14.87 -15.84 -4.67
C LEU C 1079 13.63 -16.71 -4.42
N LEU C 1080 13.18 -17.47 -5.43
CA LEU C 1080 11.87 -18.19 -5.42
C LEU C 1080 12.03 -19.66 -4.96
N THR C 1081 13.24 -20.10 -4.58
CA THR C 1081 13.53 -21.50 -4.17
C THR C 1081 14.18 -21.53 -2.77
N ILE C 1082 15.49 -21.27 -2.68
CA ILE C 1082 16.28 -21.45 -1.43
C ILE C 1082 16.00 -20.28 -0.47
N LYS C 1083 15.84 -19.06 -0.99
CA LYS C 1083 15.64 -17.83 -0.18
C LYS C 1083 14.26 -17.85 0.49
N SER C 1084 13.28 -18.54 -0.11
CA SER C 1084 11.90 -18.67 0.42
C SER C 1084 11.63 -20.11 0.88
N ASP C 1085 11.40 -21.02 -0.08
CA ASP C 1085 10.60 -22.26 0.11
C ASP C 1085 11.46 -23.42 0.61
N ASP C 1086 12.44 -23.87 -0.20
CA ASP C 1086 13.04 -25.23 -0.14
C ASP C 1086 13.73 -25.48 1.21
N THR C 1087 13.20 -26.45 1.98
CA THR C 1087 13.59 -26.79 3.38
C THR C 1087 15.00 -27.38 3.42
N VAL C 1088 15.34 -28.29 2.49
CA VAL C 1088 16.74 -28.77 2.27
C VAL C 1088 17.58 -27.60 1.76
N GLY C 1089 17.01 -26.79 0.86
CA GLY C 1089 17.66 -25.66 0.19
C GLY C 1089 18.24 -24.65 1.16
N ARG C 1090 17.41 -24.12 2.07
CA ARG C 1090 17.80 -23.05 3.04
C ARG C 1090 18.93 -23.55 3.96
N VAL C 1091 18.77 -24.72 4.58
CA VAL C 1091 19.80 -25.32 5.48
C VAL C 1091 21.07 -25.61 4.67
N LYS C 1092 20.94 -26.19 3.46
CA LYS C 1092 22.09 -26.51 2.59
C LYS C 1092 22.84 -25.24 2.20
N VAL C 1093 22.13 -24.16 1.83
CA VAL C 1093 22.76 -22.87 1.41
C VAL C 1093 23.37 -22.18 2.65
N TYR C 1094 22.70 -22.21 3.81
CA TYR C 1094 23.28 -21.69 5.08
C TYR C 1094 24.59 -22.43 5.38
N GLU C 1095 24.52 -23.77 5.40
CA GLU C 1095 25.66 -24.70 5.61
C GLU C 1095 26.80 -24.38 4.62
N ALA C 1096 26.47 -24.27 3.33
CA ALA C 1096 27.41 -23.99 2.22
C ALA C 1096 28.06 -22.61 2.40
N ILE C 1097 27.28 -21.60 2.80
CA ILE C 1097 27.75 -20.22 3.07
C ILE C 1097 28.72 -20.27 4.27
N VAL C 1098 28.30 -20.83 5.41
CA VAL C 1098 29.14 -20.85 6.64
C VAL C 1098 30.39 -21.71 6.39
N LYS C 1099 30.30 -22.79 5.61
CA LYS C 1099 31.47 -23.62 5.21
C LYS C 1099 32.35 -22.86 4.21
N GLY C 1100 31.74 -21.99 3.39
CA GLY C 1100 32.45 -21.19 2.36
C GLY C 1100 32.67 -22.00 1.09
N GLU C 1101 31.65 -22.75 0.68
CA GLU C 1101 31.67 -23.68 -0.49
C GLU C 1101 30.79 -23.09 -1.60
N ASN C 1102 30.70 -23.78 -2.75
CA ASN C 1102 29.78 -23.44 -3.86
C ASN C 1102 28.33 -23.57 -3.36
N ILE C 1103 27.48 -22.63 -3.75
CA ILE C 1103 26.02 -22.64 -3.40
C ILE C 1103 25.37 -23.79 -4.18
N PRO C 1104 24.68 -24.74 -3.52
CA PRO C 1104 24.05 -25.86 -4.22
C PRO C 1104 22.92 -25.37 -5.15
N GLU C 1105 22.79 -26.02 -6.31
CA GLU C 1105 21.79 -25.67 -7.36
C GLU C 1105 20.40 -25.97 -6.82
N PRO C 1106 19.51 -24.97 -6.64
CA PRO C 1106 18.18 -25.20 -6.07
C PRO C 1106 17.32 -26.09 -6.98
N GLY C 1107 16.95 -27.28 -6.48
CA GLY C 1107 16.34 -28.37 -7.25
C GLY C 1107 14.82 -28.40 -7.13
N ILE C 1108 14.32 -28.60 -5.91
CA ILE C 1108 12.91 -29.01 -5.63
C ILE C 1108 12.22 -27.96 -4.76
N PRO C 1109 11.52 -26.95 -5.36
CA PRO C 1109 10.76 -25.97 -4.59
C PRO C 1109 9.52 -26.58 -3.93
N GLU C 1110 9.18 -26.13 -2.72
CA GLU C 1110 8.02 -26.61 -1.92
C GLU C 1110 6.71 -26.30 -2.66
N SER C 1111 6.61 -25.13 -3.27
CA SER C 1111 5.46 -24.65 -4.08
C SER C 1111 5.04 -25.70 -5.11
N PHE C 1112 6.01 -26.23 -5.87
CA PHE C 1112 5.79 -27.21 -6.95
C PHE C 1112 5.29 -28.54 -6.37
N LYS C 1113 5.89 -29.00 -5.26
CA LYS C 1113 5.45 -30.21 -4.51
C LYS C 1113 3.99 -29.99 -4.09
N VAL C 1114 3.73 -28.89 -3.40
CA VAL C 1114 2.37 -28.44 -2.95
C VAL C 1114 1.41 -28.53 -4.13
N LEU C 1115 1.73 -27.88 -5.26
CA LEU C 1115 0.82 -27.79 -6.44
C LEU C 1115 0.65 -29.17 -7.11
N LEU C 1116 1.72 -29.97 -7.18
CA LEU C 1116 1.71 -31.34 -7.76
C LEU C 1116 0.79 -32.24 -6.92
N LYS C 1117 1.05 -32.30 -5.61
CA LYS C 1117 0.24 -33.07 -4.61
C LYS C 1117 -1.22 -32.57 -4.66
N GLU C 1118 -1.41 -31.24 -4.70
CA GLU C 1118 -2.75 -30.57 -4.71
C GLU C 1118 -3.51 -30.90 -6.00
N LEU C 1119 -2.84 -30.89 -7.15
CA LEU C 1119 -3.43 -31.27 -8.47
C LEU C 1119 -3.73 -32.78 -8.46
N GLN C 1120 -2.83 -33.61 -7.92
CA GLN C 1120 -3.03 -35.07 -7.79
C GLN C 1120 -4.17 -35.36 -6.79
N SER C 1121 -4.45 -34.44 -5.85
CA SER C 1121 -5.59 -34.54 -4.89
C SER C 1121 -6.93 -34.31 -5.60
N LEU C 1122 -6.95 -33.55 -6.70
CA LEU C 1122 -8.17 -33.26 -7.51
C LEU C 1122 -8.27 -34.22 -8.69
N CYS C 1123 -7.57 -35.36 -8.64
CA CYS C 1123 -7.66 -36.50 -9.58
C CYS C 1123 -7.24 -36.06 -10.99
N LEU C 1124 -6.14 -35.30 -11.10
CA LEU C 1124 -5.44 -34.98 -12.38
C LEU C 1124 -4.04 -35.60 -12.33
N ASN C 1125 -3.79 -36.60 -13.18
CA ASN C 1125 -2.47 -37.28 -13.30
C ASN C 1125 -1.53 -36.37 -14.10
N VAL C 1126 -0.57 -35.73 -13.41
CA VAL C 1126 0.44 -34.81 -14.00
C VAL C 1126 1.81 -35.47 -13.88
N GLU C 1127 2.45 -35.78 -15.02
CA GLU C 1127 3.79 -36.42 -15.13
C GLU C 1127 4.68 -35.59 -16.06
N VAL C 1128 5.81 -35.11 -15.55
CA VAL C 1128 6.79 -34.28 -16.31
C VAL C 1128 7.70 -35.20 -17.13
N LEU C 1129 7.56 -35.17 -18.46
CA LEU C 1129 8.40 -35.93 -19.43
C LEU C 1129 9.68 -35.14 -19.71
N SER C 1130 10.79 -35.84 -19.97
CA SER C 1130 12.08 -35.28 -20.45
C SER C 1130 12.00 -35.05 -21.97
N SER C 1131 13.07 -34.51 -22.57
CA SER C 1131 13.21 -34.30 -24.04
C SER C 1131 13.12 -35.65 -24.76
N ASP C 1132 13.82 -36.66 -24.25
CA ASP C 1132 13.79 -38.07 -24.74
C ASP C 1132 14.07 -39.02 -23.57
N GLY C 1133 13.35 -40.15 -23.51
CA GLY C 1133 13.50 -41.20 -22.49
C GLY C 1133 12.26 -41.33 -21.62
N ALA C 1134 12.42 -41.89 -20.41
CA ALA C 1134 11.35 -42.19 -19.44
C ALA C 1134 11.20 -41.02 -18.44
N ALA C 1135 10.01 -40.88 -17.85
CA ALA C 1135 9.65 -39.85 -16.86
C ALA C 1135 10.17 -40.25 -15.47
N ILE C 1136 10.14 -39.32 -14.51
CA ILE C 1136 10.75 -39.47 -13.15
C ILE C 1136 9.87 -38.75 -12.10
N GLU C 1137 9.97 -39.19 -10.85
CA GLU C 1137 9.60 -38.39 -9.64
C GLU C 1137 10.75 -37.40 -9.36
N MET C 1138 10.45 -36.31 -8.66
CA MET C 1138 11.42 -35.22 -8.36
C MET C 1138 12.52 -35.72 -7.42
N ARG C 1139 12.18 -36.62 -6.49
CA ARG C 1139 13.12 -37.28 -5.55
C ARG C 1139 13.06 -38.80 -5.77
N VAL D 4 15.98 -35.11 -11.51
CA VAL D 4 15.88 -34.38 -10.21
C VAL D 4 16.03 -32.88 -10.46
N ASN D 5 17.20 -32.46 -10.97
CA ASN D 5 17.55 -31.05 -11.26
C ASN D 5 16.98 -30.64 -12.62
N PHE D 6 16.83 -31.59 -13.55
CA PHE D 6 16.47 -31.37 -14.98
C PHE D 6 14.94 -31.30 -15.13
N PHE D 7 14.48 -30.79 -16.29
CA PHE D 7 13.05 -30.64 -16.65
C PHE D 7 12.90 -30.47 -18.17
N ASP D 8 11.73 -30.84 -18.71
CA ASP D 8 11.31 -30.61 -20.11
C ASP D 8 9.82 -30.23 -20.12
N GLU D 9 9.08 -30.63 -21.16
CA GLU D 9 7.63 -30.31 -21.32
C GLU D 9 6.82 -31.08 -20.28
N LEU D 10 5.91 -30.40 -19.57
CA LEU D 10 4.99 -31.03 -18.57
C LEU D 10 3.67 -31.39 -19.28
N ARG D 11 3.11 -32.55 -18.93
CA ARG D 11 1.83 -33.08 -19.48
C ARG D 11 0.83 -33.27 -18.33
N ILE D 12 -0.46 -33.17 -18.65
CA ILE D 12 -1.60 -33.32 -17.70
C ILE D 12 -2.47 -34.49 -18.19
N GLY D 13 -3.30 -35.07 -17.30
CA GLY D 13 -4.24 -36.15 -17.64
C GLY D 13 -5.34 -36.29 -16.60
N LEU D 14 -6.05 -37.43 -16.62
CA LEU D 14 -7.03 -37.84 -15.59
C LEU D 14 -6.42 -38.96 -14.73
N ALA D 15 -6.45 -38.78 -13.41
CA ALA D 15 -5.95 -39.76 -12.41
C ALA D 15 -6.91 -40.96 -12.38
N THR D 16 -6.53 -42.05 -13.06
CA THR D 16 -7.27 -43.34 -13.05
C THR D 16 -7.07 -44.00 -11.69
N ALA D 17 -8.10 -44.72 -11.20
CA ALA D 17 -8.14 -45.38 -9.88
C ALA D 17 -6.86 -46.19 -9.65
N ASP D 18 -6.41 -46.95 -10.66
CA ASP D 18 -5.17 -47.76 -10.62
C ASP D 18 -3.94 -46.86 -10.44
N ASP D 19 -3.89 -45.71 -11.13
CA ASP D 19 -2.78 -44.72 -11.02
C ASP D 19 -2.81 -44.06 -9.64
N ILE D 20 -4.01 -43.75 -9.11
CA ILE D 20 -4.21 -43.17 -7.75
C ILE D 20 -3.76 -44.20 -6.70
N ARG D 21 -4.12 -45.47 -6.89
CA ARG D 21 -3.67 -46.61 -6.04
C ARG D 21 -2.14 -46.77 -6.14
N ASN D 22 -1.58 -46.60 -7.36
CA ASN D 22 -0.12 -46.69 -7.64
C ASN D 22 0.61 -45.50 -7.01
N TRP D 23 -0.03 -44.34 -6.86
CA TRP D 23 0.49 -43.18 -6.07
C TRP D 23 0.56 -43.57 -4.59
N SER D 24 -0.55 -44.07 -4.05
CA SER D 24 -0.82 -44.19 -2.60
C SER D 24 0.15 -45.18 -1.94
N TYR D 25 0.45 -44.93 -0.66
CA TYR D 25 1.38 -45.73 0.20
C TYR D 25 0.56 -46.59 1.18
N GLY D 26 -0.65 -46.15 1.55
CA GLY D 26 -1.63 -46.95 2.29
C GLY D 26 -3.05 -46.41 2.15
N GLU D 27 -4.03 -47.14 2.70
CA GLU D 27 -5.48 -46.84 2.61
C GLU D 27 -5.93 -46.08 3.88
N VAL D 28 -6.73 -45.03 3.73
CA VAL D 28 -7.42 -44.33 4.86
C VAL D 28 -8.76 -45.03 5.08
N LYS D 29 -9.01 -45.56 6.29
CA LYS D 29 -10.25 -46.34 6.60
C LYS D 29 -10.80 -46.02 8.01
N LYS D 30 -10.47 -44.85 8.58
CA LYS D 30 -11.05 -44.38 9.86
C LYS D 30 -11.36 -42.88 9.76
N PRO D 31 -12.47 -42.40 10.37
CA PRO D 31 -12.79 -40.96 10.39
C PRO D 31 -12.01 -40.15 11.43
N GLU D 32 -11.15 -40.79 12.22
CA GLU D 32 -10.43 -40.17 13.37
C GLU D 32 -9.27 -39.32 12.84
N THR D 33 -8.99 -38.20 13.53
CA THR D 33 -7.93 -37.20 13.21
C THR D 33 -6.69 -37.49 14.07
N ILE D 34 -6.77 -37.21 15.38
CA ILE D 34 -5.65 -37.37 16.36
C ILE D 34 -6.23 -37.73 17.73
N ASN D 35 -5.42 -38.39 18.59
CA ASN D 35 -5.83 -38.75 19.98
C ASN D 35 -5.87 -37.48 20.84
N TYR D 36 -6.93 -37.31 21.62
CA TYR D 36 -7.23 -36.09 22.44
C TYR D 36 -6.21 -35.93 23.57
N ARG D 37 -5.72 -37.04 24.13
CA ARG D 37 -4.74 -37.05 25.26
C ARG D 37 -3.32 -36.82 24.73
N THR D 38 -2.76 -37.80 24.03
CA THR D 38 -1.33 -37.89 23.65
C THR D 38 -1.02 -37.03 22.42
N LEU D 39 -2.03 -36.70 21.60
CA LEU D 39 -1.92 -35.93 20.33
C LEU D 39 -0.90 -36.61 19.39
N LYS D 40 -1.07 -37.93 19.20
CA LYS D 40 -0.52 -38.72 18.07
C LYS D 40 -1.69 -39.13 17.18
N PRO D 41 -1.50 -39.24 15.85
CA PRO D 41 -2.58 -39.65 14.94
C PRO D 41 -2.85 -41.16 15.01
N GLU D 42 -4.14 -41.54 14.94
CA GLU D 42 -4.63 -42.94 15.11
C GLU D 42 -4.47 -43.72 13.79
N LYS D 43 -4.32 -45.04 13.90
CA LYS D 43 -3.91 -45.97 12.82
C LYS D 43 -5.01 -46.03 11.74
N ASP D 44 -4.66 -45.67 10.50
CA ASP D 44 -5.52 -45.74 9.28
C ASP D 44 -6.64 -44.67 9.35
N GLY D 45 -6.43 -43.57 10.09
CA GLY D 45 -7.27 -42.38 10.10
C GLY D 45 -6.64 -41.25 9.29
N LEU D 46 -7.03 -40.00 9.55
CA LEU D 46 -6.37 -38.80 8.96
C LEU D 46 -5.04 -38.57 9.68
N PHE D 47 -4.02 -38.10 8.96
CA PHE D 47 -2.65 -37.74 9.46
C PHE D 47 -1.82 -38.97 9.87
N CYS D 48 -2.31 -40.20 9.66
CA CYS D 48 -1.78 -41.44 10.30
C CYS D 48 -0.37 -41.75 9.80
N GLU D 49 0.50 -42.21 10.70
CA GLU D 49 1.97 -42.34 10.48
C GLU D 49 2.32 -43.60 9.67
N LYS D 50 1.41 -44.58 9.60
CA LYS D 50 1.62 -45.85 8.84
C LYS D 50 1.75 -45.54 7.34
N ILE D 51 0.77 -44.81 6.77
CA ILE D 51 0.65 -44.58 5.31
C ILE D 51 1.44 -43.32 4.91
N PHE D 52 1.34 -42.25 5.71
CA PHE D 52 1.88 -40.90 5.40
C PHE D 52 3.35 -40.76 5.84
N GLY D 53 3.92 -41.77 6.50
CA GLY D 53 5.27 -41.69 7.11
C GLY D 53 5.22 -41.00 8.47
N PRO D 54 6.36 -40.85 9.17
CA PRO D 54 6.35 -40.42 10.57
C PRO D 54 6.12 -38.91 10.75
N THR D 55 5.60 -38.54 11.92
CA THR D 55 5.23 -37.14 12.29
C THR D 55 6.51 -36.32 12.51
N ARG D 56 7.31 -36.69 13.51
CA ARG D 56 8.59 -36.00 13.88
C ARG D 56 9.77 -36.79 13.29
N ASP D 57 10.88 -36.09 13.02
CA ASP D 57 12.07 -36.58 12.28
C ASP D 57 12.72 -37.74 13.05
N TRP D 58 12.82 -38.92 12.42
CA TRP D 58 13.37 -40.18 12.99
C TRP D 58 12.62 -40.54 14.28
N GLU D 59 11.37 -41.01 14.15
CA GLU D 59 10.50 -41.49 15.25
C GLU D 59 9.48 -42.48 14.70
N CYS D 60 9.36 -43.66 15.33
CA CYS D 60 8.24 -44.62 15.08
C CYS D 60 7.07 -44.24 16.00
N TYR D 61 5.89 -44.85 15.78
CA TYR D 61 4.64 -44.51 16.50
C TYR D 61 4.78 -44.84 18.00
N CYS D 62 5.03 -46.11 18.31
CA CYS D 62 5.17 -46.64 19.71
C CYS D 62 6.42 -46.05 20.38
N GLY D 63 7.54 -46.01 19.65
CA GLY D 63 8.83 -45.46 20.10
C GLY D 63 9.89 -46.55 20.24
N LYS D 64 10.42 -47.03 19.11
CA LYS D 64 11.40 -48.16 19.03
C LYS D 64 12.72 -47.69 18.40
N TYR D 65 12.66 -46.99 17.26
CA TYR D 65 13.84 -46.51 16.49
C TYR D 65 13.80 -44.98 16.36
N LYS D 66 14.86 -44.29 16.79
CA LYS D 66 15.06 -42.82 16.63
C LYS D 66 16.48 -42.51 16.12
N ARG D 67 17.24 -43.51 15.65
CA ARG D 67 18.63 -43.35 15.15
C ARG D 67 18.60 -43.14 13.64
N VAL D 68 19.59 -42.39 13.11
CA VAL D 68 19.79 -42.12 11.66
C VAL D 68 20.49 -43.34 11.04
N ARG D 69 21.24 -44.10 11.84
CA ARG D 69 21.91 -45.39 11.46
C ARG D 69 20.94 -46.26 10.66
N PHE D 70 19.73 -46.47 11.18
CA PHE D 70 18.67 -47.33 10.58
C PHE D 70 17.89 -46.50 9.56
N LYS D 71 18.19 -46.71 8.26
CA LYS D 71 17.53 -46.03 7.11
C LYS D 71 16.95 -47.10 6.17
N GLY D 72 15.67 -46.96 5.81
CA GLY D 72 14.94 -47.86 4.90
C GLY D 72 14.16 -48.94 5.62
N ILE D 73 14.51 -49.24 6.89
CA ILE D 73 13.85 -50.29 7.72
C ILE D 73 12.43 -49.82 8.10
N ILE D 74 11.46 -50.74 8.07
CA ILE D 74 10.05 -50.52 8.49
C ILE D 74 9.83 -51.31 9.78
N CYS D 75 9.51 -50.62 10.87
CA CYS D 75 9.27 -51.28 12.18
C CYS D 75 8.16 -52.33 12.02
N GLU D 76 8.35 -53.52 12.61
CA GLU D 76 7.34 -54.60 12.52
C GLU D 76 6.31 -54.45 13.65
N ARG D 77 6.59 -53.57 14.62
CA ARG D 77 5.68 -53.34 15.76
C ARG D 77 4.43 -52.59 15.27
N CYS D 78 4.61 -51.36 14.78
CA CYS D 78 3.48 -50.53 14.27
C CYS D 78 3.39 -50.69 12.74
N GLY D 79 4.52 -50.53 12.04
CA GLY D 79 4.54 -50.64 10.57
C GLY D 79 4.78 -49.32 9.86
N VAL D 80 5.30 -48.31 10.56
CA VAL D 80 5.72 -47.00 9.97
C VAL D 80 7.18 -47.13 9.53
N GLU D 81 7.58 -46.38 8.50
CA GLU D 81 8.97 -46.39 7.94
C GLU D 81 9.73 -45.19 8.51
N VAL D 82 10.89 -45.45 9.14
CA VAL D 82 11.72 -44.42 9.85
C VAL D 82 12.52 -43.65 8.80
N THR D 83 12.07 -42.43 8.49
CA THR D 83 12.70 -41.49 7.52
C THR D 83 12.56 -40.04 8.03
N ARG D 84 12.96 -39.06 7.22
CA ARG D 84 12.83 -37.61 7.53
C ARG D 84 11.35 -37.20 7.45
N ALA D 85 10.97 -36.15 8.17
CA ALA D 85 9.57 -35.71 8.38
C ALA D 85 9.03 -34.95 7.15
N LYS D 86 9.91 -34.48 6.26
CA LYS D 86 9.56 -33.74 5.00
C LYS D 86 8.53 -34.53 4.17
N VAL D 87 8.68 -35.87 4.11
CA VAL D 87 7.82 -36.81 3.30
C VAL D 87 6.34 -36.59 3.63
N ARG D 88 6.01 -36.09 4.82
CA ARG D 88 4.63 -35.72 5.26
C ARG D 88 4.00 -34.67 4.32
N ARG D 89 4.80 -33.93 3.54
CA ARG D 89 4.29 -32.99 2.51
C ARG D 89 4.28 -33.65 1.12
N GLU D 90 4.95 -34.81 0.95
CA GLU D 90 5.18 -35.49 -0.35
C GLU D 90 4.35 -36.78 -0.46
N ARG D 91 3.72 -37.26 0.61
CA ARG D 91 2.99 -38.56 0.66
C ARG D 91 1.49 -38.30 0.64
N MET D 92 0.79 -38.87 -0.35
CA MET D 92 -0.69 -38.80 -0.53
C MET D 92 -1.31 -40.12 -0.06
N GLY D 93 -2.54 -40.06 0.45
CA GLY D 93 -3.33 -41.24 0.86
C GLY D 93 -4.32 -41.62 -0.22
N HIS D 94 -5.12 -42.68 0.01
CA HIS D 94 -6.26 -43.07 -0.87
C HIS D 94 -7.41 -43.64 -0.03
N ILE D 95 -8.61 -43.53 -0.58
CA ILE D 95 -9.89 -44.01 0.02
C ILE D 95 -10.57 -44.92 -1.00
N GLU D 96 -10.66 -46.23 -0.70
CA GLU D 96 -11.36 -47.26 -1.50
C GLU D 96 -12.87 -47.14 -1.27
N LEU D 97 -13.63 -46.73 -2.29
CA LEU D 97 -15.11 -46.59 -2.20
C LEU D 97 -15.76 -47.92 -2.61
N ALA D 98 -16.67 -48.44 -1.78
CA ALA D 98 -17.44 -49.69 -2.03
C ALA D 98 -18.18 -49.59 -3.36
N ALA D 99 -18.81 -48.44 -3.61
CA ALA D 99 -19.43 -48.05 -4.90
C ALA D 99 -18.65 -46.87 -5.49
N PRO D 100 -18.27 -46.91 -6.78
CA PRO D 100 -17.57 -45.78 -7.41
C PRO D 100 -18.52 -44.62 -7.70
N VAL D 101 -18.11 -43.39 -7.37
CA VAL D 101 -18.84 -42.12 -7.65
C VAL D 101 -18.09 -41.36 -8.75
N THR D 102 -18.80 -40.50 -9.47
CA THR D 102 -18.27 -39.70 -10.62
C THR D 102 -17.52 -38.48 -10.09
N HIS D 103 -16.67 -37.88 -10.93
CA HIS D 103 -15.99 -36.59 -10.69
C HIS D 103 -16.89 -35.45 -11.17
N ILE D 104 -17.02 -34.38 -10.38
CA ILE D 104 -17.94 -33.22 -10.67
C ILE D 104 -17.39 -32.39 -11.83
N TRP D 105 -16.06 -32.28 -11.97
CA TRP D 105 -15.35 -31.39 -12.94
C TRP D 105 -15.87 -31.60 -14.37
N TYR D 106 -16.11 -32.86 -14.76
CA TYR D 106 -16.52 -33.26 -16.14
C TYR D 106 -18.06 -33.31 -16.24
N PHE D 107 -18.75 -32.85 -15.18
CA PHE D 107 -20.23 -32.82 -15.06
C PHE D 107 -20.72 -31.37 -15.00
N LYS D 108 -20.30 -30.60 -13.99
CA LYS D 108 -20.85 -29.24 -13.71
C LYS D 108 -20.18 -28.17 -14.58
N GLY D 109 -19.00 -28.47 -15.17
CA GLY D 109 -18.37 -27.65 -16.21
C GLY D 109 -19.30 -27.44 -17.39
N VAL D 110 -19.22 -26.27 -18.04
CA VAL D 110 -20.14 -25.84 -19.14
C VAL D 110 -19.35 -25.83 -20.45
N PRO D 111 -19.57 -26.78 -21.40
CA PRO D 111 -20.56 -27.86 -21.26
C PRO D 111 -20.05 -29.05 -20.43
N SER D 112 -20.98 -29.85 -19.88
CA SER D 112 -20.74 -31.15 -19.21
C SER D 112 -20.06 -32.11 -20.19
N ARG D 113 -18.88 -32.64 -19.85
CA ARG D 113 -18.06 -33.48 -20.76
C ARG D 113 -18.55 -34.93 -20.69
N LEU D 114 -18.73 -35.49 -19.49
CA LEU D 114 -19.28 -36.85 -19.25
C LEU D 114 -20.54 -37.06 -20.10
N GLY D 115 -21.47 -36.09 -20.05
CA GLY D 115 -22.72 -36.09 -20.83
C GLY D 115 -22.47 -36.01 -22.33
N TYR D 116 -21.42 -35.29 -22.75
CA TYR D 116 -21.05 -35.09 -24.17
C TYR D 116 -20.35 -36.35 -24.71
N LEU D 117 -19.72 -37.16 -23.84
CA LEU D 117 -19.15 -38.48 -24.20
C LEU D 117 -20.28 -39.48 -24.46
N LEU D 118 -21.25 -39.57 -23.54
CA LEU D 118 -22.37 -40.57 -23.59
C LEU D 118 -23.67 -39.94 -24.10
N ASP D 119 -23.60 -38.78 -24.78
CA ASP D 119 -24.75 -38.06 -25.41
C ASP D 119 -25.99 -38.12 -24.50
N LEU D 120 -25.95 -37.40 -23.37
CA LEU D 120 -27.10 -37.09 -22.50
C LEU D 120 -27.28 -35.57 -22.44
N ALA D 121 -28.46 -35.12 -22.00
CA ALA D 121 -28.68 -33.73 -21.49
C ALA D 121 -28.07 -33.65 -20.09
N PRO D 122 -27.44 -32.52 -19.70
CA PRO D 122 -26.75 -32.43 -18.41
C PRO D 122 -27.69 -32.66 -17.20
N LYS D 123 -28.96 -32.26 -17.33
CA LYS D 123 -30.04 -32.46 -16.32
C LYS D 123 -30.35 -33.97 -16.22
N ASP D 124 -30.48 -34.64 -17.36
CA ASP D 124 -30.74 -36.10 -17.45
C ASP D 124 -29.54 -36.86 -16.86
N LEU D 125 -28.31 -36.51 -17.28
CA LEU D 125 -27.05 -37.04 -16.70
C LEU D 125 -27.06 -36.83 -15.18
N GLU D 126 -27.29 -35.59 -14.73
CA GLU D 126 -27.48 -35.23 -13.30
C GLU D 126 -28.43 -36.24 -12.67
N LYS D 127 -29.63 -36.40 -13.22
CA LYS D 127 -30.67 -37.34 -12.70
C LYS D 127 -30.10 -38.76 -12.63
N ILE D 128 -29.35 -39.21 -13.66
CA ILE D 128 -28.73 -40.57 -13.70
C ILE D 128 -27.72 -40.70 -12.54
N ILE D 129 -26.75 -39.78 -12.47
CA ILE D 129 -25.58 -39.89 -11.54
C ILE D 129 -26.01 -39.63 -10.09
N TYR D 130 -27.04 -38.79 -9.86
CA TYR D 130 -27.56 -38.44 -8.51
C TYR D 130 -28.79 -39.30 -8.14
N PHE D 131 -28.87 -40.52 -8.66
CA PHE D 131 -29.81 -41.60 -8.24
C PHE D 131 -31.25 -41.07 -8.23
N ALA D 132 -31.64 -40.36 -9.29
CA ALA D 132 -33.02 -39.90 -9.58
C ALA D 132 -33.58 -40.64 -10.80
N ALA D 133 -32.87 -41.65 -11.31
CA ALA D 133 -33.21 -42.41 -12.54
C ALA D 133 -32.26 -43.61 -12.71
N TYR D 134 -32.81 -44.75 -13.13
CA TYR D 134 -32.06 -45.94 -13.62
C TYR D 134 -31.65 -45.69 -15.08
N VAL D 135 -30.47 -46.16 -15.49
CA VAL D 135 -30.00 -46.18 -16.90
C VAL D 135 -29.68 -47.64 -17.28
N ILE D 136 -30.12 -48.06 -18.46
CA ILE D 136 -29.96 -49.45 -18.98
C ILE D 136 -28.64 -49.49 -19.76
N THR D 137 -27.66 -50.27 -19.27
CA THR D 137 -26.24 -50.17 -19.70
C THR D 137 -26.03 -50.89 -21.05
N SER D 138 -26.65 -52.06 -21.25
CA SER D 138 -26.51 -52.89 -22.47
C SER D 138 -27.76 -53.77 -22.66
N VAL D 139 -28.42 -53.65 -23.81
CA VAL D 139 -29.62 -54.45 -24.19
C VAL D 139 -29.23 -55.38 -25.35
N ASP D 140 -29.53 -56.68 -25.22
CA ASP D 140 -29.26 -57.73 -26.25
C ASP D 140 -30.49 -57.84 -27.17
N ASP D 141 -30.43 -57.11 -28.30
CA ASP D 141 -31.51 -56.97 -29.31
C ASP D 141 -31.90 -58.35 -29.85
N GLU D 142 -30.92 -59.15 -30.25
CA GLU D 142 -31.10 -60.51 -30.84
C GLU D 142 -31.84 -61.40 -29.84
N MET D 143 -31.34 -61.47 -28.60
CA MET D 143 -31.88 -62.34 -27.51
C MET D 143 -33.29 -61.87 -27.12
N ARG D 144 -33.54 -60.56 -27.00
CA ARG D 144 -34.91 -60.06 -26.68
C ARG D 144 -35.85 -60.30 -27.88
N HIS D 145 -35.36 -60.09 -29.11
CA HIS D 145 -36.10 -60.31 -30.38
C HIS D 145 -36.52 -61.78 -30.54
N ASN D 146 -35.59 -62.72 -30.30
CA ASN D 146 -35.76 -64.18 -30.57
C ASN D 146 -37.02 -64.70 -29.87
N GLU D 147 -37.14 -64.51 -28.55
CA GLU D 147 -38.24 -65.05 -27.70
C GLU D 147 -39.27 -63.96 -27.38
N LEU D 148 -39.35 -62.90 -28.20
CA LEU D 148 -40.31 -61.78 -28.02
C LEU D 148 -41.75 -62.28 -28.23
N SER D 149 -41.94 -63.27 -29.11
CA SER D 149 -43.26 -63.88 -29.48
C SER D 149 -43.93 -64.50 -28.26
N THR D 150 -43.23 -65.41 -27.57
CA THR D 150 -43.71 -66.13 -26.34
C THR D 150 -44.07 -65.11 -25.25
N LEU D 151 -43.18 -64.15 -25.03
CA LEU D 151 -43.32 -63.08 -23.99
C LEU D 151 -44.52 -62.17 -24.37
N GLU D 152 -44.71 -61.90 -25.66
CA GLU D 152 -45.89 -61.15 -26.19
C GLU D 152 -47.17 -61.98 -26.02
N ALA D 153 -47.09 -63.32 -26.19
CA ALA D 153 -48.21 -64.26 -25.97
C ALA D 153 -48.62 -64.24 -24.49
N GLU D 154 -47.67 -64.51 -23.58
CA GLU D 154 -47.94 -64.48 -22.11
C GLU D 154 -48.37 -63.07 -21.68
N MET D 155 -47.83 -62.02 -22.32
CA MET D 155 -48.31 -60.60 -22.15
C MET D 155 -49.80 -60.52 -22.54
N ALA D 156 -50.15 -61.01 -23.73
CA ALA D 156 -51.54 -61.02 -24.27
C ALA D 156 -52.46 -61.79 -23.32
N VAL D 157 -52.00 -62.93 -22.77
CA VAL D 157 -52.74 -63.72 -21.73
C VAL D 157 -52.93 -62.86 -20.48
N GLU D 158 -51.83 -62.26 -19.99
CA GLU D 158 -51.80 -61.33 -18.82
C GLU D 158 -52.81 -60.18 -19.04
N LYS D 159 -53.01 -59.74 -20.29
CA LYS D 159 -54.06 -58.73 -20.65
C LYS D 159 -55.44 -59.39 -20.62
N LYS D 160 -55.59 -60.55 -21.27
CA LYS D 160 -56.85 -61.34 -21.36
C LYS D 160 -57.45 -61.54 -19.96
N ALA D 161 -56.62 -61.98 -19.00
CA ALA D 161 -57.04 -62.21 -17.59
C ALA D 161 -57.75 -60.96 -17.03
N VAL D 162 -57.05 -59.82 -17.02
CA VAL D 162 -57.53 -58.54 -16.43
C VAL D 162 -58.73 -58.02 -17.24
N GLU D 163 -58.76 -58.22 -18.56
CA GLU D 163 -59.96 -57.95 -19.41
C GLU D 163 -61.16 -58.77 -18.86
N ASP D 164 -60.97 -60.09 -18.71
CA ASP D 164 -62.01 -61.01 -18.17
C ASP D 164 -62.47 -60.51 -16.79
N GLN D 165 -61.53 -60.23 -15.88
CA GLN D 165 -61.84 -59.71 -14.51
C GLN D 165 -62.66 -58.42 -14.62
N ARG D 166 -62.22 -57.46 -15.44
CA ARG D 166 -62.93 -56.19 -15.74
C ARG D 166 -64.38 -56.50 -16.14
N ASP D 167 -64.54 -57.26 -17.23
CA ASP D 167 -65.89 -57.65 -17.75
C ASP D 167 -66.72 -58.25 -16.61
N ALA D 168 -66.16 -59.21 -15.86
CA ALA D 168 -66.81 -59.90 -14.72
C ALA D 168 -67.30 -58.89 -13.68
N ASP D 169 -66.41 -58.00 -13.20
CA ASP D 169 -66.76 -57.01 -12.14
C ASP D 169 -67.82 -56.02 -12.68
N LEU D 170 -67.66 -55.53 -13.93
CA LEU D 170 -68.67 -54.65 -14.56
C LEU D 170 -70.05 -55.36 -14.58
N GLU D 171 -70.08 -56.59 -15.11
CA GLU D 171 -71.29 -57.46 -15.15
C GLU D 171 -71.90 -57.56 -13.75
N ALA D 172 -71.09 -57.97 -12.76
CA ALA D 172 -71.47 -58.12 -11.34
C ALA D 172 -72.13 -56.83 -10.83
N ARG D 173 -71.47 -55.68 -11.04
CA ARG D 173 -71.98 -54.36 -10.55
C ARG D 173 -73.29 -54.01 -11.28
N ALA D 174 -73.37 -54.24 -12.60
CA ALA D 174 -74.62 -54.03 -13.39
C ALA D 174 -75.76 -54.87 -12.79
N GLN D 175 -75.53 -56.17 -12.62
CA GLN D 175 -76.49 -57.13 -12.01
C GLN D 175 -76.89 -56.61 -10.61
N LYS D 176 -75.92 -56.18 -9.80
CA LYS D 176 -76.14 -55.58 -8.45
C LYS D 176 -77.08 -54.37 -8.56
N LEU D 177 -76.80 -53.45 -9.49
CA LEU D 177 -77.61 -52.23 -9.78
C LEU D 177 -79.06 -52.66 -10.12
N GLU D 178 -79.21 -53.52 -11.15
CA GLU D 178 -80.54 -53.98 -11.62
C GLU D 178 -81.30 -54.66 -10.47
N ALA D 179 -80.62 -55.51 -9.69
CA ALA D 179 -81.16 -56.19 -8.49
C ALA D 179 -81.62 -55.14 -7.46
N ASP D 180 -80.81 -54.11 -7.22
CA ASP D 180 -81.12 -52.98 -6.30
C ASP D 180 -82.40 -52.29 -6.78
N LEU D 181 -82.44 -51.87 -8.06
CA LEU D 181 -83.63 -51.19 -8.64
C LEU D 181 -84.87 -52.09 -8.53
N ALA D 182 -84.75 -53.36 -8.92
CA ALA D 182 -85.83 -54.38 -8.87
C ALA D 182 -86.30 -54.58 -7.42
N GLU D 183 -85.39 -54.53 -6.45
CA GLU D 183 -85.70 -54.70 -5.00
C GLU D 183 -86.42 -53.46 -4.47
N LEU D 184 -85.87 -52.25 -4.72
CA LEU D 184 -86.46 -50.97 -4.24
C LEU D 184 -87.83 -50.73 -4.90
N GLU D 185 -87.94 -50.99 -6.22
CA GLU D 185 -89.21 -50.85 -6.99
C GLU D 185 -90.15 -51.99 -6.61
N ASP D 192 -86.73 -41.91 -8.31
CA ASP D 192 -86.08 -40.69 -7.77
C ASP D 192 -84.95 -41.11 -6.82
N VAL D 193 -85.30 -41.69 -5.66
CA VAL D 193 -84.35 -42.25 -4.66
C VAL D 193 -83.62 -43.46 -5.26
N ARG D 194 -84.27 -44.19 -6.17
CA ARG D 194 -83.73 -45.39 -6.87
C ARG D 194 -82.73 -44.93 -7.95
N ARG D 195 -83.15 -43.95 -8.76
CA ARG D 195 -82.39 -43.35 -9.90
C ARG D 195 -81.03 -42.85 -9.40
N LYS D 196 -80.99 -42.29 -8.19
CA LYS D 196 -79.73 -41.88 -7.49
C LYS D 196 -78.81 -43.10 -7.30
N VAL D 197 -79.37 -44.23 -6.83
CA VAL D 197 -78.60 -45.48 -6.56
C VAL D 197 -78.15 -46.08 -7.90
N ARG D 198 -79.01 -46.02 -8.93
CA ARG D 198 -78.64 -46.30 -10.34
C ARG D 198 -77.43 -45.44 -10.73
N ASP D 199 -77.51 -44.13 -10.49
CA ASP D 199 -76.42 -43.15 -10.80
C ASP D 199 -75.14 -43.57 -10.06
N SER D 200 -75.24 -43.92 -8.77
CA SER D 200 -74.10 -44.38 -7.93
C SER D 200 -73.49 -45.65 -8.51
N GLY D 201 -74.33 -46.65 -8.82
CA GLY D 201 -73.92 -47.92 -9.46
C GLY D 201 -73.19 -47.68 -10.77
N GLU D 202 -73.80 -46.87 -11.66
CA GLU D 202 -73.20 -46.43 -12.95
C GLU D 202 -71.85 -45.76 -12.70
N ARG D 203 -71.77 -44.87 -11.70
CA ARG D 203 -70.53 -44.16 -11.29
C ARG D 203 -69.47 -45.20 -10.87
N GLU D 204 -69.84 -46.18 -10.04
CA GLU D 204 -68.93 -47.26 -9.58
C GLU D 204 -68.46 -48.10 -10.78
N MET D 205 -69.38 -48.46 -11.69
CA MET D 205 -69.03 -49.15 -12.97
C MET D 205 -68.02 -48.29 -13.75
N ARG D 206 -68.24 -46.97 -13.81
CA ARG D 206 -67.32 -45.98 -14.43
C ARG D 206 -65.96 -46.03 -13.73
N GLN D 207 -65.94 -46.11 -12.40
CA GLN D 207 -64.69 -46.26 -11.58
C GLN D 207 -63.97 -47.56 -11.97
N LEU D 208 -64.70 -48.69 -12.02
CA LEU D 208 -64.16 -50.00 -12.48
C LEU D 208 -63.53 -49.83 -13.88
N ARG D 209 -64.29 -49.21 -14.79
CA ARG D 209 -63.85 -48.90 -16.18
C ARG D 209 -62.53 -48.11 -16.15
N ASP D 210 -62.46 -47.05 -15.33
CA ASP D 210 -61.27 -46.17 -15.16
C ASP D 210 -60.08 -46.99 -14.65
N ARG D 211 -60.27 -47.74 -13.56
CA ARG D 211 -59.24 -48.67 -12.99
C ARG D 211 -58.71 -49.57 -14.13
N ALA D 212 -59.64 -50.29 -14.78
CA ALA D 212 -59.32 -51.24 -15.87
C ALA D 212 -58.51 -50.57 -16.98
N GLN D 213 -59.04 -49.45 -17.53
CA GLN D 213 -58.38 -48.73 -18.67
C GLN D 213 -57.01 -48.21 -18.21
N ARG D 214 -56.88 -47.71 -16.97
CA ARG D 214 -55.55 -47.29 -16.42
C ARG D 214 -54.61 -48.49 -16.35
N GLU D 215 -55.09 -49.65 -15.87
CA GLU D 215 -54.28 -50.91 -15.81
C GLU D 215 -53.80 -51.29 -17.22
N LEU D 216 -54.75 -51.38 -18.18
CA LEU D 216 -54.45 -51.72 -19.59
C LEU D 216 -53.44 -50.73 -20.18
N ASP D 217 -53.67 -49.43 -19.97
CA ASP D 217 -52.74 -48.34 -20.37
C ASP D 217 -51.34 -48.62 -19.79
N ARG D 218 -51.27 -48.90 -18.48
CA ARG D 218 -50.00 -49.23 -17.76
C ARG D 218 -49.33 -50.42 -18.46
N LEU D 219 -50.05 -51.53 -18.66
CA LEU D 219 -49.51 -52.75 -19.34
C LEU D 219 -48.96 -52.37 -20.73
N ASP D 220 -49.80 -51.74 -21.57
CA ASP D 220 -49.46 -51.31 -22.95
C ASP D 220 -48.18 -50.46 -22.92
N GLU D 221 -48.12 -49.48 -22.00
CA GLU D 221 -46.96 -48.56 -21.83
C GLU D 221 -45.72 -49.37 -21.40
N ILE D 222 -45.89 -50.35 -20.50
CA ILE D 222 -44.81 -51.30 -20.07
C ILE D 222 -44.29 -52.04 -21.31
N TRP D 223 -45.16 -52.63 -22.12
CA TRP D 223 -44.72 -53.35 -23.35
C TRP D 223 -44.05 -52.37 -24.33
N ASN D 224 -44.61 -51.18 -24.51
CA ASN D 224 -44.04 -50.09 -25.36
C ASN D 224 -42.60 -49.80 -24.91
N THR D 225 -42.42 -49.47 -23.64
CA THR D 225 -41.11 -49.07 -23.04
C THR D 225 -40.16 -50.28 -23.01
N PHE D 226 -40.66 -51.50 -22.86
CA PHE D 226 -39.85 -52.76 -22.95
C PHE D 226 -39.34 -52.95 -24.38
N THR D 227 -40.23 -52.84 -25.37
CA THR D 227 -39.91 -53.00 -26.82
C THR D 227 -38.93 -51.90 -27.24
N LYS D 228 -39.23 -50.64 -26.94
CA LYS D 228 -38.34 -49.49 -27.27
C LYS D 228 -37.31 -49.32 -26.15
N LEU D 229 -36.25 -50.14 -26.19
CA LEU D 229 -35.14 -50.18 -25.20
C LEU D 229 -33.79 -50.01 -25.92
N ALA D 230 -32.89 -49.21 -25.35
CA ALA D 230 -31.55 -48.90 -25.89
C ALA D 230 -30.65 -48.35 -24.77
N PRO D 231 -29.30 -48.37 -24.93
CA PRO D 231 -28.41 -47.72 -23.97
C PRO D 231 -28.56 -46.19 -23.96
N LYS D 232 -28.26 -45.57 -22.81
CA LYS D 232 -28.37 -44.09 -22.57
C LYS D 232 -29.84 -43.67 -22.62
N GLN D 233 -30.70 -44.35 -21.85
CA GLN D 233 -32.16 -44.07 -21.75
C GLN D 233 -32.53 -43.85 -20.28
N LEU D 234 -33.32 -42.79 -20.01
CA LEU D 234 -33.76 -42.37 -18.65
C LEU D 234 -35.13 -43.01 -18.34
N ILE D 235 -35.32 -43.46 -17.10
CA ILE D 235 -36.61 -43.97 -16.55
C ILE D 235 -37.08 -42.97 -15.48
N VAL D 236 -38.31 -42.47 -15.61
CA VAL D 236 -38.87 -41.31 -14.84
C VAL D 236 -39.43 -41.81 -13.50
N ASP D 237 -40.30 -42.83 -13.54
CA ASP D 237 -41.14 -43.28 -12.39
C ASP D 237 -40.48 -44.46 -11.68
N GLU D 238 -40.00 -45.45 -12.43
CA GLU D 238 -39.23 -46.65 -11.97
C GLU D 238 -40.16 -47.80 -11.55
N VAL D 239 -41.48 -47.61 -11.58
CA VAL D 239 -42.48 -48.74 -11.51
C VAL D 239 -42.29 -49.63 -12.75
N LEU D 240 -42.02 -48.99 -13.90
CA LEU D 240 -41.66 -49.67 -15.19
C LEU D 240 -40.46 -50.59 -14.93
N TYR D 241 -39.39 -50.06 -14.34
CA TYR D 241 -38.14 -50.79 -14.02
C TYR D 241 -38.40 -51.84 -12.94
N ARG D 242 -39.25 -51.53 -11.96
CA ARG D 242 -39.66 -52.45 -10.85
C ARG D 242 -40.36 -53.68 -11.46
N GLU D 243 -41.31 -53.46 -12.38
CA GLU D 243 -42.02 -54.56 -13.10
C GLU D 243 -41.06 -55.24 -14.09
N LEU D 244 -40.11 -54.49 -14.67
CA LEU D 244 -39.10 -55.00 -15.65
C LEU D 244 -37.94 -55.71 -14.95
N GLN D 245 -37.84 -55.65 -13.60
CA GLN D 245 -36.61 -56.04 -12.85
C GLN D 245 -36.48 -57.57 -12.84
N ASP D 246 -37.52 -58.28 -12.38
CA ASP D 246 -37.50 -59.76 -12.18
C ASP D 246 -37.74 -60.47 -13.53
N ARG D 247 -38.75 -60.03 -14.29
CA ARG D 247 -39.09 -60.61 -15.63
C ARG D 247 -38.17 -59.98 -16.68
N TYR D 248 -37.67 -60.79 -17.63
CA TYR D 248 -36.60 -60.44 -18.61
C TYR D 248 -35.29 -60.22 -17.84
N GLY D 249 -34.69 -61.29 -17.33
CA GLY D 249 -33.50 -61.26 -16.46
C GLY D 249 -32.22 -61.64 -17.18
N GLU D 250 -32.22 -61.66 -18.51
CA GLU D 250 -31.06 -62.09 -19.36
C GLU D 250 -30.80 -61.13 -20.54
N TYR D 251 -31.71 -60.19 -20.84
CA TYR D 251 -31.71 -59.37 -22.08
C TYR D 251 -31.05 -58.02 -21.82
N PHE D 252 -31.39 -57.35 -20.72
CA PHE D 252 -30.85 -56.02 -20.34
C PHE D 252 -30.37 -56.03 -18.87
N THR D 253 -29.49 -55.07 -18.54
CA THR D 253 -29.01 -54.77 -17.17
C THR D 253 -28.98 -53.24 -16.98
N GLY D 254 -29.26 -52.79 -15.76
CA GLY D 254 -29.30 -51.35 -15.40
C GLY D 254 -29.01 -51.12 -13.93
N ALA D 255 -28.24 -50.07 -13.62
CA ALA D 255 -27.93 -49.57 -12.26
C ALA D 255 -28.16 -48.06 -12.21
N MET D 256 -28.38 -47.53 -11.00
CA MET D 256 -28.40 -46.06 -10.72
C MET D 256 -27.01 -45.64 -10.22
N GLY D 257 -26.56 -44.43 -10.58
CA GLY D 257 -25.31 -43.82 -10.09
C GLY D 257 -24.22 -43.78 -11.14
N ALA D 258 -22.95 -43.83 -10.70
CA ALA D 258 -21.73 -43.65 -11.51
C ALA D 258 -21.14 -44.99 -11.97
N GLU D 259 -21.32 -46.06 -11.19
CA GLU D 259 -20.97 -47.46 -11.58
C GLU D 259 -21.57 -47.76 -12.97
N SER D 260 -22.84 -47.39 -13.16
CA SER D 260 -23.58 -47.41 -14.45
C SER D 260 -22.77 -46.70 -15.53
N ILE D 261 -22.20 -45.52 -15.21
CA ILE D 261 -21.40 -44.67 -16.14
C ILE D 261 -20.04 -45.36 -16.41
N LYS D 262 -19.48 -46.05 -15.41
CA LYS D 262 -18.24 -46.86 -15.55
C LYS D 262 -18.50 -48.02 -16.53
N LYS D 263 -19.60 -48.75 -16.30
CA LYS D 263 -20.05 -49.87 -17.18
C LYS D 263 -20.33 -49.33 -18.59
N LEU D 264 -20.97 -48.15 -18.69
CA LEU D 264 -21.28 -47.43 -19.96
C LEU D 264 -19.98 -47.07 -20.69
N ILE D 265 -19.00 -46.49 -19.99
CA ILE D 265 -17.70 -46.05 -20.58
C ILE D 265 -16.86 -47.29 -20.93
N GLU D 266 -16.97 -48.38 -20.16
CA GLU D 266 -16.36 -49.70 -20.50
C GLU D 266 -17.00 -50.22 -21.80
N ASN D 267 -18.33 -50.24 -21.86
CA ASN D 267 -19.11 -50.68 -23.06
C ASN D 267 -19.16 -49.52 -24.06
N PHE D 268 -18.00 -49.16 -24.66
CA PHE D 268 -17.83 -47.95 -25.51
C PHE D 268 -16.56 -48.09 -26.35
N ASP D 269 -16.70 -48.07 -27.69
CA ASP D 269 -15.59 -47.99 -28.68
C ASP D 269 -15.60 -46.57 -29.28
N ILE D 270 -14.48 -45.84 -29.14
CA ILE D 270 -14.39 -44.36 -29.23
C ILE D 270 -14.39 -43.93 -30.71
N ASP D 271 -13.70 -44.73 -31.55
CA ASP D 271 -13.55 -44.51 -33.01
C ASP D 271 -14.92 -44.53 -33.71
N ALA D 272 -15.88 -45.32 -33.20
CA ALA D 272 -17.29 -45.39 -33.69
C ALA D 272 -17.96 -44.02 -33.50
N GLU D 273 -17.88 -43.48 -32.28
CA GLU D 273 -18.41 -42.14 -31.92
C GLU D 273 -17.68 -41.08 -32.76
N ALA D 274 -16.36 -41.21 -32.95
CA ALA D 274 -15.58 -40.29 -33.83
C ALA D 274 -16.12 -40.32 -35.27
N GLU D 275 -16.11 -41.50 -35.92
CA GLU D 275 -16.50 -41.68 -37.35
C GLU D 275 -17.99 -41.33 -37.54
N SER D 276 -18.84 -41.61 -36.54
CA SER D 276 -20.26 -41.15 -36.51
C SER D 276 -20.30 -39.61 -36.45
N LEU D 277 -19.51 -39.01 -35.56
CA LEU D 277 -19.37 -37.54 -35.42
C LEU D 277 -18.95 -36.93 -36.76
N ARG D 278 -18.00 -37.54 -37.48
CA ARG D 278 -17.49 -37.03 -38.79
C ARG D 278 -18.66 -36.93 -39.78
N GLU D 279 -19.45 -38.01 -39.93
CA GLU D 279 -20.62 -38.03 -40.86
C GLU D 279 -21.73 -37.12 -40.32
N VAL D 280 -21.84 -36.95 -38.99
CA VAL D 280 -22.83 -36.03 -38.35
C VAL D 280 -22.46 -34.57 -38.70
N ILE D 281 -21.19 -34.18 -38.58
CA ILE D 281 -20.72 -32.80 -38.91
C ILE D 281 -20.70 -32.62 -40.44
N ARG D 282 -20.43 -33.68 -41.20
CA ARG D 282 -20.51 -33.67 -42.69
C ARG D 282 -21.96 -33.43 -43.14
N SER D 283 -22.87 -34.36 -42.80
CA SER D 283 -24.27 -34.38 -43.28
C SER D 283 -25.13 -33.36 -42.51
N GLY D 284 -25.19 -33.49 -41.18
CA GLY D 284 -26.06 -32.69 -40.29
C GLY D 284 -25.49 -31.32 -40.00
N LYS D 285 -25.37 -30.47 -41.04
CA LYS D 285 -24.83 -29.09 -40.95
C LYS D 285 -25.92 -28.16 -40.42
N GLY D 286 -25.61 -27.37 -39.38
CA GLY D 286 -26.53 -26.47 -38.68
C GLY D 286 -26.42 -26.61 -37.17
N GLN D 287 -27.56 -26.67 -36.47
CA GLN D 287 -27.65 -26.79 -34.99
C GLN D 287 -27.01 -28.12 -34.53
N LYS D 288 -27.27 -29.22 -35.24
CA LYS D 288 -26.76 -30.58 -34.89
C LYS D 288 -25.25 -30.64 -35.13
N LYS D 289 -24.75 -30.06 -36.22
CA LYS D 289 -23.29 -29.85 -36.47
C LYS D 289 -22.69 -28.94 -35.38
N LEU D 290 -23.45 -27.91 -34.95
CA LEU D 290 -23.05 -26.95 -33.88
C LEU D 290 -22.90 -27.69 -32.54
N ARG D 291 -23.85 -28.58 -32.21
CA ARG D 291 -23.81 -29.41 -30.98
C ARG D 291 -22.75 -30.51 -31.11
N ALA D 292 -22.56 -31.05 -32.32
CA ALA D 292 -21.50 -32.03 -32.66
C ALA D 292 -20.11 -31.37 -32.53
N LEU D 293 -20.01 -30.06 -32.80
CA LEU D 293 -18.74 -29.28 -32.83
C LEU D 293 -18.07 -29.26 -31.44
N LYS D 294 -18.85 -29.07 -30.38
CA LYS D 294 -18.35 -29.07 -28.97
C LYS D 294 -17.98 -30.51 -28.55
N ARG D 295 -18.69 -31.50 -29.09
CA ARG D 295 -18.49 -32.96 -28.85
C ARG D 295 -17.19 -33.42 -29.52
N LEU D 296 -16.90 -32.90 -30.73
CA LEU D 296 -15.72 -33.26 -31.58
C LEU D 296 -14.46 -33.32 -30.73
N LYS D 297 -14.11 -32.20 -30.06
CA LYS D 297 -12.84 -32.02 -29.30
C LYS D 297 -12.78 -33.05 -28.17
N VAL D 298 -13.78 -33.03 -27.27
CA VAL D 298 -13.85 -33.86 -26.03
C VAL D 298 -13.86 -35.35 -26.42
N VAL D 299 -14.53 -35.73 -27.52
CA VAL D 299 -14.53 -37.14 -28.01
C VAL D 299 -13.15 -37.46 -28.60
N ALA D 300 -12.69 -36.68 -29.59
CA ALA D 300 -11.47 -36.91 -30.40
C ALA D 300 -10.20 -36.85 -29.54
N ALA D 301 -10.24 -36.17 -28.39
CA ALA D 301 -9.13 -36.12 -27.40
C ALA D 301 -8.60 -37.52 -27.08
N PHE D 302 -9.51 -38.46 -26.76
CA PHE D 302 -9.20 -39.81 -26.20
C PHE D 302 -8.53 -40.71 -27.25
N GLN D 303 -8.70 -40.44 -28.55
CA GLN D 303 -8.04 -41.18 -29.65
C GLN D 303 -6.57 -40.74 -29.74
N GLN D 304 -6.33 -39.43 -29.94
CA GLN D 304 -4.98 -38.84 -30.12
C GLN D 304 -4.18 -38.96 -28.82
N SER D 305 -4.83 -38.80 -27.66
CA SER D 305 -4.21 -38.96 -26.32
C SER D 305 -4.19 -40.44 -25.92
N GLY D 306 -3.29 -40.82 -25.01
CA GLY D 306 -3.12 -42.19 -24.50
C GLY D 306 -4.11 -42.53 -23.41
N ASN D 307 -4.45 -41.56 -22.55
CA ASN D 307 -5.33 -41.74 -21.36
C ASN D 307 -6.75 -42.11 -21.81
N SER D 308 -7.38 -43.05 -21.11
CA SER D 308 -8.75 -43.56 -21.37
C SER D 308 -9.78 -42.66 -20.68
N PRO D 309 -11.07 -42.67 -21.13
CA PRO D 309 -12.15 -42.01 -20.39
C PRO D 309 -12.63 -42.76 -19.13
N MET D 310 -12.00 -43.89 -18.78
CA MET D 310 -12.31 -44.72 -17.58
C MET D 310 -12.02 -43.96 -16.28
N GLY D 311 -11.11 -42.98 -16.30
CA GLY D 311 -10.65 -42.24 -15.11
C GLY D 311 -11.57 -41.09 -14.69
N MET D 312 -12.73 -40.93 -15.33
CA MET D 312 -13.74 -39.88 -15.00
C MET D 312 -14.58 -40.30 -13.79
N VAL D 313 -14.63 -41.62 -13.52
CA VAL D 313 -15.38 -42.26 -12.39
C VAL D 313 -14.35 -42.82 -11.39
N LEU D 314 -14.49 -42.50 -10.10
CA LEU D 314 -13.48 -42.74 -9.05
C LEU D 314 -13.88 -43.96 -8.21
N ASP D 315 -13.19 -45.09 -8.39
CA ASP D 315 -13.28 -46.30 -7.54
C ASP D 315 -12.55 -46.02 -6.21
N ALA D 316 -11.38 -45.39 -6.31
CA ALA D 316 -10.58 -44.86 -5.18
C ALA D 316 -10.47 -43.34 -5.30
N VAL D 317 -10.46 -42.62 -4.16
CA VAL D 317 -10.28 -41.14 -4.11
C VAL D 317 -8.94 -40.85 -3.44
N PRO D 318 -8.06 -39.99 -4.04
CA PRO D 318 -6.79 -39.64 -3.43
C PRO D 318 -6.96 -38.68 -2.26
N VAL D 319 -6.00 -38.69 -1.32
CA VAL D 319 -5.99 -37.86 -0.09
C VAL D 319 -4.74 -36.96 -0.13
N ILE D 320 -4.95 -35.65 -0.28
CA ILE D 320 -3.93 -34.55 -0.16
C ILE D 320 -3.08 -34.81 1.08
N PRO D 321 -1.74 -34.56 1.04
CA PRO D 321 -0.88 -34.82 2.20
C PRO D 321 -1.32 -34.15 3.50
N PRO D 322 -0.99 -34.74 4.68
CA PRO D 322 -1.46 -34.22 5.97
C PRO D 322 -1.11 -32.76 6.30
N GLU D 323 0.04 -32.27 5.81
CA GLU D 323 0.63 -30.96 6.22
C GLU D 323 0.07 -29.81 5.39
N LEU D 324 -0.49 -30.09 4.20
CA LEU D 324 -1.24 -29.11 3.37
C LEU D 324 -2.63 -28.86 3.97
N ARG D 325 -3.11 -29.76 4.83
CA ARG D 325 -4.37 -29.64 5.62
C ARG D 325 -4.03 -29.86 7.10
N PRO D 326 -3.13 -29.04 7.70
CA PRO D 326 -2.51 -29.41 8.97
C PRO D 326 -3.42 -29.13 10.17
N MET D 327 -3.20 -29.88 11.26
CA MET D 327 -3.87 -29.68 12.57
C MET D 327 -2.79 -29.39 13.62
N VAL D 328 -2.51 -28.09 13.85
CA VAL D 328 -1.49 -27.58 14.82
C VAL D 328 -2.24 -26.77 15.88
N GLN D 329 -1.83 -26.88 17.15
CA GLN D 329 -2.51 -26.15 18.27
C GLN D 329 -2.05 -24.68 18.25
N LEU D 330 -3.01 -23.75 18.24
CA LEU D 330 -2.80 -22.29 18.31
C LEU D 330 -2.45 -21.90 19.75
N ASP D 331 -1.65 -20.85 19.93
CA ASP D 331 -1.25 -20.28 21.25
C ASP D 331 -2.48 -20.10 22.14
N GLY D 332 -2.52 -20.78 23.29
CA GLY D 332 -3.60 -20.71 24.30
C GLY D 332 -4.42 -21.99 24.40
N GLY D 333 -3.90 -23.13 23.94
CA GLY D 333 -4.49 -24.47 24.14
C GLY D 333 -5.52 -24.85 23.08
N ARG D 334 -5.93 -23.90 22.23
CA ARG D 334 -6.93 -24.12 21.14
C ARG D 334 -6.25 -24.91 20.02
N PHE D 335 -7.02 -25.68 19.23
CA PHE D 335 -6.54 -26.49 18.09
C PHE D 335 -6.89 -25.80 16.77
N ALA D 336 -5.90 -25.57 15.90
CA ALA D 336 -6.08 -24.99 14.55
C ALA D 336 -5.96 -26.10 13.50
N THR D 337 -7.09 -26.46 12.87
CA THR D 337 -7.23 -27.55 11.86
C THR D 337 -7.58 -26.94 10.50
N SER D 338 -7.66 -27.78 9.46
CA SER D 338 -8.07 -27.41 8.08
C SER D 338 -9.44 -28.04 7.75
N ASP D 339 -10.24 -27.33 6.94
CA ASP D 339 -11.64 -27.68 6.59
C ASP D 339 -11.67 -29.02 5.85
N LEU D 340 -10.68 -29.25 4.97
CA LEU D 340 -10.45 -30.53 4.25
C LEU D 340 -10.76 -31.71 5.18
N ASN D 341 -10.19 -31.70 6.40
CA ASN D 341 -10.35 -32.77 7.42
C ASN D 341 -11.84 -33.12 7.59
N ASP D 342 -12.70 -32.09 7.74
CA ASP D 342 -14.18 -32.25 7.87
C ASP D 342 -14.73 -33.02 6.66
N LEU D 343 -14.29 -32.64 5.45
CA LEU D 343 -14.85 -33.14 4.17
C LEU D 343 -14.40 -34.59 3.96
N TYR D 344 -13.08 -34.82 4.07
CA TYR D 344 -12.46 -36.17 4.06
C TYR D 344 -13.13 -37.07 5.13
N ARG D 345 -13.35 -36.53 6.34
CA ARG D 345 -14.05 -37.23 7.46
C ARG D 345 -15.47 -37.62 7.02
N ARG D 346 -16.24 -36.65 6.47
CA ARG D 346 -17.60 -36.91 5.91
C ARG D 346 -17.50 -38.06 4.91
N VAL D 347 -16.64 -37.91 3.89
CA VAL D 347 -16.46 -38.91 2.79
C VAL D 347 -16.18 -40.29 3.40
N ILE D 348 -15.12 -40.40 4.22
CA ILE D 348 -14.66 -41.72 4.79
C ILE D 348 -15.75 -42.29 5.71
N ASN D 349 -16.43 -41.45 6.51
CA ASN D 349 -17.55 -41.87 7.39
C ASN D 349 -18.66 -42.48 6.52
N ARG D 350 -19.11 -41.72 5.50
CA ARG D 350 -20.19 -42.15 4.57
C ARG D 350 -19.78 -43.46 3.87
N ASN D 351 -18.55 -43.53 3.37
CA ASN D 351 -17.94 -44.75 2.76
C ASN D 351 -18.04 -45.93 3.74
N ASN D 352 -17.50 -45.75 4.95
CA ASN D 352 -17.41 -46.80 6.00
C ASN D 352 -18.82 -47.23 6.44
N ARG D 353 -19.80 -46.33 6.44
CA ARG D 353 -21.23 -46.68 6.65
C ARG D 353 -21.71 -47.53 5.47
N LEU D 354 -21.57 -47.01 4.25
CA LEU D 354 -22.01 -47.69 3.00
C LEU D 354 -21.46 -49.12 2.97
N LYS D 355 -20.16 -49.30 3.25
CA LYS D 355 -19.50 -50.64 3.36
C LYS D 355 -20.33 -51.54 4.30
N ARG D 356 -20.69 -51.04 5.49
CA ARG D 356 -21.47 -51.82 6.49
C ARG D 356 -22.89 -52.08 5.94
N LEU D 357 -23.48 -51.11 5.22
CA LEU D 357 -24.80 -51.29 4.54
C LEU D 357 -24.70 -52.45 3.53
N ILE D 358 -23.59 -52.53 2.77
CA ILE D 358 -23.35 -53.66 1.82
C ILE D 358 -23.12 -54.96 2.62
N ASP D 359 -22.37 -54.89 3.73
CA ASP D 359 -22.05 -56.07 4.59
C ASP D 359 -23.33 -56.67 5.18
N LEU D 360 -24.17 -55.85 5.81
CA LEU D 360 -25.46 -56.28 6.47
C LEU D 360 -26.41 -56.87 5.42
N GLY D 361 -26.55 -56.19 4.27
CA GLY D 361 -27.54 -56.51 3.21
C GLY D 361 -28.76 -55.63 3.33
N ALA D 362 -28.55 -54.31 3.43
CA ALA D 362 -29.58 -53.26 3.60
C ALA D 362 -30.42 -53.16 2.33
N PRO D 363 -31.63 -52.53 2.37
CA PRO D 363 -32.43 -52.32 1.17
C PRO D 363 -31.75 -51.34 0.21
N GLU D 364 -32.08 -51.46 -1.08
CA GLU D 364 -31.36 -50.79 -2.21
C GLU D 364 -31.57 -49.27 -2.14
N ILE D 365 -32.73 -48.82 -1.64
CA ILE D 365 -33.12 -47.37 -1.55
C ILE D 365 -32.20 -46.68 -0.53
N ILE D 366 -32.06 -47.25 0.67
CA ILE D 366 -31.13 -46.80 1.76
C ILE D 366 -29.71 -46.71 1.19
N VAL D 367 -29.24 -47.81 0.60
CA VAL D 367 -27.86 -47.95 0.01
C VAL D 367 -27.65 -46.87 -1.06
N ASN D 368 -28.60 -46.73 -1.99
CA ASN D 368 -28.53 -45.75 -3.12
C ASN D 368 -28.61 -44.31 -2.59
N ASN D 369 -29.39 -44.06 -1.53
CA ASN D 369 -29.44 -42.75 -0.83
C ASN D 369 -28.07 -42.46 -0.20
N GLU D 370 -27.49 -43.46 0.50
CA GLU D 370 -26.11 -43.38 1.07
C GLU D 370 -25.12 -43.05 -0.06
N LYS D 371 -25.23 -43.73 -1.21
CA LYS D 371 -24.38 -43.51 -2.41
C LYS D 371 -24.59 -42.08 -2.94
N ARG D 372 -25.84 -41.58 -2.98
CA ARG D 372 -26.18 -40.20 -3.41
C ARG D 372 -25.50 -39.20 -2.45
N MET D 373 -25.69 -39.38 -1.14
CA MET D 373 -25.09 -38.52 -0.08
C MET D 373 -23.56 -38.56 -0.19
N LEU D 374 -22.98 -39.75 -0.38
CA LEU D 374 -21.52 -39.95 -0.61
C LEU D 374 -21.07 -39.14 -1.84
N GLN D 375 -21.76 -39.34 -2.97
CA GLN D 375 -21.56 -38.59 -4.23
C GLN D 375 -21.54 -37.08 -3.91
N GLU D 376 -22.58 -36.59 -3.23
CA GLU D 376 -22.70 -35.16 -2.82
C GLU D 376 -21.48 -34.75 -1.97
N SER D 377 -21.06 -35.60 -1.03
CA SER D 377 -19.92 -35.33 -0.09
C SER D 377 -18.60 -35.23 -0.87
N VAL D 378 -18.32 -36.21 -1.75
CA VAL D 378 -17.07 -36.25 -2.59
C VAL D 378 -17.09 -35.04 -3.55
N ASP D 379 -18.24 -34.82 -4.20
CA ASP D 379 -18.50 -33.65 -5.08
C ASP D 379 -18.17 -32.36 -4.32
N ALA D 380 -18.69 -32.20 -3.10
CA ALA D 380 -18.45 -31.04 -2.22
C ALA D 380 -16.95 -30.94 -1.87
N LEU D 381 -16.32 -32.08 -1.53
CA LEU D 381 -14.88 -32.17 -1.16
C LEU D 381 -14.00 -31.70 -2.32
N PHE D 382 -14.29 -32.16 -3.55
CA PHE D 382 -13.55 -31.74 -4.77
C PHE D 382 -13.87 -30.28 -5.07
N ASP D 383 -15.16 -29.89 -5.06
CA ASP D 383 -15.60 -28.48 -5.22
C ASP D 383 -16.89 -28.23 -4.41
N ASN D 384 -16.79 -27.43 -3.35
CA ASN D 384 -17.91 -27.02 -2.47
C ASN D 384 -18.53 -25.73 -3.03
N GLY D 385 -19.85 -25.60 -2.97
CA GLY D 385 -20.62 -24.52 -3.62
C GLY D 385 -20.62 -24.67 -5.14
N ARG D 386 -20.36 -25.89 -5.64
CA ARG D 386 -20.36 -26.25 -7.08
C ARG D 386 -21.77 -26.70 -7.47
N ARG D 387 -22.42 -27.49 -6.60
CA ARG D 387 -23.82 -27.97 -6.76
C ARG D 387 -24.66 -27.55 -5.54
N GLY D 388 -25.74 -26.80 -5.78
CA GLY D 388 -26.77 -26.46 -4.77
C GLY D 388 -26.21 -25.68 -3.61
N ARG D 389 -26.59 -26.05 -2.37
CA ARG D 389 -26.14 -25.41 -1.12
C ARG D 389 -24.79 -26.00 -0.70
N PRO D 390 -23.80 -25.17 -0.29
CA PRO D 390 -22.53 -25.69 0.21
C PRO D 390 -22.64 -26.21 1.65
N VAL D 391 -21.65 -27.02 2.07
CA VAL D 391 -21.53 -27.54 3.47
C VAL D 391 -20.91 -26.43 4.32
N THR D 392 -21.51 -26.14 5.48
CA THR D 392 -21.10 -25.08 6.43
C THR D 392 -20.85 -25.71 7.82
N GLY D 393 -19.73 -25.36 8.46
CA GLY D 393 -19.36 -25.81 9.81
C GLY D 393 -19.76 -24.79 10.87
N PRO D 394 -18.85 -23.86 11.28
CA PRO D 394 -19.16 -22.87 12.31
C PRO D 394 -19.77 -21.57 11.76
N GLY D 395 -21.03 -21.29 12.14
CA GLY D 395 -21.71 -19.99 11.91
C GLY D 395 -22.09 -19.76 10.46
N ASN D 396 -22.47 -20.83 9.73
CA ASN D 396 -23.06 -20.77 8.37
C ASN D 396 -22.08 -20.07 7.40
N ARG D 397 -20.83 -20.55 7.35
CA ARG D 397 -19.80 -20.12 6.37
C ARG D 397 -19.29 -21.37 5.65
N PRO D 398 -19.20 -21.35 4.29
CA PRO D 398 -18.90 -22.56 3.51
C PRO D 398 -17.43 -22.99 3.65
N LEU D 399 -17.19 -24.30 3.80
CA LEU D 399 -15.83 -24.89 3.97
C LEU D 399 -15.10 -24.86 2.63
N LYS D 400 -13.79 -24.58 2.65
CA LYS D 400 -12.93 -24.48 1.45
C LYS D 400 -12.59 -25.90 0.99
N SER D 401 -13.13 -26.31 -0.16
CA SER D 401 -12.92 -27.64 -0.81
C SER D 401 -11.49 -27.73 -1.38
N LEU D 402 -11.16 -28.83 -2.06
CA LEU D 402 -9.82 -29.00 -2.70
C LEU D 402 -9.68 -28.00 -3.87
N SER D 403 -10.66 -27.92 -4.76
CA SER D 403 -10.67 -26.99 -5.93
C SER D 403 -10.68 -25.53 -5.46
N ASP D 404 -11.18 -25.26 -4.26
CA ASP D 404 -11.11 -23.92 -3.59
C ASP D 404 -9.66 -23.60 -3.22
N LEU D 405 -8.79 -24.60 -3.04
CA LEU D 405 -7.33 -24.39 -2.78
C LEU D 405 -6.55 -24.23 -4.08
N LEU D 406 -7.20 -24.27 -5.26
CA LEU D 406 -6.57 -24.03 -6.58
C LEU D 406 -7.31 -22.93 -7.37
N LYS D 407 -8.35 -22.30 -6.81
CA LYS D 407 -9.17 -21.27 -7.51
C LYS D 407 -9.26 -19.97 -6.70
N GLY D 408 -9.96 -18.97 -7.24
CA GLY D 408 -10.23 -17.68 -6.59
C GLY D 408 -9.00 -16.79 -6.59
N LYS D 409 -9.14 -15.56 -6.08
CA LYS D 409 -8.06 -14.53 -6.02
C LYS D 409 -7.01 -14.93 -4.98
N GLN D 410 -7.38 -15.72 -3.95
CA GLN D 410 -6.54 -16.01 -2.76
C GLN D 410 -6.30 -17.52 -2.58
N GLY D 411 -6.69 -18.38 -3.53
CA GLY D 411 -6.42 -19.83 -3.47
C GLY D 411 -4.96 -20.13 -3.76
N ARG D 412 -4.59 -20.17 -5.05
CA ARG D 412 -3.19 -20.32 -5.53
C ARG D 412 -2.94 -19.34 -6.68
N PHE D 413 -1.73 -19.33 -7.22
CA PHE D 413 -1.32 -18.64 -8.48
C PHE D 413 -1.27 -17.13 -8.25
N ARG D 414 -2.44 -16.47 -8.19
CA ARG D 414 -2.58 -14.98 -8.19
C ARG D 414 -1.74 -14.37 -7.06
N GLN D 415 -1.66 -15.03 -5.90
CA GLN D 415 -0.93 -14.53 -4.68
C GLN D 415 0.13 -15.54 -4.24
N ASN D 416 -0.23 -16.82 -4.07
CA ASN D 416 0.60 -17.83 -3.35
C ASN D 416 1.81 -18.26 -4.18
N LEU D 417 1.65 -18.44 -5.50
CA LEU D 417 2.71 -18.97 -6.41
C LEU D 417 3.52 -17.83 -7.06
N LEU D 418 3.01 -16.60 -7.06
CA LEU D 418 3.59 -15.44 -7.79
C LEU D 418 4.49 -14.61 -6.86
N GLY D 419 4.05 -14.31 -5.63
CA GLY D 419 4.77 -13.48 -4.65
C GLY D 419 4.85 -14.13 -3.29
N LYS D 420 6.02 -14.05 -2.65
CA LYS D 420 6.28 -14.60 -1.28
C LYS D 420 7.48 -13.89 -0.66
N ARG D 421 7.55 -13.87 0.69
CA ARG D 421 8.64 -13.23 1.48
C ARG D 421 9.86 -14.15 1.47
N VAL D 422 11.06 -13.55 1.48
CA VAL D 422 12.36 -14.24 1.22
C VAL D 422 13.33 -13.97 2.38
N ASP D 423 14.38 -14.79 2.48
CA ASP D 423 15.50 -14.67 3.44
C ASP D 423 16.60 -13.81 2.80
N TYR D 424 17.62 -13.44 3.60
CA TYR D 424 18.81 -12.66 3.15
C TYR D 424 18.31 -11.37 2.50
N SER D 425 17.35 -10.72 3.16
CA SER D 425 16.54 -9.59 2.64
C SER D 425 16.11 -8.68 3.80
N GLY D 426 16.08 -7.37 3.55
CA GLY D 426 15.67 -6.35 4.53
C GLY D 426 14.80 -5.28 3.89
N ARG D 427 14.26 -4.37 4.69
CA ARG D 427 13.48 -3.18 4.25
C ARG D 427 13.67 -2.07 5.27
N SER D 428 14.09 -0.89 4.81
CA SER D 428 14.34 0.31 5.65
C SER D 428 13.70 1.53 5.00
N VAL D 429 13.80 2.69 5.66
CA VAL D 429 13.40 4.01 5.10
C VAL D 429 14.58 4.52 4.27
N ILE D 430 14.30 5.05 3.09
CA ILE D 430 15.33 5.57 2.14
C ILE D 430 15.59 7.05 2.43
N VAL D 431 16.86 7.46 2.28
CA VAL D 431 17.32 8.87 2.39
C VAL D 431 18.31 9.13 1.24
N VAL D 432 18.40 10.36 0.75
CA VAL D 432 19.42 10.74 -0.28
C VAL D 432 20.80 10.70 0.36
N GLY D 433 21.75 10.02 -0.30
CA GLY D 433 23.18 9.94 0.07
C GLY D 433 24.05 10.57 -1.02
N PRO D 434 24.11 11.91 -1.13
CA PRO D 434 24.67 12.58 -2.30
C PRO D 434 26.19 12.48 -2.45
N GLN D 435 26.90 12.06 -1.40
CA GLN D 435 28.36 11.78 -1.42
C GLN D 435 28.65 10.58 -2.36
N LEU D 436 27.70 9.66 -2.51
CA LEU D 436 27.92 8.29 -3.06
C LEU D 436 28.07 8.34 -4.58
N LYS D 437 28.88 7.45 -5.15
CA LYS D 437 28.96 7.16 -6.61
C LYS D 437 27.73 6.33 -7.00
N LEU D 438 27.34 6.37 -8.28
CA LEU D 438 26.06 5.82 -8.80
C LEU D 438 25.93 4.33 -8.48
N HIS D 439 27.03 3.57 -8.54
CA HIS D 439 27.09 2.12 -8.21
C HIS D 439 27.00 1.90 -6.68
N GLN D 440 27.45 2.86 -5.88
CA GLN D 440 27.45 2.77 -4.39
C GLN D 440 26.02 3.03 -3.87
N CYS D 441 25.66 2.42 -2.74
CA CYS D 441 24.52 2.81 -1.86
C CYS D 441 25.00 2.78 -0.41
N GLY D 442 24.16 3.21 0.53
CA GLY D 442 24.46 3.21 1.98
C GLY D 442 23.48 2.34 2.74
N LEU D 443 23.98 1.55 3.71
CA LEU D 443 23.17 0.62 4.53
C LEU D 443 23.32 0.99 6.02
N PRO D 444 22.22 1.00 6.80
CA PRO D 444 22.28 1.13 8.25
C PRO D 444 23.08 -0.02 8.89
N LYS D 445 24.18 0.30 9.58
CA LYS D 445 25.28 -0.65 9.91
C LYS D 445 24.76 -1.85 10.72
N LEU D 446 23.79 -1.64 11.61
CA LEU D 446 23.08 -2.72 12.36
C LEU D 446 22.34 -3.62 11.36
N MET D 447 21.50 -3.00 10.51
CA MET D 447 20.66 -3.67 9.49
C MET D 447 21.58 -4.50 8.57
N ALA D 448 22.66 -3.88 8.08
CA ALA D 448 23.75 -4.51 7.30
C ALA D 448 24.32 -5.69 8.09
N LEU D 449 24.73 -5.46 9.34
CA LEU D 449 25.31 -6.52 10.22
C LEU D 449 24.35 -7.70 10.31
N GLU D 450 23.04 -7.45 10.43
CA GLU D 450 22.01 -8.53 10.45
C GLU D 450 21.90 -9.17 9.05
N LEU D 451 22.01 -8.37 7.98
CA LEU D 451 21.73 -8.82 6.58
C LEU D 451 22.85 -9.73 6.05
N PHE D 452 24.09 -9.60 6.54
CA PHE D 452 25.27 -10.39 6.09
C PHE D 452 25.75 -11.34 7.21
N LYS D 453 24.84 -11.68 8.14
CA LYS D 453 25.12 -12.36 9.45
C LYS D 453 25.90 -13.66 9.25
N PRO D 454 25.64 -14.49 8.21
CA PRO D 454 26.49 -15.64 7.92
C PRO D 454 27.82 -15.21 7.30
N PHE D 455 27.78 -14.34 6.28
CA PHE D 455 28.95 -13.94 5.46
C PHE D 455 30.02 -13.31 6.35
N VAL D 456 29.60 -12.59 7.40
CA VAL D 456 30.51 -12.02 8.44
C VAL D 456 31.06 -13.18 9.30
N MET D 457 30.19 -14.12 9.73
CA MET D 457 30.58 -15.28 10.57
C MET D 457 31.66 -16.09 9.86
N LYS D 458 31.43 -16.41 8.57
CA LYS D 458 32.37 -17.13 7.67
C LYS D 458 33.78 -16.52 7.81
N ARG D 459 33.90 -15.22 7.57
CA ARG D 459 35.20 -14.49 7.63
C ARG D 459 35.71 -14.45 9.09
N LEU D 460 34.80 -14.33 10.07
CA LEU D 460 35.16 -14.25 11.51
C LEU D 460 35.68 -15.60 12.04
N VAL D 461 35.32 -16.73 11.42
CA VAL D 461 35.85 -18.08 11.78
C VAL D 461 36.99 -18.50 10.83
N ASP D 462 36.98 -18.01 9.58
CA ASP D 462 38.10 -18.20 8.61
C ASP D 462 39.33 -17.44 9.12
N LEU D 463 39.14 -16.23 9.66
CA LEU D 463 40.15 -15.52 10.49
C LEU D 463 40.07 -16.04 11.93
N ASN D 464 41.06 -15.71 12.76
CA ASN D 464 41.11 -16.09 14.20
C ASN D 464 40.52 -14.94 15.02
N HIS D 465 39.27 -14.56 14.74
CA HIS D 465 38.46 -13.54 15.45
C HIS D 465 37.44 -14.25 16.35
N ALA D 466 36.75 -15.27 15.82
CA ALA D 466 35.91 -16.23 16.55
C ALA D 466 36.59 -17.60 16.56
N GLN D 467 36.75 -18.20 17.73
CA GLN D 467 37.41 -19.53 17.92
C GLN D 467 36.54 -20.64 17.31
N ASN D 468 35.21 -20.53 17.44
CA ASN D 468 34.24 -21.56 16.98
C ASN D 468 32.95 -20.90 16.45
N ILE D 469 32.29 -21.58 15.51
CA ILE D 469 31.13 -21.09 14.70
C ILE D 469 30.03 -20.60 15.64
N LYS D 470 29.71 -21.39 16.69
CA LYS D 470 28.74 -21.04 17.75
C LYS D 470 29.16 -19.70 18.38
N SER D 471 30.45 -19.58 18.75
CA SER D 471 31.02 -18.39 19.41
C SER D 471 30.94 -17.19 18.45
N ALA D 472 31.18 -17.39 17.16
CA ALA D 472 30.98 -16.38 16.09
C ALA D 472 29.50 -15.95 16.07
N LYS D 473 28.58 -16.93 16.08
CA LYS D 473 27.11 -16.69 16.09
C LYS D 473 26.70 -15.96 17.38
N ARG D 474 27.43 -16.13 18.49
CA ARG D 474 27.24 -15.29 19.71
C ARG D 474 27.80 -13.88 19.45
N MET D 475 29.05 -13.78 18.99
CA MET D 475 29.77 -12.47 18.80
C MET D 475 28.98 -11.57 17.85
N VAL D 476 28.44 -12.13 16.75
CA VAL D 476 27.57 -11.36 15.81
C VAL D 476 26.26 -10.95 16.52
N GLU D 477 25.76 -11.77 17.45
CA GLU D 477 24.55 -11.44 18.26
C GLU D 477 24.88 -10.28 19.20
N ARG D 478 26.05 -10.30 19.85
CA ARG D 478 26.49 -9.24 20.80
C ARG D 478 26.92 -7.97 20.03
N GLN D 479 27.30 -8.10 18.75
CA GLN D 479 27.64 -6.98 17.83
C GLN D 479 28.90 -6.28 18.35
N ARG D 480 29.98 -7.05 18.52
CA ARG D 480 31.23 -6.62 19.20
C ARG D 480 32.11 -5.83 18.24
N PRO D 481 33.00 -4.94 18.76
CA PRO D 481 33.85 -4.09 17.91
C PRO D 481 34.69 -4.78 16.82
N GLN D 482 34.95 -6.09 16.95
CA GLN D 482 35.86 -6.88 16.08
C GLN D 482 35.17 -7.26 14.76
N VAL D 483 33.84 -7.16 14.66
CA VAL D 483 33.06 -7.59 13.46
C VAL D 483 33.07 -6.48 12.39
N TRP D 484 33.16 -5.22 12.80
CA TRP D 484 32.95 -4.02 11.93
C TRP D 484 34.10 -3.90 10.91
N ASP D 485 35.35 -4.16 11.34
CA ASP D 485 36.54 -4.19 10.46
C ASP D 485 36.41 -5.34 9.45
N VAL D 486 35.74 -6.45 9.83
CA VAL D 486 35.50 -7.64 8.97
C VAL D 486 34.36 -7.35 7.98
N LEU D 487 33.29 -6.68 8.41
CA LEU D 487 32.06 -6.48 7.57
C LEU D 487 32.41 -5.72 6.29
N GLU D 488 33.38 -4.80 6.32
CA GLU D 488 33.93 -4.14 5.11
C GLU D 488 34.61 -5.20 4.21
N GLU D 489 35.44 -6.06 4.81
CA GLU D 489 36.15 -7.18 4.13
C GLU D 489 35.13 -8.13 3.49
N VAL D 490 33.98 -8.37 4.12
CA VAL D 490 32.93 -9.31 3.61
C VAL D 490 32.08 -8.58 2.56
N ILE D 491 31.79 -7.29 2.77
CA ILE D 491 30.89 -6.49 1.88
C ILE D 491 31.69 -5.90 0.70
N ALA D 492 33.02 -6.06 0.67
CA ALA D 492 33.93 -5.55 -0.39
C ALA D 492 33.46 -6.01 -1.77
N GLU D 493 32.86 -5.10 -2.55
CA GLU D 493 32.38 -5.33 -3.94
C GLU D 493 31.40 -6.53 -3.97
N HIS D 494 30.47 -6.58 -3.01
CA HIS D 494 29.45 -7.65 -2.85
C HIS D 494 28.07 -7.03 -3.06
N PRO D 495 27.44 -7.19 -4.25
CA PRO D 495 26.27 -6.38 -4.60
C PRO D 495 25.01 -6.76 -3.81
N VAL D 496 24.08 -5.80 -3.67
CA VAL D 496 22.72 -6.01 -3.09
C VAL D 496 21.68 -5.42 -4.05
N LEU D 497 20.51 -6.07 -4.12
CA LEU D 497 19.39 -5.72 -5.04
C LEU D 497 18.39 -4.85 -4.27
N LEU D 498 18.36 -3.56 -4.56
CA LEU D 498 17.34 -2.60 -4.02
C LEU D 498 16.10 -2.66 -4.91
N ASN D 499 14.93 -2.89 -4.28
CA ASN D 499 13.61 -3.00 -4.93
C ASN D 499 12.57 -2.16 -4.15
N ARG D 500 11.72 -1.42 -4.86
CA ARG D 500 10.58 -0.65 -4.28
C ARG D 500 9.27 -1.20 -4.86
N ALA D 501 8.36 -1.64 -3.99
CA ALA D 501 6.97 -2.02 -4.35
C ALA D 501 6.09 -0.76 -4.30
N PRO D 502 5.27 -0.45 -5.33
CA PRO D 502 5.09 -1.29 -6.53
C PRO D 502 6.19 -1.09 -7.58
N THR D 503 6.75 -2.19 -8.09
CA THR D 503 7.78 -2.21 -9.16
C THR D 503 7.09 -1.98 -10.52
N LEU D 504 7.13 -0.73 -11.01
CA LEU D 504 6.37 -0.27 -12.21
C LEU D 504 7.17 -0.54 -13.49
N HIS D 505 8.51 -0.55 -13.45
CA HIS D 505 9.39 -0.94 -14.60
C HIS D 505 10.67 -1.65 -14.12
N ARG D 506 11.46 -2.14 -15.09
CA ARG D 506 12.72 -2.91 -14.91
C ARG D 506 13.71 -2.14 -14.02
N LEU D 507 13.84 -0.82 -14.22
CA LEU D 507 14.73 0.07 -13.41
C LEU D 507 14.12 0.34 -12.02
N GLY D 508 12.91 -0.17 -11.75
CA GLY D 508 12.27 -0.20 -10.41
C GLY D 508 13.01 -1.11 -9.44
N ILE D 509 13.80 -2.06 -9.95
CA ILE D 509 14.82 -2.85 -9.19
C ILE D 509 16.20 -2.41 -9.69
N GLN D 510 17.16 -2.18 -8.79
CA GLN D 510 18.57 -1.93 -9.20
C GLN D 510 19.53 -2.49 -8.15
N ALA D 511 20.65 -3.07 -8.61
CA ALA D 511 21.75 -3.59 -7.78
C ALA D 511 22.73 -2.46 -7.45
N PHE D 512 23.28 -2.46 -6.23
CA PHE D 512 24.28 -1.48 -5.74
C PHE D 512 25.36 -2.18 -4.91
N GLU D 513 26.49 -1.51 -4.73
CA GLU D 513 27.54 -1.85 -3.73
C GLU D 513 27.16 -1.19 -2.41
N PRO D 514 26.85 -1.98 -1.35
CA PRO D 514 26.53 -1.42 -0.05
C PRO D 514 27.75 -0.91 0.74
N GLN D 515 27.81 0.41 0.92
CA GLN D 515 28.66 1.12 1.91
C GLN D 515 27.96 1.02 3.28
N LEU D 516 28.74 0.84 4.35
CA LEU D 516 28.21 0.75 5.74
C LEU D 516 28.11 2.16 6.33
N VAL D 517 26.90 2.59 6.70
CA VAL D 517 26.62 3.95 7.27
C VAL D 517 25.95 3.78 8.64
N GLU D 518 26.22 4.71 9.56
CA GLU D 518 25.55 4.81 10.89
C GLU D 518 24.16 5.44 10.68
N GLY D 519 23.27 5.28 11.66
CA GLY D 519 21.84 5.64 11.57
C GLY D 519 20.99 4.43 11.23
N LYS D 520 19.73 4.65 10.88
CA LYS D 520 18.70 3.59 10.65
C LYS D 520 18.08 3.75 9.24
N ALA D 521 18.80 4.37 8.30
CA ALA D 521 18.29 4.79 6.97
C ALA D 521 19.12 4.16 5.85
N ILE D 522 18.46 3.70 4.78
CA ILE D 522 19.11 3.25 3.52
C ILE D 522 19.47 4.51 2.71
N GLN D 523 20.76 4.77 2.50
CA GLN D 523 21.25 5.96 1.76
C GLN D 523 21.25 5.65 0.25
N LEU D 524 20.12 5.93 -0.40
CA LEU D 524 19.90 5.80 -1.86
C LEU D 524 20.71 6.87 -2.60
N HIS D 525 21.01 6.63 -3.88
CA HIS D 525 21.71 7.61 -4.76
C HIS D 525 20.68 8.57 -5.36
N PRO D 526 20.96 9.89 -5.42
CA PRO D 526 20.01 10.87 -5.93
C PRO D 526 19.54 10.73 -7.39
N LEU D 527 20.26 9.93 -8.20
CA LEU D 527 20.01 9.77 -9.66
C LEU D 527 19.02 8.63 -9.93
N VAL D 528 18.89 7.65 -9.03
CA VAL D 528 18.07 6.42 -9.24
C VAL D 528 16.62 6.64 -8.74
N CYS D 529 16.32 7.82 -8.21
CA CYS D 529 14.96 8.21 -7.72
C CYS D 529 14.00 8.46 -8.89
N GLU D 530 14.50 8.93 -10.04
CA GLU D 530 13.71 9.07 -11.29
C GLU D 530 13.25 7.68 -11.75
N ALA D 531 14.17 6.71 -11.73
CA ALA D 531 13.92 5.29 -12.05
C ALA D 531 12.95 4.70 -11.02
N PHE D 532 13.32 4.70 -9.73
CA PHE D 532 12.54 4.05 -8.65
C PHE D 532 11.18 4.74 -8.43
N ASN D 533 11.05 6.02 -8.78
CA ASN D 533 9.82 6.84 -8.58
C ASN D 533 9.58 6.94 -7.06
N ALA D 534 10.63 7.28 -6.32
CA ALA D 534 10.70 7.21 -4.84
C ALA D 534 11.04 8.59 -4.26
N ASP D 535 10.01 9.33 -3.82
CA ASP D 535 10.14 10.60 -3.06
C ASP D 535 10.55 10.24 -1.63
N PHE D 536 11.45 11.02 -1.01
CA PHE D 536 11.91 10.81 0.40
C PHE D 536 10.90 11.45 1.35
N ASP D 537 9.65 10.97 1.31
CA ASP D 537 8.52 11.45 2.16
C ASP D 537 7.88 10.22 2.84
N GLY D 538 8.73 9.37 3.44
CA GLY D 538 8.32 8.19 4.22
C GLY D 538 8.24 6.92 3.38
N ASP D 539 8.71 6.95 2.12
CA ASP D 539 8.78 5.74 1.25
C ASP D 539 9.91 4.84 1.76
N GLN D 540 9.72 3.52 1.63
CA GLN D 540 10.65 2.46 2.12
C GLN D 540 11.03 1.56 0.94
N MET D 541 12.27 1.08 0.91
CA MET D 541 12.80 0.18 -0.15
C MET D 541 13.33 -1.10 0.49
N ALA D 542 13.09 -2.24 -0.15
CA ALA D 542 13.62 -3.57 0.22
C ALA D 542 15.02 -3.73 -0.37
N VAL D 543 15.93 -4.33 0.41
CA VAL D 543 17.27 -4.80 -0.02
C VAL D 543 17.25 -6.32 -0.05
N HIS D 544 17.90 -6.94 -1.06
CA HIS D 544 18.08 -8.42 -1.18
C HIS D 544 19.56 -8.73 -1.38
N LEU D 545 20.02 -9.87 -0.85
CA LEU D 545 21.44 -10.34 -0.90
C LEU D 545 21.53 -11.55 -1.83
N PRO D 546 21.96 -11.40 -3.10
CA PRO D 546 22.25 -12.55 -3.97
C PRO D 546 23.36 -13.44 -3.39
N LEU D 547 23.10 -14.74 -3.30
CA LEU D 547 23.95 -15.74 -2.59
C LEU D 547 24.83 -16.49 -3.59
N SER D 548 24.22 -17.12 -4.60
CA SER D 548 24.91 -17.90 -5.67
C SER D 548 25.85 -16.97 -6.46
N ALA D 549 27.01 -17.51 -6.85
CA ALA D 549 28.01 -16.86 -7.73
C ALA D 549 27.31 -16.27 -8.98
N GLU D 550 26.35 -17.02 -9.54
CA GLU D 550 25.54 -16.64 -10.73
C GLU D 550 24.72 -15.38 -10.41
N ALA D 551 23.97 -15.40 -9.31
CA ALA D 551 23.12 -14.27 -8.83
C ALA D 551 24.01 -13.06 -8.55
N GLN D 552 25.08 -13.25 -7.79
CA GLN D 552 26.10 -12.22 -7.45
C GLN D 552 26.65 -11.60 -8.74
N ALA D 553 27.05 -12.43 -9.70
CA ALA D 553 27.57 -12.01 -11.03
C ALA D 553 26.52 -11.18 -11.75
N GLU D 554 25.33 -11.76 -11.96
CA GLU D 554 24.21 -11.14 -12.73
C GLU D 554 23.83 -9.80 -12.10
N ALA D 555 23.78 -9.73 -10.76
CA ALA D 555 23.58 -8.49 -9.99
C ALA D 555 24.62 -7.44 -10.41
N ARG D 556 25.89 -7.83 -10.53
CA ARG D 556 27.01 -6.94 -10.93
C ARG D 556 26.91 -6.56 -12.41
N ILE D 557 26.50 -7.49 -13.28
CA ILE D 557 26.62 -7.36 -14.77
C ILE D 557 25.38 -6.70 -15.37
N LEU D 558 24.17 -7.17 -15.04
CA LEU D 558 22.90 -6.73 -15.70
C LEU D 558 22.37 -5.46 -15.05
N MET D 559 22.06 -5.56 -13.74
CA MET D 559 21.12 -4.65 -13.03
C MET D 559 21.88 -3.65 -12.14
N LEU D 560 23.20 -3.55 -12.31
CA LEU D 560 24.04 -2.48 -11.69
C LEU D 560 23.64 -1.13 -12.31
N SER D 561 23.27 -0.16 -11.47
CA SER D 561 22.76 1.18 -11.86
C SER D 561 23.62 1.77 -12.99
N SER D 562 24.94 1.79 -12.79
CA SER D 562 25.96 2.32 -13.74
C SER D 562 25.73 1.79 -15.16
N ASN D 563 25.27 0.54 -15.30
CA ASN D 563 24.96 -0.10 -16.60
C ASN D 563 23.61 0.43 -17.11
N ASN D 564 22.60 0.52 -16.24
CA ASN D 564 21.20 0.86 -16.61
C ASN D 564 20.98 2.36 -16.42
N ILE D 565 21.58 3.16 -17.30
CA ILE D 565 21.42 4.65 -17.35
C ILE D 565 20.24 4.97 -18.27
N LEU D 566 20.18 4.33 -19.44
CA LEU D 566 19.17 4.58 -20.50
C LEU D 566 17.88 3.82 -20.19
N SER D 567 16.73 4.40 -20.57
CA SER D 567 15.38 3.82 -20.37
C SER D 567 15.19 2.64 -21.33
N PRO D 568 14.61 1.50 -20.87
CA PRO D 568 14.19 0.44 -21.79
C PRO D 568 13.10 0.99 -22.73
N ALA D 569 12.23 1.86 -22.21
CA ALA D 569 11.12 2.54 -22.93
C ALA D 569 11.64 3.15 -24.25
N SER D 570 12.51 4.16 -24.17
CA SER D 570 13.04 4.93 -25.33
C SER D 570 14.53 4.66 -25.55
N GLY D 571 15.33 4.71 -24.48
CA GLY D 571 16.81 4.82 -24.56
C GLY D 571 17.28 6.24 -24.26
N LYS D 572 16.39 7.09 -23.73
CA LYS D 572 16.75 8.39 -23.07
C LYS D 572 17.34 8.06 -21.70
N PRO D 573 18.41 8.76 -21.25
CA PRO D 573 18.98 8.51 -19.92
C PRO D 573 18.02 8.95 -18.80
N LEU D 574 17.69 8.02 -17.89
CA LEU D 574 16.80 8.23 -16.72
C LEU D 574 17.65 8.62 -15.50
N ALA D 575 18.77 7.93 -15.29
CA ALA D 575 19.80 8.29 -14.29
C ALA D 575 20.53 9.55 -14.78
N MET D 576 19.92 10.71 -14.58
CA MET D 576 20.42 12.05 -15.04
C MET D 576 20.09 13.11 -14.00
N PRO D 577 20.79 14.27 -13.99
CA PRO D 577 20.43 15.41 -13.14
C PRO D 577 18.93 15.76 -13.17
N ARG D 578 18.32 15.90 -11.99
CA ARG D 578 16.85 16.12 -11.81
C ARG D 578 16.59 16.97 -10.55
N LEU D 579 15.58 17.83 -10.62
CA LEU D 579 15.06 18.68 -9.50
C LEU D 579 16.15 19.65 -9.01
N ASP D 580 17.16 19.17 -8.27
CA ASP D 580 18.20 20.00 -7.61
C ASP D 580 19.38 20.19 -8.56
N MET D 581 20.04 19.08 -8.91
CA MET D 581 21.23 19.04 -9.81
C MET D 581 20.94 19.87 -11.07
N VAL D 582 19.70 19.84 -11.57
CA VAL D 582 19.25 20.66 -12.74
C VAL D 582 19.48 22.13 -12.42
N THR D 583 18.91 22.65 -11.32
CA THR D 583 19.04 24.08 -10.92
C THR D 583 20.51 24.39 -10.65
N GLY D 584 21.20 23.49 -9.93
CA GLY D 584 22.65 23.60 -9.64
C GLY D 584 23.46 23.83 -10.91
N LEU D 585 23.42 22.88 -11.84
CA LEU D 585 24.19 22.91 -13.10
C LEU D 585 23.67 24.05 -14.00
N TYR D 586 22.37 24.33 -13.97
CA TYR D 586 21.73 25.43 -14.74
C TYR D 586 22.33 26.77 -14.29
N TYR D 587 22.34 27.04 -12.98
CA TYR D 587 23.04 28.21 -12.39
C TYR D 587 24.53 28.14 -12.76
N LEU D 588 25.15 26.98 -12.60
CA LEU D 588 26.61 26.79 -12.87
C LEU D 588 26.92 27.27 -14.30
N THR D 589 26.15 26.85 -15.30
CA THR D 589 26.47 27.03 -16.74
C THR D 589 25.80 28.27 -17.35
N THR D 590 24.67 28.76 -16.80
CA THR D 590 23.93 29.94 -17.35
C THR D 590 24.87 31.14 -17.38
N LEU D 591 25.12 31.68 -18.58
CA LEU D 591 26.00 32.86 -18.82
C LEU D 591 25.12 34.13 -18.74
N VAL D 592 25.33 34.94 -17.70
CA VAL D 592 24.56 36.19 -17.42
C VAL D 592 25.52 37.39 -17.56
N GLU D 593 25.09 38.43 -18.27
CA GLU D 593 25.87 39.66 -18.53
C GLU D 593 25.74 40.60 -17.33
N GLY D 594 26.67 41.56 -17.21
CA GLY D 594 26.71 42.54 -16.11
C GLY D 594 27.08 41.89 -14.79
N ALA D 595 28.20 41.17 -14.77
CA ALA D 595 28.72 40.39 -13.62
C ALA D 595 30.12 40.88 -13.23
N THR D 596 30.69 40.31 -12.16
CA THR D 596 32.00 40.72 -11.57
C THR D 596 33.13 39.97 -12.27
N GLY D 597 34.24 40.67 -12.58
CA GLY D 597 35.41 40.13 -13.30
C GLY D 597 35.05 39.68 -14.72
N GLU D 598 34.17 40.42 -15.40
CA GLU D 598 33.68 40.13 -16.77
C GLU D 598 34.75 40.55 -17.78
N TYR D 599 34.93 39.75 -18.85
CA TYR D 599 35.89 40.05 -19.96
C TYR D 599 35.29 41.15 -20.85
N GLN D 600 35.88 42.36 -20.82
CA GLN D 600 35.37 43.56 -21.53
C GLN D 600 36.05 43.69 -22.90
N ALA D 601 37.37 43.49 -22.97
CA ALA D 601 38.22 43.75 -24.15
C ALA D 601 38.24 45.26 -24.44
N ALA D 602 38.85 46.03 -23.54
CA ALA D 602 38.95 47.51 -23.59
C ALA D 602 39.66 47.94 -24.88
N THR D 603 39.26 49.11 -25.42
CA THR D 603 39.56 49.56 -26.80
C THR D 603 40.61 50.68 -26.77
N LYS D 604 41.89 50.32 -26.85
CA LYS D 604 43.06 51.22 -27.05
C LYS D 604 43.52 51.84 -25.72
N ASP D 605 42.62 52.03 -24.74
CA ASP D 605 42.89 52.75 -23.47
C ASP D 605 43.55 51.80 -22.48
N ALA D 606 42.92 50.65 -22.20
CA ALA D 606 43.30 49.68 -21.15
C ALA D 606 43.51 48.28 -21.76
N PRO D 607 44.12 47.33 -21.01
CA PRO D 607 44.12 45.91 -21.38
C PRO D 607 42.71 45.30 -21.46
N GLU D 608 42.61 44.08 -22.00
CA GLU D 608 41.33 43.39 -22.31
C GLU D 608 40.58 43.04 -21.01
N GLN D 609 41.32 42.57 -20.00
CA GLN D 609 40.91 42.43 -18.57
C GLN D 609 39.78 41.41 -18.44
N GLY D 610 40.09 40.21 -17.93
CA GLY D 610 39.17 39.06 -17.82
C GLY D 610 39.63 37.85 -18.62
N VAL D 611 40.81 37.92 -19.25
CA VAL D 611 41.49 36.77 -19.92
C VAL D 611 42.21 35.95 -18.84
N TYR D 612 42.29 34.62 -19.01
CA TYR D 612 42.88 33.68 -18.02
C TYR D 612 43.74 32.63 -18.72
N SER D 613 44.94 32.39 -18.16
CA SER D 613 46.00 31.49 -18.68
C SER D 613 45.61 30.02 -18.47
N SER D 614 44.87 29.72 -17.40
CA SER D 614 44.44 28.36 -17.00
C SER D 614 43.08 28.42 -16.30
N PRO D 615 42.33 27.31 -16.21
CA PRO D 615 41.14 27.26 -15.35
C PRO D 615 41.50 27.48 -13.87
N ALA D 616 42.67 26.99 -13.45
CA ALA D 616 43.26 27.15 -12.11
C ALA D 616 43.33 28.64 -11.72
N GLU D 617 43.89 29.47 -12.59
CA GLU D 617 44.01 30.95 -12.40
C GLU D 617 42.61 31.54 -12.16
N ALA D 618 41.64 31.12 -12.98
CA ALA D 618 40.24 31.57 -12.91
C ALA D 618 39.60 31.08 -11.60
N ILE D 619 39.91 29.85 -11.16
CA ILE D 619 39.40 29.29 -9.86
C ILE D 619 39.99 30.13 -8.72
N MET D 620 41.29 30.46 -8.80
CA MET D 620 41.99 31.33 -7.83
C MET D 620 41.32 32.71 -7.81
N ALA D 621 41.01 33.28 -8.99
CA ALA D 621 40.34 34.58 -9.15
C ALA D 621 38.90 34.54 -8.60
N MET D 622 38.21 33.41 -8.76
CA MET D 622 36.79 33.22 -8.33
C MET D 622 36.73 32.94 -6.81
N ASP D 623 37.76 32.30 -6.25
CA ASP D 623 37.89 32.05 -4.78
C ASP D 623 38.02 33.39 -4.05
N ARG D 624 38.69 34.38 -4.67
CA ARG D 624 38.65 35.81 -4.26
C ARG D 624 37.29 36.39 -4.67
N GLY D 625 36.74 37.32 -3.88
CA GLY D 625 35.51 38.07 -4.21
C GLY D 625 35.77 39.13 -5.27
N ALA D 626 36.22 38.70 -6.45
CA ALA D 626 36.65 39.56 -7.58
C ALA D 626 35.90 39.16 -8.85
N LEU D 627 36.02 37.89 -9.26
CA LEU D 627 35.34 37.30 -10.45
C LEU D 627 34.13 36.48 -10.00
N SER D 628 32.99 36.66 -10.65
CA SER D 628 31.76 35.84 -10.49
C SER D 628 31.85 34.61 -11.40
N VAL D 629 31.25 33.50 -11.00
CA VAL D 629 31.33 32.18 -11.70
C VAL D 629 30.57 32.26 -13.03
N ARG D 630 29.61 33.18 -13.17
CA ARG D 630 28.81 33.39 -14.41
C ARG D 630 29.18 34.75 -15.03
N ALA D 631 30.07 34.74 -16.02
CA ALA D 631 30.47 35.93 -16.83
C ALA D 631 31.15 35.45 -18.11
N LYS D 632 30.94 36.17 -19.22
CA LYS D 632 31.70 36.00 -20.49
C LYS D 632 33.17 36.25 -20.17
N ILE D 633 33.98 35.17 -20.14
CA ILE D 633 35.44 35.20 -19.83
C ILE D 633 36.20 34.43 -20.91
N LYS D 634 37.50 34.75 -21.04
CA LYS D 634 38.43 34.20 -22.06
C LYS D 634 39.50 33.34 -21.38
N VAL D 635 39.17 32.07 -21.10
CA VAL D 635 40.12 31.05 -20.56
C VAL D 635 40.99 30.51 -21.71
N ARG D 636 42.21 30.07 -21.39
CA ARG D 636 43.06 29.22 -22.25
C ARG D 636 42.97 27.78 -21.74
N LEU D 637 42.37 26.88 -22.54
CA LEU D 637 42.08 25.47 -22.17
C LEU D 637 43.02 24.52 -22.93
N THR D 638 43.31 23.39 -22.29
CA THR D 638 44.32 22.37 -22.71
C THR D 638 43.74 20.95 -22.57
N GLU D 639 43.30 20.58 -21.37
CA GLU D 639 42.86 19.20 -21.00
C GLU D 639 41.49 18.89 -21.62
N LEU D 640 40.68 19.92 -21.90
CA LEU D 640 39.31 19.79 -22.47
C LEU D 640 39.43 19.79 -24.00
N ARG D 641 38.82 18.80 -24.68
CA ARG D 641 38.80 18.70 -26.15
C ARG D 641 37.93 19.83 -26.71
N PRO D 642 38.43 20.68 -27.63
CA PRO D 642 37.67 21.84 -28.11
C PRO D 642 36.42 21.52 -28.93
N PRO D 643 35.59 22.54 -29.27
CA PRO D 643 34.48 22.37 -30.21
C PRO D 643 34.93 22.00 -31.62
N THR D 644 34.09 21.24 -32.33
CA THR D 644 34.34 20.63 -33.66
C THR D 644 34.90 21.69 -34.62
N ASP D 645 34.17 22.80 -34.78
CA ASP D 645 34.56 23.97 -35.63
C ASP D 645 35.93 24.50 -35.17
N LEU D 646 36.16 24.57 -33.86
CA LEU D 646 37.39 25.17 -33.27
C LEU D 646 38.59 24.24 -33.54
N GLU D 647 38.42 22.92 -33.37
CA GLU D 647 39.44 21.90 -33.73
C GLU D 647 39.70 21.96 -35.24
N ALA D 648 38.62 21.94 -36.04
CA ALA D 648 38.62 22.02 -37.52
C ALA D 648 39.38 23.26 -37.99
N GLN D 649 39.22 24.39 -37.30
CA GLN D 649 39.96 25.66 -37.58
C GLN D 649 41.42 25.53 -37.11
N LEU D 650 41.63 25.39 -35.80
CA LEU D 650 42.94 25.65 -35.13
C LEU D 650 43.92 24.51 -35.43
N PHE D 651 43.54 23.24 -35.16
CA PHE D 651 44.48 22.08 -35.18
C PHE D 651 44.36 21.33 -36.51
N GLU D 652 43.15 20.89 -36.86
CA GLU D 652 42.84 20.12 -38.09
C GLU D 652 43.44 18.72 -38.00
N ASN D 653 44.76 18.58 -38.11
CA ASN D 653 45.50 17.29 -38.16
C ASN D 653 45.38 16.59 -36.80
N GLY D 654 46.05 17.09 -35.77
CA GLY D 654 46.07 16.51 -34.40
C GLY D 654 44.86 16.95 -33.59
N TRP D 655 44.64 16.29 -32.45
CA TRP D 655 43.54 16.59 -31.48
C TRP D 655 44.00 17.70 -30.52
N LYS D 656 43.55 17.67 -29.26
CA LYS D 656 44.01 18.61 -28.20
C LYS D 656 43.89 17.96 -26.82
N PRO D 657 44.74 16.96 -26.49
CA PRO D 657 45.00 16.59 -25.09
C PRO D 657 46.00 17.57 -24.44
N GLY D 658 47.12 17.84 -25.13
CA GLY D 658 48.18 18.78 -24.71
C GLY D 658 48.05 20.15 -25.39
N ASP D 659 47.43 20.21 -26.58
CA ASP D 659 47.31 21.45 -27.41
C ASP D 659 46.40 22.45 -26.68
N ALA D 660 46.80 23.73 -26.66
CA ALA D 660 46.11 24.84 -25.97
C ALA D 660 45.18 25.57 -26.95
N TRP D 661 44.10 26.19 -26.44
CA TRP D 661 43.17 27.01 -27.26
C TRP D 661 42.36 27.96 -26.36
N THR D 662 42.01 29.14 -26.89
CA THR D 662 41.24 30.19 -26.18
C THR D 662 39.74 30.00 -26.46
N ALA D 663 38.91 30.05 -25.42
CA ALA D 663 37.42 29.99 -25.48
C ALA D 663 36.84 31.35 -25.09
N GLU D 664 35.53 31.53 -25.27
CA GLU D 664 34.75 32.71 -24.78
C GLU D 664 33.49 32.18 -24.10
N THR D 665 33.62 31.72 -22.85
CA THR D 665 32.61 30.91 -22.11
C THR D 665 32.40 31.54 -20.72
N THR D 666 31.98 30.73 -19.75
CA THR D 666 32.05 31.06 -18.29
C THR D 666 32.78 29.93 -17.55
N LEU D 667 33.53 30.33 -16.51
CA LEU D 667 34.32 29.45 -15.61
C LEU D 667 33.47 28.25 -15.18
N GLY D 668 32.17 28.48 -14.89
CA GLY D 668 31.19 27.44 -14.54
C GLY D 668 31.06 26.38 -15.63
N ARG D 669 30.90 26.83 -16.89
CA ARG D 669 30.78 25.93 -18.08
C ARG D 669 32.07 25.12 -18.23
N VAL D 670 33.22 25.75 -17.99
CA VAL D 670 34.58 25.10 -18.03
C VAL D 670 34.63 24.03 -16.92
N MET D 671 34.27 24.41 -15.69
CA MET D 671 34.20 23.53 -14.48
C MET D 671 33.23 22.37 -14.73
N PHE D 672 32.17 22.61 -15.52
CA PHE D 672 31.17 21.58 -15.91
C PHE D 672 31.80 20.64 -16.94
N ASN D 673 32.36 21.20 -18.04
CA ASN D 673 33.05 20.43 -19.12
C ASN D 673 34.21 19.60 -18.53
N GLU D 674 34.87 20.10 -17.47
CA GLU D 674 35.91 19.38 -16.69
C GLU D 674 35.38 18.04 -16.18
N LEU D 675 34.06 17.95 -15.89
CA LEU D 675 33.42 16.70 -15.37
C LEU D 675 33.32 15.69 -16.53
N LEU D 676 32.85 16.14 -17.70
CA LEU D 676 32.59 15.31 -18.91
C LEU D 676 33.92 14.79 -19.46
N PRO D 677 33.92 13.72 -20.31
CA PRO D 677 35.15 12.98 -20.60
C PRO D 677 36.20 13.78 -21.39
N LYS D 678 37.48 13.55 -21.05
CA LYS D 678 38.69 14.26 -21.58
C LYS D 678 38.53 14.57 -23.08
N SER D 679 38.10 13.58 -23.88
CA SER D 679 38.08 13.62 -25.37
C SER D 679 36.78 14.22 -25.92
N TYR D 680 35.76 14.48 -25.08
CA TYR D 680 34.44 14.99 -25.53
C TYR D 680 34.55 16.47 -25.91
N PRO D 681 34.00 16.90 -27.07
CA PRO D 681 33.97 18.32 -27.43
C PRO D 681 33.24 19.23 -26.43
N PHE D 682 33.40 20.56 -26.59
CA PHE D 682 32.96 21.59 -25.61
C PHE D 682 31.48 21.93 -25.83
N VAL D 683 30.80 22.35 -24.75
CA VAL D 683 29.34 22.68 -24.73
C VAL D 683 29.16 24.18 -25.00
N ASN D 684 29.59 25.04 -24.07
CA ASN D 684 29.43 26.52 -24.11
C ASN D 684 27.93 26.88 -24.21
N GLU D 685 27.09 26.20 -23.43
CA GLU D 685 25.60 26.35 -23.44
C GLU D 685 25.05 25.99 -22.06
N GLN D 686 24.02 26.73 -21.60
CA GLN D 686 23.36 26.55 -20.28
C GLN D 686 22.70 25.16 -20.23
N MET D 687 22.79 24.48 -19.10
CA MET D 687 22.35 23.07 -18.92
C MET D 687 20.88 23.04 -18.46
N HIS D 688 19.98 23.37 -19.39
CA HIS D 688 18.53 23.06 -19.35
C HIS D 688 18.39 21.52 -19.40
N LYS D 689 17.39 20.97 -18.70
CA LYS D 689 17.21 19.50 -18.48
C LYS D 689 17.15 18.76 -19.84
N LYS D 690 16.52 19.36 -20.84
CA LYS D 690 16.46 18.87 -22.25
C LYS D 690 17.89 18.78 -22.83
N VAL D 691 18.71 19.83 -22.63
CA VAL D 691 20.10 19.91 -23.14
C VAL D 691 20.96 18.89 -22.39
N GLN D 692 20.78 18.79 -21.07
CA GLN D 692 21.43 17.75 -20.20
C GLN D 692 21.08 16.36 -20.75
N ALA D 693 19.79 16.09 -20.94
CA ALA D 693 19.25 14.84 -21.51
C ALA D 693 19.91 14.57 -22.88
N ARG D 694 19.95 15.58 -23.75
CA ARG D 694 20.55 15.48 -25.12
C ARG D 694 22.04 15.11 -25.01
N ILE D 695 22.78 15.84 -24.17
CA ILE D 695 24.26 15.66 -23.98
C ILE D 695 24.52 14.26 -23.40
N ILE D 696 23.82 13.88 -22.32
CA ILE D 696 24.02 12.58 -21.62
C ILE D 696 23.59 11.44 -22.55
N ASN D 697 22.53 11.65 -23.35
CA ASN D 697 22.07 10.70 -24.40
C ASN D 697 23.16 10.54 -25.46
N ASP D 698 23.70 11.66 -25.97
CA ASP D 698 24.80 11.69 -26.97
C ASP D 698 26.01 10.92 -26.42
N LEU D 699 26.42 11.25 -25.19
CA LEU D 699 27.54 10.60 -24.45
C LEU D 699 27.26 9.10 -24.30
N ALA D 700 26.03 8.72 -23.94
CA ALA D 700 25.59 7.32 -23.79
C ALA D 700 25.65 6.59 -25.14
N GLU D 701 25.29 7.27 -26.23
CA GLU D 701 25.32 6.72 -27.61
C GLU D 701 26.76 6.58 -28.10
N ARG D 702 27.64 7.54 -27.77
CA ARG D 702 29.02 7.65 -28.34
C ARG D 702 30.04 6.85 -27.51
N PHE D 703 29.95 6.89 -26.18
CA PHE D 703 31.03 6.45 -25.24
C PHE D 703 30.63 5.17 -24.50
N PRO D 704 31.60 4.47 -23.85
CA PRO D 704 31.29 3.39 -22.91
C PRO D 704 30.40 3.81 -21.73
N MET D 705 29.77 2.84 -21.06
CA MET D 705 28.78 3.06 -19.97
C MET D 705 29.47 3.54 -18.69
N ILE D 706 30.67 3.03 -18.40
CA ILE D 706 31.46 3.36 -17.17
C ILE D 706 31.79 4.86 -17.20
N VAL D 707 32.30 5.33 -18.34
CA VAL D 707 32.65 6.76 -18.62
C VAL D 707 31.43 7.64 -18.26
N VAL D 708 30.29 7.35 -18.88
CA VAL D 708 28.99 8.08 -18.69
C VAL D 708 28.59 8.00 -17.21
N ALA D 709 28.70 6.81 -16.61
CA ALA D 709 28.33 6.51 -15.20
C ALA D 709 29.22 7.30 -14.23
N GLN D 710 30.47 7.60 -14.60
CA GLN D 710 31.36 8.49 -13.80
C GLN D 710 31.01 9.96 -14.08
N THR D 711 30.93 10.35 -15.36
CA THR D 711 30.63 11.75 -15.78
C THR D 711 29.33 12.22 -15.11
N VAL D 712 28.31 11.36 -15.05
CA VAL D 712 27.00 11.68 -14.41
C VAL D 712 27.18 11.80 -12.88
N ASP D 713 28.10 11.02 -12.29
CA ASP D 713 28.44 11.08 -10.85
C ASP D 713 29.11 12.43 -10.56
N LYS D 714 30.09 12.82 -11.38
CA LYS D 714 30.77 14.14 -11.28
C LYS D 714 29.72 15.26 -11.49
N LEU D 715 28.84 15.09 -12.48
CA LEU D 715 27.67 15.99 -12.74
C LEU D 715 26.81 16.11 -11.48
N LYS D 716 26.58 15.00 -10.78
CA LYS D 716 25.82 14.98 -9.50
C LYS D 716 26.60 15.78 -8.45
N ASP D 717 27.85 15.38 -8.19
CA ASP D 717 28.74 16.04 -7.18
C ASP D 717 28.75 17.56 -7.40
N ALA D 718 29.21 17.99 -8.58
CA ALA D 718 29.30 19.41 -8.98
C ALA D 718 27.91 20.05 -8.91
N GLY D 719 26.91 19.40 -9.51
CA GLY D 719 25.49 19.80 -9.48
C GLY D 719 25.04 20.21 -8.10
N PHE D 720 25.19 19.31 -7.11
CA PHE D 720 24.79 19.56 -5.70
C PHE D 720 25.71 20.60 -5.07
N TYR D 721 27.04 20.48 -5.25
CA TYR D 721 28.03 21.47 -4.74
C TYR D 721 27.60 22.89 -5.13
N TRP D 722 27.08 23.06 -6.36
CA TRP D 722 26.70 24.38 -6.93
C TRP D 722 25.22 24.70 -6.70
N ALA D 723 24.38 23.70 -6.42
CA ALA D 723 22.96 23.87 -6.03
C ALA D 723 22.84 24.73 -4.76
N THR D 724 23.84 24.69 -3.88
CA THR D 724 23.94 25.55 -2.66
C THR D 724 24.17 27.01 -3.08
N ARG D 725 25.32 27.28 -3.71
CA ARG D 725 25.79 28.62 -4.11
C ARG D 725 24.97 29.13 -5.31
N SER D 726 23.97 28.36 -5.76
CA SER D 726 22.93 28.78 -6.73
C SER D 726 22.23 30.07 -6.26
N GLY D 727 21.90 30.16 -4.97
CA GLY D 727 21.10 31.24 -4.39
C GLY D 727 19.63 31.08 -4.69
N VAL D 728 19.18 29.85 -4.96
CA VAL D 728 17.75 29.48 -5.20
C VAL D 728 17.14 29.16 -3.83
N THR D 729 16.37 30.10 -3.29
CA THR D 729 15.48 29.95 -2.10
C THR D 729 14.12 30.56 -2.45
N VAL D 730 13.05 30.18 -1.76
CA VAL D 730 11.72 30.83 -1.91
C VAL D 730 11.43 31.65 -0.64
N SER D 731 10.88 32.84 -0.84
CA SER D 731 10.43 33.79 0.22
C SER D 731 9.21 34.55 -0.30
N MET D 732 8.36 34.99 0.63
CA MET D 732 7.22 35.91 0.40
C MET D 732 7.65 37.09 -0.47
N ALA D 733 8.89 37.58 -0.29
CA ALA D 733 9.50 38.68 -1.07
C ALA D 733 10.05 38.17 -2.42
N ASP D 734 10.56 36.93 -2.48
CA ASP D 734 11.09 36.31 -3.73
C ASP D 734 9.93 36.07 -4.71
N VAL D 735 8.85 35.41 -4.25
CA VAL D 735 7.62 35.23 -5.08
C VAL D 735 6.97 36.62 -5.25
N LEU D 736 6.73 37.03 -6.50
CA LEU D 736 6.15 38.35 -6.85
C LEU D 736 4.86 38.13 -7.65
N VAL D 737 3.77 38.80 -7.27
CA VAL D 737 2.50 38.89 -8.06
C VAL D 737 2.76 39.83 -9.25
N PRO D 738 2.32 39.48 -10.47
CA PRO D 738 2.56 40.32 -11.64
C PRO D 738 1.69 41.58 -11.64
N PRO D 739 2.20 42.73 -12.14
CA PRO D 739 1.48 44.00 -12.05
C PRO D 739 0.26 44.07 -12.98
N GLN D 740 0.27 43.33 -14.09
CA GLN D 740 -0.82 43.28 -15.10
C GLN D 740 -1.97 42.37 -14.64
N LYS D 741 -1.75 41.54 -13.61
CA LYS D 741 -2.72 40.55 -13.09
C LYS D 741 -4.08 41.21 -12.83
N GLN D 742 -4.09 42.23 -11.96
CA GLN D 742 -5.30 42.94 -11.50
C GLN D 742 -5.91 43.72 -12.67
N GLU D 743 -5.07 44.43 -13.44
CA GLU D 743 -5.45 45.20 -14.65
C GLU D 743 -6.23 44.30 -15.63
N ILE D 744 -5.69 43.11 -15.92
CA ILE D 744 -6.32 42.09 -16.82
C ILE D 744 -7.59 41.56 -16.13
N LEU D 745 -7.44 40.99 -14.93
CA LEU D 745 -8.54 40.37 -14.13
C LEU D 745 -9.76 41.29 -14.10
N GLU D 746 -9.58 42.57 -13.75
CA GLU D 746 -10.67 43.56 -13.62
C GLU D 746 -11.19 43.96 -15.01
N ARG D 747 -10.36 43.88 -16.06
CA ARG D 747 -10.78 44.14 -17.46
C ARG D 747 -11.65 42.98 -17.97
N HIS D 748 -11.37 41.76 -17.52
CA HIS D 748 -12.19 40.54 -17.83
C HIS D 748 -13.46 40.52 -16.96
N GLU D 749 -13.37 41.01 -15.71
CA GLU D 749 -14.51 41.17 -14.78
C GLU D 749 -15.59 42.07 -15.43
N ALA D 750 -15.17 43.13 -16.14
CA ALA D 750 -16.04 44.09 -16.85
C ALA D 750 -16.95 43.36 -17.85
N GLU D 751 -16.41 42.37 -18.58
CA GLU D 751 -17.14 41.57 -19.60
C GLU D 751 -17.90 40.42 -18.91
N ALA D 752 -17.24 39.71 -18.00
CA ALA D 752 -17.84 38.65 -17.15
C ALA D 752 -19.13 39.16 -16.50
N ASP D 753 -19.12 40.41 -16.03
CA ASP D 753 -20.29 41.15 -15.47
C ASP D 753 -21.42 41.19 -16.51
N ALA D 754 -21.11 41.51 -17.77
CA ALA D 754 -22.08 41.56 -18.89
C ALA D 754 -22.59 40.16 -19.22
N ILE D 755 -21.70 39.16 -19.27
CA ILE D 755 -22.06 37.72 -19.49
C ILE D 755 -23.05 37.30 -18.41
N GLU D 756 -22.65 37.43 -17.14
CA GLU D 756 -23.46 37.07 -15.94
C GLU D 756 -24.76 37.91 -15.91
N ARG D 757 -24.71 39.15 -16.42
CA ARG D 757 -25.88 40.06 -16.55
C ARG D 757 -26.86 39.50 -17.58
N LYS D 758 -26.37 39.06 -18.74
CA LYS D 758 -27.18 38.45 -19.83
C LYS D 758 -27.73 37.08 -19.38
N TYR D 759 -26.93 36.34 -18.60
CA TYR D 759 -27.31 35.06 -17.95
C TYR D 759 -28.41 35.30 -16.90
N GLN D 760 -28.28 36.38 -16.11
CA GLN D 760 -29.25 36.78 -15.04
C GLN D 760 -30.55 37.27 -15.69
N ARG D 761 -30.45 38.14 -16.71
CA ARG D 761 -31.57 38.56 -17.59
C ARG D 761 -32.23 37.31 -18.20
N GLY D 762 -31.41 36.34 -18.64
CA GLY D 762 -31.86 35.09 -19.28
C GLY D 762 -31.91 35.23 -20.80
N ALA D 763 -31.09 36.13 -21.36
CA ALA D 763 -30.97 36.34 -22.83
C ALA D 763 -30.00 35.30 -23.40
N LEU D 764 -28.98 34.92 -22.62
CA LEU D 764 -28.01 33.85 -22.94
C LEU D 764 -28.28 32.63 -22.04
N ASN D 765 -28.22 31.43 -22.63
CA ASN D 765 -28.47 30.13 -21.96
C ASN D 765 -27.36 29.87 -20.93
N HIS D 766 -27.64 29.04 -19.91
CA HIS D 766 -26.69 28.60 -18.84
C HIS D 766 -25.39 28.09 -19.47
N THR D 767 -25.50 27.23 -20.51
CA THR D 767 -24.36 26.57 -21.20
C THR D 767 -23.55 27.61 -21.98
N GLU D 768 -24.23 28.52 -22.70
CA GLU D 768 -23.62 29.62 -23.49
C GLU D 768 -22.89 30.59 -22.56
N ARG D 769 -23.57 31.06 -21.51
CA ARG D 769 -23.01 31.97 -20.46
C ARG D 769 -21.82 31.29 -19.79
N ASN D 770 -21.98 30.04 -19.34
CA ASN D 770 -20.90 29.19 -18.75
C ASN D 770 -19.71 29.15 -19.72
N GLU D 771 -19.96 28.77 -20.97
CA GLU D 771 -18.93 28.65 -22.05
C GLU D 771 -18.19 29.98 -22.23
N SER D 772 -18.95 31.08 -22.41
CA SER D 772 -18.43 32.47 -22.59
C SER D 772 -17.56 32.87 -21.40
N LEU D 773 -18.10 32.76 -20.18
CA LEU D 773 -17.40 33.10 -18.91
C LEU D 773 -16.11 32.27 -18.78
N VAL D 774 -16.23 30.95 -18.90
CA VAL D 774 -15.10 29.97 -18.84
C VAL D 774 -14.03 30.39 -19.87
N LYS D 775 -14.43 30.62 -21.12
CA LYS D 775 -13.52 31.09 -22.21
C LYS D 775 -12.81 32.37 -21.77
N ILE D 776 -13.59 33.40 -21.38
CA ILE D 776 -13.09 34.74 -20.94
C ILE D 776 -12.04 34.56 -19.83
N TRP D 777 -12.43 33.90 -18.73
CA TRP D 777 -11.57 33.74 -17.52
C TRP D 777 -10.38 32.81 -17.81
N GLN D 778 -10.52 31.87 -18.75
CA GLN D 778 -9.38 31.05 -19.28
C GLN D 778 -8.40 31.96 -20.01
N ASP D 779 -8.92 32.81 -20.91
CA ASP D 779 -8.13 33.86 -21.62
C ASP D 779 -7.40 34.73 -20.57
N ALA D 780 -8.12 35.17 -19.54
CA ALA D 780 -7.58 35.95 -18.39
C ALA D 780 -6.45 35.17 -17.71
N THR D 781 -6.70 33.90 -17.40
CA THR D 781 -5.73 32.95 -16.78
C THR D 781 -4.45 32.92 -17.63
N GLU D 782 -4.59 32.68 -18.94
CA GLU D 782 -3.46 32.64 -19.92
C GLU D 782 -2.74 34.01 -19.91
N GLU D 783 -3.49 35.11 -19.91
CA GLU D 783 -2.95 36.50 -19.84
C GLU D 783 -2.08 36.66 -18.59
N VAL D 784 -2.63 36.29 -17.42
CA VAL D 784 -1.92 36.30 -16.10
C VAL D 784 -0.66 35.42 -16.19
N GLY D 785 -0.78 34.24 -16.81
CA GLY D 785 0.36 33.35 -17.14
C GLY D 785 1.44 34.08 -17.91
N LYS D 786 1.04 34.79 -18.99
CA LYS D 786 1.94 35.62 -19.84
C LYS D 786 2.60 36.71 -19.00
N ALA D 787 1.82 37.40 -18.17
CA ALA D 787 2.31 38.46 -17.24
C ALA D 787 3.37 37.87 -16.28
N LEU D 788 3.06 36.73 -15.66
CA LEU D 788 3.98 35.94 -14.80
C LEU D 788 5.25 35.60 -15.58
N GLU D 789 5.10 35.10 -16.82
CA GLU D 789 6.21 34.76 -17.74
C GLU D 789 7.10 35.99 -18.00
N GLU D 790 6.49 37.16 -18.23
CA GLU D 790 7.18 38.40 -18.68
C GLU D 790 7.84 39.12 -17.50
N PHE D 791 7.09 39.41 -16.43
CA PHE D 791 7.48 40.30 -15.30
C PHE D 791 8.75 39.77 -14.60
N TYR D 792 8.78 38.47 -14.26
CA TYR D 792 9.84 37.83 -13.44
C TYR D 792 11.21 37.97 -14.10
N PRO D 793 12.26 38.40 -13.36
CA PRO D 793 13.64 38.27 -13.84
C PRO D 793 14.13 36.83 -13.95
N ALA D 794 15.15 36.59 -14.78
CA ALA D 794 15.78 35.27 -15.04
C ALA D 794 16.50 34.75 -13.80
N ASP D 795 17.02 35.64 -12.96
CA ASP D 795 17.74 35.31 -11.69
C ASP D 795 16.75 34.92 -10.59
N ASN D 796 15.43 35.08 -10.82
CA ASN D 796 14.37 34.75 -9.83
C ASN D 796 14.35 33.24 -9.58
N PRO D 797 14.40 32.79 -8.29
CA PRO D 797 14.42 31.36 -7.96
C PRO D 797 13.27 30.50 -8.51
N ILE D 798 12.06 31.06 -8.58
CA ILE D 798 10.83 30.34 -9.08
C ILE D 798 11.03 30.02 -10.57
N ILE D 799 11.45 31.02 -11.36
CA ILE D 799 11.83 30.87 -12.80
C ILE D 799 12.94 29.83 -12.91
N THR D 800 13.93 29.84 -12.00
CA THR D 800 15.05 28.87 -11.97
C THR D 800 14.50 27.45 -11.74
N ILE D 801 13.70 27.25 -10.69
CA ILE D 801 13.11 25.93 -10.30
C ILE D 801 12.16 25.44 -11.42
N VAL D 802 11.48 26.38 -12.10
CA VAL D 802 10.49 26.10 -13.19
C VAL D 802 11.22 26.05 -14.55
N LYS D 803 11.61 27.23 -15.07
CA LYS D 803 11.98 27.46 -16.50
C LYS D 803 13.34 26.86 -16.87
N SER D 804 14.12 26.36 -15.89
CA SER D 804 15.32 25.51 -16.15
C SER D 804 14.89 24.09 -16.54
N GLY D 805 13.62 23.73 -16.29
CA GLY D 805 13.08 22.37 -16.47
C GLY D 805 13.31 21.53 -15.23
N ALA D 806 13.83 22.12 -14.15
CA ALA D 806 14.19 21.45 -12.89
C ALA D 806 12.96 20.73 -12.33
N THR D 807 11.85 21.45 -12.15
CA THR D 807 10.53 20.83 -11.82
C THR D 807 9.36 21.76 -12.20
N GLY D 808 8.13 21.27 -11.97
CA GLY D 808 6.89 22.04 -12.12
C GLY D 808 6.59 22.39 -13.56
N ASN D 809 6.07 23.60 -13.79
CA ASN D 809 5.70 24.13 -15.13
C ASN D 809 5.25 25.59 -15.00
N LEU D 810 4.99 26.25 -16.12
CA LEU D 810 4.45 27.64 -16.20
C LEU D 810 3.11 27.72 -15.46
N THR D 811 2.32 26.65 -15.50
CA THR D 811 1.00 26.50 -14.81
C THR D 811 1.15 26.71 -13.30
N GLN D 812 2.18 26.13 -12.67
CA GLN D 812 2.37 26.15 -11.20
C GLN D 812 2.76 27.57 -10.76
N THR D 813 3.74 28.18 -11.43
CA THR D 813 4.17 29.59 -11.19
C THR D 813 3.02 30.54 -11.58
N ARG D 814 2.15 30.15 -12.53
CA ARG D 814 0.90 30.90 -12.84
C ARG D 814 -0.07 30.80 -11.65
N THR D 815 -0.25 29.62 -11.06
CA THR D 815 -1.13 29.42 -9.87
C THR D 815 -0.54 30.14 -8.66
N LEU D 816 0.80 30.23 -8.56
CA LEU D 816 1.50 30.85 -7.39
C LEU D 816 1.59 32.38 -7.57
N ALA D 817 1.75 32.87 -8.79
CA ALA D 817 1.85 34.32 -9.13
C ALA D 817 0.66 34.74 -10.00
N GLY D 818 -0.21 35.61 -9.46
CA GLY D 818 -1.43 36.10 -10.13
C GLY D 818 -2.68 35.39 -9.62
N MET D 819 -3.07 34.30 -10.30
CA MET D 819 -4.39 33.61 -10.12
C MET D 819 -4.24 32.11 -10.35
N LYS D 820 -4.90 31.30 -9.50
CA LYS D 820 -5.00 29.82 -9.62
C LYS D 820 -5.74 29.46 -10.93
N GLY D 821 -6.67 30.32 -11.36
CA GLY D 821 -7.43 30.19 -12.62
C GLY D 821 -8.78 29.54 -12.39
N LEU D 822 -9.32 28.89 -13.43
CA LEU D 822 -10.60 28.13 -13.39
C LEU D 822 -10.34 26.79 -12.71
N VAL D 823 -11.35 26.29 -12.00
CA VAL D 823 -11.30 25.02 -11.20
C VAL D 823 -12.64 24.30 -11.34
N THR D 824 -12.59 22.97 -11.53
CA THR D 824 -13.73 22.14 -12.00
C THR D 824 -14.55 21.63 -10.82
N ASN D 825 -15.80 21.23 -11.11
CA ASN D 825 -16.74 20.59 -10.16
C ASN D 825 -16.36 19.13 -9.98
N PRO D 826 -16.98 18.37 -9.05
CA PRO D 826 -16.72 16.93 -8.92
C PRO D 826 -17.08 16.13 -10.18
N LYS D 827 -18.03 16.64 -10.99
CA LYS D 827 -18.41 16.10 -12.32
C LYS D 827 -17.22 16.23 -13.29
N GLY D 828 -16.63 17.42 -13.39
CA GLY D 828 -15.56 17.77 -14.35
C GLY D 828 -15.83 19.08 -15.09
N GLU D 829 -17.10 19.53 -15.11
CA GLU D 829 -17.52 20.83 -15.69
C GLU D 829 -16.88 21.97 -14.87
N PHE D 830 -16.41 23.02 -15.56
CA PHE D 830 -15.72 24.19 -14.96
C PHE D 830 -16.75 25.11 -14.29
N ILE D 831 -16.48 25.53 -13.05
CA ILE D 831 -17.27 26.57 -12.32
C ILE D 831 -16.96 27.91 -12.96
N PRO D 832 -17.98 28.72 -13.35
CA PRO D 832 -17.75 29.98 -14.05
C PRO D 832 -16.94 31.01 -13.24
N ARG D 833 -17.05 30.99 -11.91
CA ARG D 833 -16.28 31.85 -10.98
C ARG D 833 -14.85 31.32 -10.88
N PRO D 834 -13.81 32.09 -11.31
CA PRO D 834 -12.42 31.65 -11.20
C PRO D 834 -11.80 31.99 -9.84
N ILE D 835 -10.64 31.40 -9.52
CA ILE D 835 -9.80 31.78 -8.35
C ILE D 835 -8.93 32.97 -8.78
N LYS D 836 -9.39 34.19 -8.52
CA LYS D 836 -8.72 35.45 -8.95
C LYS D 836 -7.49 35.76 -8.09
N SER D 837 -7.40 35.16 -6.90
CA SER D 837 -6.32 35.39 -5.89
C SER D 837 -5.21 34.34 -6.04
N SER D 838 -3.95 34.79 -6.10
CA SER D 838 -2.73 33.93 -6.01
C SER D 838 -2.61 33.32 -4.60
N PHE D 839 -1.94 32.18 -4.51
CA PHE D 839 -1.58 31.48 -3.23
C PHE D 839 -0.65 32.36 -2.40
N ARG D 840 0.09 33.27 -3.03
CA ARG D 840 0.82 34.38 -2.37
C ARG D 840 -0.20 35.31 -1.69
N GLU D 841 -1.25 35.71 -2.42
CA GLU D 841 -2.33 36.62 -1.95
C GLU D 841 -3.16 35.92 -0.86
N GLY D 842 -3.29 34.59 -0.91
CA GLY D 842 -4.14 33.79 -0.01
C GLY D 842 -5.57 33.73 -0.51
N LEU D 843 -6.20 32.54 -0.44
CA LEU D 843 -7.54 32.28 -1.02
C LEU D 843 -8.63 32.72 -0.03
N THR D 844 -9.82 33.02 -0.53
CA THR D 844 -11.06 33.24 0.26
C THR D 844 -11.74 31.89 0.50
N VAL D 845 -12.48 31.77 1.61
CA VAL D 845 -13.16 30.53 2.07
C VAL D 845 -13.85 29.87 0.86
N LEU D 846 -14.64 30.67 0.13
CA LEU D 846 -15.31 30.29 -1.15
C LEU D 846 -14.27 29.67 -2.10
N GLU D 847 -13.27 30.45 -2.51
CA GLU D 847 -12.26 30.07 -3.54
C GLU D 847 -11.59 28.76 -3.14
N TYR D 848 -11.13 28.67 -1.89
CA TYR D 848 -10.47 27.47 -1.30
C TYR D 848 -11.43 26.28 -1.35
N PHE D 849 -12.64 26.47 -0.80
CA PHE D 849 -13.71 25.44 -0.76
C PHE D 849 -14.03 24.93 -2.17
N ILE D 850 -14.01 25.81 -3.16
CA ILE D 850 -14.17 25.42 -4.60
C ILE D 850 -12.92 24.67 -5.06
N ASN D 851 -11.72 25.12 -4.65
CA ASN D 851 -10.42 24.47 -5.00
C ASN D 851 -10.38 23.03 -4.46
N THR D 852 -10.93 22.77 -3.27
CA THR D 852 -10.90 21.43 -2.59
C THR D 852 -11.37 20.31 -3.55
N HIS D 853 -12.49 20.54 -4.26
CA HIS D 853 -13.14 19.59 -5.21
C HIS D 853 -12.09 18.93 -6.10
N GLY D 854 -11.42 19.75 -6.93
CA GLY D 854 -10.44 19.31 -7.95
C GLY D 854 -9.28 18.55 -7.32
N ALA D 855 -8.74 19.08 -6.22
CA ALA D 855 -7.64 18.47 -5.43
C ALA D 855 -8.06 17.07 -4.96
N ARG D 856 -9.22 16.96 -4.28
CA ARG D 856 -9.71 15.67 -3.74
C ARG D 856 -9.99 14.70 -4.89
N LYS D 857 -10.74 15.14 -5.91
CA LYS D 857 -11.07 14.34 -7.13
C LYS D 857 -9.76 13.81 -7.73
N GLY D 858 -8.79 14.70 -7.94
CA GLY D 858 -7.41 14.39 -8.36
C GLY D 858 -6.78 13.31 -7.51
N LEU D 859 -6.76 13.53 -6.19
CA LEU D 859 -6.16 12.59 -5.19
C LEU D 859 -6.80 11.20 -5.31
N ALA D 860 -8.14 11.15 -5.40
CA ALA D 860 -8.93 9.91 -5.56
C ALA D 860 -8.57 9.22 -6.89
N ASP D 861 -8.70 9.94 -8.01
CA ASP D 861 -8.50 9.37 -9.37
C ASP D 861 -7.04 8.88 -9.51
N THR D 862 -6.06 9.63 -8.95
CA THR D 862 -4.63 9.21 -8.96
C THR D 862 -4.44 8.03 -7.99
N ALA D 863 -5.17 7.99 -6.87
CA ALA D 863 -5.18 6.86 -5.89
C ALA D 863 -5.75 5.59 -6.53
N LEU D 864 -6.68 5.72 -7.50
CA LEU D 864 -7.22 4.57 -8.30
C LEU D 864 -6.25 4.20 -9.43
N ARG D 865 -5.74 5.23 -10.12
CA ARG D 865 -4.89 5.16 -11.34
C ARG D 865 -3.75 4.16 -11.15
N THR D 866 -3.07 4.20 -10.00
CA THR D 866 -1.95 3.26 -9.63
C THR D 866 -2.47 1.81 -9.70
N ALA D 867 -3.62 1.52 -9.10
CA ALA D 867 -4.22 0.17 -9.04
C ALA D 867 -4.66 -0.24 -10.45
N ASP D 868 -5.38 0.66 -11.14
CA ASP D 868 -5.87 0.42 -12.53
C ASP D 868 -4.68 0.10 -13.46
N SER D 869 -3.64 0.92 -13.42
CA SER D 869 -2.41 0.80 -14.24
C SER D 869 -1.63 -0.47 -13.84
N GLY D 870 -1.56 -0.79 -12.54
CA GLY D 870 -1.06 -2.08 -12.05
C GLY D 870 -1.78 -3.24 -12.70
N TYR D 871 -3.12 -3.22 -12.64
CA TYR D 871 -4.03 -4.23 -13.25
C TYR D 871 -3.74 -4.33 -14.76
N LEU D 872 -3.66 -3.19 -15.47
CA LEU D 872 -3.30 -3.11 -16.92
C LEU D 872 -1.95 -3.80 -17.16
N THR D 873 -0.93 -3.39 -16.40
CA THR D 873 0.46 -3.90 -16.48
C THR D 873 0.47 -5.42 -16.24
N ARG D 874 -0.36 -5.93 -15.32
CA ARG D 874 -0.48 -7.39 -15.05
C ARG D 874 -0.90 -8.13 -16.33
N ARG D 875 -2.00 -7.69 -16.95
CA ARG D 875 -2.51 -8.23 -18.24
C ARG D 875 -1.42 -8.10 -19.31
N LEU D 876 -0.84 -6.89 -19.46
CA LEU D 876 0.20 -6.58 -20.49
C LEU D 876 1.48 -7.42 -20.27
N VAL D 877 1.73 -7.89 -19.04
CA VAL D 877 2.83 -8.87 -18.74
C VAL D 877 2.35 -10.28 -19.09
N ASP D 878 1.15 -10.66 -18.63
CA ASP D 878 0.61 -12.03 -18.79
C ASP D 878 0.43 -12.38 -20.27
N VAL D 879 0.06 -11.40 -21.11
CA VAL D 879 -0.18 -11.62 -22.58
C VAL D 879 1.15 -11.94 -23.28
N SER D 880 2.21 -11.17 -23.01
CA SER D 880 3.54 -11.28 -23.65
C SER D 880 4.51 -12.04 -22.72
N GLN D 881 4.03 -13.14 -22.14
CA GLN D 881 4.82 -14.14 -21.36
C GLN D 881 5.80 -14.90 -22.27
N ASP D 882 5.51 -15.01 -23.57
CA ASP D 882 6.24 -15.90 -24.52
C ASP D 882 7.32 -15.13 -25.29
N VAL D 883 7.09 -13.84 -25.61
CA VAL D 883 7.94 -13.04 -26.54
C VAL D 883 9.32 -12.83 -25.90
N ILE D 884 10.23 -13.78 -26.14
CA ILE D 884 11.68 -13.70 -25.79
C ILE D 884 12.49 -13.86 -27.08
N VAL D 885 13.67 -13.24 -27.13
CA VAL D 885 14.61 -13.39 -28.29
C VAL D 885 15.20 -14.81 -28.21
N ARG D 886 14.72 -15.72 -29.07
CA ARG D 886 15.06 -17.17 -29.00
C ARG D 886 16.33 -17.44 -29.83
N GLU D 887 16.36 -17.00 -31.09
CA GLU D 887 17.49 -17.20 -32.04
C GLU D 887 18.05 -15.84 -32.48
N HIS D 888 19.15 -15.87 -33.23
CA HIS D 888 19.86 -14.67 -33.76
C HIS D 888 19.01 -14.03 -34.86
N ASP D 889 18.79 -14.77 -35.96
CA ASP D 889 18.02 -14.29 -37.15
C ASP D 889 17.22 -15.46 -37.72
N CYS D 890 15.93 -15.23 -38.01
CA CYS D 890 15.02 -16.19 -38.71
C CYS D 890 15.27 -16.15 -40.22
N GLU D 891 16.00 -15.13 -40.71
CA GLU D 891 16.46 -14.97 -42.11
C GLU D 891 15.25 -14.61 -42.98
N THR D 892 14.67 -13.42 -42.76
CA THR D 892 13.53 -12.84 -43.52
C THR D 892 13.99 -11.54 -44.20
N GLU D 893 13.27 -11.12 -45.23
CA GLU D 893 13.45 -9.82 -45.96
C GLU D 893 12.26 -8.90 -45.68
N ARG D 894 11.27 -9.36 -44.90
CA ARG D 894 10.01 -8.63 -44.62
C ARG D 894 10.27 -7.57 -43.56
N GLY D 895 9.63 -6.39 -43.67
CA GLY D 895 9.81 -5.26 -42.76
C GLY D 895 8.68 -4.23 -42.88
N ILE D 896 8.43 -3.47 -41.82
CA ILE D 896 7.44 -2.35 -41.80
C ILE D 896 8.12 -1.11 -42.40
N ASN D 897 7.32 -0.20 -42.98
CA ASN D 897 7.82 0.96 -43.77
C ASN D 897 7.58 2.25 -42.99
N VAL D 898 8.66 2.88 -42.50
CA VAL D 898 8.63 4.15 -41.71
C VAL D 898 9.04 5.31 -42.63
N THR D 899 8.24 6.38 -42.63
CA THR D 899 8.41 7.56 -43.53
C THR D 899 9.70 8.32 -43.19
N LEU D 900 9.99 8.51 -41.89
CA LEU D 900 11.27 9.09 -41.36
C LEU D 900 11.40 10.59 -41.71
N ALA D 901 10.49 11.16 -42.51
CA ALA D 901 10.59 12.53 -43.06
C ALA D 901 9.21 13.07 -43.40
N GLU D 902 8.97 14.36 -43.15
CA GLU D 902 7.64 15.02 -43.27
C GLU D 902 7.49 15.65 -44.67
N ARG D 903 7.24 14.81 -45.68
CA ARG D 903 6.91 15.21 -47.08
C ARG D 903 8.05 16.04 -47.69
N GLY D 904 9.31 15.67 -47.41
CA GLY D 904 10.52 16.34 -47.93
C GLY D 904 11.56 16.56 -46.83
N PRO D 905 12.25 17.72 -46.77
CA PRO D 905 12.01 18.87 -47.65
C PRO D 905 12.66 18.71 -49.03
N ASP D 906 12.10 19.37 -50.05
CA ASP D 906 12.57 19.34 -51.46
C ASP D 906 12.34 20.71 -52.10
N ILE D 910 11.93 19.88 -43.20
CA ILE D 910 10.72 19.00 -43.24
C ILE D 910 11.08 17.59 -42.73
N ARG D 911 11.85 17.51 -41.65
CA ARG D 911 12.20 16.24 -40.96
C ARG D 911 11.04 15.83 -40.04
N ASP D 912 10.83 14.52 -39.88
CA ASP D 912 9.78 13.95 -39.01
C ASP D 912 10.24 14.10 -37.55
N ALA D 913 9.30 14.35 -36.63
CA ALA D 913 9.54 14.65 -35.20
C ALA D 913 9.66 13.36 -34.39
N HIS D 914 8.94 12.30 -34.78
CA HIS D 914 8.82 11.01 -34.04
C HIS D 914 9.68 9.91 -34.69
N VAL D 915 10.80 10.28 -35.32
CA VAL D 915 11.84 9.33 -35.85
C VAL D 915 12.43 8.54 -34.68
N GLU D 916 12.65 9.24 -33.55
CA GLU D 916 13.37 8.78 -32.32
C GLU D 916 12.64 7.57 -31.72
N THR D 917 11.30 7.60 -31.73
CA THR D 917 10.41 6.54 -31.20
C THR D 917 10.11 5.49 -32.28
N SER D 918 10.07 5.89 -33.55
CA SER D 918 9.69 5.04 -34.70
C SER D 918 10.91 4.28 -35.23
N ALA D 919 11.77 4.93 -36.02
CA ALA D 919 12.76 4.27 -36.92
C ALA D 919 14.18 4.34 -36.36
N PHE D 920 14.44 5.21 -35.37
CA PHE D 920 15.71 5.19 -34.57
C PHE D 920 15.82 3.84 -33.85
N ALA D 921 17.06 3.40 -33.59
CA ALA D 921 17.40 2.17 -32.83
C ALA D 921 16.66 0.96 -33.42
N ARG D 922 16.69 0.81 -34.75
CA ARG D 922 16.02 -0.28 -35.51
C ARG D 922 16.97 -0.81 -36.58
N THR D 923 16.96 -2.13 -36.82
CA THR D 923 17.69 -2.79 -37.94
C THR D 923 16.82 -2.68 -39.21
N LEU D 924 17.47 -2.50 -40.38
CA LEU D 924 16.79 -2.24 -41.68
C LEU D 924 16.36 -3.57 -42.32
N ALA D 925 15.32 -3.51 -43.16
CA ALA D 925 14.76 -4.65 -43.92
C ALA D 925 15.44 -4.77 -45.29
N THR D 926 15.72 -3.62 -45.94
CA THR D 926 16.27 -3.52 -47.32
C THR D 926 17.48 -2.57 -47.34
N ASP D 927 18.10 -2.44 -48.52
CA ASP D 927 19.15 -1.43 -48.82
C ASP D 927 18.45 -0.12 -49.21
N ALA D 928 18.91 1.01 -48.68
CA ALA D 928 18.29 2.34 -48.87
C ALA D 928 18.56 2.86 -50.28
N VAL D 929 17.79 2.38 -51.26
CA VAL D 929 17.82 2.84 -52.68
C VAL D 929 17.17 4.24 -52.75
N ASP D 930 17.73 5.14 -53.57
CA ASP D 930 17.20 6.49 -53.86
C ASP D 930 16.68 6.51 -55.31
N ALA D 931 16.44 7.70 -55.88
CA ALA D 931 15.89 7.92 -57.24
C ALA D 931 16.77 7.21 -58.29
N ASN D 932 18.10 7.41 -58.22
CA ASN D 932 19.09 6.85 -59.18
C ASN D 932 19.36 5.37 -58.85
N GLY D 933 19.48 5.04 -57.56
CA GLY D 933 20.02 3.77 -57.05
C GLY D 933 21.42 3.93 -56.47
N ASN D 934 21.75 5.14 -55.98
CA ASN D 934 22.99 5.43 -55.22
C ASN D 934 22.79 4.91 -53.80
N VAL D 935 22.90 3.59 -53.63
CA VAL D 935 22.56 2.84 -52.37
C VAL D 935 23.48 3.34 -51.25
N ILE D 936 22.90 3.97 -50.22
CA ILE D 936 23.62 4.71 -49.15
C ILE D 936 23.84 3.78 -47.94
N ILE D 937 22.82 2.99 -47.55
CA ILE D 937 22.85 2.11 -46.34
C ILE D 937 22.42 0.70 -46.74
N GLU D 938 23.16 -0.31 -46.28
CA GLU D 938 22.98 -1.76 -46.56
C GLU D 938 22.11 -2.40 -45.47
N ARG D 939 21.89 -3.72 -45.56
CA ARG D 939 21.07 -4.51 -44.59
C ARG D 939 21.88 -4.76 -43.31
N GLY D 940 21.22 -4.69 -42.15
CA GLY D 940 21.82 -4.91 -40.82
C GLY D 940 22.56 -3.68 -40.32
N HIS D 941 21.91 -2.51 -40.42
CA HIS D 941 22.43 -1.19 -39.96
C HIS D 941 21.59 -0.72 -38.75
N ASP D 942 22.25 -0.31 -37.67
CA ASP D 942 21.63 0.04 -36.36
C ASP D 942 20.68 1.25 -36.48
N LEU D 943 20.86 2.08 -37.52
CA LEU D 943 20.10 3.35 -37.76
C LEU D 943 20.31 4.29 -36.57
N GLY D 944 21.57 4.67 -36.31
CA GLY D 944 21.95 5.76 -35.39
C GLY D 944 21.76 7.11 -36.05
N ASP D 945 21.83 8.20 -35.26
CA ASP D 945 21.61 9.60 -35.72
C ASP D 945 22.41 9.87 -36.99
N PRO D 946 23.72 9.49 -37.09
CA PRO D 946 24.47 9.63 -38.34
C PRO D 946 23.79 8.96 -39.55
N ALA D 947 23.35 7.70 -39.39
CA ALA D 947 22.68 6.89 -40.42
C ALA D 947 21.32 7.51 -40.79
N ILE D 948 20.52 7.86 -39.77
CA ILE D 948 19.18 8.49 -39.92
C ILE D 948 19.35 9.82 -40.68
N ASP D 949 20.30 10.66 -40.26
CA ASP D 949 20.64 11.94 -40.94
C ASP D 949 21.07 11.64 -42.38
N ALA D 950 22.01 10.71 -42.55
CA ALA D 950 22.54 10.28 -43.88
C ALA D 950 21.37 9.89 -44.81
N LEU D 951 20.40 9.11 -44.32
CA LEU D 951 19.18 8.72 -45.08
C LEU D 951 18.36 9.97 -45.47
N LEU D 952 18.35 11.01 -44.63
CA LEU D 952 17.64 12.29 -44.93
C LEU D 952 18.43 13.05 -46.01
N ALA D 953 19.75 13.17 -45.83
CA ALA D 953 20.69 13.86 -46.75
C ALA D 953 20.70 13.16 -48.13
N ALA D 954 20.48 11.84 -48.16
CA ALA D 954 20.35 11.04 -49.41
C ALA D 954 19.19 11.57 -50.26
N GLY D 955 18.06 11.92 -49.61
CA GLY D 955 16.85 12.46 -50.27
C GLY D 955 15.83 11.37 -50.55
N ILE D 956 15.50 10.58 -49.53
CA ILE D 956 14.38 9.58 -49.53
C ILE D 956 13.42 9.94 -48.40
N THR D 957 12.11 9.90 -48.68
CA THR D 957 11.01 10.29 -47.75
C THR D 957 10.32 9.02 -47.20
N THR D 958 11.06 7.91 -47.09
CA THR D 958 10.60 6.61 -46.55
C THR D 958 11.79 5.63 -46.43
N VAL D 959 11.67 4.64 -45.54
CA VAL D 959 12.65 3.52 -45.40
C VAL D 959 11.93 2.29 -44.82
N LYS D 960 12.36 1.09 -45.24
CA LYS D 960 11.76 -0.21 -44.83
C LYS D 960 12.61 -0.83 -43.73
N VAL D 961 12.12 -0.73 -42.48
CA VAL D 961 12.81 -1.20 -41.24
C VAL D 961 12.28 -2.60 -40.88
N ARG D 962 13.17 -3.43 -40.30
CA ARG D 962 12.95 -4.86 -39.96
C ARG D 962 12.46 -4.95 -38.52
N SER D 963 11.19 -5.38 -38.32
CA SER D 963 10.47 -5.30 -37.02
C SER D 963 9.96 -6.68 -36.59
N VAL D 964 9.46 -6.76 -35.35
CA VAL D 964 8.82 -7.97 -34.74
C VAL D 964 7.51 -8.31 -35.48
N LEU D 965 6.81 -7.30 -36.01
CA LEU D 965 5.50 -7.45 -36.73
C LEU D 965 5.69 -8.38 -37.94
N THR D 966 6.89 -8.37 -38.54
CA THR D 966 7.30 -9.25 -39.67
C THR D 966 8.54 -10.06 -39.25
N CYS D 967 8.36 -11.02 -38.34
CA CYS D 967 9.41 -11.96 -37.86
C CYS D 967 8.93 -13.40 -38.06
N THR D 968 9.67 -14.20 -38.83
CA THR D 968 9.31 -15.60 -39.22
C THR D 968 10.01 -16.58 -38.25
N SER D 969 9.91 -16.32 -36.95
CA SER D 969 10.49 -17.16 -35.86
C SER D 969 9.47 -18.22 -35.42
N ALA D 970 9.94 -19.43 -35.12
CA ALA D 970 9.12 -20.57 -34.64
C ALA D 970 8.59 -20.26 -33.23
N THR D 971 9.50 -19.94 -32.31
CA THR D 971 9.23 -19.57 -30.90
C THR D 971 9.69 -18.12 -30.66
N GLY D 972 8.81 -17.27 -30.13
CA GLY D 972 9.10 -15.88 -29.71
C GLY D 972 9.48 -15.00 -30.90
N VAL D 973 10.68 -14.39 -30.85
CA VAL D 973 11.25 -13.54 -31.94
C VAL D 973 12.75 -13.84 -32.07
N CYS D 974 13.34 -13.43 -33.20
CA CYS D 974 14.79 -13.57 -33.52
C CYS D 974 15.48 -12.21 -33.38
N ALA D 975 16.67 -12.18 -32.77
CA ALA D 975 17.38 -10.97 -32.30
C ALA D 975 17.36 -9.88 -33.39
N MET D 976 17.97 -10.16 -34.54
CA MET D 976 18.25 -9.18 -35.63
C MET D 976 16.95 -8.49 -36.06
N CYS D 977 15.80 -9.18 -36.00
CA CYS D 977 14.47 -8.66 -36.45
C CYS D 977 13.84 -7.74 -35.39
N TYR D 978 14.33 -7.73 -34.15
CA TYR D 978 13.86 -6.83 -33.07
C TYR D 978 14.45 -5.42 -33.27
N GLY D 979 15.70 -5.35 -33.73
CA GLY D 979 16.52 -4.12 -33.75
C GLY D 979 17.43 -4.05 -32.54
N ARG D 980 18.23 -2.98 -32.42
CA ARG D 980 19.17 -2.79 -31.27
C ARG D 980 18.37 -2.49 -30.00
N SER D 981 18.83 -3.00 -28.86
CA SER D 981 18.21 -2.79 -27.52
C SER D 981 18.49 -1.36 -27.05
N MET D 982 17.64 -0.84 -26.15
CA MET D 982 17.75 0.53 -25.57
C MET D 982 18.65 0.49 -24.33
N ALA D 983 18.58 -0.61 -23.55
CA ALA D 983 19.32 -0.82 -22.28
C ALA D 983 20.83 -0.92 -22.53
N THR D 984 21.23 -1.76 -23.50
CA THR D 984 22.63 -2.14 -23.78
C THR D 984 23.35 -0.99 -24.52
N GLY D 985 22.69 -0.42 -25.53
CA GLY D 985 23.29 0.53 -26.48
C GLY D 985 23.98 -0.18 -27.64
N LYS D 986 23.72 -1.48 -27.81
CA LYS D 986 24.29 -2.37 -28.86
C LYS D 986 23.15 -3.20 -29.46
N LEU D 987 23.47 -4.09 -30.42
CA LEU D 987 22.55 -5.10 -30.98
C LEU D 987 21.91 -5.88 -29.82
N VAL D 988 20.58 -6.07 -29.86
CA VAL D 988 19.80 -6.78 -28.81
C VAL D 988 20.37 -8.19 -28.65
N ASP D 989 20.37 -8.70 -27.41
CA ASP D 989 21.05 -9.96 -27.03
C ASP D 989 20.18 -11.15 -27.45
N ILE D 990 20.82 -12.32 -27.61
CA ILE D 990 20.17 -13.58 -28.09
C ILE D 990 19.43 -14.25 -26.90
N GLY D 991 19.54 -13.67 -25.69
CA GLY D 991 18.79 -14.08 -24.49
C GLY D 991 17.63 -13.17 -24.12
N GLU D 992 17.72 -11.88 -24.50
CA GLU D 992 16.80 -10.78 -24.05
C GLU D 992 15.33 -11.24 -24.04
N ALA D 993 14.61 -10.88 -22.96
CA ALA D 993 13.16 -11.10 -22.77
C ALA D 993 12.40 -9.83 -23.18
N VAL D 994 12.61 -9.40 -24.43
CA VAL D 994 12.10 -8.11 -25.00
C VAL D 994 10.60 -7.96 -24.74
N GLY D 995 9.84 -9.07 -24.74
CA GLY D 995 8.39 -9.08 -24.44
C GLY D 995 8.08 -8.46 -23.09
N ILE D 996 8.70 -8.96 -22.02
CA ILE D 996 8.40 -8.54 -20.62
C ILE D 996 9.05 -7.17 -20.34
N VAL D 997 10.17 -6.86 -21.02
CA VAL D 997 10.79 -5.50 -21.05
C VAL D 997 9.75 -4.53 -21.62
N ALA D 998 9.24 -4.84 -22.81
CA ALA D 998 8.18 -4.07 -23.53
C ALA D 998 6.97 -3.92 -22.61
N ALA D 999 6.53 -5.02 -21.98
CA ALA D 999 5.37 -5.09 -21.05
C ALA D 999 5.59 -4.14 -19.87
N GLN D 1000 6.75 -4.23 -19.21
CA GLN D 1000 7.15 -3.34 -18.08
C GLN D 1000 7.14 -1.89 -18.55
N SER D 1001 7.88 -1.59 -19.62
CA SER D 1001 8.11 -0.23 -20.18
C SER D 1001 6.79 0.41 -20.60
N ILE D 1002 5.90 -0.32 -21.28
CA ILE D 1002 4.53 0.15 -21.66
C ILE D 1002 3.65 0.22 -20.41
N GLY D 1003 3.89 -0.66 -19.43
CA GLY D 1003 3.11 -0.76 -18.19
C GLY D 1003 3.43 0.32 -17.16
N GLU D 1004 4.60 0.97 -17.26
CA GLU D 1004 5.13 1.88 -16.20
C GLU D 1004 4.43 3.25 -16.20
N PRO D 1005 4.20 3.93 -17.35
CA PRO D 1005 3.79 5.34 -17.32
C PRO D 1005 2.28 5.55 -17.06
N GLY D 1006 1.51 4.47 -16.88
CA GLY D 1006 0.07 4.47 -16.53
C GLY D 1006 -0.23 5.31 -15.30
N THR D 1007 0.69 5.38 -14.33
CA THR D 1007 0.60 6.27 -13.14
C THR D 1007 0.72 7.74 -13.57
N GLN D 1008 1.57 8.03 -14.57
CA GLN D 1008 1.83 9.39 -15.12
C GLN D 1008 0.89 9.69 -16.30
N LEU D 1009 0.00 8.75 -16.65
CA LEU D 1009 -1.00 8.88 -17.75
C LEU D 1009 -2.26 9.56 -17.20
N THR D 1010 -2.31 10.89 -17.26
CA THR D 1010 -3.42 11.73 -16.74
C THR D 1010 -4.49 11.89 -17.83
N GLY D 1027 -10.23 11.18 -23.61
CA GLY D 1027 -8.89 10.88 -24.15
C GLY D 1027 -7.87 10.63 -23.04
N GLY D 1028 -7.58 9.36 -22.74
CA GLY D 1028 -6.63 8.95 -21.70
C GLY D 1028 -6.55 7.44 -21.53
N LEU D 1029 -6.34 6.97 -20.29
CA LEU D 1029 -6.06 5.56 -19.93
C LEU D 1029 -7.18 4.62 -20.41
N PRO D 1030 -8.48 5.01 -20.34
CA PRO D 1030 -9.54 4.25 -21.01
C PRO D 1030 -9.22 3.88 -22.47
N ARG D 1031 -8.67 4.83 -23.24
CA ARG D 1031 -8.40 4.67 -24.69
C ARG D 1031 -7.31 3.60 -24.88
N VAL D 1032 -6.20 3.68 -24.13
CA VAL D 1032 -5.09 2.67 -24.19
C VAL D 1032 -5.61 1.33 -23.65
N GLN D 1033 -6.37 1.34 -22.55
CA GLN D 1033 -7.00 0.12 -21.96
C GLN D 1033 -7.84 -0.57 -23.05
N GLU D 1034 -8.76 0.17 -23.68
CA GLU D 1034 -9.74 -0.35 -24.68
C GLU D 1034 -9.02 -0.74 -25.99
N LEU D 1035 -7.97 0.01 -26.35
CA LEU D 1035 -7.10 -0.26 -27.53
C LEU D 1035 -6.34 -1.57 -27.33
N PHE D 1036 -5.68 -1.73 -26.18
CA PHE D 1036 -4.88 -2.95 -25.85
C PHE D 1036 -5.81 -4.14 -25.62
N GLU D 1037 -6.98 -3.92 -25.01
CA GLU D 1037 -8.03 -4.95 -24.84
C GLU D 1037 -8.74 -5.20 -26.18
N ALA D 1038 -8.54 -4.31 -27.18
CA ALA D 1038 -9.04 -4.43 -28.57
C ALA D 1038 -10.58 -4.42 -28.56
N ARG D 1039 -11.19 -3.72 -27.59
CA ARG D 1039 -12.66 -3.72 -27.40
C ARG D 1039 -13.27 -2.65 -28.31
N VAL D 1040 -14.57 -2.80 -28.62
CA VAL D 1040 -15.37 -1.83 -29.44
C VAL D 1040 -15.23 -0.44 -28.83
N PRO D 1041 -15.04 0.64 -29.63
CA PRO D 1041 -14.76 1.97 -29.07
C PRO D 1041 -15.97 2.63 -28.40
N ARG D 1042 -15.71 3.67 -27.59
CA ARG D 1042 -16.74 4.55 -26.97
C ARG D 1042 -17.50 5.31 -28.06
N ASN D 1043 -16.83 5.63 -29.18
CA ASN D 1043 -17.40 6.28 -30.38
C ASN D 1043 -17.03 5.45 -31.62
N LYS D 1044 -17.96 4.61 -32.08
CA LYS D 1044 -17.78 3.71 -33.25
C LYS D 1044 -17.83 4.56 -34.53
N ALA D 1045 -16.69 5.18 -34.88
CA ALA D 1045 -16.47 5.93 -36.14
C ALA D 1045 -16.22 4.93 -37.27
N PRO D 1046 -17.01 4.96 -38.38
CA PRO D 1046 -16.81 4.03 -39.48
C PRO D 1046 -15.59 4.38 -40.35
N ILE D 1047 -14.97 3.35 -40.94
CA ILE D 1047 -13.90 3.49 -41.98
C ILE D 1047 -14.49 3.03 -43.32
N ALA D 1048 -13.90 3.48 -44.43
CA ALA D 1048 -14.35 3.20 -45.82
C ALA D 1048 -13.93 1.77 -46.20
N ASP D 1049 -14.90 0.90 -46.49
CA ASP D 1049 -14.67 -0.48 -47.01
C ASP D 1049 -14.10 -0.38 -48.42
N VAL D 1050 -14.61 0.57 -49.22
CA VAL D 1050 -14.14 0.87 -50.61
C VAL D 1050 -13.84 2.37 -50.71
N ALA D 1051 -12.85 2.75 -51.51
CA ALA D 1051 -12.53 4.16 -51.88
C ALA D 1051 -13.58 4.65 -52.87
N GLY D 1052 -13.78 5.97 -52.94
CA GLY D 1052 -14.82 6.60 -53.78
C GLY D 1052 -15.03 8.05 -53.43
N ARG D 1053 -16.06 8.69 -53.99
CA ARG D 1053 -16.36 10.13 -53.73
C ARG D 1053 -17.47 10.24 -52.69
N VAL D 1054 -17.20 11.00 -51.60
CA VAL D 1054 -18.14 11.22 -50.46
C VAL D 1054 -19.30 12.11 -50.92
N ARG D 1055 -20.52 11.81 -50.46
CA ARG D 1055 -21.71 12.70 -50.63
C ARG D 1055 -22.41 12.86 -49.27
N LEU D 1056 -22.88 14.08 -48.97
CA LEU D 1056 -23.55 14.44 -47.68
C LEU D 1056 -25.07 14.45 -47.89
N GLU D 1057 -25.76 13.49 -47.26
CA GLU D 1057 -27.24 13.46 -47.08
C GLU D 1057 -27.53 13.92 -45.65
N GLU D 1058 -27.59 15.24 -45.43
CA GLU D 1058 -27.84 15.88 -44.11
C GLU D 1058 -29.24 15.49 -43.62
N SER D 1059 -29.35 14.34 -42.95
CA SER D 1059 -30.62 13.74 -42.46
C SER D 1059 -31.06 14.41 -41.17
N ASP D 1060 -32.25 14.05 -40.67
CA ASP D 1060 -32.88 14.63 -39.46
C ASP D 1060 -32.23 14.03 -38.20
N LYS D 1061 -31.70 14.89 -37.32
CA LYS D 1061 -31.07 14.53 -36.01
C LYS D 1061 -29.64 14.01 -36.26
N PHE D 1062 -29.51 12.92 -37.02
CA PHE D 1062 -28.22 12.23 -37.35
C PHE D 1062 -27.79 12.59 -38.79
N PHE D 1063 -26.66 12.03 -39.24
CA PHE D 1063 -26.12 12.16 -40.62
C PHE D 1063 -26.37 10.85 -41.39
N LYS D 1064 -26.07 10.87 -42.70
CA LYS D 1064 -25.96 9.66 -43.56
C LYS D 1064 -24.82 9.88 -44.56
N ILE D 1065 -23.84 8.97 -44.58
CA ILE D 1065 -22.58 9.09 -45.37
C ILE D 1065 -22.58 8.02 -46.46
N THR D 1066 -22.38 8.43 -47.72
CA THR D 1066 -22.32 7.54 -48.91
C THR D 1066 -21.05 7.87 -49.71
N ILE D 1067 -20.27 6.82 -50.00
CA ILE D 1067 -19.01 6.83 -50.82
C ILE D 1067 -19.34 6.18 -52.17
N VAL D 1068 -19.33 6.96 -53.25
CA VAL D 1068 -19.61 6.47 -54.64
C VAL D 1068 -18.31 5.86 -55.17
N PRO D 1069 -18.28 4.54 -55.44
CA PRO D 1069 -17.03 3.82 -55.72
C PRO D 1069 -16.44 4.09 -57.12
N ASP D 1070 -15.15 3.76 -57.29
CA ASP D 1070 -14.37 3.96 -58.55
C ASP D 1070 -14.57 2.76 -59.48
N ASP D 1071 -14.46 1.54 -58.95
CA ASP D 1071 -14.53 0.26 -59.73
C ASP D 1071 -15.91 0.11 -60.36
N GLY D 1072 -16.98 0.53 -59.66
CA GLY D 1072 -18.38 0.48 -60.13
C GLY D 1072 -19.18 -0.59 -59.41
N GLY D 1073 -20.38 -0.24 -58.93
CA GLY D 1073 -21.29 -1.14 -58.19
C GLY D 1073 -22.18 -0.39 -57.22
N GLU D 1074 -22.23 -0.83 -55.96
CA GLU D 1074 -23.09 -0.26 -54.88
C GLU D 1074 -22.26 0.72 -54.02
N GLU D 1075 -22.93 1.72 -53.47
CA GLU D 1075 -22.34 2.77 -52.57
C GLU D 1075 -22.58 2.33 -51.13
N VAL D 1076 -21.57 2.50 -50.25
CA VAL D 1076 -21.60 1.99 -48.84
C VAL D 1076 -22.52 2.90 -48.02
N VAL D 1077 -23.53 2.30 -47.36
CA VAL D 1077 -24.59 3.01 -46.58
C VAL D 1077 -24.49 2.57 -45.11
N TYR D 1078 -24.51 3.55 -44.19
CA TYR D 1078 -24.72 3.37 -42.72
C TYR D 1078 -25.95 4.19 -42.32
N ASP D 1079 -26.78 3.65 -41.42
CA ASP D 1079 -28.12 4.22 -41.08
C ASP D 1079 -27.93 5.51 -40.27
N LYS D 1080 -27.58 5.39 -38.98
CA LYS D 1080 -27.50 6.52 -38.01
C LYS D 1080 -26.04 6.86 -37.73
N LEU D 1081 -25.59 8.02 -38.20
CA LEU D 1081 -24.22 8.58 -38.00
C LEU D 1081 -24.33 9.77 -37.03
N SER D 1082 -23.68 9.66 -35.85
CA SER D 1082 -23.72 10.64 -34.74
C SER D 1082 -23.13 11.98 -35.19
N LYS D 1083 -23.94 13.05 -35.17
CA LYS D 1083 -23.55 14.42 -35.56
C LYS D 1083 -22.56 14.99 -34.54
N ARG D 1084 -22.82 14.78 -33.24
CA ARG D 1084 -21.98 15.25 -32.10
C ARG D 1084 -20.59 14.59 -32.12
N GLN D 1085 -20.49 13.38 -32.69
CA GLN D 1085 -19.23 12.60 -32.83
C GLN D 1085 -18.26 13.33 -33.77
N ARG D 1086 -18.78 14.07 -34.76
CA ARG D 1086 -18.05 14.96 -35.72
C ARG D 1086 -17.39 14.12 -36.84
N LEU D 1087 -17.51 14.60 -38.08
CA LEU D 1087 -16.93 13.97 -39.31
C LEU D 1087 -15.42 14.24 -39.31
N ARG D 1088 -14.64 13.47 -40.07
CA ARG D 1088 -13.14 13.61 -40.09
C ARG D 1088 -12.76 14.92 -40.82
N VAL D 1089 -11.77 15.62 -40.27
CA VAL D 1089 -11.27 16.94 -40.79
C VAL D 1089 -10.18 16.68 -41.83
N GLY D 1098 -6.96 18.14 -46.18
CA GLY D 1098 -8.26 17.81 -46.79
C GLY D 1098 -9.34 17.56 -45.75
N VAL D 1099 -10.47 18.26 -45.84
CA VAL D 1099 -11.63 18.16 -44.91
C VAL D 1099 -12.80 17.49 -45.64
N LEU D 1100 -13.70 16.84 -44.89
CA LEU D 1100 -14.91 16.17 -45.43
C LEU D 1100 -15.92 17.23 -45.89
N SER D 1101 -16.25 17.23 -47.19
CA SER D 1101 -17.26 18.13 -47.82
C SER D 1101 -17.97 17.39 -48.97
N ASP D 1102 -19.18 17.84 -49.30
CA ASP D 1102 -20.06 17.24 -50.35
C ASP D 1102 -19.38 17.38 -51.72
N GLY D 1103 -18.81 16.28 -52.23
CA GLY D 1103 -18.12 16.20 -53.53
C GLY D 1103 -16.62 16.23 -53.42
N ASP D 1104 -16.06 15.45 -52.47
CA ASP D 1104 -14.61 15.13 -52.36
C ASP D 1104 -14.42 13.63 -52.60
N HIS D 1105 -13.17 13.19 -52.79
CA HIS D 1105 -12.75 11.76 -52.88
C HIS D 1105 -11.88 11.42 -51.66
N VAL D 1106 -12.17 10.29 -51.00
CA VAL D 1106 -11.50 9.84 -49.75
C VAL D 1106 -10.92 8.44 -49.97
N GLU D 1107 -9.86 8.10 -49.23
CA GLU D 1107 -9.06 6.85 -49.38
C GLU D 1107 -9.70 5.71 -48.58
N VAL D 1108 -9.28 4.47 -48.86
CA VAL D 1108 -9.77 3.22 -48.20
C VAL D 1108 -9.32 3.25 -46.74
N GLY D 1109 -8.06 3.63 -46.50
CA GLY D 1109 -7.43 3.74 -45.17
C GLY D 1109 -8.08 4.80 -44.28
N ASP D 1110 -8.67 5.84 -44.87
CA ASP D 1110 -9.19 7.03 -44.14
C ASP D 1110 -10.43 6.66 -43.31
N GLN D 1111 -10.41 6.99 -42.02
CA GLN D 1111 -11.56 6.91 -41.07
C GLN D 1111 -12.53 8.06 -41.39
N LEU D 1112 -13.84 7.80 -41.37
CA LEU D 1112 -14.86 8.75 -41.88
C LEU D 1112 -15.21 9.81 -40.81
N MET D 1113 -15.35 9.40 -39.54
CA MET D 1113 -15.68 10.30 -38.40
C MET D 1113 -14.49 10.45 -37.46
N GLU D 1114 -14.41 11.58 -36.75
CA GLU D 1114 -13.30 11.92 -35.83
C GLU D 1114 -13.52 11.19 -34.50
N GLY D 1115 -12.60 10.30 -34.13
CA GLY D 1115 -12.66 9.50 -32.89
C GLY D 1115 -11.78 8.27 -32.93
N ALA D 1116 -12.39 7.08 -32.94
CA ALA D 1116 -11.72 5.76 -32.82
C ALA D 1116 -12.33 4.75 -33.79
N ALA D 1117 -11.51 4.15 -34.66
CA ALA D 1117 -11.90 3.09 -35.61
C ALA D 1117 -11.93 1.74 -34.89
N ASP D 1118 -12.94 0.91 -35.18
CA ASP D 1118 -13.18 -0.42 -34.53
C ASP D 1118 -12.15 -1.41 -35.07
N PRO D 1119 -11.15 -1.86 -34.26
CA PRO D 1119 -10.01 -2.61 -34.78
C PRO D 1119 -10.37 -3.80 -35.70
N HIS D 1120 -11.40 -4.56 -35.30
CA HIS D 1120 -11.98 -5.71 -36.06
C HIS D 1120 -12.41 -5.23 -37.45
N GLU D 1121 -13.19 -4.14 -37.49
CA GLU D 1121 -13.67 -3.47 -38.73
C GLU D 1121 -12.46 -3.19 -39.63
N VAL D 1122 -11.43 -2.52 -39.09
CA VAL D 1122 -10.21 -2.09 -39.84
C VAL D 1122 -9.48 -3.34 -40.34
N LEU D 1123 -9.30 -4.35 -39.47
CA LEU D 1123 -8.69 -5.65 -39.85
C LEU D 1123 -9.45 -6.23 -41.05
N ARG D 1124 -10.75 -6.52 -40.88
CA ARG D 1124 -11.57 -7.23 -41.90
C ARG D 1124 -11.67 -6.39 -43.19
N VAL D 1125 -11.68 -5.06 -43.07
CA VAL D 1125 -11.76 -4.12 -44.24
C VAL D 1125 -10.42 -4.15 -44.99
N GLN D 1126 -9.31 -3.83 -44.30
CA GLN D 1126 -7.98 -3.64 -44.94
C GLN D 1126 -7.12 -4.90 -44.75
N GLY D 1127 -6.70 -5.21 -43.52
CA GLY D 1127 -5.81 -6.34 -43.22
C GLY D 1127 -4.93 -6.11 -42.00
N PRO D 1128 -4.08 -7.09 -41.61
CA PRO D 1128 -3.32 -7.02 -40.36
C PRO D 1128 -2.32 -5.85 -40.23
N ARG D 1129 -1.56 -5.56 -41.29
CA ARG D 1129 -0.39 -4.64 -41.27
C ARG D 1129 -0.84 -3.19 -41.00
N GLU D 1130 -1.89 -2.74 -41.69
CA GLU D 1130 -2.46 -1.36 -41.53
C GLU D 1130 -2.98 -1.18 -40.09
N VAL D 1131 -3.61 -2.22 -39.53
CA VAL D 1131 -4.05 -2.26 -38.10
C VAL D 1131 -2.81 -2.26 -37.20
N GLN D 1132 -1.77 -3.02 -37.57
CA GLN D 1132 -0.46 -3.06 -36.86
C GLN D 1132 0.16 -1.67 -36.80
N ILE D 1133 0.07 -0.88 -37.89
CA ILE D 1133 0.51 0.55 -37.93
C ILE D 1133 -0.44 1.38 -37.03
N HIS D 1134 -1.75 1.26 -37.27
CA HIS D 1134 -2.83 2.05 -36.62
C HIS D 1134 -2.75 1.95 -35.10
N LEU D 1135 -2.71 0.72 -34.55
CA LEU D 1135 -2.66 0.46 -33.08
C LEU D 1135 -1.43 1.14 -32.47
N VAL D 1136 -0.26 1.00 -33.10
CA VAL D 1136 1.03 1.55 -32.60
C VAL D 1136 0.95 3.07 -32.66
N LYS D 1137 0.56 3.64 -33.81
CA LYS D 1137 0.31 5.10 -33.98
C LYS D 1137 -0.59 5.59 -32.83
N GLU D 1138 -1.76 4.97 -32.68
CA GLU D 1138 -2.81 5.33 -31.69
C GLU D 1138 -2.28 5.24 -30.26
N VAL D 1139 -1.57 4.16 -29.92
CA VAL D 1139 -0.98 3.93 -28.57
C VAL D 1139 0.12 4.97 -28.32
N GLN D 1140 0.90 5.33 -29.35
CA GLN D 1140 1.98 6.34 -29.24
C GLN D 1140 1.39 7.74 -29.04
N GLU D 1141 0.41 8.13 -29.88
CA GLU D 1141 -0.14 9.53 -29.92
C GLU D 1141 -0.56 9.99 -28.50
N VAL D 1142 -1.15 9.10 -27.71
CA VAL D 1142 -1.67 9.40 -26.34
C VAL D 1142 -0.50 9.53 -25.35
N TYR D 1143 0.63 8.84 -25.58
CA TYR D 1143 1.87 9.00 -24.79
C TYR D 1143 2.50 10.34 -25.17
N ARG D 1144 2.70 10.56 -26.48
CA ARG D 1144 3.17 11.85 -27.08
C ARG D 1144 2.35 13.01 -26.51
N ALA D 1145 1.03 12.82 -26.34
CA ALA D 1145 0.10 13.80 -25.74
C ALA D 1145 0.49 14.09 -24.29
N GLN D 1146 0.74 13.05 -23.49
CA GLN D 1146 1.01 13.19 -22.02
C GLN D 1146 2.48 13.58 -21.78
N GLY D 1147 3.33 13.50 -22.81
CA GLY D 1147 4.72 14.00 -22.78
C GLY D 1147 5.74 12.88 -22.68
N VAL D 1148 5.36 11.75 -22.06
CA VAL D 1148 6.18 10.50 -22.00
C VAL D 1148 6.40 9.99 -23.43
N SER D 1149 7.54 9.36 -23.67
CA SER D 1149 7.93 8.76 -24.97
C SER D 1149 8.42 7.32 -24.74
N ILE D 1150 7.75 6.35 -25.39
CA ILE D 1150 8.17 4.91 -25.46
C ILE D 1150 8.50 4.61 -26.93
N HIS D 1151 9.35 3.61 -27.18
CA HIS D 1151 9.81 3.22 -28.53
C HIS D 1151 8.81 2.25 -29.16
N ASP D 1152 8.33 2.57 -30.37
CA ASP D 1152 7.25 1.88 -31.11
C ASP D 1152 7.37 0.36 -30.97
N LYS D 1153 8.59 -0.18 -31.08
CA LYS D 1153 8.86 -1.65 -31.07
C LYS D 1153 8.26 -2.28 -29.81
N HIS D 1154 8.28 -1.59 -28.66
CA HIS D 1154 7.66 -2.07 -27.39
C HIS D 1154 6.16 -2.23 -27.54
N ILE D 1155 5.49 -1.33 -28.27
CA ILE D 1155 4.03 -1.42 -28.59
C ILE D 1155 3.86 -2.58 -29.61
N GLU D 1156 4.68 -2.56 -30.66
CA GLU D 1156 4.65 -3.53 -31.79
C GLU D 1156 4.84 -4.96 -31.26
N VAL D 1157 5.58 -5.16 -30.16
CA VAL D 1157 5.72 -6.48 -29.46
C VAL D 1157 4.35 -6.93 -28.95
N ILE D 1158 3.56 -6.02 -28.38
CA ILE D 1158 2.19 -6.33 -27.86
C ILE D 1158 1.23 -6.49 -29.06
N VAL D 1159 1.27 -5.57 -30.02
CA VAL D 1159 0.37 -5.59 -31.22
C VAL D 1159 0.63 -6.88 -32.02
N ARG D 1160 1.89 -7.31 -32.12
CA ARG D 1160 2.27 -8.65 -32.64
C ARG D 1160 1.52 -9.72 -31.84
N GLN D 1161 1.56 -9.64 -30.50
CA GLN D 1161 0.91 -10.63 -29.59
C GLN D 1161 -0.62 -10.55 -29.71
N MET D 1162 -1.16 -9.44 -30.21
CA MET D 1162 -2.59 -9.33 -30.61
C MET D 1162 -2.80 -10.05 -31.95
N LEU D 1163 -2.11 -9.62 -33.01
CA LEU D 1163 -2.31 -10.14 -34.38
C LEU D 1163 -1.34 -11.30 -34.65
N ARG D 1164 -1.63 -12.47 -34.07
CA ARG D 1164 -0.85 -13.73 -34.25
C ARG D 1164 -1.74 -14.92 -33.82
N ARG D 1165 -2.85 -15.11 -34.56
CA ARG D 1165 -3.78 -16.27 -34.44
C ARG D 1165 -4.81 -16.17 -35.58
N VAL D 1166 -5.56 -17.24 -35.85
CA VAL D 1166 -6.68 -17.23 -36.85
C VAL D 1166 -7.96 -17.79 -36.22
N THR D 1167 -9.11 -17.20 -36.58
CA THR D 1167 -10.49 -17.70 -36.30
C THR D 1167 -10.97 -18.49 -37.52
N ILE D 1168 -11.58 -19.66 -37.28
CA ILE D 1168 -12.02 -20.62 -38.33
C ILE D 1168 -13.55 -20.60 -38.38
N ILE D 1169 -14.12 -20.30 -39.56
CA ILE D 1169 -15.61 -20.29 -39.81
C ILE D 1169 -16.07 -21.76 -39.81
N ASP D 1170 -15.46 -22.59 -40.66
CA ASP D 1170 -15.72 -24.06 -40.77
C ASP D 1170 -14.72 -24.70 -41.73
N SER D 1171 -13.79 -25.50 -41.21
CA SER D 1171 -12.74 -26.24 -41.99
C SER D 1171 -11.92 -27.15 -41.09
N GLY D 1172 -11.03 -27.96 -41.68
CA GLY D 1172 -10.09 -28.88 -41.00
C GLY D 1172 -10.40 -30.33 -41.29
N SER D 1173 -11.58 -30.80 -40.87
CA SER D 1173 -12.15 -32.15 -41.13
C SER D 1173 -11.36 -33.24 -40.40
N THR D 1174 -10.77 -32.94 -39.24
CA THR D 1174 -10.01 -33.89 -38.38
C THR D 1174 -9.46 -33.17 -37.13
N GLU D 1175 -10.18 -33.28 -36.02
CA GLU D 1175 -9.82 -32.69 -34.69
C GLU D 1175 -9.69 -31.16 -34.80
N PHE D 1176 -10.54 -30.53 -35.63
CA PHE D 1176 -10.63 -29.07 -35.83
C PHE D 1176 -12.11 -28.64 -35.75
N LEU D 1177 -12.49 -27.99 -34.65
CA LEU D 1177 -13.88 -27.54 -34.38
C LEU D 1177 -14.17 -26.27 -35.17
N PRO D 1178 -15.37 -26.12 -35.78
CA PRO D 1178 -15.75 -24.86 -36.43
C PRO D 1178 -16.06 -23.78 -35.39
N GLY D 1179 -15.45 -22.59 -35.54
CA GLY D 1179 -15.53 -21.48 -34.56
C GLY D 1179 -14.52 -21.66 -33.44
N SER D 1180 -13.26 -21.94 -33.78
CA SER D 1180 -12.13 -22.20 -32.84
C SER D 1180 -10.95 -21.30 -33.20
N LEU D 1181 -10.40 -20.60 -32.19
CA LEU D 1181 -9.15 -19.78 -32.30
C LEU D 1181 -7.95 -20.72 -32.39
N THR D 1182 -7.11 -20.58 -33.42
CA THR D 1182 -5.97 -21.50 -33.72
C THR D 1182 -4.70 -20.71 -34.05
N GLU D 1183 -3.57 -21.13 -33.47
CA GLU D 1183 -2.21 -20.56 -33.65
C GLU D 1183 -1.77 -20.77 -35.11
N ARG D 1184 -1.00 -19.83 -35.65
CA ARG D 1184 -0.69 -19.68 -37.10
C ARG D 1184 0.12 -20.88 -37.61
N ALA D 1185 1.34 -21.07 -37.08
CA ALA D 1185 2.34 -22.05 -37.56
C ALA D 1185 1.78 -23.48 -37.53
N GLU D 1186 1.15 -23.86 -36.40
CA GLU D 1186 0.52 -25.20 -36.19
C GLU D 1186 -0.63 -25.40 -37.18
N PHE D 1187 -1.41 -24.35 -37.44
CA PHE D 1187 -2.56 -24.35 -38.39
C PHE D 1187 -2.04 -24.52 -39.83
N GLU D 1188 -1.07 -23.69 -40.23
CA GLU D 1188 -0.45 -23.68 -41.60
C GLU D 1188 0.06 -25.08 -41.96
N ALA D 1189 0.78 -25.74 -41.04
CA ALA D 1189 1.46 -27.04 -41.24
C ALA D 1189 0.47 -28.13 -41.69
N GLU D 1190 -0.70 -28.20 -41.04
CA GLU D 1190 -1.79 -29.17 -41.35
C GLU D 1190 -2.65 -28.61 -42.50
N ASN D 1191 -2.78 -27.28 -42.61
CA ASN D 1191 -3.60 -26.59 -43.64
C ASN D 1191 -3.01 -26.84 -45.04
N ARG D 1192 -1.68 -26.66 -45.21
CA ARG D 1192 -1.00 -26.74 -46.54
C ARG D 1192 -1.21 -28.13 -47.16
N ARG D 1193 -1.18 -29.19 -46.35
CA ARG D 1193 -1.45 -30.61 -46.77
C ARG D 1193 -0.40 -31.05 -47.79
N VAL D 1194 0.77 -31.49 -47.31
CA VAL D 1194 1.91 -31.99 -48.14
C VAL D 1194 1.50 -33.33 -48.77
N VAL D 1195 0.86 -34.22 -47.98
CA VAL D 1195 0.37 -35.55 -48.42
C VAL D 1195 -0.82 -35.36 -49.38
N ALA D 1202 -7.77 -27.21 -44.41
CA ALA D 1202 -8.32 -26.19 -43.49
C ALA D 1202 -8.60 -24.89 -44.26
N ALA D 1203 -9.11 -23.87 -43.56
CA ALA D 1203 -9.45 -22.53 -44.12
C ALA D 1203 -9.55 -21.50 -42.99
N GLY D 1204 -8.53 -20.63 -42.85
CA GLY D 1204 -8.41 -19.64 -41.77
C GLY D 1204 -8.37 -18.22 -42.30
N ARG D 1205 -9.00 -17.29 -41.57
CA ARG D 1205 -8.97 -15.82 -41.83
C ARG D 1205 -8.24 -15.14 -40.68
N PRO D 1206 -7.54 -13.98 -40.90
CA PRO D 1206 -6.91 -13.25 -39.81
C PRO D 1206 -7.93 -12.71 -38.80
N VAL D 1207 -7.66 -12.87 -37.50
CA VAL D 1207 -8.50 -12.37 -36.37
C VAL D 1207 -7.65 -11.42 -35.52
N LEU D 1208 -8.29 -10.38 -34.97
CA LEU D 1208 -7.71 -9.49 -33.93
C LEU D 1208 -8.39 -9.81 -32.60
N MET D 1209 -7.61 -10.31 -31.63
CA MET D 1209 -8.07 -10.79 -30.31
C MET D 1209 -7.63 -9.80 -29.22
N GLY D 1210 -8.47 -9.60 -28.20
CA GLY D 1210 -8.12 -8.84 -26.98
C GLY D 1210 -7.07 -9.58 -26.18
N ILE D 1211 -6.15 -8.85 -25.52
CA ILE D 1211 -5.00 -9.40 -24.74
C ILE D 1211 -5.48 -10.45 -23.72
N THR D 1212 -6.59 -10.18 -23.03
CA THR D 1212 -7.25 -11.12 -22.08
C THR D 1212 -7.69 -12.37 -22.86
N LYS D 1213 -8.29 -12.18 -24.04
CA LYS D 1213 -8.78 -13.25 -24.95
C LYS D 1213 -7.58 -13.97 -25.61
N ALA D 1214 -6.37 -13.42 -25.51
CA ALA D 1214 -5.10 -13.99 -26.00
C ALA D 1214 -4.47 -14.84 -24.90
N SER D 1215 -4.40 -14.30 -23.67
CA SER D 1215 -3.94 -15.04 -22.47
C SER D 1215 -4.94 -16.14 -22.08
N LEU D 1216 -6.22 -15.99 -22.47
CA LEU D 1216 -7.28 -17.03 -22.30
C LEU D 1216 -7.07 -18.13 -23.34
N ALA D 1217 -6.85 -17.76 -24.61
CA ALA D 1217 -6.62 -18.67 -25.75
C ALA D 1217 -5.13 -18.90 -25.99
N THR D 1218 -4.29 -18.77 -24.95
CA THR D 1218 -2.85 -19.14 -24.95
C THR D 1218 -2.70 -20.66 -25.11
N ASP D 1219 -1.55 -21.11 -25.62
CA ASP D 1219 -1.22 -22.54 -25.86
C ASP D 1219 -0.99 -23.25 -24.52
N SER D 1220 -0.37 -22.57 -23.54
CA SER D 1220 -0.10 -23.07 -22.17
C SER D 1220 -1.42 -23.29 -21.40
N TRP D 1221 -1.37 -24.06 -20.31
CA TRP D 1221 -2.55 -24.42 -19.48
C TRP D 1221 -2.39 -23.99 -18.02
N LEU D 1222 -1.23 -24.23 -17.40
CA LEU D 1222 -0.96 -23.88 -15.98
C LEU D 1222 -0.87 -22.36 -15.80
N SER D 1223 -0.53 -21.61 -16.85
CA SER D 1223 -0.53 -20.12 -16.89
C SER D 1223 -1.96 -19.62 -17.13
N ALA D 1224 -2.66 -20.19 -18.12
CA ALA D 1224 -4.09 -19.95 -18.43
C ALA D 1224 -4.93 -20.14 -17.16
N ALA D 1225 -4.61 -21.18 -16.38
CA ALA D 1225 -5.18 -21.49 -15.05
C ALA D 1225 -4.80 -20.38 -14.06
N SER D 1226 -3.56 -19.89 -14.11
CA SER D 1226 -3.02 -18.83 -13.22
C SER D 1226 -3.73 -17.50 -13.47
N PHE D 1227 -4.06 -17.17 -14.72
CA PHE D 1227 -4.75 -15.90 -15.09
C PHE D 1227 -6.17 -15.90 -14.52
N GLN D 1228 -7.10 -16.65 -15.13
CA GLN D 1228 -8.55 -16.65 -14.77
C GLN D 1228 -9.22 -17.97 -15.16
N GLU D 1229 -10.28 -18.34 -14.44
CA GLU D 1229 -11.20 -19.49 -14.72
C GLU D 1229 -10.42 -20.81 -14.68
N THR D 1230 -9.67 -21.04 -13.60
CA THR D 1230 -8.76 -22.20 -13.38
C THR D 1230 -9.46 -23.52 -13.71
N THR D 1231 -10.62 -23.80 -13.10
CA THR D 1231 -11.32 -25.11 -13.14
C THR D 1231 -11.71 -25.42 -14.59
N ARG D 1232 -12.40 -24.46 -15.23
CA ARG D 1232 -12.87 -24.49 -16.64
C ARG D 1232 -11.72 -24.96 -17.56
N VAL D 1233 -10.59 -24.25 -17.53
CA VAL D 1233 -9.43 -24.50 -18.45
C VAL D 1233 -8.70 -25.79 -18.02
N LEU D 1234 -8.51 -26.01 -16.72
CA LEU D 1234 -7.76 -27.16 -16.15
C LEU D 1234 -8.48 -28.47 -16.47
N THR D 1235 -9.82 -28.48 -16.36
CA THR D 1235 -10.69 -29.62 -16.76
C THR D 1235 -10.40 -29.98 -18.23
N ASP D 1236 -10.50 -28.99 -19.13
CA ASP D 1236 -10.26 -29.13 -20.59
C ASP D 1236 -8.83 -29.67 -20.81
N ALA D 1237 -7.84 -29.03 -20.17
CA ALA D 1237 -6.41 -29.42 -20.20
C ALA D 1237 -6.28 -30.90 -19.84
N ALA D 1238 -6.88 -31.31 -18.70
CA ALA D 1238 -6.81 -32.69 -18.16
C ALA D 1238 -7.32 -33.71 -19.19
N ILE D 1239 -8.56 -33.56 -19.66
CA ILE D 1239 -9.18 -34.49 -20.65
C ILE D 1239 -8.41 -34.44 -21.99
N ASN D 1240 -7.99 -33.25 -22.43
CA ASN D 1240 -7.24 -33.03 -23.70
C ASN D 1240 -5.87 -33.70 -23.63
N CYS D 1241 -5.26 -33.75 -22.43
CA CYS D 1241 -3.88 -34.23 -22.18
C CYS D 1241 -2.89 -33.30 -22.89
N ARG D 1242 -3.10 -31.99 -22.71
CA ARG D 1242 -2.42 -30.88 -23.44
C ARG D 1242 -1.08 -30.59 -22.77
N SER D 1243 0.03 -30.78 -23.51
CA SER D 1243 1.43 -30.60 -23.03
C SER D 1243 1.89 -29.17 -23.32
N ASP D 1244 2.27 -28.43 -22.28
CA ASP D 1244 2.90 -27.08 -22.38
C ASP D 1244 4.42 -27.26 -22.38
N LYS D 1245 5.13 -26.47 -23.21
CA LYS D 1245 6.59 -26.62 -23.50
C LYS D 1245 7.44 -25.86 -22.46
N LEU D 1246 6.82 -24.98 -21.66
CA LEU D 1246 7.49 -24.02 -20.74
C LEU D 1246 8.36 -23.05 -21.55
N ASN D 1247 7.91 -22.68 -22.76
CA ASN D 1247 8.54 -21.66 -23.63
C ASN D 1247 8.20 -20.28 -23.08
N GLY D 1248 6.96 -20.10 -22.61
CA GLY D 1248 6.51 -18.91 -21.85
C GLY D 1248 7.22 -18.79 -20.52
N LEU D 1249 7.56 -17.56 -20.11
CA LEU D 1249 8.24 -17.26 -18.82
C LEU D 1249 7.26 -17.48 -17.65
N LYS D 1250 6.01 -17.01 -17.81
CA LYS D 1250 4.98 -16.88 -16.74
C LYS D 1250 4.74 -18.23 -16.07
N GLU D 1251 4.57 -19.30 -16.84
CA GLU D 1251 4.43 -20.69 -16.31
C GLU D 1251 5.71 -21.05 -15.56
N ASN D 1252 6.89 -20.78 -16.16
CA ASN D 1252 8.20 -21.22 -15.64
C ASN D 1252 8.58 -20.38 -14.41
N VAL D 1253 7.85 -19.30 -14.12
CA VAL D 1253 7.88 -18.61 -12.79
C VAL D 1253 7.17 -19.51 -11.76
N ILE D 1254 5.95 -19.98 -12.07
CA ILE D 1254 5.04 -20.65 -11.10
C ILE D 1254 5.75 -21.87 -10.52
N ILE D 1255 6.12 -22.84 -11.36
CA ILE D 1255 7.08 -23.93 -10.99
C ILE D 1255 8.43 -23.27 -10.72
N GLY D 1256 9.04 -23.54 -9.57
CA GLY D 1256 10.34 -22.95 -9.18
C GLY D 1256 11.47 -23.55 -9.98
N LYS D 1257 11.55 -23.20 -11.27
CA LYS D 1257 12.53 -23.71 -12.26
C LYS D 1257 13.26 -22.52 -12.91
N LEU D 1258 14.40 -22.78 -13.55
CA LEU D 1258 15.26 -21.75 -14.19
C LEU D 1258 14.47 -21.09 -15.34
N ILE D 1259 14.26 -19.77 -15.25
CA ILE D 1259 13.49 -18.97 -16.25
C ILE D 1259 14.17 -19.16 -17.60
N PRO D 1260 13.45 -19.56 -18.67
CA PRO D 1260 14.08 -19.85 -19.96
C PRO D 1260 14.58 -18.56 -20.66
N ALA D 1261 13.93 -17.44 -20.37
CA ALA D 1261 14.29 -16.07 -20.86
C ALA D 1261 15.63 -15.63 -20.26
N GLY D 1262 16.31 -14.70 -20.93
CA GLY D 1262 17.57 -14.08 -20.47
C GLY D 1262 18.70 -15.08 -20.39
N THR D 1263 19.15 -15.43 -19.18
CA THR D 1263 20.34 -16.27 -18.92
C THR D 1263 19.92 -17.74 -18.66
N GLY D 1264 18.78 -18.17 -19.20
CA GLY D 1264 18.22 -19.52 -18.97
C GLY D 1264 17.99 -20.31 -20.26
N ILE D 1265 18.56 -19.86 -21.38
CA ILE D 1265 18.56 -20.63 -22.67
C ILE D 1265 19.75 -21.59 -22.63
N SER D 1266 19.62 -22.75 -23.30
CA SER D 1266 20.61 -23.85 -23.36
C SER D 1266 21.97 -23.35 -23.85
N ARG D 1267 22.01 -22.32 -24.70
CA ARG D 1267 23.26 -21.69 -25.21
C ARG D 1267 23.97 -20.93 -24.08
N TYR D 1268 23.25 -20.52 -23.04
CA TYR D 1268 23.80 -19.80 -21.85
C TYR D 1268 24.02 -20.78 -20.68
N ARG D 1269 22.96 -21.47 -20.24
CA ARG D 1269 22.99 -22.30 -18.99
C ARG D 1269 24.03 -23.42 -19.13
N ASN D 1270 24.25 -23.92 -20.35
CA ASN D 1270 25.37 -24.84 -20.70
C ASN D 1270 26.45 -24.06 -21.44
N ILE D 1271 27.45 -23.55 -20.70
CA ILE D 1271 28.70 -22.93 -21.22
C ILE D 1271 29.88 -23.56 -20.46
N GLN D 1272 30.74 -24.30 -21.16
CA GLN D 1272 32.02 -24.84 -20.61
C GLN D 1272 33.10 -23.76 -20.72
N VAL D 1273 33.48 -23.15 -19.59
CA VAL D 1273 34.59 -22.15 -19.49
C VAL D 1273 35.83 -22.86 -18.96
N GLN D 1274 36.78 -23.16 -19.86
CA GLN D 1274 38.12 -23.72 -19.52
C GLN D 1274 39.13 -22.58 -19.48
N PRO D 1275 40.16 -22.63 -18.60
CA PRO D 1275 41.27 -21.68 -18.67
C PRO D 1275 42.17 -22.01 -19.87
N THR D 1276 42.56 -20.98 -20.64
CA THR D 1276 43.22 -21.10 -21.96
C THR D 1276 44.56 -21.83 -21.83
N GLU D 1277 44.92 -22.60 -22.87
CA GLU D 1277 46.13 -23.46 -22.95
C GLU D 1277 47.39 -22.64 -22.63
N GLU D 1278 47.48 -21.40 -23.13
CA GLU D 1278 48.63 -20.48 -22.88
C GLU D 1278 48.62 -20.01 -21.42
N ALA D 1279 47.43 -19.89 -20.80
CA ALA D 1279 47.26 -19.43 -19.40
C ALA D 1279 47.52 -20.59 -18.42
N ARG D 1280 47.21 -21.83 -18.80
CA ARG D 1280 47.40 -23.05 -17.94
C ARG D 1280 48.88 -23.18 -17.56
N ALA D 1281 49.75 -23.45 -18.55
CA ALA D 1281 51.21 -23.69 -18.36
C ALA D 1281 51.86 -22.49 -17.67
N ALA D 1282 51.45 -21.26 -18.02
CA ALA D 1282 51.87 -19.99 -17.37
C ALA D 1282 51.40 -19.97 -15.91
N ALA D 1283 50.20 -20.49 -15.64
CA ALA D 1283 49.59 -20.64 -14.29
C ALA D 1283 49.42 -19.26 -13.64
N SER E 24 36.02 6.57 -24.21
CA SER E 24 37.42 6.94 -24.55
C SER E 24 38.22 7.22 -23.26
N ALA E 25 37.90 8.31 -22.57
CA ALA E 25 38.52 8.72 -21.28
C ALA E 25 37.85 7.97 -20.13
N TYR E 26 38.49 6.91 -19.63
CA TYR E 26 37.97 5.97 -18.60
C TYR E 26 37.77 6.71 -17.27
N ASP E 27 38.71 7.61 -16.92
CA ASP E 27 38.65 8.49 -15.72
C ASP E 27 38.72 7.63 -14.45
N THR E 28 39.68 6.69 -14.42
CA THR E 28 40.04 5.79 -13.28
C THR E 28 38.78 5.30 -12.55
N PRO E 29 38.08 4.26 -13.06
CA PRO E 29 37.04 3.57 -12.30
C PRO E 29 37.61 2.77 -11.12
N LEU E 30 36.80 2.56 -10.07
CA LEU E 30 37.23 1.95 -8.77
C LEU E 30 36.18 0.95 -8.27
N GLY E 31 36.62 -0.10 -7.58
CA GLY E 31 35.77 -1.04 -6.82
C GLY E 31 34.98 -1.98 -7.73
N ILE E 32 33.67 -2.02 -7.55
CA ILE E 32 32.75 -3.03 -8.16
C ILE E 32 32.49 -2.70 -9.64
N THR E 33 32.74 -1.46 -10.08
CA THR E 33 32.63 -1.04 -11.50
C THR E 33 33.92 -1.41 -12.25
N ASN E 34 35.01 -1.73 -11.52
CA ASN E 34 36.29 -2.26 -12.06
C ASN E 34 36.27 -3.78 -12.00
N PRO E 35 36.53 -4.53 -13.09
CA PRO E 35 36.92 -3.97 -14.39
C PRO E 35 35.73 -3.44 -15.19
N PRO E 36 35.94 -2.50 -16.15
CA PRO E 36 34.86 -1.98 -16.98
C PRO E 36 34.03 -3.06 -17.71
N ILE E 37 32.72 -2.83 -17.82
CA ILE E 37 31.72 -3.79 -18.36
C ILE E 37 31.83 -3.88 -19.89
N ASP E 38 32.26 -2.82 -20.57
CA ASP E 38 32.37 -2.76 -22.05
C ASP E 38 33.52 -3.68 -22.52
N GLU E 39 34.66 -3.62 -21.83
CA GLU E 39 35.84 -4.50 -22.07
C GLU E 39 35.48 -5.96 -21.79
N LEU E 40 34.53 -6.23 -20.88
CA LEU E 40 33.99 -7.58 -20.59
C LEU E 40 33.05 -8.02 -21.72
N LEU E 41 32.00 -7.22 -21.99
CA LEU E 41 30.96 -7.48 -23.03
C LEU E 41 31.59 -7.93 -24.36
N SER E 42 32.71 -7.32 -24.74
CA SER E 42 33.47 -7.62 -25.99
C SER E 42 33.91 -9.09 -26.05
N ARG E 43 34.16 -9.73 -24.91
CA ARG E 43 34.74 -11.10 -24.82
C ARG E 43 33.66 -12.12 -25.19
N ALA E 44 32.49 -12.02 -24.56
CA ALA E 44 31.28 -12.86 -24.84
C ALA E 44 30.54 -12.27 -26.04
N SER E 45 29.49 -12.96 -26.51
CA SER E 45 28.59 -12.51 -27.60
C SER E 45 27.66 -11.42 -27.06
N SER E 46 27.01 -11.70 -25.93
CA SER E 46 26.08 -10.79 -25.20
C SER E 46 26.31 -10.90 -23.69
N LYS E 47 25.96 -9.85 -22.95
CA LYS E 47 26.18 -9.75 -21.47
C LYS E 47 25.66 -11.01 -20.77
N TYR E 48 24.50 -11.54 -21.18
CA TYR E 48 23.88 -12.77 -20.65
C TYR E 48 24.87 -13.93 -20.69
N ALA E 49 25.65 -14.04 -21.77
CA ALA E 49 26.75 -15.03 -21.91
C ALA E 49 27.86 -14.69 -20.90
N LEU E 50 28.25 -13.41 -20.81
CA LEU E 50 29.31 -12.90 -19.89
C LEU E 50 28.98 -13.26 -18.44
N VAL E 51 27.70 -13.19 -18.06
CA VAL E 51 27.20 -13.50 -16.67
C VAL E 51 27.66 -14.91 -16.30
N ILE E 52 27.27 -15.91 -17.10
CA ILE E 52 27.57 -17.35 -16.88
C ILE E 52 29.07 -17.58 -17.09
N TYR E 53 29.63 -16.96 -18.14
CA TYR E 53 31.07 -16.99 -18.53
C TYR E 53 31.94 -16.58 -17.33
N ALA E 54 31.48 -15.60 -16.53
CA ALA E 54 32.10 -15.18 -15.26
C ALA E 54 31.74 -16.18 -14.15
N ALA E 55 30.43 -16.39 -13.94
CA ALA E 55 29.86 -17.16 -12.80
C ALA E 55 30.43 -18.57 -12.71
N LYS E 56 30.72 -19.20 -13.86
CA LYS E 56 31.37 -20.54 -13.94
C LYS E 56 32.82 -20.44 -13.45
N ARG E 57 33.53 -19.38 -13.84
CA ARG E 57 34.92 -19.12 -13.39
C ARG E 57 34.92 -18.83 -11.88
N ALA E 58 33.92 -18.06 -11.41
CA ALA E 58 33.65 -17.80 -9.97
C ALA E 58 33.40 -19.13 -9.25
N ARG E 59 32.57 -20.00 -9.85
CA ARG E 59 32.26 -21.36 -9.36
C ARG E 59 33.55 -22.20 -9.29
N GLN E 60 34.45 -22.03 -10.27
CA GLN E 60 35.76 -22.75 -10.34
C GLN E 60 36.69 -22.23 -9.22
N ILE E 61 36.92 -20.91 -9.14
CA ILE E 61 37.81 -20.30 -8.10
C ILE E 61 37.22 -20.57 -6.70
N ASN E 62 35.89 -20.67 -6.58
CA ASN E 62 35.21 -21.18 -5.35
C ASN E 62 35.72 -22.60 -5.06
N ASP E 63 35.72 -23.47 -6.08
CA ASP E 63 36.15 -24.89 -5.95
C ASP E 63 37.64 -24.95 -5.57
N TYR E 64 38.50 -24.14 -6.20
CA TYR E 64 39.97 -24.12 -5.97
C TYR E 64 40.29 -24.12 -4.47
N TYR E 65 39.57 -23.32 -3.68
CA TYR E 65 39.77 -23.14 -2.21
C TYR E 65 39.55 -24.46 -1.46
N ASN E 66 38.71 -25.36 -2.00
CA ASN E 66 38.46 -26.72 -1.45
C ASN E 66 39.37 -27.73 -2.14
N GLU E 74 36.85 -26.82 -13.92
CA GLU E 74 38.09 -27.42 -13.38
C GLU E 74 38.36 -26.88 -11.96
N TYR E 75 39.48 -27.30 -11.35
CA TYR E 75 40.01 -26.80 -10.05
C TYR E 75 41.27 -25.97 -10.32
N VAL E 76 41.24 -25.17 -11.38
CA VAL E 76 42.33 -24.20 -11.77
C VAL E 76 42.38 -23.09 -10.71
N GLY E 77 43.58 -22.59 -10.42
CA GLY E 77 43.82 -21.52 -9.43
C GLY E 77 43.47 -20.14 -9.98
N PRO E 78 43.65 -19.06 -9.17
CA PRO E 78 43.45 -17.70 -9.65
C PRO E 78 44.52 -17.32 -10.67
N LEU E 79 44.10 -16.99 -11.90
CA LEU E 79 45.00 -16.79 -13.07
C LEU E 79 45.68 -15.43 -12.94
N VAL E 80 44.89 -14.37 -12.75
CA VAL E 80 45.36 -12.98 -12.49
C VAL E 80 45.70 -12.87 -11.00
N GLU E 81 46.60 -11.96 -10.63
CA GLU E 81 47.11 -11.75 -9.24
C GLU E 81 45.93 -11.51 -8.29
N PRO E 82 45.63 -12.44 -7.35
CA PRO E 82 44.55 -12.25 -6.40
C PRO E 82 44.93 -11.26 -5.29
N GLY E 83 43.97 -10.39 -4.90
CA GLY E 83 44.18 -9.31 -3.92
C GLY E 83 44.09 -9.79 -2.49
N LEU E 84 44.05 -8.84 -1.53
CA LEU E 84 44.07 -9.10 -0.06
C LEU E 84 42.86 -9.99 0.33
N GLN E 85 41.65 -9.61 -0.09
CA GLN E 85 40.38 -10.34 0.18
C GLN E 85 39.40 -10.07 -0.98
N GLU E 86 39.87 -10.24 -2.22
CA GLU E 86 39.11 -10.02 -3.47
C GLU E 86 38.06 -11.13 -3.61
N LYS E 87 36.85 -10.78 -4.10
CA LYS E 87 35.69 -11.71 -4.19
C LYS E 87 35.77 -12.50 -5.49
N PRO E 88 35.50 -13.83 -5.46
CA PRO E 88 35.55 -14.70 -6.64
C PRO E 88 35.09 -14.09 -7.96
N LEU E 89 33.97 -13.36 -7.93
CA LEU E 89 33.34 -12.61 -9.05
C LEU E 89 34.39 -11.71 -9.73
N SER E 90 35.02 -10.85 -8.93
CA SER E 90 35.97 -9.80 -9.38
C SER E 90 37.18 -10.45 -10.06
N ILE E 91 37.64 -11.60 -9.54
CA ILE E 91 38.77 -12.40 -10.10
C ILE E 91 38.37 -12.82 -11.51
N ALA E 92 37.22 -13.47 -11.66
CA ALA E 92 36.63 -13.93 -12.94
C ALA E 92 36.57 -12.76 -13.92
N LEU E 93 35.95 -11.64 -13.51
CA LEU E 93 35.83 -10.46 -14.40
C LEU E 93 37.22 -9.91 -14.78
N ARG E 94 38.17 -9.86 -13.83
CA ARG E 94 39.57 -9.41 -14.10
C ARG E 94 40.25 -10.36 -15.10
N GLU E 95 39.99 -11.67 -15.00
CA GLU E 95 40.59 -12.72 -15.88
C GLU E 95 39.95 -12.67 -17.28
N ILE E 96 38.65 -12.37 -17.35
CA ILE E 96 37.90 -12.14 -18.62
C ILE E 96 38.40 -10.83 -19.26
N HIS E 97 38.64 -9.79 -18.46
CA HIS E 97 39.25 -8.50 -18.88
C HIS E 97 40.69 -8.74 -19.37
N GLY E 98 41.43 -9.65 -18.71
CA GLY E 98 42.77 -10.09 -19.11
C GLY E 98 42.75 -11.03 -20.31
N ASP E 99 41.58 -11.64 -20.60
CA ASP E 99 41.30 -12.53 -21.76
C ASP E 99 42.00 -13.88 -21.54
N LEU E 100 41.97 -14.40 -20.30
CA LEU E 100 42.68 -15.67 -19.95
C LEU E 100 41.74 -16.87 -20.08
N LEU E 101 40.50 -16.68 -20.53
CA LEU E 101 39.44 -17.73 -20.64
C LEU E 101 38.84 -17.73 -22.04
N GLU E 102 38.17 -18.83 -22.41
CA GLU E 102 37.31 -18.96 -23.62
C GLU E 102 36.02 -19.70 -23.21
N HIS E 103 34.91 -19.42 -23.91
CA HIS E 103 33.57 -19.99 -23.65
C HIS E 103 33.10 -20.79 -24.87
N THR E 104 32.08 -21.63 -24.67
CA THR E 104 31.44 -22.49 -25.69
C THR E 104 29.91 -22.31 -25.63
N GLU E 105 29.33 -21.59 -26.60
CA GLU E 105 27.87 -21.36 -26.70
C GLU E 105 27.16 -22.70 -26.94
N GLY E 106 26.42 -23.19 -25.93
CA GLY E 106 25.78 -24.52 -25.92
C GLY E 106 24.73 -24.68 -27.01
N ALA F 149 -35.36 -13.51 -19.02
CA ALA F 149 -33.96 -13.29 -18.51
C ALA F 149 -33.95 -13.24 -16.98
N LEU F 150 -34.96 -12.60 -16.36
CA LEU F 150 -35.15 -12.54 -14.88
C LEU F 150 -36.11 -13.67 -14.46
N ARG F 151 -37.28 -13.74 -15.10
CA ARG F 151 -38.33 -14.77 -14.85
C ARG F 151 -37.83 -16.15 -15.29
N GLN F 152 -37.15 -16.23 -16.44
CA GLN F 152 -36.57 -17.47 -17.01
C GLN F 152 -35.46 -18.00 -16.09
N ALA F 153 -34.59 -17.10 -15.59
CA ALA F 153 -33.51 -17.41 -14.62
C ALA F 153 -34.10 -17.69 -13.24
N ARG F 154 -35.27 -17.12 -12.92
CA ARG F 154 -36.07 -17.42 -11.70
C ARG F 154 -36.60 -18.87 -11.79
N LYS F 155 -37.17 -19.23 -12.95
CA LYS F 155 -37.65 -20.61 -13.26
C LYS F 155 -36.46 -21.58 -13.26
N ASP F 156 -35.32 -21.16 -13.83
CA ASP F 156 -34.04 -21.93 -13.88
C ASP F 156 -33.51 -22.12 -12.45
N ALA F 157 -33.58 -21.08 -11.60
CA ALA F 157 -33.21 -21.12 -10.17
C ALA F 157 -34.17 -22.03 -9.41
N GLU F 158 -35.46 -22.03 -9.79
CA GLU F 158 -36.52 -22.94 -9.25
C GLU F 158 -36.21 -24.39 -9.64
N LEU F 159 -35.77 -24.63 -10.88
CA LEU F 159 -35.55 -25.98 -11.46
C LEU F 159 -34.21 -26.57 -10.98
N THR F 160 -33.14 -25.76 -10.97
CA THR F 160 -31.74 -26.17 -10.65
C THR F 160 -31.66 -26.66 -9.19
N ALA F 161 -32.05 -25.80 -8.24
CA ALA F 161 -32.15 -26.12 -6.79
C ALA F 161 -33.37 -27.01 -6.56
N SER F 162 -33.26 -28.30 -6.91
CA SER F 162 -34.38 -29.28 -7.01
C SER F 162 -34.33 -30.28 -5.85
N ALA F 163 -33.30 -31.14 -5.82
CA ALA F 163 -33.18 -32.31 -4.91
C ALA F 163 -33.02 -31.85 -3.46
N ASP F 164 -31.89 -31.18 -3.14
CA ASP F 164 -31.53 -30.66 -1.79
C ASP F 164 -31.34 -31.80 -0.79
N SER F 165 -31.07 -33.03 -1.27
CA SER F 165 -30.76 -34.25 -0.46
C SER F 165 -31.97 -34.71 0.36
N VAL F 166 -32.47 -33.87 1.27
CA VAL F 166 -33.59 -34.18 2.22
C VAL F 166 -34.88 -34.48 1.44
N ARG F 167 -35.27 -33.57 0.53
CA ARG F 167 -36.53 -33.66 -0.26
C ARG F 167 -36.45 -34.83 -1.26
N ALA F 168 -35.23 -35.18 -1.67
CA ALA F 168 -34.92 -36.33 -2.55
C ALA F 168 -35.24 -37.66 -1.85
N TYR F 169 -34.98 -37.77 -0.54
CA TYR F 169 -35.19 -39.01 0.26
C TYR F 169 -36.58 -39.02 0.91
N LEU F 170 -37.07 -37.86 1.36
CA LEU F 170 -38.45 -37.72 1.90
C LEU F 170 -39.46 -38.29 0.88
N LYS F 171 -39.24 -38.01 -0.41
CA LYS F 171 -39.95 -38.63 -1.56
C LYS F 171 -39.89 -40.17 -1.43
N GLN F 172 -38.69 -40.74 -1.30
CA GLN F 172 -38.45 -42.20 -1.24
C GLN F 172 -39.18 -42.80 -0.03
N ILE F 173 -39.02 -42.23 1.17
CA ILE F 173 -39.66 -42.74 2.42
C ILE F 173 -41.18 -42.53 2.34
N GLY F 174 -41.62 -41.51 1.59
CA GLY F 174 -43.06 -41.20 1.36
C GLY F 174 -43.79 -42.31 0.60
N LYS F 175 -43.09 -43.07 -0.25
CA LYS F 175 -43.71 -44.04 -1.20
C LYS F 175 -44.30 -45.24 -0.46
N VAL F 176 -43.44 -46.12 0.09
CA VAL F 176 -43.83 -47.41 0.71
C VAL F 176 -44.67 -47.12 1.97
N ALA F 177 -45.95 -47.50 1.96
CA ALA F 177 -46.93 -47.26 3.04
C ALA F 177 -46.52 -48.03 4.31
N LEU F 178 -46.76 -47.44 5.48
CA LEU F 178 -46.41 -48.02 6.80
C LEU F 178 -47.36 -49.17 7.12
N LEU F 179 -46.89 -50.11 7.94
CA LEU F 179 -47.64 -51.32 8.38
C LEU F 179 -48.53 -50.97 9.58
N ASN F 180 -49.40 -51.91 9.97
CA ASN F 180 -50.12 -51.91 11.27
C ASN F 180 -49.86 -53.27 11.96
N ALA F 181 -50.31 -53.40 13.21
CA ALA F 181 -50.01 -54.50 14.15
C ALA F 181 -49.92 -55.86 13.43
N GLU F 182 -50.91 -56.19 12.61
CA GLU F 182 -51.02 -57.51 11.91
C GLU F 182 -49.86 -57.68 10.91
N GLU F 183 -49.57 -56.65 10.11
CA GLU F 183 -48.61 -56.73 8.97
C GLU F 183 -47.19 -56.80 9.51
N GLU F 184 -46.87 -56.04 10.57
CA GLU F 184 -45.58 -56.08 11.30
C GLU F 184 -45.32 -57.52 11.78
N VAL F 185 -46.28 -58.09 12.52
CA VAL F 185 -46.27 -59.47 13.06
C VAL F 185 -46.10 -60.46 11.89
N GLU F 186 -46.91 -60.34 10.84
CA GLU F 186 -46.86 -61.20 9.63
C GLU F 186 -45.46 -61.16 9.01
N LEU F 187 -44.91 -59.96 8.81
CA LEU F 187 -43.57 -59.77 8.18
C LEU F 187 -42.46 -60.27 9.12
N ALA F 188 -42.61 -60.11 10.44
CA ALA F 188 -41.66 -60.66 11.44
C ALA F 188 -41.66 -62.20 11.37
N LYS F 189 -42.87 -62.79 11.45
CA LYS F 189 -43.11 -64.25 11.24
C LYS F 189 -42.45 -64.71 9.93
N ARG F 190 -42.68 -63.98 8.83
CA ARG F 190 -42.11 -64.28 7.49
C ARG F 190 -40.58 -64.21 7.55
N ILE F 191 -40.01 -63.15 8.14
CA ILE F 191 -38.54 -62.95 8.33
C ILE F 191 -37.98 -64.18 9.06
N GLU F 192 -38.48 -64.44 10.28
CA GLU F 192 -37.95 -65.51 11.17
C GLU F 192 -38.17 -66.88 10.53
N ALA F 193 -39.28 -67.07 9.80
CA ALA F 193 -39.55 -68.28 8.97
C ALA F 193 -38.48 -68.41 7.87
N GLY F 194 -38.15 -67.31 7.20
CA GLY F 194 -37.07 -67.23 6.19
C GLY F 194 -35.72 -67.62 6.79
N LEU F 195 -35.35 -66.96 7.89
CA LEU F 195 -34.08 -67.25 8.64
C LEU F 195 -34.05 -68.72 9.08
N TYR F 196 -35.18 -69.23 9.61
CA TYR F 196 -35.35 -70.66 10.02
C TYR F 196 -35.17 -71.56 8.79
N ALA F 197 -35.69 -71.15 7.62
CA ALA F 197 -35.57 -71.89 6.34
C ALA F 197 -34.11 -71.89 5.86
N THR F 198 -33.39 -70.75 6.00
CA THR F 198 -31.94 -70.66 5.65
C THR F 198 -31.12 -71.54 6.60
N GLN F 199 -31.33 -71.40 7.91
CA GLN F 199 -30.60 -72.18 8.95
C GLN F 199 -30.96 -73.68 8.85
N LYS F 200 -32.16 -73.99 8.33
CA LYS F 200 -32.57 -75.38 7.96
C LYS F 200 -31.76 -75.82 6.72
N LEU F 201 -31.83 -75.04 5.64
CA LEU F 201 -31.19 -75.36 4.32
C LEU F 201 -29.66 -75.49 4.47
N ALA F 202 -29.05 -74.78 5.42
CA ALA F 202 -27.61 -74.91 5.79
C ALA F 202 -27.29 -76.39 6.03
N GLU F 203 -28.14 -77.08 6.81
CA GLU F 203 -27.97 -78.53 7.16
C GLU F 203 -27.92 -79.37 5.89
N LEU F 204 -28.97 -79.29 5.06
CA LEU F 204 -29.12 -80.10 3.82
C LEU F 204 -28.08 -79.70 2.77
N ALA F 205 -27.58 -78.46 2.84
CA ALA F 205 -26.50 -77.92 1.96
C ALA F 205 -25.16 -78.54 2.37
N GLU F 206 -24.75 -78.37 3.64
CA GLU F 206 -23.40 -78.76 4.14
C GLU F 206 -23.32 -80.27 4.35
N LYS F 207 -24.27 -80.86 5.09
CA LYS F 207 -24.20 -82.28 5.55
C LYS F 207 -24.45 -83.22 4.36
N GLY F 208 -25.64 -83.17 3.77
CA GLY F 208 -26.01 -83.99 2.59
C GLY F 208 -27.52 -84.17 2.46
N GLU F 209 -27.93 -85.26 1.80
CA GLU F 209 -29.35 -85.60 1.49
C GLU F 209 -29.90 -84.52 0.55
N LYS F 210 -29.56 -84.61 -0.74
CA LYS F 210 -30.05 -83.68 -1.81
C LYS F 210 -31.55 -83.89 -1.98
N LEU F 211 -32.35 -83.12 -1.23
CA LEU F 211 -33.84 -83.25 -1.14
C LEU F 211 -34.47 -83.06 -2.52
N PRO F 212 -35.70 -83.61 -2.77
CA PRO F 212 -36.41 -83.36 -4.03
C PRO F 212 -36.73 -81.88 -4.27
N VAL F 213 -37.03 -81.54 -5.53
CA VAL F 213 -37.01 -80.16 -6.09
C VAL F 213 -38.10 -79.28 -5.45
N GLN F 214 -39.33 -79.80 -5.31
CA GLN F 214 -40.54 -79.04 -4.88
C GLN F 214 -40.27 -78.37 -3.52
N GLN F 215 -39.90 -79.16 -2.52
CA GLN F 215 -39.60 -78.71 -1.13
C GLN F 215 -38.45 -77.70 -1.13
N ARG F 216 -37.42 -77.94 -1.97
CA ARG F 216 -36.23 -77.05 -2.11
C ARG F 216 -36.68 -75.69 -2.65
N ARG F 217 -37.45 -75.69 -3.74
CA ARG F 217 -38.05 -74.47 -4.35
C ARG F 217 -38.96 -73.78 -3.35
N ASP F 218 -39.72 -74.55 -2.55
CA ASP F 218 -40.60 -74.03 -1.46
C ASP F 218 -39.72 -73.30 -0.42
N MET F 219 -38.65 -73.95 0.06
CA MET F 219 -37.73 -73.40 1.09
C MET F 219 -37.03 -72.14 0.56
N GLN F 220 -36.51 -72.19 -0.68
CA GLN F 220 -35.95 -71.02 -1.41
C GLN F 220 -37.00 -69.90 -1.48
N TRP F 221 -38.25 -70.25 -1.84
CA TRP F 221 -39.40 -69.31 -1.89
C TRP F 221 -39.66 -68.71 -0.49
N ILE F 222 -39.49 -69.49 0.58
CA ILE F 222 -39.63 -69.01 2.00
C ILE F 222 -38.46 -68.07 2.34
N CYS F 223 -37.23 -68.39 1.89
CA CYS F 223 -36.05 -67.48 2.03
C CYS F 223 -36.35 -66.15 1.34
N ARG F 224 -36.75 -66.22 0.06
CA ARG F 224 -37.15 -65.04 -0.76
C ARG F 224 -38.31 -64.28 -0.08
N ASP F 225 -39.26 -65.01 0.52
CA ASP F 225 -40.42 -64.47 1.28
C ASP F 225 -39.90 -63.68 2.49
N GLY F 226 -38.96 -64.28 3.25
CA GLY F 226 -38.24 -63.62 4.36
C GLY F 226 -37.54 -62.35 3.90
N ASP F 227 -36.77 -62.44 2.81
CA ASP F 227 -36.06 -61.29 2.19
C ASP F 227 -37.07 -60.18 1.85
N ARG F 228 -38.10 -60.52 1.08
CA ARG F 228 -39.24 -59.63 0.71
C ARG F 228 -39.80 -58.97 1.99
N ALA F 229 -40.04 -59.77 3.04
CA ALA F 229 -40.60 -59.33 4.33
C ALA F 229 -39.67 -58.30 4.99
N LYS F 230 -38.40 -58.65 5.24
CA LYS F 230 -37.42 -57.74 5.90
C LYS F 230 -37.27 -56.46 5.06
N ASN F 231 -37.15 -56.60 3.73
CA ASN F 231 -36.99 -55.46 2.79
C ASN F 231 -38.22 -54.55 2.88
N HIS F 232 -39.43 -55.12 2.79
CA HIS F 232 -40.73 -54.39 2.87
C HIS F 232 -40.88 -53.70 4.23
N LEU F 233 -40.53 -54.39 5.32
CA LEU F 233 -40.57 -53.83 6.71
C LEU F 233 -39.59 -52.65 6.82
N LEU F 234 -38.34 -52.85 6.40
CA LEU F 234 -37.28 -51.79 6.42
C LEU F 234 -37.71 -50.61 5.54
N GLU F 235 -38.33 -50.87 4.39
CA GLU F 235 -38.88 -49.82 3.48
C GLU F 235 -40.10 -49.14 4.13
N ALA F 236 -40.87 -49.87 4.96
CA ALA F 236 -42.02 -49.34 5.72
C ALA F 236 -41.54 -48.39 6.82
N ASN F 237 -40.70 -48.88 7.75
CA ASN F 237 -40.27 -48.10 8.96
C ASN F 237 -39.12 -47.16 8.59
N LEU F 238 -39.41 -45.86 8.40
CA LEU F 238 -38.42 -44.80 8.00
C LEU F 238 -38.83 -43.43 8.58
N ARG F 239 -40.11 -43.06 8.51
CA ARG F 239 -40.67 -41.80 9.07
C ARG F 239 -40.39 -41.71 10.58
N LEU F 240 -40.38 -42.85 11.29
CA LEU F 240 -39.85 -42.97 12.67
C LEU F 240 -38.40 -42.46 12.70
N VAL F 241 -37.56 -43.02 11.82
CA VAL F 241 -36.10 -42.72 11.73
C VAL F 241 -35.91 -41.23 11.47
N VAL F 242 -36.65 -40.65 10.52
CA VAL F 242 -36.55 -39.18 10.21
C VAL F 242 -37.12 -38.37 11.40
N SER F 243 -38.22 -38.83 12.02
CA SER F 243 -38.87 -38.15 13.17
C SER F 243 -37.91 -38.09 14.36
N LEU F 244 -37.15 -39.16 14.62
CA LEU F 244 -36.09 -39.17 15.68
C LEU F 244 -34.85 -38.39 15.20
N ALA F 245 -34.51 -38.47 13.90
CA ALA F 245 -33.39 -37.71 13.29
C ALA F 245 -33.61 -36.19 13.45
N LYS F 246 -34.86 -35.74 13.33
CA LYS F 246 -35.25 -34.29 13.40
C LYS F 246 -35.06 -33.72 14.81
N ARG F 247 -34.80 -34.55 15.83
CA ARG F 247 -34.47 -34.08 17.21
C ARG F 247 -33.02 -33.58 17.26
N TYR F 248 -32.09 -34.28 16.61
CA TYR F 248 -30.61 -34.04 16.70
C TYR F 248 -30.12 -33.22 15.49
N THR F 249 -30.73 -32.05 15.26
CA THR F 249 -30.41 -31.14 14.13
C THR F 249 -29.40 -30.09 14.59
N GLY F 250 -28.25 -30.01 13.91
CA GLY F 250 -27.15 -29.06 14.21
C GLY F 250 -26.44 -29.41 15.51
N ARG F 251 -26.06 -30.68 15.67
CA ARG F 251 -25.42 -31.24 16.89
C ARG F 251 -24.06 -31.86 16.52
N GLY F 252 -23.27 -31.16 15.70
CA GLY F 252 -21.97 -31.62 15.19
C GLY F 252 -22.10 -32.37 13.87
N MET F 253 -22.72 -33.55 13.90
CA MET F 253 -22.99 -34.39 12.69
C MET F 253 -24.07 -33.71 11.84
N ALA F 254 -24.05 -33.97 10.53
CA ALA F 254 -25.04 -33.48 9.54
C ALA F 254 -26.35 -34.26 9.71
N PHE F 255 -27.48 -33.57 9.55
CA PHE F 255 -28.86 -34.12 9.66
C PHE F 255 -29.07 -35.33 8.74
N LEU F 256 -28.42 -35.34 7.58
CA LEU F 256 -28.62 -36.34 6.49
C LEU F 256 -28.07 -37.71 6.93
N ASP F 257 -26.83 -37.77 7.40
CA ASP F 257 -26.13 -39.01 7.84
C ASP F 257 -26.87 -39.66 9.02
N LEU F 258 -27.32 -38.84 9.98
CA LEU F 258 -28.01 -39.29 11.22
C LEU F 258 -29.21 -40.19 10.89
N ILE F 259 -29.86 -39.96 9.75
CA ILE F 259 -31.01 -40.79 9.25
C ILE F 259 -30.48 -42.20 8.94
N GLN F 260 -29.33 -42.30 8.25
CA GLN F 260 -28.71 -43.59 7.85
C GLN F 260 -28.13 -44.29 9.09
N GLU F 261 -27.44 -43.52 9.94
CA GLU F 261 -26.96 -43.96 11.27
C GLU F 261 -28.15 -44.51 12.09
N GLY F 262 -29.32 -43.88 11.97
CA GLY F 262 -30.60 -44.41 12.49
C GLY F 262 -31.00 -45.71 11.81
N ASN F 263 -30.88 -45.75 10.48
CA ASN F 263 -31.25 -46.93 9.63
C ASN F 263 -30.40 -48.16 9.99
N LEU F 264 -29.12 -48.00 10.33
CA LEU F 264 -28.29 -49.15 10.81
C LEU F 264 -28.92 -49.77 12.07
N GLY F 265 -29.12 -48.94 13.10
CA GLY F 265 -29.85 -49.28 14.34
C GLY F 265 -31.21 -49.89 14.05
N LEU F 266 -31.92 -49.35 13.05
CA LEU F 266 -33.20 -49.90 12.53
C LEU F 266 -32.99 -51.34 12.02
N ILE F 267 -31.95 -51.57 11.21
CA ILE F 267 -31.64 -52.92 10.64
C ILE F 267 -31.27 -53.87 11.79
N ARG F 268 -30.49 -53.41 12.78
CA ARG F 268 -30.16 -54.24 13.98
C ARG F 268 -31.46 -54.55 14.75
N ALA F 269 -32.33 -53.55 14.90
CA ALA F 269 -33.68 -53.69 15.52
C ALA F 269 -34.47 -54.78 14.77
N VAL F 270 -34.51 -54.69 13.43
CA VAL F 270 -35.15 -55.70 12.52
C VAL F 270 -34.51 -57.08 12.77
N GLU F 271 -33.17 -57.14 12.91
CA GLU F 271 -32.43 -58.39 13.21
C GLU F 271 -32.92 -58.97 14.54
N LYS F 272 -32.96 -58.16 15.60
CA LYS F 272 -33.16 -58.65 17.01
C LYS F 272 -34.58 -58.36 17.53
N PHE F 273 -35.58 -58.15 16.65
CA PHE F 273 -37.00 -57.95 17.06
C PHE F 273 -37.64 -59.29 17.41
N ASP F 274 -38.50 -59.30 18.43
CA ASP F 274 -39.27 -60.49 18.92
C ASP F 274 -40.76 -60.20 18.75
N TYR F 275 -41.42 -60.91 17.82
CA TYR F 275 -42.86 -60.77 17.50
C TYR F 275 -43.72 -61.44 18.58
N THR F 276 -43.20 -62.47 19.26
CA THR F 276 -43.89 -63.27 20.30
C THR F 276 -44.36 -62.36 21.43
N LYS F 277 -43.52 -61.40 21.84
CA LYS F 277 -43.88 -60.28 22.78
C LYS F 277 -45.00 -59.45 22.16
N GLY F 278 -44.87 -59.10 20.87
CA GLY F 278 -45.86 -58.32 20.12
C GLY F 278 -45.83 -56.84 20.48
N TYR F 279 -44.63 -56.29 20.71
CA TYR F 279 -44.40 -54.83 20.91
C TYR F 279 -44.60 -54.10 19.57
N LYS F 280 -44.93 -52.81 19.63
CA LYS F 280 -45.12 -51.94 18.44
C LYS F 280 -43.75 -51.47 17.96
N PHE F 281 -43.42 -51.76 16.70
CA PHE F 281 -42.04 -51.75 16.14
C PHE F 281 -41.39 -50.36 16.30
N SER F 282 -42.19 -49.29 16.25
CA SER F 282 -41.74 -47.90 16.59
C SER F 282 -41.24 -47.87 18.04
N THR F 283 -42.14 -48.21 18.98
CA THR F 283 -41.91 -48.17 20.45
C THR F 283 -40.75 -49.12 20.81
N TYR F 284 -40.57 -50.19 20.04
CA TYR F 284 -39.43 -51.13 20.15
C TYR F 284 -38.14 -50.47 19.62
N ALA F 285 -38.14 -50.03 18.35
CA ALA F 285 -36.95 -49.59 17.59
C ALA F 285 -36.42 -48.24 18.10
N THR F 286 -37.27 -47.43 18.76
CA THR F 286 -36.89 -46.13 19.37
C THR F 286 -35.55 -46.26 20.11
N TRP F 287 -35.39 -47.31 20.93
CA TRP F 287 -34.13 -47.72 21.61
C TRP F 287 -32.95 -47.66 20.62
N TRP F 288 -33.04 -48.48 19.57
CA TRP F 288 -31.95 -48.80 18.62
C TRP F 288 -31.63 -47.56 17.76
N ILE F 289 -32.68 -46.85 17.29
CA ILE F 289 -32.50 -45.58 16.51
C ILE F 289 -31.66 -44.61 17.36
N ARG F 290 -32.17 -44.27 18.56
CA ARG F 290 -31.53 -43.34 19.53
C ARG F 290 -30.10 -43.80 19.83
N GLN F 291 -29.93 -45.06 20.27
CA GLN F 291 -28.62 -45.61 20.71
C GLN F 291 -27.64 -45.54 19.53
N ALA F 292 -28.08 -45.90 18.32
CA ALA F 292 -27.23 -45.85 17.09
C ALA F 292 -26.84 -44.40 16.78
N ILE F 293 -27.84 -43.51 16.65
CA ILE F 293 -27.65 -42.06 16.33
C ILE F 293 -26.67 -41.44 17.34
N THR F 294 -26.95 -41.59 18.63
CA THR F 294 -26.14 -40.98 19.74
C THR F 294 -24.78 -41.67 19.82
N ARG F 295 -24.69 -42.98 19.54
CA ARG F 295 -23.41 -43.73 19.46
C ARG F 295 -22.55 -43.19 18.31
N ALA F 296 -23.17 -42.82 17.18
CA ALA F 296 -22.48 -42.14 16.05
C ALA F 296 -22.04 -40.74 16.48
N MET F 297 -23.00 -39.94 16.96
CA MET F 297 -22.80 -38.53 17.40
C MET F 297 -21.73 -38.45 18.50
N ALA F 298 -21.56 -39.51 19.30
CA ALA F 298 -20.47 -39.64 20.31
C ALA F 298 -19.10 -39.55 19.62
N ASP F 299 -18.94 -40.22 18.47
CA ASP F 299 -17.63 -40.37 17.76
C ASP F 299 -17.51 -39.30 16.66
N GLN F 300 -18.34 -39.39 15.62
CA GLN F 300 -18.05 -38.76 14.29
C GLN F 300 -18.44 -37.27 14.26
N ALA F 301 -19.18 -36.77 15.26
CA ALA F 301 -19.63 -35.35 15.35
C ALA F 301 -18.42 -34.42 15.51
N ARG F 302 -17.48 -34.78 16.40
CA ARG F 302 -16.24 -34.01 16.68
C ARG F 302 -15.12 -34.45 15.71
N THR F 303 -14.18 -33.54 15.45
CA THR F 303 -12.94 -33.80 14.65
C THR F 303 -12.02 -34.71 15.46
N ILE F 304 -11.72 -34.33 16.70
CA ILE F 304 -10.92 -35.12 17.68
C ILE F 304 -11.85 -36.16 18.33
N ARG F 305 -11.37 -37.39 18.52
CA ARG F 305 -12.13 -38.50 19.17
C ARG F 305 -12.24 -38.21 20.68
N ILE F 306 -13.43 -38.42 21.24
CA ILE F 306 -13.68 -38.46 22.71
C ILE F 306 -14.78 -39.50 22.96
N PRO F 307 -14.50 -40.60 23.70
CA PRO F 307 -15.49 -41.65 23.96
C PRO F 307 -16.82 -41.15 24.57
N VAL F 308 -17.90 -41.88 24.30
CA VAL F 308 -19.30 -41.54 24.72
C VAL F 308 -19.33 -41.30 26.24
N HIS F 309 -18.64 -42.14 27.02
CA HIS F 309 -18.53 -42.07 28.50
C HIS F 309 -17.73 -40.85 28.96
N MET F 310 -16.97 -40.19 28.06
CA MET F 310 -16.19 -38.96 28.34
C MET F 310 -16.70 -37.76 27.51
N VAL F 311 -17.74 -37.92 26.69
CA VAL F 311 -18.43 -36.79 25.97
C VAL F 311 -19.82 -36.54 26.59
N GLU F 312 -20.48 -37.58 27.12
CA GLU F 312 -21.78 -37.48 27.84
C GLU F 312 -21.65 -36.40 28.94
N VAL F 313 -20.51 -36.38 29.64
CA VAL F 313 -20.15 -35.34 30.67
C VAL F 313 -20.17 -33.95 30.03
N ILE F 314 -19.67 -33.81 28.79
CA ILE F 314 -19.59 -32.50 28.05
C ILE F 314 -21.01 -32.10 27.61
N ASN F 315 -21.79 -33.05 27.07
CA ASN F 315 -23.20 -32.81 26.64
C ASN F 315 -24.04 -32.38 27.86
N LYS F 316 -24.00 -33.18 28.93
CA LYS F 316 -24.74 -32.89 30.18
C LYS F 316 -24.22 -31.58 30.79
N LEU F 317 -22.89 -31.34 30.76
CA LEU F 317 -22.27 -30.06 31.17
C LEU F 317 -22.92 -28.92 30.39
N GLY F 318 -22.99 -29.04 29.05
CA GLY F 318 -23.70 -28.10 28.17
C GLY F 318 -25.14 -27.87 28.62
N ARG F 319 -25.90 -28.97 28.77
CA ARG F 319 -27.34 -28.96 29.17
C ARG F 319 -27.53 -28.22 30.50
N ILE F 320 -26.80 -28.63 31.55
CA ILE F 320 -26.94 -28.08 32.93
C ILE F 320 -26.37 -26.64 32.98
N GLN F 321 -25.36 -26.33 32.15
CA GLN F 321 -24.87 -24.93 31.99
C GLN F 321 -25.95 -24.08 31.32
N ARG F 322 -26.67 -24.62 30.34
CA ARG F 322 -27.87 -23.95 29.74
C ARG F 322 -28.96 -23.78 30.81
N GLU F 323 -29.20 -24.81 31.62
CA GLU F 323 -30.19 -24.79 32.74
C GLU F 323 -29.82 -23.68 33.74
N LEU F 324 -28.56 -23.66 34.18
CA LEU F 324 -28.02 -22.67 35.18
C LEU F 324 -27.94 -21.28 34.56
N LEU F 325 -27.71 -21.17 33.24
CA LEU F 325 -27.78 -19.89 32.48
C LEU F 325 -29.25 -19.41 32.44
N GLN F 326 -30.19 -20.34 32.26
CA GLN F 326 -31.65 -20.06 32.19
C GLN F 326 -32.18 -19.61 33.56
N ASP F 327 -31.92 -20.39 34.61
CA ASP F 327 -32.49 -20.20 35.97
C ASP F 327 -31.84 -19.00 36.66
N LEU F 328 -30.53 -19.11 36.99
CA LEU F 328 -29.78 -18.11 37.80
C LEU F 328 -29.56 -16.82 36.99
N GLY F 329 -29.42 -16.93 35.66
CA GLY F 329 -29.36 -15.79 34.72
C GLY F 329 -27.97 -15.60 34.14
N ARG F 330 -26.95 -15.55 35.00
CA ARG F 330 -25.53 -15.34 34.63
C ARG F 330 -24.86 -16.68 34.30
N GLU F 331 -23.59 -16.63 33.86
CA GLU F 331 -22.74 -17.82 33.62
C GLU F 331 -22.30 -18.43 34.95
N PRO F 332 -22.44 -19.76 35.16
CA PRO F 332 -21.88 -20.44 36.33
C PRO F 332 -20.38 -20.70 36.19
N THR F 333 -19.71 -21.01 37.31
CA THR F 333 -18.22 -21.11 37.43
C THR F 333 -17.81 -22.58 37.50
N PRO F 334 -16.65 -22.96 36.87
CA PRO F 334 -16.10 -24.32 36.95
C PRO F 334 -16.19 -25.00 38.33
N GLU F 335 -15.98 -24.24 39.41
CA GLU F 335 -16.13 -24.71 40.82
C GLU F 335 -17.56 -25.23 41.01
N GLU F 336 -18.56 -24.39 40.70
CA GLU F 336 -20.02 -24.70 40.84
C GLU F 336 -20.38 -25.84 39.87
N LEU F 337 -19.81 -25.83 38.66
CA LEU F 337 -19.92 -26.95 37.68
C LEU F 337 -19.43 -28.25 38.33
N ALA F 338 -18.25 -28.23 38.97
CA ALA F 338 -17.64 -29.38 39.66
C ALA F 338 -18.46 -29.79 40.89
N LYS F 339 -19.13 -28.82 41.54
CA LYS F 339 -20.08 -29.06 42.66
C LYS F 339 -21.36 -29.72 42.12
N GLU F 340 -21.80 -29.36 40.90
CA GLU F 340 -22.99 -29.94 40.24
C GLU F 340 -22.68 -31.36 39.76
N MET F 341 -21.55 -31.55 39.08
CA MET F 341 -21.10 -32.87 38.56
C MET F 341 -20.59 -33.77 39.70
N ASP F 342 -20.18 -33.17 40.83
CA ASP F 342 -19.58 -33.86 42.01
C ASP F 342 -18.20 -34.42 41.61
N ILE F 343 -17.34 -33.56 41.04
CA ILE F 343 -16.00 -33.93 40.51
C ILE F 343 -14.95 -32.96 41.08
N THR F 344 -13.67 -33.19 40.75
CA THR F 344 -12.53 -32.29 41.07
C THR F 344 -12.57 -31.09 40.11
N PRO F 345 -12.61 -29.83 40.62
CA PRO F 345 -12.61 -28.65 39.77
C PRO F 345 -11.46 -28.50 38.75
N GLU F 346 -10.42 -29.33 38.84
CA GLU F 346 -9.30 -29.40 37.85
C GLU F 346 -9.66 -30.33 36.69
N LYS F 347 -10.78 -31.09 36.77
CA LYS F 347 -11.26 -32.00 35.69
C LYS F 347 -12.15 -31.22 34.71
N VAL F 348 -13.09 -30.41 35.22
CA VAL F 348 -14.01 -29.57 34.40
C VAL F 348 -13.20 -28.59 33.55
N LEU F 349 -12.04 -28.13 34.03
CA LEU F 349 -11.06 -27.35 33.24
C LEU F 349 -10.48 -28.24 32.11
N GLU F 350 -10.17 -29.51 32.44
CA GLU F 350 -9.60 -30.50 31.48
C GLU F 350 -10.63 -30.87 30.40
N ILE F 351 -11.93 -30.87 30.74
CA ILE F 351 -13.03 -31.33 29.84
C ILE F 351 -13.46 -30.18 28.91
N GLN F 352 -13.32 -28.92 29.34
CA GLN F 352 -13.62 -27.70 28.52
C GLN F 352 -12.61 -27.58 27.37
N GLN F 353 -11.32 -27.81 27.66
CA GLN F 353 -10.21 -27.77 26.68
C GLN F 353 -10.45 -28.81 25.57
N TYR F 354 -11.08 -29.95 25.91
CA TYR F 354 -11.58 -30.95 24.94
C TYR F 354 -12.81 -30.39 24.21
N ALA F 355 -13.70 -29.71 24.94
CA ALA F 355 -14.95 -29.10 24.42
C ALA F 355 -14.66 -27.92 23.47
N ARG F 356 -13.43 -27.39 23.45
CA ARG F 356 -12.96 -26.39 22.46
C ARG F 356 -12.94 -27.06 21.06
N GLU F 357 -13.98 -26.82 20.25
CA GLU F 357 -14.08 -27.31 18.84
C GLU F 357 -13.07 -26.53 17.99
N PRO F 358 -12.22 -27.21 17.18
CA PRO F 358 -11.07 -26.55 16.57
C PRO F 358 -11.44 -25.54 15.47
N ILE F 359 -10.61 -24.51 15.30
CA ILE F 359 -10.85 -23.32 14.43
C ILE F 359 -10.01 -23.46 13.16
N SER F 360 -10.52 -22.92 12.04
CA SER F 360 -9.92 -23.04 10.68
C SER F 360 -8.76 -22.06 10.50
N LEU F 361 -8.07 -22.16 9.36
CA LEU F 361 -6.88 -21.33 8.99
C LEU F 361 -7.33 -20.20 8.06
N ASP F 362 -8.01 -20.54 6.96
CA ASP F 362 -8.55 -19.58 5.96
C ASP F 362 -9.86 -18.99 6.50
N GLN F 363 -9.73 -18.01 7.41
CA GLN F 363 -10.85 -17.22 8.00
C GLN F 363 -10.53 -15.73 7.86
N THR F 364 -11.47 -14.95 7.31
CA THR F 364 -11.39 -13.47 7.23
C THR F 364 -11.61 -12.89 8.64
N ILE F 365 -10.63 -12.14 9.15
CA ILE F 365 -10.61 -11.57 10.54
C ILE F 365 -10.56 -10.04 10.43
#